data_6ATK
#
_entry.id   6ATK
#
_cell.length_a   153.820
_cell.length_b   153.820
_cell.length_c   322.120
_cell.angle_alpha   90.000
_cell.angle_beta   90.000
_cell.angle_gamma   120.000
#
_symmetry.space_group_name_H-M   'P 31 2 1'
#
loop_
_entity.id
_entity.type
_entity.pdbx_description
1 polymer 'Aminopeptidase N'
2 polymer 'Spike glycoprotein'
3 branched 2-acetamido-2-deoxy-beta-D-glucopyranose-(1-4)-2-acetamido-2-deoxy-beta-D-glucopyranose
4 non-polymer 2-acetamido-2-deoxy-beta-D-glucopyranose
5 non-polymer 'ZINC ION'
#
loop_
_entity_poly.entity_id
_entity_poly.type
_entity_poly.pdbx_seq_one_letter_code
_entity_poly.pdbx_strand_id
1 'polypeptide(L)'
;GRPDQSKAWNRYRLPNTLKPDSYRVTLRPYLTPNDRGLYVFKGSSTVRFTCKEATDVIIIHSKKLNYTLSQGHRVVLRGV
GGSQPPDIDKTELVEPTEYLVVHLKGSLVKDSQYEMDSEFEGELADDLAGFYRSEYMEGNVRKVVATTQMQAADARKSFP
CFDEPAMKAEFNITLIHPKDLTALSNMLPKGPSTPLPEDPNWNVTEFHTTPKMSTYLLAFIVSEFDYVEKQASNGVLIRI
WARPSAIAAGHGDYALNVTGPILNFFAGHYDTPYPLPKSDQIGLPDFNAGAMENWGLVTYRENSLLFDPLSSSSSNKERV
VTVIAHELAHQWFGNLVTIEWWNDLWLNEGFASYVEYLGADYAEPTWNLKDLMVLNDVYRVMAVDALASSHPLSTPASEI
NTPAQISELFDAISYSKGASVLRMLSSFLSEDVFKQGLASYLHTFAYQNTIYLNLWDHLQEAVNNRSIQLPTTVRDIMNR
WTLQMGFPVITVDTSTGTLSQEHFLLDPDSNVTRPSEFNYVWIVPITSIRDGRQQQDYWLIDVRAQNDLFSTSGNEWVLL
NLNVTGYYRVNYDEENWRKIQTQLQRDHSAIPVINRAQIINDAFNLASAHKVPVTLALNNTLFLIEERQYMPWEAALSSL
SYFKLMFDRSEVYGPMKNYLKKQVTPLFIHFRNNTNNWREIPENLMDQYSEVNAISTACSNGVPECEEMVSGLFKQWMEN
PNNNPIHPNLRSTVYCNAIAQGGEEEWDFAWEQFRNATLVNEADKLRAALACSKELWILNRYLSYTLNPDLIRKQDATST
IISITNNVIGQGLVWDFVQSNWKKLFNDYGGGSFSFSNLIQAVTRRFSTEYELQQLEQFKKDNEETGFGSGTRALEQALE
KTKANIKWVKENKEVVLQWFTENSK
;
A,B,C
2 'polypeptide(L)'
;GRPLPVYHKHMFIVLYVDFKPQSGGGKCFNCYPAGVNITLANFNETKGPLCVDTSHFTTKYVAVYANVGRWSASINTGNC
PFSFGKVNNFVKFGSVCFSLKDIPGGCAMPIVANWAYSKYYTIGTLYVSWSDGDGITGVPQPVEGV
;
E,D,F
#
loop_
_chem_comp.id
_chem_comp.type
_chem_comp.name
_chem_comp.formula
NAG D-saccharide, beta linking 2-acetamido-2-deoxy-beta-D-glucopyranose 'C8 H15 N O6'
ZN non-polymer 'ZINC ION' 'Zn 2'
#
# COMPACT_ATOMS: atom_id res chain seq x y z
N SER A 6 12.76 -14.03 29.54
CA SER A 6 13.42 -14.96 30.47
C SER A 6 12.79 -16.34 30.40
N LYS A 7 11.80 -16.51 29.53
CA LYS A 7 11.26 -17.82 29.23
C LYS A 7 12.09 -18.50 28.15
N ALA A 8 12.37 -19.78 28.35
CA ALA A 8 13.20 -20.51 27.39
C ALA A 8 12.66 -20.41 25.97
N TRP A 9 11.34 -20.38 25.80
CA TRP A 9 10.79 -20.29 24.46
C TRP A 9 10.91 -18.90 23.86
N ASN A 10 11.40 -17.92 24.62
CA ASN A 10 11.67 -16.58 24.11
C ASN A 10 13.16 -16.31 23.92
N ARG A 11 14.02 -17.33 24.08
CA ARG A 11 15.44 -17.19 23.86
C ARG A 11 15.82 -17.88 22.56
N TYR A 12 16.78 -17.30 21.84
CA TYR A 12 17.06 -17.75 20.48
C TYR A 12 17.87 -19.04 20.44
N ARG A 13 18.69 -19.33 21.45
CA ARG A 13 19.44 -20.59 21.46
C ARG A 13 18.62 -21.68 22.13
N LEU A 14 18.70 -22.90 21.57
CA LEU A 14 17.99 -24.02 22.15
C LEU A 14 18.51 -24.33 23.55
N PRO A 15 17.67 -24.86 24.43
CA PRO A 15 18.16 -25.33 25.73
C PRO A 15 19.14 -26.48 25.52
N ASN A 16 19.96 -26.74 26.54
CA ASN A 16 20.83 -27.90 26.52
C ASN A 16 20.19 -29.13 27.15
N THR A 17 18.88 -29.09 27.41
CA THR A 17 18.23 -30.15 28.18
C THR A 17 17.93 -31.38 27.34
N LEU A 18 17.77 -31.22 26.03
CA LEU A 18 17.38 -32.31 25.14
C LEU A 18 18.33 -32.37 23.95
N LYS A 19 18.66 -33.59 23.52
CA LYS A 19 19.59 -33.75 22.40
C LYS A 19 19.15 -34.89 21.47
N PRO A 20 18.91 -34.59 20.19
CA PRO A 20 18.41 -35.63 19.28
C PRO A 20 19.46 -36.68 18.93
N ASP A 21 18.97 -37.87 18.61
CA ASP A 21 19.77 -38.99 18.11
C ASP A 21 19.52 -39.25 16.63
N SER A 22 18.25 -39.42 16.24
CA SER A 22 17.90 -39.64 14.85
C SER A 22 16.47 -39.17 14.62
N TYR A 23 16.14 -39.03 13.34
CA TYR A 23 14.86 -38.54 12.86
C TYR A 23 14.44 -39.42 11.70
N ARG A 24 13.13 -39.62 11.55
CA ARG A 24 12.59 -40.02 10.26
C ARG A 24 11.65 -38.92 9.78
N VAL A 25 11.65 -38.69 8.47
CA VAL A 25 10.86 -37.62 7.86
C VAL A 25 10.28 -38.14 6.56
N THR A 26 8.99 -37.96 6.37
CA THR A 26 8.33 -38.21 5.09
C THR A 26 7.82 -36.87 4.57
N LEU A 27 8.16 -36.55 3.32
CA LEU A 27 7.69 -35.32 2.72
C LEU A 27 7.04 -35.61 1.38
N ARG A 28 5.97 -34.89 1.08
CA ARG A 28 5.18 -35.09 -0.12
C ARG A 28 4.87 -33.75 -0.75
N PRO A 29 5.59 -33.33 -1.78
CA PRO A 29 5.31 -32.03 -2.40
C PRO A 29 4.18 -32.14 -3.41
N TYR A 30 3.39 -31.07 -3.47
CA TYR A 30 2.31 -30.94 -4.46
C TYR A 30 2.70 -29.90 -5.49
N LEU A 31 3.01 -30.36 -6.71
CA LEU A 31 3.57 -29.51 -7.74
C LEU A 31 2.50 -28.83 -8.59
N THR A 32 1.22 -28.91 -8.18
CA THR A 32 0.18 -28.10 -8.80
C THR A 32 -0.54 -27.26 -7.74
N PRO A 33 -0.98 -26.05 -8.10
CA PRO A 33 -1.61 -25.18 -7.10
C PRO A 33 -2.92 -25.73 -6.58
N ASN A 34 -3.26 -25.33 -5.35
CA ASN A 34 -4.52 -25.68 -4.73
C ASN A 34 -5.58 -24.63 -5.08
N ASP A 35 -6.77 -24.74 -4.48
CA ASP A 35 -7.83 -23.75 -4.68
C ASP A 35 -7.35 -22.32 -4.42
N ARG A 36 -6.42 -22.14 -3.48
CA ARG A 36 -5.87 -20.82 -3.16
C ARG A 36 -4.69 -20.43 -4.04
N GLY A 37 -4.31 -21.26 -5.01
CA GLY A 37 -3.20 -20.90 -5.87
C GLY A 37 -1.86 -21.16 -5.24
N LEU A 38 -1.82 -21.90 -4.14
CA LEU A 38 -0.62 -22.15 -3.35
C LEU A 38 -0.06 -23.52 -3.69
N TYR A 39 1.26 -23.58 -3.78
CA TYR A 39 1.96 -24.85 -3.87
C TYR A 39 2.30 -25.28 -2.45
N VAL A 40 1.98 -26.51 -2.09
CA VAL A 40 2.17 -26.99 -0.73
C VAL A 40 2.91 -28.32 -0.73
N PHE A 41 3.44 -28.66 0.44
CA PHE A 41 3.96 -29.98 0.73
C PHE A 41 3.37 -30.45 2.05
N LYS A 42 3.13 -31.76 2.14
CA LYS A 42 2.68 -32.38 3.37
C LYS A 42 3.77 -33.32 3.86
N GLY A 43 3.90 -33.44 5.18
CA GLY A 43 4.92 -34.30 5.74
C GLY A 43 4.55 -34.86 7.09
N SER A 44 5.39 -35.79 7.54
CA SER A 44 5.34 -36.33 8.89
C SER A 44 6.77 -36.48 9.36
N SER A 45 6.94 -36.55 10.68
CA SER A 45 8.27 -36.76 11.23
C SER A 45 8.18 -37.43 12.59
N THR A 46 9.18 -38.24 12.89
CA THR A 46 9.44 -38.70 14.26
C THR A 46 10.86 -38.30 14.61
N VAL A 47 11.04 -37.64 15.74
CA VAL A 47 12.35 -37.36 16.29
C VAL A 47 12.54 -38.18 17.55
N ARG A 48 13.66 -38.90 17.64
CA ARG A 48 14.08 -39.59 18.84
C ARG A 48 15.14 -38.77 19.55
N PHE A 49 14.94 -38.50 20.84
CA PHE A 49 15.88 -37.64 21.55
C PHE A 49 16.12 -38.16 22.96
N THR A 50 17.20 -37.65 23.56
CA THR A 50 17.60 -38.02 24.91
C THR A 50 17.44 -36.79 25.81
N CYS A 51 16.82 -36.99 26.96
CA CYS A 51 16.75 -35.97 28.00
C CYS A 51 18.05 -35.91 28.81
N LYS A 52 18.71 -34.76 28.79
CA LYS A 52 19.96 -34.57 29.53
C LYS A 52 19.75 -33.94 30.89
N GLU A 53 18.63 -33.21 31.07
CA GLU A 53 18.30 -32.57 32.34
C GLU A 53 16.79 -32.47 32.41
N ALA A 54 16.22 -32.91 33.54
CA ALA A 54 14.77 -32.93 33.71
C ALA A 54 14.15 -31.59 33.31
N THR A 55 13.09 -31.66 32.51
CA THR A 55 12.42 -30.47 31.99
C THR A 55 10.97 -30.81 31.68
N ASP A 56 10.09 -29.83 31.88
CA ASP A 56 8.67 -29.96 31.57
C ASP A 56 8.28 -29.28 30.25
N VAL A 57 9.24 -29.02 29.36
CA VAL A 57 8.95 -28.37 28.09
C VAL A 57 9.85 -28.98 27.01
N ILE A 58 9.28 -29.17 25.83
CA ILE A 58 10.03 -29.57 24.64
C ILE A 58 10.09 -28.37 23.71
N ILE A 59 11.28 -27.81 23.50
CA ILE A 59 11.47 -26.66 22.63
C ILE A 59 12.19 -27.12 21.37
N ILE A 60 11.52 -27.02 20.23
CA ILE A 60 12.02 -27.51 18.96
C ILE A 60 11.74 -26.46 17.90
N HIS A 61 12.60 -26.35 16.90
CA HIS A 61 12.37 -25.36 15.86
C HIS A 61 11.24 -25.75 14.91
N SER A 62 10.48 -24.74 14.49
CA SER A 62 9.37 -24.90 13.55
C SER A 62 9.15 -23.54 12.91
N LYS A 63 9.10 -23.52 11.58
CA LYS A 63 8.94 -22.27 10.84
C LYS A 63 7.92 -22.45 9.72
N LYS A 64 6.87 -21.64 9.74
CA LYS A 64 5.88 -21.63 8.67
C LYS A 64 5.29 -23.03 8.42
N LEU A 65 5.11 -23.79 9.49
CA LEU A 65 4.49 -25.10 9.39
C LEU A 65 3.15 -25.11 10.14
N ASN A 66 2.16 -25.78 9.55
CA ASN A 66 0.85 -25.96 10.16
C ASN A 66 0.74 -27.42 10.57
N TYR A 67 0.33 -27.67 11.80
CA TYR A 67 0.28 -29.03 12.33
C TYR A 67 -1.11 -29.63 12.29
N THR A 68 -1.17 -30.89 11.88
CA THR A 68 -2.37 -31.70 11.96
C THR A 68 -2.43 -32.37 13.33
N LEU A 69 -3.51 -32.14 14.06
CA LEU A 69 -3.68 -32.72 15.39
C LEU A 69 -3.67 -34.23 15.34
N SER A 70 -3.04 -34.82 16.34
CA SER A 70 -3.00 -36.27 16.52
C SER A 70 -3.16 -36.55 18.00
N GLN A 71 -4.14 -37.39 18.32
CA GLN A 71 -4.44 -37.74 19.71
C GLN A 71 -4.64 -36.49 20.57
N GLY A 72 -5.25 -35.45 19.98
CA GLY A 72 -5.62 -34.27 20.72
C GLY A 72 -4.60 -33.17 20.80
N HIS A 73 -3.42 -33.31 20.19
CA HIS A 73 -2.40 -32.29 20.28
C HIS A 73 -1.65 -32.16 18.96
N ARG A 74 -0.81 -31.13 18.88
CA ARG A 74 -0.02 -30.88 17.68
C ARG A 74 0.98 -32.00 17.44
N VAL A 75 1.41 -32.70 18.49
CA VAL A 75 2.35 -33.81 18.39
C VAL A 75 1.89 -34.96 19.28
N VAL A 76 2.53 -36.10 19.09
CA VAL A 76 2.36 -37.27 19.94
C VAL A 76 3.68 -37.57 20.61
N LEU A 77 3.67 -37.78 21.91
CA LEU A 77 4.88 -38.08 22.68
C LEU A 77 4.84 -39.53 23.16
N ARG A 78 5.90 -40.28 22.86
CA ARG A 78 5.98 -41.69 23.20
C ARG A 78 7.25 -41.99 23.97
N GLY A 79 7.17 -43.05 24.77
CA GLY A 79 8.31 -43.56 25.51
C GLY A 79 9.25 -44.39 24.65
N VAL A 80 10.47 -44.54 25.16
CA VAL A 80 11.49 -45.42 24.59
C VAL A 80 12.07 -46.26 25.72
N GLY A 81 12.30 -47.53 25.45
CA GLY A 81 12.97 -48.38 26.42
C GLY A 81 12.30 -48.43 27.77
N GLY A 82 10.97 -48.36 27.82
CA GLY A 82 10.24 -48.44 29.07
C GLY A 82 9.89 -47.11 29.71
N SER A 83 10.36 -46.01 29.16
CA SER A 83 10.03 -44.69 29.70
C SER A 83 8.53 -44.44 29.58
N GLN A 84 8.04 -43.54 30.43
CA GLN A 84 6.61 -43.24 30.55
C GLN A 84 6.48 -41.72 30.53
N PRO A 85 6.40 -41.12 29.34
CA PRO A 85 6.45 -39.66 29.27
C PRO A 85 5.20 -39.04 29.86
N PRO A 86 5.29 -37.81 30.38
CA PRO A 86 4.10 -37.13 30.89
C PRO A 86 3.09 -36.89 29.77
N ASP A 87 1.84 -36.63 30.18
CA ASP A 87 0.84 -36.17 29.23
C ASP A 87 1.21 -34.77 28.74
N ILE A 88 0.77 -34.45 27.53
CA ILE A 88 0.95 -33.10 26.98
C ILE A 88 -0.10 -32.18 27.56
N ASP A 89 0.33 -31.05 28.11
CA ASP A 89 -0.61 -30.00 28.52
C ASP A 89 -1.10 -29.23 27.31
N LYS A 90 -0.20 -28.49 26.66
CA LYS A 90 -0.58 -27.75 25.46
C LYS A 90 0.66 -27.46 24.63
N THR A 91 0.45 -27.11 23.36
CA THR A 91 1.55 -26.63 22.53
C THR A 91 1.31 -25.17 22.13
N GLU A 92 2.40 -24.48 21.81
CA GLU A 92 2.34 -23.15 21.23
C GLU A 92 3.37 -23.00 20.13
N LEU A 93 3.06 -22.14 19.17
CA LEU A 93 4.01 -21.71 18.16
C LEU A 93 4.52 -20.32 18.53
N VAL A 94 5.81 -20.20 18.75
CA VAL A 94 6.44 -18.93 19.14
C VAL A 94 7.18 -18.42 17.90
N GLU A 95 6.59 -17.41 17.26
CA GLU A 95 6.99 -16.97 15.92
C GLU A 95 8.34 -16.26 15.95
N PRO A 96 8.60 -15.38 16.92
CA PRO A 96 9.90 -14.67 16.90
C PRO A 96 11.10 -15.61 16.92
N THR A 97 11.08 -16.60 17.81
CA THR A 97 12.17 -17.56 17.93
C THR A 97 11.95 -18.78 17.03
N GLU A 98 10.85 -18.81 16.29
CA GLU A 98 10.58 -19.88 15.32
C GLU A 98 10.59 -21.25 16.02
N TYR A 99 9.83 -21.35 17.12
CA TYR A 99 9.77 -22.58 17.89
C TYR A 99 8.37 -23.17 17.93
N LEU A 100 8.31 -24.50 17.95
CA LEU A 100 7.19 -25.22 18.51
C LEU A 100 7.56 -25.58 19.95
N VAL A 101 6.67 -25.25 20.89
CA VAL A 101 6.91 -25.41 22.32
C VAL A 101 5.84 -26.32 22.88
N VAL A 102 6.23 -27.48 23.40
CA VAL A 102 5.29 -28.46 23.92
C VAL A 102 5.38 -28.44 25.44
N HIS A 103 4.38 -27.83 26.08
CA HIS A 103 4.31 -27.73 27.54
C HIS A 103 3.69 -29.01 28.08
N LEU A 104 4.40 -29.65 29.01
CA LEU A 104 4.06 -30.96 29.55
C LEU A 104 3.54 -30.84 30.97
N LYS A 105 2.74 -31.84 31.37
CA LYS A 105 2.17 -31.93 32.71
C LYS A 105 3.17 -32.43 33.75
N GLY A 106 4.39 -32.78 33.35
CA GLY A 106 5.41 -33.19 34.28
C GLY A 106 6.79 -33.02 33.69
N SER A 107 7.78 -33.56 34.38
CA SER A 107 9.17 -33.50 33.95
C SER A 107 9.64 -34.80 33.31
N LEU A 108 10.48 -34.68 32.29
CA LEU A 108 11.19 -35.80 31.71
C LEU A 108 12.25 -36.33 32.67
N VAL A 109 12.71 -37.56 32.42
CA VAL A 109 13.66 -38.23 33.29
C VAL A 109 15.05 -38.15 32.67
N LYS A 110 16.04 -37.79 33.48
CA LYS A 110 17.42 -37.70 33.02
C LYS A 110 17.90 -39.02 32.42
N ASP A 111 18.65 -38.93 31.32
CA ASP A 111 19.19 -40.09 30.62
C ASP A 111 18.11 -41.08 30.16
N SER A 112 16.91 -40.60 29.85
CA SER A 112 15.92 -41.42 29.18
C SER A 112 15.68 -40.90 27.77
N GLN A 113 15.22 -41.80 26.89
CA GLN A 113 14.90 -41.45 25.51
C GLN A 113 13.40 -41.37 25.30
N TYR A 114 13.03 -40.57 24.30
CA TYR A 114 11.63 -40.36 23.96
C TYR A 114 11.53 -40.15 22.46
N GLU A 115 10.33 -40.32 21.92
CA GLU A 115 10.06 -40.00 20.53
C GLU A 115 8.89 -39.04 20.43
N MET A 116 8.98 -38.11 19.48
CA MET A 116 7.89 -37.17 19.24
C MET A 116 7.51 -37.23 17.77
N ASP A 117 6.21 -37.46 17.52
CA ASP A 117 5.66 -37.60 16.18
C ASP A 117 4.87 -36.35 15.83
N SER A 118 5.01 -35.91 14.58
CA SER A 118 4.31 -34.74 14.08
C SER A 118 3.80 -35.03 12.67
N GLU A 119 2.71 -34.35 12.29
CA GLU A 119 2.17 -34.37 10.95
C GLU A 119 1.86 -32.92 10.61
N PHE A 120 2.32 -32.48 9.44
CA PHE A 120 2.38 -31.04 9.17
C PHE A 120 2.24 -30.79 7.68
N GLU A 121 2.09 -29.51 7.36
CA GLU A 121 1.97 -29.02 6.00
C GLU A 121 2.61 -27.64 5.92
N GLY A 122 3.29 -27.37 4.81
CA GLY A 122 3.85 -26.06 4.58
C GLY A 122 3.67 -25.63 3.14
N GLU A 123 3.97 -24.36 2.88
CA GLU A 123 3.93 -23.84 1.52
C GLU A 123 5.22 -24.17 0.78
N LEU A 124 5.09 -24.73 -0.42
CA LEU A 124 6.22 -24.88 -1.34
C LEU A 124 6.39 -23.56 -2.09
N ALA A 125 6.83 -22.55 -1.35
CA ALA A 125 6.89 -21.18 -1.85
C ALA A 125 8.04 -21.01 -2.85
N ASP A 126 7.97 -19.93 -3.62
CA ASP A 126 9.06 -19.57 -4.52
C ASP A 126 10.07 -18.66 -3.85
N ASP A 127 10.40 -18.92 -2.58
CA ASP A 127 11.23 -18.03 -1.79
C ASP A 127 12.66 -18.53 -1.60
N LEU A 128 13.04 -19.63 -2.25
CA LEU A 128 14.42 -20.12 -2.28
C LEU A 128 14.93 -20.56 -0.91
N ALA A 129 14.04 -20.76 0.06
CA ALA A 129 14.43 -21.08 1.42
C ALA A 129 13.57 -22.22 1.95
N GLY A 130 14.20 -23.13 2.69
CA GLY A 130 13.51 -24.31 3.16
C GLY A 130 13.19 -25.23 2.01
N PHE A 131 12.00 -25.79 2.04
CA PHE A 131 11.49 -26.61 0.94
C PHE A 131 10.72 -25.66 0.03
N TYR A 132 11.20 -25.47 -1.19
CA TYR A 132 10.65 -24.46 -2.10
C TYR A 132 10.55 -25.01 -3.51
N ARG A 133 9.92 -24.23 -4.39
CA ARG A 133 9.73 -24.59 -5.78
C ARG A 133 10.63 -23.77 -6.70
N SER A 134 11.14 -24.43 -7.74
CA SER A 134 11.86 -23.82 -8.83
C SER A 134 11.11 -24.13 -10.12
N GLU A 135 11.17 -23.22 -11.10
CA GLU A 135 10.38 -23.39 -12.31
C GLU A 135 11.23 -23.18 -13.55
N TYR A 136 10.91 -23.95 -14.58
CA TYR A 136 11.52 -23.73 -15.89
C TYR A 136 10.51 -24.12 -16.97
N MET A 137 10.84 -23.83 -18.21
CA MET A 137 10.00 -24.19 -19.34
C MET A 137 10.71 -25.26 -20.15
N GLU A 138 9.95 -26.26 -20.58
CA GLU A 138 10.40 -27.20 -21.62
C GLU A 138 9.46 -27.02 -22.81
N GLY A 139 9.93 -26.29 -23.83
CA GLY A 139 9.02 -25.89 -24.89
C GLY A 139 7.94 -25.00 -24.32
N ASN A 140 6.70 -25.43 -24.46
CA ASN A 140 5.55 -24.71 -23.95
C ASN A 140 5.03 -25.30 -22.66
N VAL A 141 5.75 -26.24 -22.06
CA VAL A 141 5.29 -26.97 -20.88
C VAL A 141 5.96 -26.40 -19.65
N ARG A 142 5.14 -25.93 -18.70
CA ARG A 142 5.66 -25.41 -17.43
C ARG A 142 6.13 -26.60 -16.61
N LYS A 143 7.40 -26.59 -16.20
CA LYS A 143 7.94 -27.60 -15.29
C LYS A 143 8.24 -27.02 -13.92
N VAL A 144 7.76 -27.71 -12.88
CA VAL A 144 7.90 -27.26 -11.49
C VAL A 144 8.70 -28.32 -10.74
N VAL A 145 9.72 -27.88 -10.02
CA VAL A 145 10.68 -28.70 -9.31
C VAL A 145 10.56 -28.38 -7.83
N ALA A 146 10.57 -29.43 -7.00
CA ALA A 146 10.65 -29.26 -5.56
C ALA A 146 12.10 -29.45 -5.13
N THR A 147 12.63 -28.48 -4.38
CA THR A 147 14.05 -28.46 -4.03
C THR A 147 14.18 -27.83 -2.64
N THR A 148 15.41 -27.85 -2.12
CA THR A 148 15.66 -27.36 -0.76
C THR A 148 16.84 -26.40 -0.71
N GLN A 149 16.80 -25.55 0.31
CA GLN A 149 17.97 -24.78 0.76
C GLN A 149 17.81 -24.63 2.27
N MET A 150 18.64 -25.31 3.05
CA MET A 150 18.48 -25.29 4.50
C MET A 150 19.39 -24.30 5.21
N GLN A 151 20.61 -24.07 4.69
CA GLN A 151 21.55 -23.22 5.40
C GLN A 151 21.07 -21.78 5.37
N ALA A 152 21.12 -21.07 6.50
CA ALA A 152 21.62 -21.57 7.79
C ALA A 152 20.55 -22.26 8.61
N ALA A 153 19.35 -21.69 8.61
CA ALA A 153 18.33 -21.96 9.61
C ALA A 153 16.97 -22.20 8.97
N ASP A 154 16.93 -22.94 7.87
CA ASP A 154 15.68 -23.20 7.17
C ASP A 154 15.32 -24.67 7.11
N ALA A 155 16.12 -25.56 7.69
CA ALA A 155 15.68 -26.95 7.81
C ALA A 155 14.36 -27.01 8.56
N ARG A 156 14.22 -26.17 9.58
CA ARG A 156 13.01 -26.01 10.37
C ARG A 156 11.80 -25.59 9.54
N LYS A 157 12.01 -25.13 8.32
CA LYS A 157 10.93 -24.70 7.45
C LYS A 157 10.36 -25.86 6.63
N SER A 158 11.00 -27.03 6.68
CA SER A 158 10.53 -28.21 5.98
C SER A 158 10.00 -29.29 6.93
N PHE A 159 10.52 -29.38 8.15
CA PHE A 159 10.01 -30.30 9.16
C PHE A 159 10.56 -29.86 10.51
N PRO A 160 9.88 -30.18 11.61
CA PRO A 160 10.37 -29.73 12.93
C PRO A 160 11.63 -30.47 13.31
N CYS A 161 12.63 -29.73 13.77
CA CYS A 161 13.92 -30.32 14.11
C CYS A 161 14.67 -29.40 15.06
N PHE A 162 15.65 -29.99 15.76
CA PHE A 162 16.57 -29.23 16.59
C PHE A 162 17.64 -28.68 15.66
N ASP A 163 17.37 -27.47 15.14
CA ASP A 163 18.07 -26.95 13.96
C ASP A 163 19.24 -26.07 14.39
N GLU A 164 20.26 -26.73 14.94
CA GLU A 164 21.53 -26.11 15.27
C GLU A 164 22.62 -27.08 14.84
N PRO A 165 23.76 -26.57 14.36
CA PRO A 165 24.72 -27.46 13.69
C PRO A 165 25.37 -28.47 14.63
N ALA A 166 25.39 -28.22 15.93
CA ALA A 166 25.99 -29.15 16.88
C ALA A 166 25.01 -30.19 17.39
N MET A 167 23.73 -30.08 17.00
CA MET A 167 22.72 -31.10 17.30
C MET A 167 22.70 -32.17 16.20
N LYS A 168 23.82 -32.87 16.07
CA LYS A 168 23.94 -33.84 14.98
C LYS A 168 23.05 -35.05 15.25
N ALA A 169 22.58 -35.67 14.17
CA ALA A 169 21.68 -36.82 14.25
C ALA A 169 21.73 -37.58 12.93
N GLU A 170 21.15 -38.78 12.94
CA GLU A 170 20.94 -39.52 11.70
C GLU A 170 19.54 -39.24 11.16
N PHE A 171 19.40 -39.25 9.84
CA PHE A 171 18.13 -38.92 9.19
C PHE A 171 17.66 -40.01 8.23
N ASN A 172 16.39 -40.39 8.35
CA ASN A 172 15.76 -41.43 7.54
C ASN A 172 14.68 -40.75 6.70
N ILE A 173 14.98 -40.49 5.43
CA ILE A 173 14.14 -39.64 4.58
C ILE A 173 13.32 -40.50 3.63
N THR A 174 12.03 -40.17 3.51
CA THR A 174 11.12 -40.74 2.53
C THR A 174 10.47 -39.60 1.76
N LEU A 175 10.48 -39.70 0.42
CA LEU A 175 9.79 -38.74 -0.43
C LEU A 175 8.65 -39.41 -1.17
N ILE A 176 7.49 -38.76 -1.15
CA ILE A 176 6.28 -39.18 -1.85
C ILE A 176 6.11 -38.20 -3.00
N HIS A 177 6.06 -38.72 -4.23
CA HIS A 177 6.22 -37.86 -5.38
C HIS A 177 5.41 -38.42 -6.54
N PRO A 178 5.09 -37.60 -7.54
CA PRO A 178 4.45 -38.13 -8.75
C PRO A 178 5.24 -39.31 -9.31
N LYS A 179 4.51 -40.34 -9.74
CA LYS A 179 5.15 -41.60 -10.12
C LYS A 179 6.12 -41.44 -11.29
N ASP A 180 5.96 -40.39 -12.08
CA ASP A 180 6.82 -40.13 -13.23
C ASP A 180 8.09 -39.36 -12.86
N LEU A 181 8.19 -38.81 -11.65
CA LEU A 181 9.30 -37.94 -11.27
C LEU A 181 10.26 -38.63 -10.31
N THR A 182 11.55 -38.32 -10.50
CA THR A 182 12.62 -38.86 -9.69
C THR A 182 12.74 -38.08 -8.38
N ALA A 183 12.86 -38.81 -7.27
CA ALA A 183 13.19 -38.25 -5.96
C ALA A 183 14.65 -38.48 -5.62
N LEU A 184 15.32 -37.43 -5.13
CA LEU A 184 16.72 -37.47 -4.74
C LEU A 184 16.88 -36.93 -3.32
N SER A 185 17.83 -37.50 -2.59
CA SER A 185 18.19 -37.00 -1.26
C SER A 185 19.68 -37.22 -1.03
N ASN A 186 20.10 -37.06 0.23
CA ASN A 186 21.51 -37.16 0.60
C ASN A 186 22.08 -38.52 0.24
N MET A 187 21.34 -39.57 0.53
CA MET A 187 21.80 -40.94 0.36
C MET A 187 21.21 -41.52 -0.91
N LEU A 188 21.62 -42.74 -1.23
CA LEU A 188 21.03 -43.41 -2.36
C LEU A 188 19.70 -44.01 -1.98
N PRO A 189 18.84 -44.28 -2.96
CA PRO A 189 17.55 -44.88 -2.66
C PRO A 189 17.72 -46.25 -2.01
N LYS A 190 16.81 -46.57 -1.10
CA LYS A 190 16.78 -47.88 -0.48
C LYS A 190 15.75 -48.66 -1.29
N GLY A 191 16.24 -49.48 -2.21
CA GLY A 191 15.37 -50.26 -3.05
C GLY A 191 14.69 -49.41 -4.11
N PRO A 192 13.78 -50.03 -4.87
CA PRO A 192 13.11 -49.34 -5.97
C PRO A 192 12.05 -48.40 -5.43
N SER A 193 11.69 -47.39 -6.22
CA SER A 193 10.48 -46.65 -5.90
C SER A 193 9.26 -47.53 -6.15
N THR A 194 8.27 -47.40 -5.28
CA THR A 194 7.05 -48.17 -5.35
C THR A 194 5.82 -47.27 -5.41
N PRO A 195 4.74 -47.71 -6.08
CA PRO A 195 3.52 -46.89 -6.10
C PRO A 195 2.97 -46.76 -4.69
N LEU A 196 2.44 -45.59 -4.40
CA LEU A 196 1.74 -45.38 -3.13
C LEU A 196 0.45 -46.20 -3.11
N PRO A 197 0.21 -47.00 -2.06
CA PRO A 197 -1.02 -47.83 -2.05
C PRO A 197 -2.32 -47.04 -2.09
N GLU A 198 -2.44 -46.01 -1.25
CA GLU A 198 -3.63 -45.16 -1.27
C GLU A 198 -3.86 -44.48 -2.61
N ASP A 199 -2.84 -44.36 -3.45
CA ASP A 199 -2.99 -43.62 -4.71
C ASP A 199 -1.81 -43.94 -5.62
N PRO A 200 -1.97 -44.92 -6.53
CA PRO A 200 -0.84 -45.34 -7.38
C PRO A 200 -0.38 -44.30 -8.40
N ASN A 201 -0.96 -43.10 -8.41
CA ASN A 201 -0.36 -42.02 -9.19
C ASN A 201 0.89 -41.46 -8.54
N TRP A 202 1.15 -41.79 -7.28
CA TRP A 202 2.35 -41.36 -6.57
C TRP A 202 3.25 -42.55 -6.32
N ASN A 203 4.57 -42.31 -6.38
CA ASN A 203 5.56 -43.30 -6.02
C ASN A 203 6.12 -42.91 -4.66
N VAL A 204 6.57 -43.91 -3.90
CA VAL A 204 7.22 -43.70 -2.61
C VAL A 204 8.67 -44.15 -2.71
N THR A 205 9.60 -43.22 -2.44
CA THR A 205 11.03 -43.50 -2.51
C THR A 205 11.64 -43.23 -1.14
N GLU A 206 12.07 -44.29 -0.47
CA GLU A 206 12.79 -44.18 0.80
C GLU A 206 14.29 -44.20 0.55
N PHE A 207 15.02 -43.42 1.34
CA PHE A 207 16.47 -43.35 1.22
C PHE A 207 17.15 -44.00 2.42
N HIS A 208 18.36 -44.52 2.21
CA HIS A 208 19.16 -45.06 3.31
C HIS A 208 19.41 -44.02 4.39
N THR A 209 19.61 -44.51 5.62
CA THR A 209 19.94 -43.64 6.74
C THR A 209 21.20 -42.84 6.45
N THR A 210 21.17 -41.56 6.80
CA THR A 210 22.33 -40.70 6.61
C THR A 210 23.38 -40.97 7.69
N PRO A 211 24.62 -40.55 7.48
CA PRO A 211 25.56 -40.42 8.60
C PRO A 211 25.04 -39.46 9.65
N LYS A 212 25.68 -39.49 10.81
CA LYS A 212 25.48 -38.43 11.79
C LYS A 212 25.87 -37.10 11.15
N MET A 213 24.96 -36.13 11.15
CA MET A 213 25.21 -34.91 10.38
C MET A 213 24.33 -33.78 10.90
N SER A 214 24.65 -32.57 10.44
CA SER A 214 23.91 -31.38 10.83
C SER A 214 22.66 -31.22 9.97
N THR A 215 21.62 -30.64 10.59
CA THR A 215 20.36 -30.41 9.90
C THR A 215 20.50 -29.52 8.67
N TYR A 216 21.44 -28.56 8.69
CA TYR A 216 21.53 -27.60 7.60
C TYR A 216 22.04 -28.20 6.29
N LEU A 217 22.45 -29.47 6.29
CA LEU A 217 22.98 -30.13 5.10
C LEU A 217 21.98 -31.08 4.45
N LEU A 218 20.75 -31.15 4.93
CA LEU A 218 19.75 -32.03 4.33
C LEU A 218 19.26 -31.46 3.01
N ALA A 219 18.96 -32.35 2.07
CA ALA A 219 18.41 -31.96 0.79
C ALA A 219 17.35 -32.94 0.31
N PHE A 220 16.27 -32.39 -0.25
CA PHE A 220 15.14 -33.15 -0.78
C PHE A 220 14.78 -32.54 -2.12
N ILE A 221 14.89 -33.31 -3.19
CA ILE A 221 14.61 -32.79 -4.52
C ILE A 221 13.71 -33.74 -5.28
N VAL A 222 12.66 -33.21 -5.90
CA VAL A 222 11.78 -33.99 -6.76
C VAL A 222 11.71 -33.30 -8.12
N SER A 223 12.08 -34.01 -9.18
CA SER A 223 12.12 -33.38 -10.49
C SER A 223 12.07 -34.45 -11.56
N GLU A 224 12.04 -34.03 -12.84
CA GLU A 224 12.31 -34.94 -13.94
C GLU A 224 13.58 -34.55 -14.68
N PHE A 225 14.58 -34.05 -13.96
CA PHE A 225 15.89 -33.79 -14.53
C PHE A 225 16.51 -35.05 -15.09
N ASP A 226 17.40 -34.88 -16.06
CA ASP A 226 18.25 -35.99 -16.48
C ASP A 226 19.64 -35.78 -15.89
N TYR A 227 20.51 -36.78 -16.07
CA TYR A 227 21.84 -36.68 -15.52
C TYR A 227 22.84 -37.47 -16.37
N VAL A 228 24.11 -37.12 -16.21
CA VAL A 228 25.21 -37.97 -16.63
C VAL A 228 25.94 -38.45 -15.39
N GLU A 229 26.67 -39.56 -15.50
CA GLU A 229 27.29 -40.14 -14.33
C GLU A 229 28.59 -40.84 -14.69
N LYS A 230 29.46 -40.94 -13.68
CA LYS A 230 30.75 -41.62 -13.80
C LYS A 230 31.24 -41.93 -12.40
N GLN A 231 31.67 -43.17 -12.20
CA GLN A 231 32.32 -43.51 -10.94
C GLN A 231 33.73 -42.94 -10.90
N ALA A 232 34.05 -42.24 -9.81
CA ALA A 232 35.35 -41.62 -9.64
C ALA A 232 36.37 -42.68 -9.18
N SER A 233 37.66 -42.34 -9.32
CA SER A 233 38.70 -43.31 -9.05
C SER A 233 38.77 -43.73 -7.58
N ASN A 234 38.12 -43.00 -6.68
CA ASN A 234 38.01 -43.42 -5.29
C ASN A 234 36.73 -44.20 -5.03
N GLY A 235 36.05 -44.63 -6.10
CA GLY A 235 34.86 -45.45 -5.99
C GLY A 235 33.58 -44.68 -5.75
N VAL A 236 33.65 -43.36 -5.59
CA VAL A 236 32.45 -42.56 -5.38
C VAL A 236 31.75 -42.34 -6.71
N LEU A 237 30.44 -42.53 -6.71
CA LEU A 237 29.61 -42.27 -7.89
C LEU A 237 29.37 -40.77 -8.00
N ILE A 238 29.73 -40.18 -9.15
CA ILE A 238 29.43 -38.78 -9.44
C ILE A 238 28.28 -38.75 -10.44
N ARG A 239 27.27 -37.93 -10.15
CA ARG A 239 26.21 -37.63 -11.11
C ARG A 239 26.04 -36.13 -11.26
N ILE A 240 25.87 -35.68 -12.49
CA ILE A 240 25.56 -34.29 -12.83
C ILE A 240 24.11 -34.23 -13.31
N TRP A 241 23.25 -33.54 -12.57
CA TRP A 241 21.82 -33.47 -12.84
C TRP A 241 21.47 -32.08 -13.35
N ALA A 242 20.64 -32.03 -14.39
CA ALA A 242 20.19 -30.75 -14.92
C ALA A 242 18.93 -30.97 -15.76
N ARG A 243 18.35 -29.86 -16.20
CA ARG A 243 17.19 -29.94 -17.08
C ARG A 243 17.52 -30.86 -18.25
N PRO A 244 16.57 -31.65 -18.75
CA PRO A 244 16.93 -32.64 -19.77
C PRO A 244 17.65 -32.06 -20.97
N SER A 245 17.20 -30.88 -21.43
CA SER A 245 17.82 -30.25 -22.59
C SER A 245 19.27 -29.93 -22.35
N ALA A 246 19.60 -29.48 -21.14
CA ALA A 246 20.98 -29.15 -20.80
C ALA A 246 21.87 -30.39 -20.79
N ILE A 247 21.40 -31.46 -20.16
CA ILE A 247 22.19 -32.70 -20.13
C ILE A 247 22.40 -33.22 -21.54
N ALA A 248 21.33 -33.24 -22.34
CA ALA A 248 21.46 -33.73 -23.71
C ALA A 248 22.41 -32.86 -24.51
N ALA A 249 22.40 -31.55 -24.28
CA ALA A 249 23.30 -30.63 -24.96
C ALA A 249 24.74 -30.74 -24.49
N GLY A 250 25.02 -31.53 -23.45
CA GLY A 250 26.37 -31.71 -22.98
C GLY A 250 26.85 -30.71 -21.96
N HIS A 251 25.97 -29.89 -21.39
CA HIS A 251 26.44 -28.79 -20.56
C HIS A 251 26.86 -29.25 -19.17
N GLY A 252 26.62 -30.51 -18.82
CA GLY A 252 27.10 -31.09 -17.60
C GLY A 252 28.41 -31.84 -17.73
N ASP A 253 28.93 -31.95 -18.96
CA ASP A 253 30.07 -32.82 -19.21
C ASP A 253 31.34 -32.30 -18.51
N TYR A 254 31.56 -30.99 -18.49
CA TYR A 254 32.73 -30.45 -17.81
C TYR A 254 32.68 -30.72 -16.31
N ALA A 255 31.52 -30.52 -15.68
CA ALA A 255 31.37 -30.85 -14.27
C ALA A 255 31.71 -32.31 -14.01
N LEU A 256 31.25 -33.20 -14.89
CA LEU A 256 31.58 -34.62 -14.72
C LEU A 256 33.08 -34.84 -14.87
N ASN A 257 33.70 -34.07 -15.77
CA ASN A 257 35.13 -34.14 -16.03
C ASN A 257 35.96 -33.76 -14.81
N VAL A 258 35.47 -32.81 -14.00
CA VAL A 258 36.27 -32.26 -12.91
C VAL A 258 35.85 -32.76 -11.53
N THR A 259 34.59 -33.14 -11.32
CA THR A 259 34.08 -33.37 -9.97
C THR A 259 34.77 -34.54 -9.28
N GLY A 260 34.69 -35.73 -9.87
CA GLY A 260 35.29 -36.91 -9.29
C GLY A 260 36.79 -36.78 -9.06
N PRO A 261 37.52 -36.30 -10.08
CA PRO A 261 38.97 -36.13 -9.88
C PRO A 261 39.31 -35.18 -8.74
N ILE A 262 38.58 -34.09 -8.59
CA ILE A 262 38.82 -33.19 -7.46
C ILE A 262 38.52 -33.89 -6.14
N LEU A 263 37.39 -34.61 -6.08
CA LEU A 263 37.03 -35.31 -4.86
C LEU A 263 38.12 -36.28 -4.43
N ASN A 264 38.62 -37.08 -5.39
CA ASN A 264 39.71 -38.01 -5.10
C ASN A 264 40.96 -37.26 -4.69
N PHE A 265 41.25 -36.13 -5.34
CA PHE A 265 42.38 -35.30 -4.97
C PHE A 265 42.28 -34.86 -3.51
N PHE A 266 41.12 -34.35 -3.11
CA PHE A 266 40.96 -33.89 -1.73
C PHE A 266 41.11 -35.05 -0.75
N ALA A 267 40.51 -36.20 -1.07
CA ALA A 267 40.59 -37.35 -0.18
C ALA A 267 42.04 -37.77 0.03
N GLY A 268 42.82 -37.84 -1.05
CA GLY A 268 44.24 -38.15 -0.93
C GLY A 268 45.03 -37.08 -0.22
N HIS A 269 44.85 -35.82 -0.63
CA HIS A 269 45.61 -34.72 -0.07
C HIS A 269 45.44 -34.65 1.44
N TYR A 270 44.23 -34.86 1.94
CA TYR A 270 43.94 -34.79 3.36
C TYR A 270 43.93 -36.16 4.04
N ASP A 271 44.33 -37.22 3.33
CA ASP A 271 44.34 -38.58 3.86
C ASP A 271 43.04 -38.96 4.56
N THR A 272 41.92 -38.60 3.95
CA THR A 272 40.63 -38.75 4.60
C THR A 272 39.57 -39.10 3.55
N PRO A 273 39.11 -40.34 3.50
CA PRO A 273 38.16 -40.72 2.45
C PRO A 273 36.87 -39.94 2.52
N TYR A 274 36.28 -39.71 1.36
CA TYR A 274 34.88 -39.30 1.32
C TYR A 274 34.04 -40.52 1.66
N PRO A 275 33.20 -40.47 2.69
CA PRO A 275 32.60 -41.69 3.24
C PRO A 275 31.30 -42.11 2.59
N LEU A 276 30.72 -41.28 1.76
CA LEU A 276 29.41 -41.58 1.22
C LEU A 276 29.55 -42.31 -0.11
N PRO A 277 28.51 -43.04 -0.53
CA PRO A 277 28.64 -43.84 -1.76
C PRO A 277 28.56 -43.00 -3.02
N LYS A 278 28.00 -41.80 -2.95
CA LYS A 278 27.85 -40.94 -4.12
C LYS A 278 27.98 -39.49 -3.69
N SER A 279 28.25 -38.63 -4.67
CA SER A 279 28.17 -37.18 -4.50
C SER A 279 27.44 -36.65 -5.72
N ASP A 280 26.15 -36.33 -5.55
CA ASP A 280 25.35 -35.78 -6.64
C ASP A 280 25.60 -34.29 -6.75
N GLN A 281 25.72 -33.79 -7.97
CA GLN A 281 25.75 -32.37 -8.26
C GLN A 281 24.50 -32.08 -9.06
N ILE A 282 23.73 -31.06 -8.66
CA ILE A 282 22.46 -30.78 -9.30
C ILE A 282 22.33 -29.28 -9.53
N GLY A 283 21.88 -28.90 -10.73
CA GLY A 283 21.78 -27.49 -11.06
C GLY A 283 20.34 -27.03 -11.07
N LEU A 284 20.03 -26.02 -10.26
CA LEU A 284 18.64 -25.59 -10.13
C LEU A 284 18.41 -24.29 -10.89
N PRO A 285 17.27 -24.16 -11.59
CA PRO A 285 16.96 -22.89 -12.24
C PRO A 285 16.79 -21.73 -11.26
N ASP A 286 16.44 -22.00 -10.00
CA ASP A 286 16.23 -20.94 -9.02
C ASP A 286 16.95 -21.28 -7.72
N PHE A 287 17.93 -20.45 -7.37
CA PHE A 287 18.83 -20.71 -6.25
C PHE A 287 19.46 -19.39 -5.85
N ASN A 288 19.42 -19.09 -4.54
CA ASN A 288 19.85 -17.77 -4.07
C ASN A 288 21.36 -17.59 -4.18
N ALA A 289 22.13 -18.41 -3.49
CA ALA A 289 23.58 -18.29 -3.49
C ALA A 289 24.19 -18.97 -4.72
N GLY A 290 25.52 -19.12 -4.70
CA GLY A 290 26.17 -19.85 -5.77
C GLY A 290 25.87 -21.33 -5.74
N ALA A 291 25.88 -21.92 -4.55
CA ALA A 291 25.73 -23.37 -4.38
C ALA A 291 25.56 -23.64 -2.89
N MET A 292 25.35 -24.91 -2.55
CA MET A 292 25.20 -25.30 -1.16
C MET A 292 25.69 -26.74 -1.01
N GLU A 293 26.55 -26.97 -0.02
CA GLU A 293 27.33 -28.19 0.07
C GLU A 293 26.60 -29.39 0.67
N ASN A 294 25.28 -29.50 0.48
CA ASN A 294 24.51 -30.56 1.14
C ASN A 294 25.16 -31.92 0.92
N TRP A 295 25.29 -32.69 2.00
CA TRP A 295 26.15 -33.87 2.00
C TRP A 295 25.51 -34.97 1.14
N GLY A 296 26.10 -35.24 -0.01
CA GLY A 296 25.57 -36.21 -0.93
C GLY A 296 24.72 -35.63 -2.05
N LEU A 297 24.28 -34.37 -1.93
CA LEU A 297 23.39 -33.78 -2.93
C LEU A 297 23.68 -32.26 -2.99
N VAL A 298 24.77 -31.92 -3.67
CA VAL A 298 25.27 -30.56 -3.72
C VAL A 298 24.49 -29.79 -4.78
N THR A 299 23.91 -28.66 -4.39
CA THR A 299 23.08 -27.87 -5.28
C THR A 299 23.88 -26.68 -5.81
N TYR A 300 23.55 -26.25 -7.02
CA TYR A 300 24.28 -25.17 -7.69
C TYR A 300 23.31 -24.31 -8.47
N ARG A 301 23.63 -23.04 -8.64
CA ARG A 301 23.07 -22.33 -9.78
C ARG A 301 23.53 -23.00 -11.06
N GLU A 302 22.65 -23.02 -12.08
CA GLU A 302 23.07 -23.47 -13.40
C GLU A 302 24.36 -22.79 -13.84
N ASN A 303 24.52 -21.49 -13.54
CA ASN A 303 25.70 -20.77 -13.99
C ASN A 303 26.97 -21.15 -13.24
N SER A 304 26.90 -22.03 -12.24
CA SER A 304 28.08 -22.45 -11.51
C SER A 304 28.41 -23.90 -11.77
N LEU A 305 27.54 -24.63 -12.46
CA LEU A 305 27.70 -26.05 -12.71
C LEU A 305 27.73 -26.38 -14.19
N LEU A 306 26.78 -25.85 -14.96
CA LEU A 306 26.72 -26.09 -16.39
C LEU A 306 27.73 -25.23 -17.13
N PHE A 307 28.14 -25.72 -18.31
CA PHE A 307 29.16 -25.03 -19.10
C PHE A 307 29.01 -25.46 -20.56
N ASP A 308 28.96 -24.48 -21.47
CA ASP A 308 28.88 -24.80 -22.90
C ASP A 308 30.18 -24.35 -23.57
N PRO A 309 31.01 -25.28 -24.04
CA PRO A 309 32.29 -24.87 -24.64
C PRO A 309 32.18 -23.92 -25.83
N LEU A 310 31.04 -23.88 -26.51
CA LEU A 310 30.91 -23.02 -27.70
C LEU A 310 30.31 -21.66 -27.40
N SER A 311 29.76 -21.45 -26.21
CA SER A 311 29.17 -20.15 -25.85
C SER A 311 29.56 -19.66 -24.47
N SER A 312 30.04 -20.51 -23.57
CA SER A 312 30.43 -20.08 -22.25
C SER A 312 31.84 -19.49 -22.29
N SER A 313 32.10 -18.50 -21.45
CA SER A 313 33.42 -17.88 -21.43
C SER A 313 34.40 -18.69 -20.60
N SER A 314 35.69 -18.33 -20.73
CA SER A 314 36.72 -18.90 -19.87
C SER A 314 36.50 -18.55 -18.41
N SER A 315 35.99 -17.33 -18.16
CA SER A 315 35.62 -16.94 -16.80
C SER A 315 34.53 -17.83 -16.24
N ASN A 316 33.54 -18.17 -17.07
CA ASN A 316 32.51 -19.09 -16.64
C ASN A 316 33.11 -20.43 -16.25
N LYS A 317 34.07 -20.92 -17.05
CA LYS A 317 34.70 -22.20 -16.76
C LYS A 317 35.45 -22.15 -15.43
N GLU A 318 36.17 -21.05 -15.20
CA GLU A 318 36.87 -20.87 -13.92
C GLU A 318 35.90 -20.84 -12.75
N ARG A 319 34.77 -20.12 -12.91
CA ARG A 319 33.74 -20.15 -11.88
C ARG A 319 33.23 -21.56 -11.61
N VAL A 320 32.99 -22.34 -12.66
CA VAL A 320 32.46 -23.68 -12.46
C VAL A 320 33.44 -24.53 -11.67
N VAL A 321 34.70 -24.57 -12.11
CA VAL A 321 35.66 -25.45 -11.46
C VAL A 321 35.94 -24.98 -10.03
N THR A 322 35.98 -23.66 -9.80
CA THR A 322 36.25 -23.17 -8.45
C THR A 322 35.08 -23.41 -7.52
N VAL A 323 33.85 -23.25 -8.00
CA VAL A 323 32.68 -23.49 -7.15
C VAL A 323 32.56 -24.97 -6.82
N ILE A 324 32.77 -25.84 -7.81
CA ILE A 324 32.79 -27.27 -7.54
C ILE A 324 33.85 -27.61 -6.50
N ALA A 325 35.08 -27.10 -6.68
CA ALA A 325 36.13 -27.34 -5.70
C ALA A 325 35.73 -26.84 -4.30
N HIS A 326 35.08 -25.69 -4.22
CA HIS A 326 34.63 -25.16 -2.94
C HIS A 326 33.63 -26.10 -2.27
N GLU A 327 32.60 -26.50 -3.02
CA GLU A 327 31.58 -27.36 -2.46
C GLU A 327 32.15 -28.73 -2.07
N LEU A 328 33.09 -29.25 -2.85
CA LEU A 328 33.72 -30.52 -2.49
C LEU A 328 34.59 -30.36 -1.26
N ALA A 329 35.29 -29.23 -1.15
CA ALA A 329 36.09 -28.94 0.04
C ALA A 329 35.21 -28.99 1.28
N HIS A 330 33.99 -28.47 1.16
CA HIS A 330 33.08 -28.49 2.31
C HIS A 330 32.76 -29.89 2.79
N GLN A 331 32.89 -30.92 1.94
CA GLN A 331 32.59 -32.28 2.38
C GLN A 331 33.46 -32.66 3.57
N TRP A 332 34.68 -32.14 3.62
CA TRP A 332 35.58 -32.31 4.75
C TRP A 332 35.42 -31.17 5.74
N PHE A 333 35.61 -29.94 5.27
CA PHE A 333 35.55 -28.74 6.10
C PHE A 333 34.12 -28.19 6.08
N GLY A 334 33.27 -28.81 6.90
CA GLY A 334 31.88 -28.40 7.02
C GLY A 334 30.93 -29.56 7.27
N ASN A 335 31.07 -30.63 6.49
CA ASN A 335 30.13 -31.75 6.57
C ASN A 335 30.64 -32.79 7.55
N LEU A 336 31.85 -33.31 7.30
CA LEU A 336 32.45 -34.28 8.19
C LEU A 336 32.79 -33.62 9.52
N VAL A 337 33.45 -32.47 9.47
CA VAL A 337 33.74 -31.66 10.65
C VAL A 337 32.96 -30.36 10.52
N THR A 338 32.21 -30.01 11.55
CA THR A 338 31.26 -28.90 11.51
C THR A 338 31.54 -27.93 12.63
N ILE A 339 31.37 -26.64 12.33
CA ILE A 339 31.42 -25.60 13.35
C ILE A 339 30.51 -25.96 14.52
N GLU A 340 30.99 -25.66 15.74
CA GLU A 340 30.15 -25.80 16.92
C GLU A 340 28.97 -24.86 16.85
N TRP A 341 29.22 -23.63 16.38
CA TRP A 341 28.17 -22.63 16.25
C TRP A 341 28.59 -21.65 15.17
N TRP A 342 27.62 -20.90 14.67
CA TRP A 342 27.82 -20.02 13.51
C TRP A 342 28.87 -18.95 13.75
N ASN A 343 29.16 -18.60 15.00
CA ASN A 343 30.17 -17.59 15.28
C ASN A 343 31.53 -17.99 14.71
N ASP A 344 31.77 -19.29 14.55
CA ASP A 344 33.03 -19.78 14.01
C ASP A 344 32.91 -20.17 12.54
N LEU A 345 31.97 -19.54 11.81
CA LEU A 345 31.67 -19.93 10.44
C LEU A 345 32.90 -20.03 9.54
N TRP A 346 33.91 -19.18 9.75
CA TRP A 346 35.09 -19.25 8.89
C TRP A 346 35.74 -20.64 8.86
N LEU A 347 35.57 -21.42 9.93
CA LEU A 347 36.12 -22.78 9.95
C LEU A 347 35.53 -23.64 8.84
N ASN A 348 34.30 -23.35 8.44
CA ASN A 348 33.76 -23.96 7.24
C ASN A 348 34.20 -23.20 6.00
N GLU A 349 33.89 -21.90 5.93
CA GLU A 349 33.95 -21.20 4.65
C GLU A 349 35.35 -20.75 4.27
N GLY A 350 36.15 -20.34 5.25
CA GLY A 350 37.52 -19.98 4.93
C GLY A 350 38.31 -21.16 4.39
N PHE A 351 38.17 -22.31 5.02
CA PHE A 351 38.83 -23.49 4.50
C PHE A 351 38.31 -23.77 3.10
N ALA A 352 36.99 -23.80 2.93
CA ALA A 352 36.45 -24.07 1.60
C ALA A 352 36.92 -23.01 0.63
N SER A 353 37.03 -21.77 1.10
CA SER A 353 37.45 -20.68 0.22
C SER A 353 38.91 -20.84 -0.17
N TYR A 354 39.73 -21.42 0.72
CA TYR A 354 41.12 -21.69 0.40
C TYR A 354 41.29 -22.99 -0.37
N VAL A 355 40.68 -24.07 0.13
CA VAL A 355 40.92 -25.39 -0.43
C VAL A 355 40.39 -25.50 -1.85
N GLU A 356 39.38 -24.68 -2.20
CA GLU A 356 38.91 -24.67 -3.58
C GLU A 356 40.04 -24.43 -4.57
N TYR A 357 41.03 -23.61 -4.19
CA TYR A 357 42.12 -23.36 -5.12
C TYR A 357 43.00 -24.57 -5.29
N LEU A 358 43.18 -25.36 -4.23
CA LEU A 358 43.93 -26.60 -4.41
C LEU A 358 43.20 -27.51 -5.39
N GLY A 359 41.88 -27.65 -5.23
CA GLY A 359 41.14 -28.50 -6.14
C GLY A 359 41.08 -27.98 -7.57
N ALA A 360 40.76 -26.70 -7.73
CA ALA A 360 40.66 -26.16 -9.08
C ALA A 360 42.02 -26.17 -9.78
N ASP A 361 43.08 -25.83 -9.06
CA ASP A 361 44.41 -25.88 -9.66
C ASP A 361 44.73 -27.30 -10.07
N TYR A 362 44.30 -28.29 -9.27
CA TYR A 362 44.49 -29.67 -9.66
C TYR A 362 43.78 -29.97 -10.97
N ALA A 363 42.51 -29.58 -11.08
CA ALA A 363 41.76 -29.85 -12.30
C ALA A 363 42.29 -29.07 -13.50
N GLU A 364 42.78 -27.85 -13.29
CA GLU A 364 43.26 -26.99 -14.37
C GLU A 364 44.63 -26.45 -13.98
N PRO A 365 45.66 -27.30 -14.01
CA PRO A 365 46.97 -26.90 -13.47
C PRO A 365 47.69 -25.83 -14.28
N THR A 366 47.22 -25.52 -15.49
CA THR A 366 47.86 -24.52 -16.32
C THR A 366 47.33 -23.11 -16.09
N TRP A 367 46.33 -22.96 -15.23
CA TRP A 367 45.68 -21.67 -15.05
C TRP A 367 46.36 -20.79 -14.01
N ASN A 368 47.11 -21.37 -13.08
CA ASN A 368 47.76 -20.58 -12.02
C ASN A 368 46.73 -19.82 -11.19
N LEU A 369 45.69 -20.52 -10.75
CA LEU A 369 44.60 -19.83 -10.07
C LEU A 369 44.99 -19.42 -8.66
N LYS A 370 45.81 -20.23 -7.98
CA LYS A 370 46.23 -19.90 -6.63
C LYS A 370 46.70 -18.44 -6.53
N ASP A 371 47.39 -17.96 -7.56
CA ASP A 371 47.82 -16.57 -7.58
C ASP A 371 46.64 -15.60 -7.46
N LEU A 372 45.52 -15.94 -8.09
CA LEU A 372 44.40 -15.00 -8.12
C LEU A 372 43.81 -14.82 -6.73
N MET A 373 44.17 -15.69 -5.80
CA MET A 373 43.76 -15.50 -4.42
C MET A 373 44.11 -14.12 -3.91
N VAL A 374 45.21 -13.54 -4.40
CA VAL A 374 45.60 -12.22 -3.93
C VAL A 374 44.54 -11.19 -4.29
N LEU A 375 44.07 -11.20 -5.55
CA LEU A 375 43.07 -10.20 -5.95
C LEU A 375 41.68 -10.53 -5.44
N ASN A 376 41.25 -11.79 -5.60
CA ASN A 376 39.87 -12.16 -5.37
C ASN A 376 39.52 -12.32 -3.90
N ASP A 377 40.52 -12.58 -3.04
CA ASP A 377 40.28 -12.76 -1.61
C ASP A 377 40.99 -11.73 -0.75
N VAL A 378 42.32 -11.68 -0.76
CA VAL A 378 43.05 -10.77 0.13
C VAL A 378 42.58 -9.34 -0.07
N TYR A 379 42.75 -8.80 -1.28
CA TYR A 379 42.40 -7.40 -1.50
C TYR A 379 40.89 -7.19 -1.51
N ARG A 380 40.13 -8.21 -1.92
CA ARG A 380 38.68 -8.12 -1.81
C ARG A 380 38.26 -7.81 -0.38
N VAL A 381 38.81 -8.54 0.59
CA VAL A 381 38.34 -8.42 1.96
C VAL A 381 39.04 -7.29 2.71
N MET A 382 40.24 -6.89 2.29
CA MET A 382 40.93 -5.84 3.03
C MET A 382 40.17 -4.54 2.96
N ALA A 383 39.37 -4.34 1.90
CA ALA A 383 38.52 -3.16 1.79
C ALA A 383 37.60 -3.03 3.00
N VAL A 384 36.86 -4.10 3.31
CA VAL A 384 35.91 -4.02 4.41
C VAL A 384 36.60 -4.24 5.75
N ASP A 385 37.70 -4.98 5.78
CA ASP A 385 38.38 -5.30 7.03
C ASP A 385 39.25 -4.15 7.51
N ALA A 386 39.36 -3.07 6.73
CA ALA A 386 39.99 -1.85 7.17
C ALA A 386 38.99 -0.85 7.76
N LEU A 387 37.75 -1.28 7.98
CA LEU A 387 36.74 -0.45 8.61
C LEU A 387 36.68 -0.75 10.11
N ALA A 388 36.33 0.26 10.89
CA ALA A 388 36.05 0.08 12.31
C ALA A 388 34.84 -0.82 12.55
N SER A 389 33.91 -0.91 11.60
CA SER A 389 32.73 -1.75 11.72
C SER A 389 32.89 -3.12 11.10
N SER A 390 34.12 -3.59 10.94
CA SER A 390 34.36 -4.98 10.57
C SER A 390 34.14 -5.85 11.82
N HIS A 391 34.51 -7.12 11.74
CA HIS A 391 34.29 -8.06 12.83
C HIS A 391 35.38 -9.11 12.78
N PRO A 392 35.70 -9.75 13.90
CA PRO A 392 36.78 -10.75 13.90
C PRO A 392 36.42 -11.96 13.08
N LEU A 393 37.47 -12.65 12.63
CA LEU A 393 37.28 -13.94 11.97
C LEU A 393 36.44 -14.89 12.82
N SER A 394 36.76 -14.98 14.11
CA SER A 394 35.97 -15.74 15.07
C SER A 394 35.28 -14.76 16.02
N THR A 395 34.01 -14.48 15.78
CA THR A 395 33.26 -13.57 16.64
C THR A 395 32.91 -14.29 17.95
N PRO A 396 32.85 -13.57 19.07
CA PRO A 396 32.40 -14.20 20.32
C PRO A 396 31.03 -14.84 20.17
N ALA A 397 30.89 -16.05 20.70
CA ALA A 397 29.67 -16.83 20.49
C ALA A 397 28.43 -16.12 21.04
N SER A 398 28.58 -15.40 22.16
CA SER A 398 27.46 -14.70 22.77
C SER A 398 26.90 -13.56 21.93
N GLU A 399 27.61 -13.11 20.89
CA GLU A 399 27.09 -12.04 20.04
C GLU A 399 26.27 -12.54 18.87
N ILE A 400 26.29 -13.84 18.56
CA ILE A 400 25.65 -14.37 17.36
C ILE A 400 24.49 -15.25 17.82
N ASN A 401 23.28 -14.74 17.72
CA ASN A 401 22.12 -15.41 18.31
C ASN A 401 20.94 -15.57 17.36
N THR A 402 20.60 -14.52 16.59
CA THR A 402 19.42 -14.55 15.74
C THR A 402 19.78 -15.00 14.32
N PRO A 403 18.79 -15.46 13.55
CA PRO A 403 19.07 -15.83 12.15
C PRO A 403 19.67 -14.69 11.33
N ALA A 404 19.27 -13.45 11.60
CA ALA A 404 19.83 -12.32 10.87
C ALA A 404 21.31 -12.15 11.17
N GLN A 405 21.69 -12.26 12.45
CA GLN A 405 23.09 -12.15 12.83
C GLN A 405 23.91 -13.27 12.22
N ILE A 406 23.32 -14.46 12.13
CA ILE A 406 23.99 -15.60 11.50
C ILE A 406 24.23 -15.32 10.01
N SER A 407 23.16 -15.01 9.28
CA SER A 407 23.31 -14.76 7.85
C SER A 407 24.19 -13.56 7.56
N GLU A 408 24.35 -12.64 8.53
CA GLU A 408 25.27 -11.53 8.34
C GLU A 408 26.72 -11.99 8.24
N LEU A 409 27.06 -13.09 8.90
CA LEU A 409 28.43 -13.59 8.91
C LEU A 409 28.85 -14.28 7.62
N PHE A 410 27.90 -14.56 6.71
CA PHE A 410 28.25 -15.10 5.40
C PHE A 410 28.72 -13.95 4.51
N ASP A 411 29.92 -13.46 4.80
CA ASP A 411 30.39 -12.18 4.30
C ASP A 411 31.86 -12.31 3.91
N ALA A 412 32.44 -11.19 3.51
CA ALA A 412 33.82 -11.20 3.01
C ALA A 412 34.82 -11.63 4.08
N ILE A 413 34.54 -11.34 5.35
CA ILE A 413 35.45 -11.76 6.41
C ILE A 413 35.54 -13.28 6.47
N SER A 414 34.39 -13.93 6.67
CA SER A 414 34.38 -15.38 6.89
C SER A 414 34.93 -16.15 5.68
N TYR A 415 34.63 -15.68 4.47
CA TYR A 415 35.10 -16.40 3.29
C TYR A 415 36.53 -15.98 2.96
N SER A 416 36.72 -14.71 2.63
CA SER A 416 37.96 -14.25 2.02
C SER A 416 39.06 -13.99 3.06
N LYS A 417 38.75 -13.38 4.21
CA LYS A 417 39.79 -13.28 5.23
C LYS A 417 40.17 -14.66 5.75
N GLY A 418 39.18 -15.52 5.98
CA GLY A 418 39.48 -16.91 6.30
C GLY A 418 40.49 -17.51 5.34
N ALA A 419 40.20 -17.42 4.03
CA ALA A 419 41.10 -17.94 3.02
C ALA A 419 42.47 -17.26 3.08
N SER A 420 42.50 -15.95 3.28
CA SER A 420 43.77 -15.23 3.29
C SER A 420 44.64 -15.68 4.45
N VAL A 421 44.03 -15.83 5.63
CA VAL A 421 44.78 -16.23 6.82
C VAL A 421 45.25 -17.67 6.67
N LEU A 422 44.44 -18.52 6.03
CA LEU A 422 44.89 -19.88 5.76
C LEU A 422 46.02 -19.93 4.74
N ARG A 423 45.95 -19.06 3.72
CA ARG A 423 47.05 -18.93 2.77
C ARG A 423 48.33 -18.54 3.49
N MET A 424 48.25 -17.60 4.43
CA MET A 424 49.43 -17.16 5.16
C MET A 424 49.97 -18.29 6.03
N LEU A 425 49.07 -18.99 6.72
CA LEU A 425 49.47 -20.09 7.58
C LEU A 425 50.17 -21.19 6.78
N SER A 426 49.57 -21.59 5.66
CA SER A 426 50.20 -22.55 4.76
C SER A 426 51.57 -22.07 4.30
N SER A 427 51.68 -20.78 3.96
CA SER A 427 52.97 -20.26 3.51
C SER A 427 54.05 -20.36 4.58
N PHE A 428 53.77 -19.94 5.81
CA PHE A 428 54.86 -19.96 6.79
C PHE A 428 55.08 -21.35 7.41
N LEU A 429 54.07 -22.23 7.41
CA LEU A 429 54.26 -23.60 7.86
C LEU A 429 54.81 -24.50 6.76
N SER A 430 54.60 -24.12 5.50
CA SER A 430 54.64 -24.98 4.31
C SER A 430 53.32 -25.74 4.22
N GLU A 431 52.84 -25.94 2.99
CA GLU A 431 51.52 -26.54 2.79
C GLU A 431 51.49 -27.98 3.28
N ASP A 432 52.61 -28.71 3.13
CA ASP A 432 52.67 -30.12 3.53
C ASP A 432 52.44 -30.28 5.03
N VAL A 433 53.03 -29.40 5.84
CA VAL A 433 52.85 -29.49 7.29
C VAL A 433 51.42 -29.12 7.64
N PHE A 434 50.92 -28.07 6.99
CA PHE A 434 49.54 -27.64 7.17
C PHE A 434 48.59 -28.80 6.93
N LYS A 435 48.73 -29.49 5.80
CA LYS A 435 47.77 -30.53 5.46
C LYS A 435 47.94 -31.75 6.36
N GLN A 436 49.15 -32.03 6.84
CA GLN A 436 49.31 -33.08 7.84
C GLN A 436 48.50 -32.75 9.10
N GLY A 437 48.59 -31.50 9.56
CA GLY A 437 47.83 -31.09 10.73
C GLY A 437 46.33 -31.12 10.47
N LEU A 438 45.92 -30.73 9.27
CA LEU A 438 44.49 -30.76 8.92
C LEU A 438 43.99 -32.19 8.87
N ALA A 439 44.76 -33.11 8.28
CA ALA A 439 44.38 -34.52 8.30
C ALA A 439 44.17 -35.00 9.73
N SER A 440 45.05 -34.60 10.64
CA SER A 440 44.89 -35.00 12.05
C SER A 440 43.60 -34.43 12.63
N TYR A 441 43.35 -33.15 12.37
CA TYR A 441 42.10 -32.48 12.76
C TYR A 441 40.87 -33.23 12.26
N LEU A 442 40.85 -33.55 10.96
CA LEU A 442 39.70 -34.23 10.37
C LEU A 442 39.51 -35.62 10.96
N HIS A 443 40.61 -36.36 11.16
CA HIS A 443 40.50 -37.69 11.75
C HIS A 443 39.93 -37.61 13.16
N THR A 444 40.43 -36.68 13.97
CA THR A 444 40.01 -36.60 15.36
C THR A 444 38.55 -36.18 15.49
N PHE A 445 38.11 -35.20 14.68
CA PHE A 445 36.80 -34.61 14.84
C PHE A 445 35.77 -35.04 13.80
N ALA A 446 36.06 -36.10 13.04
CA ALA A 446 35.07 -36.62 12.10
C ALA A 446 33.74 -36.90 12.78
N TYR A 447 32.66 -36.40 12.18
CA TYR A 447 31.30 -36.56 12.69
C TYR A 447 31.07 -35.82 14.00
N GLN A 448 31.90 -34.81 14.29
CA GLN A 448 31.80 -34.06 15.54
C GLN A 448 31.84 -32.57 15.23
N ASN A 449 31.97 -31.72 16.24
CA ASN A 449 31.98 -30.27 16.04
C ASN A 449 33.22 -29.68 16.69
N THR A 450 33.71 -28.58 16.12
CA THR A 450 34.95 -27.97 16.57
C THR A 450 34.82 -26.46 16.77
N ILE A 451 35.71 -25.93 17.61
CA ILE A 451 36.02 -24.51 17.65
C ILE A 451 37.47 -24.31 17.21
N TYR A 452 37.86 -23.04 17.06
CA TYR A 452 39.18 -22.68 16.54
C TYR A 452 40.34 -23.26 17.35
N LEU A 453 40.18 -23.38 18.67
CA LEU A 453 41.26 -23.91 19.50
C LEU A 453 41.61 -25.35 19.14
N ASN A 454 40.63 -26.15 18.73
CA ASN A 454 40.94 -27.52 18.31
C ASN A 454 41.87 -27.52 17.10
N LEU A 455 41.64 -26.58 16.19
CA LEU A 455 42.49 -26.45 15.02
C LEU A 455 43.90 -26.08 15.46
N TRP A 456 44.03 -25.07 16.32
CA TRP A 456 45.38 -24.69 16.74
C TRP A 456 46.11 -25.86 17.38
N ASP A 457 45.43 -26.64 18.21
CA ASP A 457 46.07 -27.76 18.89
C ASP A 457 46.63 -28.79 17.92
N HIS A 458 45.87 -29.12 16.87
CA HIS A 458 46.35 -30.11 15.91
C HIS A 458 47.44 -29.56 14.99
N LEU A 459 47.34 -28.28 14.61
CA LEU A 459 48.43 -27.68 13.86
C LEU A 459 49.71 -27.64 14.68
N GLN A 460 49.61 -27.37 15.98
CA GLN A 460 50.80 -27.39 16.82
C GLN A 460 51.41 -28.78 16.85
N GLU A 461 50.56 -29.81 16.94
CA GLU A 461 51.06 -31.19 16.90
C GLU A 461 51.86 -31.44 15.62
N ALA A 462 51.36 -30.93 14.50
CA ALA A 462 52.07 -31.10 13.23
C ALA A 462 53.39 -30.33 13.21
N VAL A 463 53.39 -29.08 13.70
CA VAL A 463 54.62 -28.31 13.76
C VAL A 463 55.67 -29.06 14.58
N ASN A 464 55.26 -29.58 15.73
CA ASN A 464 56.19 -30.32 16.58
C ASN A 464 56.70 -31.57 15.89
N ASN A 465 55.81 -32.30 15.20
CA ASN A 465 56.26 -33.48 14.46
C ASN A 465 57.27 -33.13 13.37
N ARG A 466 57.18 -31.95 12.75
CA ARG A 466 58.08 -31.61 11.66
C ARG A 466 59.26 -30.75 12.10
N SER A 467 59.37 -30.48 13.40
CA SER A 467 60.40 -29.61 13.98
C SER A 467 60.49 -28.24 13.30
N ILE A 468 59.35 -27.69 12.89
CA ILE A 468 59.32 -26.32 12.39
C ILE A 468 59.50 -25.38 13.58
N GLN A 469 60.44 -24.44 13.45
CA GLN A 469 60.68 -23.48 14.53
C GLN A 469 59.96 -22.17 14.24
N LEU A 470 59.16 -21.73 15.20
CA LEU A 470 58.37 -20.51 15.10
C LEU A 470 58.66 -19.64 16.31
N PRO A 471 58.32 -18.35 16.25
CA PRO A 471 58.63 -17.47 17.40
C PRO A 471 57.80 -17.77 18.63
N THR A 472 56.70 -18.49 18.48
CA THR A 472 55.90 -18.96 19.61
C THR A 472 54.99 -20.07 19.09
N THR A 473 54.00 -20.44 19.88
CA THR A 473 53.10 -21.51 19.47
C THR A 473 52.14 -21.04 18.39
N VAL A 474 51.60 -22.00 17.64
CA VAL A 474 50.59 -21.73 16.62
C VAL A 474 49.42 -20.97 17.21
N ARG A 475 48.97 -21.40 18.39
CA ARG A 475 47.87 -20.73 19.07
C ARG A 475 48.12 -19.24 19.23
N ASP A 476 49.30 -18.87 19.75
CA ASP A 476 49.57 -17.46 20.03
C ASP A 476 49.75 -16.64 18.75
N ILE A 477 50.29 -17.22 17.69
CA ILE A 477 50.36 -16.51 16.42
C ILE A 477 48.97 -16.30 15.84
N MET A 478 48.19 -17.37 15.72
CA MET A 478 46.95 -17.31 14.95
C MET A 478 45.81 -16.64 15.69
N ASN A 479 45.82 -16.66 17.03
CA ASN A 479 44.81 -15.91 17.76
C ASN A 479 44.86 -14.44 17.40
N ARG A 480 46.05 -13.91 17.09
CA ARG A 480 46.17 -12.51 16.69
C ARG A 480 45.41 -12.25 15.40
N TRP A 481 45.40 -13.22 14.49
CA TRP A 481 44.72 -13.07 13.21
C TRP A 481 43.26 -13.48 13.24
N THR A 482 42.82 -14.14 14.31
CA THR A 482 41.50 -14.76 14.36
C THR A 482 40.54 -14.11 15.35
N LEU A 483 41.03 -13.65 16.50
CA LEU A 483 40.15 -13.15 17.55
C LEU A 483 39.98 -11.64 17.55
N GLN A 484 40.80 -10.89 16.81
CA GLN A 484 40.62 -9.45 16.65
C GLN A 484 40.45 -9.13 15.17
N MET A 485 39.68 -8.09 14.88
CA MET A 485 39.46 -7.68 13.50
C MET A 485 40.70 -7.03 12.91
N GLY A 486 40.68 -6.86 11.59
CA GLY A 486 41.60 -5.97 10.91
C GLY A 486 42.93 -6.64 10.61
N PHE A 487 43.89 -5.80 10.23
CA PHE A 487 45.20 -6.28 9.82
C PHE A 487 46.18 -5.11 9.93
N PRO A 488 47.48 -5.39 9.98
CA PRO A 488 48.45 -4.30 10.10
C PRO A 488 48.94 -3.76 8.76
N VAL A 489 49.31 -2.49 8.79
CA VAL A 489 50.25 -1.93 7.83
C VAL A 489 51.63 -1.98 8.48
N ILE A 490 52.59 -2.51 7.74
CA ILE A 490 53.99 -2.58 8.17
C ILE A 490 54.71 -1.46 7.46
N THR A 491 55.29 -0.55 8.22
CA THR A 491 55.99 0.61 7.67
C THR A 491 57.48 0.38 7.85
N VAL A 492 58.22 0.48 6.74
CA VAL A 492 59.65 0.22 6.70
C VAL A 492 60.39 1.55 6.57
N ASP A 493 61.38 1.78 7.42
CA ASP A 493 62.35 2.85 7.24
C ASP A 493 63.64 2.18 6.79
N THR A 494 63.89 2.24 5.46
CA THR A 494 65.06 1.61 4.86
C THR A 494 66.36 2.35 5.13
N SER A 495 66.30 3.55 5.71
CA SER A 495 67.52 4.25 6.09
C SER A 495 68.21 3.50 7.22
N THR A 496 67.42 3.01 8.17
CA THR A 496 67.90 2.40 9.40
C THR A 496 67.53 0.93 9.47
N GLY A 497 66.64 0.46 8.60
CA GLY A 497 66.17 -0.92 8.68
C GLY A 497 65.17 -1.13 9.80
N THR A 498 64.44 -0.09 10.19
CA THR A 498 63.41 -0.24 11.21
C THR A 498 62.06 -0.61 10.60
N LEU A 499 61.32 -1.45 11.33
CA LEU A 499 59.98 -1.83 10.97
C LEU A 499 59.04 -1.44 12.11
N SER A 500 57.83 -1.05 11.74
CA SER A 500 56.76 -0.91 12.72
C SER A 500 55.45 -1.38 12.12
N GLN A 501 54.47 -1.66 12.99
CA GLN A 501 53.16 -2.11 12.57
C GLN A 501 52.10 -1.22 13.20
N GLU A 502 51.00 -1.03 12.48
CA GLU A 502 49.82 -0.43 13.10
C GLU A 502 48.56 -0.97 12.46
N HIS A 503 47.48 -0.94 13.23
CA HIS A 503 46.18 -1.32 12.69
C HIS A 503 45.85 -0.42 11.51
N PHE A 504 45.65 -1.01 10.34
CA PHE A 504 45.39 -0.22 9.14
C PHE A 504 43.91 0.18 9.07
N LEU A 505 43.65 1.48 9.07
CA LEU A 505 42.29 2.00 8.98
C LEU A 505 42.20 2.96 7.81
N LEU A 506 41.24 2.74 6.91
CA LEU A 506 41.09 3.62 5.75
C LEU A 506 40.76 5.04 6.18
N ASP A 507 40.01 5.20 7.26
CA ASP A 507 39.76 6.51 7.86
C ASP A 507 40.51 6.64 9.18
N PRO A 508 41.53 7.50 9.27
CA PRO A 508 42.18 7.71 10.57
C PRO A 508 41.24 8.21 11.65
N ASP A 509 40.19 8.93 11.27
CA ASP A 509 39.24 9.50 12.21
C ASP A 509 38.19 8.51 12.70
N SER A 510 38.13 7.30 12.14
CA SER A 510 37.05 6.39 12.51
C SER A 510 37.18 6.00 13.98
N ASN A 511 36.04 5.62 14.56
CA ASN A 511 35.92 5.36 15.99
C ASN A 511 35.87 3.84 16.16
N VAL A 512 37.01 3.25 16.50
CA VAL A 512 37.11 1.83 16.84
C VAL A 512 36.51 1.59 18.23
N THR A 513 35.38 0.88 18.30
CA THR A 513 34.70 0.64 19.57
C THR A 513 34.86 -0.78 20.11
N ARG A 514 35.22 -1.77 19.27
CA ARG A 514 35.45 -3.14 19.74
C ARG A 514 36.82 -3.31 20.38
N PRO A 515 36.90 -3.57 21.68
CA PRO A 515 38.22 -3.80 22.30
C PRO A 515 38.86 -5.10 21.84
N SER A 516 40.19 -5.12 21.87
CA SER A 516 40.97 -6.33 21.65
C SER A 516 41.87 -6.57 22.87
N GLU A 517 41.80 -7.77 23.45
CA GLU A 517 42.77 -8.15 24.47
C GLU A 517 44.21 -8.14 23.96
N PHE A 518 44.42 -8.10 22.64
CA PHE A 518 45.75 -8.04 22.08
C PHE A 518 46.15 -6.64 21.62
N ASN A 519 45.29 -5.63 21.83
CA ASN A 519 45.65 -4.23 21.57
C ASN A 519 45.89 -3.95 20.10
N TYR A 520 45.31 -4.76 19.21
CA TYR A 520 45.54 -4.64 17.77
C TYR A 520 47.03 -4.61 17.45
N VAL A 521 47.76 -5.55 18.04
CA VAL A 521 49.12 -5.86 17.66
C VAL A 521 49.15 -7.31 17.18
N TRP A 522 49.87 -7.55 16.09
CA TRP A 522 49.96 -8.87 15.48
C TRP A 522 51.37 -9.44 15.59
N ILE A 523 51.44 -10.77 15.42
CA ILE A 523 52.69 -11.47 15.16
C ILE A 523 52.72 -11.77 13.66
N VAL A 524 53.69 -11.21 12.95
CA VAL A 524 53.60 -11.10 11.50
C VAL A 524 54.77 -11.82 10.84
N PRO A 525 54.52 -12.82 9.98
CA PRO A 525 55.61 -13.42 9.20
C PRO A 525 55.91 -12.50 8.03
N ILE A 526 57.14 -12.01 7.95
CA ILE A 526 57.55 -11.06 6.93
C ILE A 526 58.56 -11.73 6.02
N THR A 527 58.16 -11.92 4.77
CA THR A 527 59.05 -12.31 3.70
C THR A 527 59.49 -11.04 2.96
N SER A 528 60.57 -11.15 2.20
CA SER A 528 61.09 -9.97 1.53
C SER A 528 62.03 -10.37 0.41
N ILE A 529 62.19 -9.44 -0.53
CA ILE A 529 63.16 -9.54 -1.60
C ILE A 529 64.00 -8.28 -1.60
N ARG A 530 65.26 -8.42 -2.02
CA ARG A 530 66.17 -7.30 -2.19
C ARG A 530 66.68 -7.33 -3.62
N ASP A 531 66.35 -6.31 -4.40
CA ASP A 531 66.75 -6.23 -5.79
C ASP A 531 66.39 -7.51 -6.54
N GLY A 532 65.21 -8.06 -6.23
CA GLY A 532 64.70 -9.25 -6.90
C GLY A 532 65.10 -10.57 -6.28
N ARG A 533 66.03 -10.59 -5.33
CA ARG A 533 66.49 -11.82 -4.70
C ARG A 533 65.82 -12.00 -3.35
N GLN A 534 65.21 -13.16 -3.14
CA GLN A 534 64.52 -13.44 -1.89
C GLN A 534 65.51 -13.46 -0.73
N GLN A 535 65.13 -12.82 0.37
CA GLN A 535 65.94 -12.78 1.57
C GLN A 535 65.45 -13.81 2.58
N GLN A 536 66.16 -13.91 3.70
CA GLN A 536 65.71 -14.73 4.81
C GLN A 536 64.37 -14.23 5.35
N ASP A 537 63.53 -15.17 5.76
CA ASP A 537 62.27 -14.84 6.41
C ASP A 537 62.53 -14.18 7.76
N TYR A 538 61.53 -13.43 8.22
CA TYR A 538 61.61 -12.72 9.49
C TYR A 538 60.28 -12.82 10.21
N TRP A 539 60.32 -12.80 11.53
CA TRP A 539 59.12 -12.74 12.35
C TRP A 539 59.09 -11.41 13.09
N LEU A 540 58.07 -10.60 12.84
CA LEU A 540 57.85 -9.38 13.59
C LEU A 540 56.95 -9.69 14.78
N ILE A 541 57.50 -9.56 15.99
CA ILE A 541 56.79 -9.93 17.21
C ILE A 541 56.34 -8.72 18.00
N ASP A 542 56.90 -7.55 17.74
CA ASP A 542 56.74 -6.35 18.57
C ASP A 542 56.04 -5.28 17.73
N VAL A 543 55.70 -4.17 18.38
CA VAL A 543 55.19 -3.02 17.64
C VAL A 543 56.26 -2.44 16.74
N ARG A 544 57.53 -2.64 17.08
CA ARG A 544 58.63 -2.11 16.28
C ARG A 544 59.85 -2.99 16.49
N ALA A 545 60.72 -2.98 15.48
CA ALA A 545 61.96 -3.75 15.54
C ALA A 545 62.94 -3.20 14.53
N GLN A 546 64.17 -3.69 14.59
CA GLN A 546 65.20 -3.35 13.62
C GLN A 546 65.88 -4.62 13.13
N ASN A 547 66.14 -4.69 11.83
CA ASN A 547 66.94 -5.77 11.27
C ASN A 547 67.58 -5.30 9.98
N ASP A 548 68.86 -5.62 9.82
CA ASP A 548 69.61 -5.26 8.62
C ASP A 548 69.00 -5.82 7.34
N LEU A 549 68.13 -6.84 7.44
CA LEU A 549 67.37 -7.29 6.28
C LEU A 549 66.63 -6.15 5.60
N PHE A 550 66.24 -5.12 6.36
CA PHE A 550 65.38 -4.07 5.85
C PHE A 550 66.11 -2.74 5.70
N SER A 551 67.43 -2.73 5.90
CA SER A 551 68.26 -1.56 5.68
C SER A 551 68.86 -1.66 4.29
N THR A 552 68.88 -0.54 3.58
CA THR A 552 69.47 -0.47 2.24
C THR A 552 70.46 0.67 2.16
N SER A 553 71.34 0.57 1.16
CA SER A 553 72.27 1.64 0.83
C SER A 553 72.50 1.64 -0.67
N GLY A 554 72.91 2.80 -1.18
CA GLY A 554 73.14 2.93 -2.61
C GLY A 554 71.85 2.80 -3.41
N ASN A 555 71.89 1.95 -4.42
CA ASN A 555 70.77 1.78 -5.34
C ASN A 555 69.78 0.72 -4.90
N GLU A 556 70.05 0.02 -3.81
CA GLU A 556 69.27 -1.15 -3.44
C GLU A 556 67.85 -0.74 -3.04
N TRP A 557 66.87 -1.57 -3.41
CA TRP A 557 65.52 -1.46 -2.89
C TRP A 557 65.15 -2.79 -2.24
N VAL A 558 64.18 -2.74 -1.32
CA VAL A 558 63.58 -3.95 -0.77
C VAL A 558 62.07 -3.91 -0.95
N LEU A 559 61.47 -5.09 -1.01
CA LEU A 559 60.02 -5.23 -0.98
C LEU A 559 59.65 -6.31 0.03
N LEU A 560 58.58 -6.07 0.76
CA LEU A 560 58.05 -7.04 1.72
C LEU A 560 56.87 -7.79 1.13
N ASN A 561 56.62 -8.98 1.69
CA ASN A 561 55.44 -9.76 1.37
C ASN A 561 55.53 -10.33 -0.04
N LEU A 562 56.53 -11.20 -0.27
CA LEU A 562 56.72 -11.79 -1.58
C LEU A 562 55.46 -12.57 -1.97
N ASN A 563 54.92 -12.24 -3.15
CA ASN A 563 53.71 -12.87 -3.65
C ASN A 563 52.51 -12.66 -2.72
N VAL A 564 52.59 -11.66 -1.85
CA VAL A 564 51.50 -11.29 -0.96
C VAL A 564 50.92 -12.53 -0.30
N THR A 565 51.76 -13.33 0.34
CA THR A 565 51.27 -14.46 1.12
C THR A 565 50.71 -14.01 2.45
N GLY A 566 51.18 -12.90 2.99
CA GLY A 566 50.74 -12.41 4.28
C GLY A 566 49.60 -11.42 4.21
N TYR A 567 48.72 -11.50 5.21
CA TYR A 567 47.53 -10.63 5.31
C TYR A 567 47.88 -9.32 5.99
N TYR A 568 48.63 -8.50 5.26
CA TYR A 568 49.04 -7.19 5.77
C TYR A 568 49.42 -6.29 4.60
N ARG A 569 49.39 -4.99 4.83
CA ARG A 569 49.81 -4.00 3.84
C ARG A 569 51.19 -3.47 4.19
N VAL A 570 51.89 -2.93 3.19
CA VAL A 570 53.26 -2.48 3.38
C VAL A 570 53.42 -1.05 2.88
N ASN A 571 54.02 -0.20 3.73
CA ASN A 571 54.44 1.14 3.36
C ASN A 571 55.96 1.25 3.49
N TYR A 572 56.53 2.20 2.75
CA TYR A 572 57.97 2.43 2.76
C TYR A 572 58.25 3.91 2.91
N ASP A 573 59.50 4.25 3.23
CA ASP A 573 59.96 5.62 3.14
C ASP A 573 59.90 6.10 1.69
N GLU A 574 59.80 7.43 1.52
CA GLU A 574 59.60 7.98 0.19
C GLU A 574 60.76 7.61 -0.74
N GLU A 575 61.97 7.50 -0.20
CA GLU A 575 63.15 7.18 -1.02
C GLU A 575 63.05 5.76 -1.60
N ASN A 576 62.65 4.80 -0.78
CA ASN A 576 62.44 3.45 -1.29
C ASN A 576 61.32 3.42 -2.31
N TRP A 577 60.25 4.19 -2.07
CA TRP A 577 59.19 4.27 -3.07
C TRP A 577 59.74 4.77 -4.40
N ARG A 578 60.58 5.81 -4.36
CA ARG A 578 61.18 6.33 -5.58
C ARG A 578 62.03 5.27 -6.27
N LYS A 579 62.84 4.55 -5.49
CA LYS A 579 63.65 3.47 -6.07
C LYS A 579 62.76 2.44 -6.76
N ILE A 580 61.61 2.12 -6.15
CA ILE A 580 60.70 1.15 -6.73
C ILE A 580 60.14 1.67 -8.04
N GLN A 581 59.72 2.94 -8.06
CA GLN A 581 59.20 3.53 -9.29
C GLN A 581 60.26 3.54 -10.39
N THR A 582 61.50 3.82 -10.01
CA THR A 582 62.61 3.76 -10.97
C THR A 582 62.77 2.35 -11.52
N GLN A 583 62.69 1.34 -10.64
CA GLN A 583 62.77 -0.04 -11.11
C GLN A 583 61.63 -0.38 -12.06
N LEU A 584 60.42 0.12 -11.77
CA LEU A 584 59.28 -0.14 -12.64
C LEU A 584 59.46 0.48 -14.01
N GLN A 585 60.07 1.66 -14.07
CA GLN A 585 60.35 2.31 -15.34
C GLN A 585 61.48 1.62 -16.09
N ARG A 586 62.53 1.20 -15.37
CA ARG A 586 63.69 0.58 -16.00
C ARG A 586 63.36 -0.81 -16.54
N ASP A 587 62.82 -1.69 -15.70
CA ASP A 587 62.51 -3.05 -16.12
C ASP A 587 61.51 -3.63 -15.11
N HIS A 588 60.22 -3.47 -15.42
CA HIS A 588 59.19 -3.85 -14.47
C HIS A 588 59.15 -5.35 -14.23
N SER A 589 59.65 -6.15 -15.19
CA SER A 589 59.68 -7.59 -15.02
C SER A 589 60.59 -8.02 -13.87
N ALA A 590 61.48 -7.13 -13.41
CA ALA A 590 62.34 -7.46 -12.28
C ALA A 590 61.59 -7.61 -10.96
N ILE A 591 60.37 -7.11 -10.88
CA ILE A 591 59.54 -7.22 -9.68
C ILE A 591 58.46 -8.26 -9.94
N PRO A 592 58.25 -9.24 -9.05
CA PRO A 592 57.21 -10.24 -9.30
C PRO A 592 55.86 -9.58 -9.56
N VAL A 593 55.12 -10.14 -10.54
CA VAL A 593 53.85 -9.56 -10.96
C VAL A 593 52.94 -9.32 -9.76
N ILE A 594 52.88 -10.30 -8.85
CA ILE A 594 52.01 -10.17 -7.69
C ILE A 594 52.44 -9.00 -6.83
N ASN A 595 53.75 -8.77 -6.72
CA ASN A 595 54.22 -7.63 -5.95
C ASN A 595 53.98 -6.32 -6.68
N ARG A 596 53.84 -6.34 -8.00
CA ARG A 596 53.44 -5.13 -8.71
C ARG A 596 51.99 -4.78 -8.39
N ALA A 597 51.10 -5.77 -8.49
CA ALA A 597 49.74 -5.59 -7.99
C ALA A 597 49.75 -5.05 -6.57
N GLN A 598 50.59 -5.65 -5.72
CA GLN A 598 50.73 -5.18 -4.34
C GLN A 598 51.10 -3.70 -4.28
N ILE A 599 52.13 -3.30 -5.02
CA ILE A 599 52.58 -1.91 -5.00
C ILE A 599 51.42 -0.98 -5.33
N ILE A 600 50.65 -1.33 -6.35
CA ILE A 600 49.52 -0.48 -6.75
C ILE A 600 48.45 -0.43 -5.66
N ASN A 601 47.96 -1.60 -5.25
CA ASN A 601 46.85 -1.63 -4.29
C ASN A 601 47.25 -1.01 -2.95
N ASP A 602 48.37 -1.44 -2.40
CA ASP A 602 48.86 -0.85 -1.16
C ASP A 602 49.00 0.65 -1.28
N ALA A 603 49.65 1.15 -2.35
CA ALA A 603 49.85 2.59 -2.44
C ALA A 603 48.52 3.35 -2.48
N PHE A 604 47.55 2.85 -3.25
CA PHE A 604 46.24 3.50 -3.29
C PHE A 604 45.55 3.52 -1.94
N ASN A 605 45.62 2.39 -1.22
CA ASN A 605 44.96 2.35 0.10
C ASN A 605 45.69 3.24 1.10
N LEU A 606 47.02 3.22 1.10
CA LEU A 606 47.75 4.13 1.98
C LEU A 606 47.39 5.56 1.68
N ALA A 607 47.21 5.89 0.40
CA ALA A 607 46.83 7.25 0.03
C ALA A 607 45.46 7.60 0.60
N SER A 608 44.51 6.67 0.51
CA SER A 608 43.20 6.87 1.12
C SER A 608 43.33 7.15 2.62
N ALA A 609 44.23 6.44 3.30
CA ALA A 609 44.45 6.60 4.74
C ALA A 609 45.37 7.76 5.08
N HIS A 610 45.77 8.57 4.10
CA HIS A 610 46.65 9.72 4.33
C HIS A 610 48.04 9.31 4.81
N LYS A 611 48.48 8.11 4.45
CA LYS A 611 49.81 7.64 4.83
C LYS A 611 50.83 7.82 3.71
N VAL A 612 50.37 8.01 2.48
CA VAL A 612 51.22 8.44 1.38
C VAL A 612 50.47 9.46 0.54
N PRO A 613 51.19 10.32 -0.18
CA PRO A 613 50.52 11.23 -1.10
C PRO A 613 49.77 10.46 -2.18
N VAL A 614 48.62 10.99 -2.58
CA VAL A 614 47.85 10.36 -3.65
C VAL A 614 48.70 10.30 -4.92
N THR A 615 49.61 11.26 -5.10
CA THR A 615 50.42 11.30 -6.30
C THR A 615 51.40 10.14 -6.34
N LEU A 616 51.75 9.58 -5.19
CA LEU A 616 52.64 8.42 -5.17
C LEU A 616 51.90 7.20 -5.73
N ALA A 617 50.67 7.01 -5.30
CA ALA A 617 49.85 5.91 -5.81
C ALA A 617 49.61 6.09 -7.30
N LEU A 618 49.31 7.32 -7.72
CA LEU A 618 49.09 7.55 -9.14
C LEU A 618 50.38 7.32 -9.93
N ASN A 619 51.52 7.76 -9.40
CA ASN A 619 52.80 7.51 -10.08
C ASN A 619 53.05 6.03 -10.25
N ASN A 620 52.57 5.22 -9.30
CA ASN A 620 52.73 3.78 -9.43
C ASN A 620 51.96 3.18 -10.59
N THR A 621 51.00 3.91 -11.18
CA THR A 621 50.29 3.42 -12.35
C THR A 621 50.94 3.84 -13.66
N LEU A 622 51.98 4.67 -13.62
CA LEU A 622 52.55 5.20 -14.85
C LEU A 622 53.11 4.08 -15.73
N PHE A 623 53.71 3.06 -15.12
CA PHE A 623 54.34 1.99 -15.90
C PHE A 623 53.34 1.08 -16.60
N LEU A 624 52.06 1.17 -16.25
CA LEU A 624 51.05 0.29 -16.83
C LEU A 624 50.90 0.47 -18.34
N ILE A 625 51.33 1.62 -18.88
CA ILE A 625 51.27 1.81 -20.34
C ILE A 625 52.02 0.75 -21.11
N GLU A 626 52.98 0.08 -20.47
CA GLU A 626 53.71 -1.02 -21.12
C GLU A 626 53.59 -2.33 -20.36
N GLU A 627 52.66 -2.43 -19.41
CA GLU A 627 52.37 -3.68 -18.71
C GLU A 627 51.35 -4.49 -19.50
N ARG A 628 51.70 -5.74 -19.81
CA ARG A 628 50.79 -6.65 -20.49
C ARG A 628 50.18 -7.71 -19.58
N GLN A 629 50.69 -7.89 -18.36
CA GLN A 629 50.16 -8.92 -17.48
C GLN A 629 48.78 -8.54 -16.95
N TYR A 630 47.92 -9.53 -16.80
CA TYR A 630 46.58 -9.33 -16.25
C TYR A 630 46.60 -8.71 -14.86
N MET A 631 47.36 -9.29 -13.94
CA MET A 631 47.16 -9.01 -12.52
C MET A 631 47.44 -7.56 -12.13
N PRO A 632 48.54 -6.95 -12.59
CA PRO A 632 48.78 -5.55 -12.19
C PRO A 632 47.74 -4.60 -12.75
N TRP A 633 47.29 -4.85 -13.98
CA TRP A 633 46.20 -4.06 -14.55
C TRP A 633 44.93 -4.20 -13.72
N GLU A 634 44.55 -5.43 -13.39
CA GLU A 634 43.36 -5.63 -12.57
C GLU A 634 43.46 -4.93 -11.22
N ALA A 635 44.62 -5.01 -10.58
CA ALA A 635 44.79 -4.28 -9.32
C ALA A 635 44.63 -2.78 -9.50
N ALA A 636 45.18 -2.24 -10.58
CA ALA A 636 45.04 -0.81 -10.87
C ALA A 636 43.58 -0.45 -11.12
N LEU A 637 42.90 -1.22 -11.96
CA LEU A 637 41.52 -0.92 -12.30
C LEU A 637 40.62 -1.01 -11.08
N SER A 638 40.86 -2.01 -10.22
CA SER A 638 40.08 -2.15 -8.99
C SER A 638 40.29 -0.96 -8.07
N SER A 639 41.56 -0.54 -7.91
CA SER A 639 41.83 0.62 -7.05
C SER A 639 41.19 1.88 -7.61
N LEU A 640 41.30 2.08 -8.92
CA LEU A 640 40.74 3.26 -9.59
C LEU A 640 39.21 3.22 -9.63
N SER A 641 38.61 2.06 -9.41
CA SER A 641 37.16 1.99 -9.26
C SER A 641 36.66 2.97 -8.20
N TYR A 642 37.41 3.10 -7.10
CA TYR A 642 37.03 4.08 -6.09
C TYR A 642 37.05 5.49 -6.66
N PHE A 643 38.07 5.80 -7.46
CA PHE A 643 38.14 7.12 -8.09
C PHE A 643 36.96 7.34 -9.02
N LYS A 644 36.56 6.29 -9.75
CA LYS A 644 35.41 6.40 -10.63
C LYS A 644 34.13 6.67 -9.83
N LEU A 645 33.92 5.91 -8.76
CA LEU A 645 32.74 6.12 -7.92
C LEU A 645 32.73 7.52 -7.33
N MET A 646 33.90 8.05 -6.96
CA MET A 646 33.96 9.37 -6.36
C MET A 646 33.81 10.49 -7.37
N PHE A 647 34.33 10.32 -8.59
CA PHE A 647 34.49 11.42 -9.53
C PHE A 647 33.67 11.32 -10.81
N ASP A 648 32.96 10.23 -11.06
CA ASP A 648 32.31 10.10 -12.36
C ASP A 648 31.08 10.98 -12.52
N ARG A 649 30.75 11.80 -11.52
CA ARG A 649 29.75 12.85 -11.66
C ARG A 649 30.36 14.23 -11.44
N SER A 650 31.64 14.39 -11.77
CA SER A 650 32.38 15.61 -11.47
C SER A 650 33.33 15.93 -12.64
N GLU A 651 33.84 17.15 -12.61
CA GLU A 651 34.80 17.62 -13.60
C GLU A 651 36.05 16.75 -13.74
N VAL A 652 36.35 15.89 -12.76
CA VAL A 652 37.56 15.08 -12.83
C VAL A 652 37.47 13.93 -13.83
N TYR A 653 36.26 13.51 -14.20
CA TYR A 653 36.11 12.29 -14.98
C TYR A 653 36.70 12.42 -16.38
N GLY A 654 36.48 13.55 -17.05
CA GLY A 654 37.09 13.76 -18.34
C GLY A 654 38.58 13.52 -18.34
N PRO A 655 39.31 14.26 -17.50
CA PRO A 655 40.78 14.05 -17.42
C PRO A 655 41.17 12.63 -17.04
N MET A 656 40.45 12.03 -16.09
CA MET A 656 40.69 10.64 -15.71
C MET A 656 40.57 9.70 -16.91
N LYS A 657 39.48 9.81 -17.66
CA LYS A 657 39.31 9.00 -18.87
C LYS A 657 40.42 9.26 -19.88
N ASN A 658 40.81 10.53 -20.08
CA ASN A 658 41.91 10.81 -20.99
C ASN A 658 43.18 10.06 -20.55
N TYR A 659 43.45 10.06 -19.24
CA TYR A 659 44.62 9.34 -18.73
C TYR A 659 44.54 7.84 -19.00
N LEU A 660 43.42 7.22 -18.63
CA LEU A 660 43.27 5.78 -18.88
C LEU A 660 43.34 5.45 -20.37
N LYS A 661 42.77 6.30 -21.21
CA LYS A 661 42.86 6.14 -22.66
C LYS A 661 44.33 6.11 -23.10
N LYS A 662 45.11 7.08 -22.64
CA LYS A 662 46.53 7.10 -22.99
C LYS A 662 47.23 5.85 -22.51
N GLN A 663 46.99 5.47 -21.25
CA GLN A 663 47.71 4.33 -20.67
C GLN A 663 47.34 3.01 -21.34
N VAL A 664 46.10 2.87 -21.82
CA VAL A 664 45.65 1.57 -22.32
C VAL A 664 45.77 1.43 -23.83
N THR A 665 45.93 2.52 -24.58
CA THR A 665 45.87 2.41 -26.03
C THR A 665 46.93 1.44 -26.56
N PRO A 666 48.19 1.52 -26.13
CA PRO A 666 49.20 0.58 -26.67
C PRO A 666 48.86 -0.87 -26.41
N LEU A 667 48.36 -1.19 -25.22
CA LEU A 667 47.94 -2.56 -24.93
C LEU A 667 46.82 -3.00 -25.85
N PHE A 668 45.83 -2.12 -26.07
CA PHE A 668 44.74 -2.43 -26.99
C PHE A 668 45.27 -2.73 -28.38
N ILE A 669 46.17 -1.89 -28.90
CA ILE A 669 46.73 -2.13 -30.23
C ILE A 669 47.51 -3.45 -30.26
N HIS A 670 48.24 -3.74 -29.16
CA HIS A 670 48.96 -5.01 -29.07
C HIS A 670 48.01 -6.19 -29.21
N PHE A 671 46.89 -6.16 -28.48
CA PHE A 671 45.93 -7.25 -28.56
C PHE A 671 45.26 -7.31 -29.93
N ARG A 672 44.92 -6.16 -30.51
CA ARG A 672 44.37 -6.15 -31.86
C ARG A 672 45.28 -6.89 -32.82
N ASN A 673 46.59 -6.66 -32.73
CA ASN A 673 47.52 -7.34 -33.62
C ASN A 673 47.66 -8.82 -33.24
N ASN A 674 47.87 -9.10 -31.95
CA ASN A 674 48.13 -10.46 -31.50
C ASN A 674 46.94 -11.40 -31.70
N THR A 675 45.72 -10.86 -31.72
CA THR A 675 44.52 -11.69 -31.84
C THR A 675 44.06 -11.82 -33.28
N ASN A 676 44.84 -11.35 -34.24
CA ASN A 676 44.46 -11.30 -35.65
C ASN A 676 43.10 -10.61 -35.80
N ASN A 677 43.10 -9.33 -35.43
CA ASN A 677 41.90 -8.51 -35.38
C ASN A 677 40.74 -9.22 -34.68
N TRP A 678 40.98 -9.68 -33.45
CA TRP A 678 39.95 -10.24 -32.58
C TRP A 678 39.39 -11.57 -33.09
N ARG A 679 40.04 -12.21 -34.05
CA ARG A 679 39.54 -13.50 -34.53
C ARG A 679 39.80 -14.62 -33.53
N GLU A 680 40.89 -14.53 -32.77
CA GLU A 680 41.29 -15.56 -31.82
C GLU A 680 41.41 -14.98 -30.41
N ILE A 681 41.54 -15.87 -29.44
CA ILE A 681 41.84 -15.46 -28.07
C ILE A 681 43.15 -16.09 -27.62
N PRO A 682 43.89 -15.45 -26.71
CA PRO A 682 45.15 -16.02 -26.25
C PRO A 682 44.96 -17.41 -25.66
N GLU A 683 46.04 -18.19 -25.69
CA GLU A 683 46.01 -19.54 -25.14
C GLU A 683 45.97 -19.48 -23.62
N ASN A 684 46.80 -18.62 -23.03
CA ASN A 684 46.93 -18.56 -21.59
C ASN A 684 45.75 -17.80 -20.97
N LEU A 685 45.20 -18.36 -19.89
CA LEU A 685 44.04 -17.77 -19.24
C LEU A 685 44.29 -16.33 -18.81
N MET A 686 45.45 -16.06 -18.21
CA MET A 686 45.73 -14.71 -17.74
C MET A 686 45.76 -13.72 -18.90
N ASP A 687 46.33 -14.14 -20.04
CA ASP A 687 46.34 -13.30 -21.22
C ASP A 687 44.94 -13.04 -21.77
N GLN A 688 44.05 -14.05 -21.72
CA GLN A 688 42.66 -13.85 -22.08
C GLN A 688 41.98 -12.80 -21.20
N TYR A 689 42.21 -12.88 -19.89
CA TYR A 689 41.64 -11.89 -18.99
C TYR A 689 42.24 -10.52 -19.25
N SER A 690 43.55 -10.45 -19.52
CA SER A 690 44.19 -9.19 -19.85
C SER A 690 43.56 -8.57 -21.09
N GLU A 691 43.29 -9.39 -22.11
CA GLU A 691 42.66 -8.89 -23.33
C GLU A 691 41.29 -8.30 -23.03
N VAL A 692 40.49 -9.03 -22.23
CA VAL A 692 39.16 -8.53 -21.90
C VAL A 692 39.25 -7.20 -21.14
N ASN A 693 40.18 -7.11 -20.19
CA ASN A 693 40.33 -5.86 -19.45
C ASN A 693 40.80 -4.72 -20.36
N ALA A 694 41.71 -5.01 -21.29
CA ALA A 694 42.16 -3.99 -22.23
C ALA A 694 41.01 -3.46 -23.07
N ILE A 695 40.15 -4.35 -23.56
CA ILE A 695 39.01 -3.91 -24.36
C ILE A 695 38.05 -3.08 -23.49
N SER A 696 37.71 -3.60 -22.32
CA SER A 696 36.78 -2.89 -21.44
C SER A 696 37.30 -1.49 -21.09
N THR A 697 38.61 -1.39 -20.81
CA THR A 697 39.18 -0.09 -20.45
C THR A 697 39.20 0.85 -21.65
N ALA A 698 39.59 0.37 -22.82
CA ALA A 698 39.64 1.25 -23.99
C ALA A 698 38.25 1.79 -24.31
N CYS A 699 37.24 0.92 -24.28
CA CYS A 699 35.88 1.34 -24.63
C CYS A 699 35.29 2.25 -23.56
N SER A 700 35.48 1.92 -22.28
CA SER A 700 34.94 2.74 -21.20
C SER A 700 35.52 4.15 -21.20
N ASN A 701 36.75 4.33 -21.69
CA ASN A 701 37.43 5.62 -21.63
C ASN A 701 37.52 6.32 -22.98
N GLY A 702 36.85 5.80 -24.01
CA GLY A 702 36.65 6.55 -25.24
C GLY A 702 37.65 6.31 -26.35
N VAL A 703 38.32 5.16 -26.38
CA VAL A 703 39.20 4.83 -27.49
C VAL A 703 38.34 4.59 -28.73
N PRO A 704 38.46 5.41 -29.79
CA PRO A 704 37.52 5.28 -30.91
C PRO A 704 37.57 3.93 -31.60
N GLU A 705 38.75 3.32 -31.70
CA GLU A 705 38.86 2.01 -32.34
C GLU A 705 38.08 0.96 -31.58
N CYS A 706 38.00 1.10 -30.25
CA CYS A 706 37.23 0.15 -29.46
C CYS A 706 35.73 0.34 -29.68
N GLU A 707 35.26 1.59 -29.66
CA GLU A 707 33.84 1.82 -29.91
C GLU A 707 33.44 1.27 -31.28
N GLU A 708 34.28 1.51 -32.29
CA GLU A 708 33.99 0.99 -33.63
C GLU A 708 33.96 -0.53 -33.63
N MET A 709 34.94 -1.17 -33.00
CA MET A 709 35.00 -2.62 -32.97
C MET A 709 33.75 -3.22 -32.32
N VAL A 710 33.37 -2.70 -31.15
CA VAL A 710 32.27 -3.31 -30.41
C VAL A 710 30.93 -3.05 -31.12
N SER A 711 30.73 -1.84 -31.65
CA SER A 711 29.47 -1.59 -32.34
C SER A 711 29.38 -2.44 -33.60
N GLY A 712 30.50 -2.59 -34.31
CA GLY A 712 30.49 -3.43 -35.50
C GLY A 712 30.16 -4.87 -35.19
N LEU A 713 30.79 -5.42 -34.14
CA LEU A 713 30.53 -6.81 -33.78
C LEU A 713 29.08 -7.01 -33.35
N PHE A 714 28.55 -6.10 -32.54
CA PHE A 714 27.16 -6.25 -32.11
C PHE A 714 26.21 -6.14 -33.29
N LYS A 715 26.46 -5.21 -34.21
CA LYS A 715 25.63 -5.10 -35.40
C LYS A 715 25.71 -6.39 -36.23
N GLN A 716 26.90 -6.98 -36.34
CA GLN A 716 27.03 -8.22 -37.10
C GLN A 716 26.22 -9.34 -36.46
N TRP A 717 26.23 -9.42 -35.13
CA TRP A 717 25.35 -10.37 -34.45
C TRP A 717 23.89 -10.07 -34.76
N MET A 718 23.49 -8.80 -34.69
CA MET A 718 22.12 -8.45 -35.02
C MET A 718 21.77 -8.91 -36.43
N GLU A 719 22.74 -8.84 -37.36
CA GLU A 719 22.51 -9.29 -38.73
C GLU A 719 22.50 -10.80 -38.86
N ASN A 720 23.00 -11.52 -37.85
CA ASN A 720 23.06 -13.00 -37.92
C ASN A 720 22.80 -13.53 -36.51
N PRO A 721 21.60 -13.32 -35.99
CA PRO A 721 21.37 -13.60 -34.56
C PRO A 721 21.68 -15.04 -34.16
N ASN A 722 21.44 -16.00 -35.04
CA ASN A 722 21.68 -17.41 -34.73
C ASN A 722 23.12 -17.84 -34.94
N ASN A 723 23.98 -16.94 -35.43
CA ASN A 723 25.40 -17.21 -35.62
C ASN A 723 26.20 -16.13 -34.90
N ASN A 724 26.22 -16.20 -33.57
CA ASN A 724 26.90 -15.21 -32.77
C ASN A 724 28.38 -15.16 -33.13
N PRO A 725 28.88 -14.06 -33.68
CA PRO A 725 30.30 -13.99 -34.08
C PRO A 725 31.24 -13.55 -32.99
N ILE A 726 30.75 -13.32 -31.77
CA ILE A 726 31.54 -12.76 -30.69
C ILE A 726 32.02 -13.89 -29.80
N HIS A 727 33.33 -13.99 -29.62
CA HIS A 727 33.87 -15.00 -28.72
C HIS A 727 33.26 -14.81 -27.33
N PRO A 728 32.86 -15.90 -26.66
CA PRO A 728 32.28 -15.76 -25.30
C PRO A 728 33.05 -14.85 -24.35
N ASN A 729 34.37 -14.86 -24.39
CA ASN A 729 35.14 -14.01 -23.47
C ASN A 729 34.81 -12.53 -23.66
N LEU A 730 34.47 -12.12 -24.88
CA LEU A 730 34.26 -10.71 -25.19
C LEU A 730 32.80 -10.29 -25.10
N ARG A 731 31.87 -11.24 -24.97
CA ARG A 731 30.45 -10.93 -25.05
C ARG A 731 29.99 -9.93 -23.99
N SER A 732 30.39 -10.13 -22.73
CA SER A 732 29.94 -9.21 -21.69
C SER A 732 30.26 -7.77 -22.04
N THR A 733 31.50 -7.51 -22.45
CA THR A 733 31.94 -6.14 -22.66
C THR A 733 31.39 -5.59 -23.98
N VAL A 734 31.31 -6.44 -25.01
CA VAL A 734 30.74 -6.02 -26.28
C VAL A 734 29.27 -5.70 -26.12
N TYR A 735 28.51 -6.57 -25.45
CA TYR A 735 27.09 -6.29 -25.22
C TYR A 735 26.90 -4.99 -24.46
N CYS A 736 27.64 -4.80 -23.36
CA CYS A 736 27.43 -3.60 -22.56
C CYS A 736 27.73 -2.35 -23.39
N ASN A 737 28.89 -2.33 -24.06
CA ASN A 737 29.29 -1.11 -24.77
C ASN A 737 28.48 -0.89 -26.04
N ALA A 738 28.03 -1.95 -26.70
CA ALA A 738 27.15 -1.79 -27.85
C ALA A 738 25.79 -1.24 -27.43
N ILE A 739 25.27 -1.68 -26.29
CA ILE A 739 24.01 -1.13 -25.79
C ILE A 739 24.21 0.33 -25.40
N ALA A 740 25.32 0.64 -24.74
CA ALA A 740 25.58 2.03 -24.35
C ALA A 740 25.73 2.92 -25.58
N GLN A 741 26.39 2.42 -26.62
CA GLN A 741 26.61 3.18 -27.85
C GLN A 741 25.38 3.22 -28.74
N GLY A 742 24.46 2.28 -28.58
CA GLY A 742 23.29 2.18 -29.43
C GLY A 742 22.07 2.83 -28.82
N GLY A 743 20.91 2.33 -29.22
CA GLY A 743 19.65 2.89 -28.77
C GLY A 743 18.60 1.83 -28.52
N GLU A 744 17.34 2.23 -28.69
CA GLU A 744 16.23 1.33 -28.39
C GLU A 744 16.33 0.01 -29.14
N GLU A 745 16.79 0.05 -30.39
CA GLU A 745 16.85 -1.15 -31.21
C GLU A 745 17.84 -2.18 -30.67
N GLU A 746 19.06 -1.75 -30.31
CA GLU A 746 20.01 -2.66 -29.68
C GLU A 746 19.47 -3.19 -28.35
N TRP A 747 18.88 -2.32 -27.55
CA TRP A 747 18.37 -2.74 -26.25
C TRP A 747 17.30 -3.80 -26.41
N ASP A 748 16.34 -3.54 -27.31
CA ASP A 748 15.24 -4.49 -27.50
C ASP A 748 15.77 -5.81 -28.06
N PHE A 749 16.76 -5.76 -28.95
CA PHE A 749 17.37 -6.99 -29.44
C PHE A 749 17.97 -7.79 -28.29
N ALA A 750 18.74 -7.14 -27.44
CA ALA A 750 19.39 -7.83 -26.33
C ALA A 750 18.35 -8.38 -25.36
N TRP A 751 17.28 -7.64 -25.12
CA TRP A 751 16.20 -8.11 -24.26
C TRP A 751 15.53 -9.36 -24.84
N GLU A 752 15.27 -9.37 -26.15
CA GLU A 752 14.66 -10.55 -26.75
C GLU A 752 15.61 -11.75 -26.72
N GLN A 753 16.90 -11.53 -26.96
CA GLN A 753 17.88 -12.60 -26.76
C GLN A 753 17.83 -13.14 -25.34
N PHE A 754 17.73 -12.24 -24.36
CA PHE A 754 17.62 -12.67 -22.98
C PHE A 754 16.38 -13.53 -22.73
N ARG A 755 15.20 -13.06 -23.15
CA ARG A 755 13.98 -13.80 -22.86
C ARG A 755 13.97 -15.19 -23.49
N ASN A 756 14.59 -15.34 -24.66
CA ASN A 756 14.58 -16.61 -25.37
C ASN A 756 15.83 -17.43 -25.08
N ALA A 757 16.66 -16.96 -24.16
CA ALA A 757 17.95 -17.58 -23.92
C ALA A 757 17.80 -19.02 -23.46
N THR A 758 18.79 -19.83 -23.83
CA THR A 758 18.86 -21.24 -23.45
C THR A 758 19.99 -21.56 -22.49
N LEU A 759 21.04 -20.74 -22.46
CA LEU A 759 22.17 -20.93 -21.55
C LEU A 759 22.21 -19.79 -20.55
N VAL A 760 22.43 -20.13 -19.27
CA VAL A 760 22.31 -19.13 -18.22
C VAL A 760 23.49 -18.18 -18.23
N ASN A 761 24.65 -18.60 -18.73
CA ASN A 761 25.78 -17.68 -18.86
C ASN A 761 25.44 -16.54 -19.82
N GLU A 762 24.93 -16.88 -21.00
CA GLU A 762 24.54 -15.84 -21.96
C GLU A 762 23.47 -14.95 -21.38
N ALA A 763 22.48 -15.54 -20.71
CA ALA A 763 21.44 -14.72 -20.08
C ALA A 763 22.06 -13.76 -19.08
N ASP A 764 23.01 -14.24 -18.28
CA ASP A 764 23.61 -13.38 -17.25
C ASP A 764 24.31 -12.21 -17.91
N LYS A 765 25.05 -12.48 -18.99
CA LYS A 765 25.78 -11.42 -19.67
C LYS A 765 24.83 -10.39 -20.29
N LEU A 766 23.75 -10.85 -20.94
CA LEU A 766 22.80 -9.91 -21.53
C LEU A 766 22.12 -9.09 -20.43
N ARG A 767 21.74 -9.74 -19.35
CA ARG A 767 21.02 -9.07 -18.27
C ARG A 767 21.89 -7.98 -17.65
N ALA A 768 23.18 -8.26 -17.45
CA ALA A 768 24.08 -7.20 -16.99
C ALA A 768 24.24 -6.11 -18.03
N ALA A 769 24.41 -6.49 -19.30
CA ALA A 769 24.65 -5.54 -20.38
C ALA A 769 23.50 -4.54 -20.54
N LEU A 770 22.28 -5.00 -20.31
CA LEU A 770 21.11 -4.14 -20.49
C LEU A 770 21.09 -2.94 -19.55
N ALA A 771 21.78 -3.01 -18.42
CA ALA A 771 21.87 -1.87 -17.51
C ALA A 771 22.81 -0.78 -18.01
N CYS A 772 23.51 -0.98 -19.12
CA CYS A 772 24.45 -0.01 -19.66
C CYS A 772 23.79 1.04 -20.55
N SER A 773 22.48 0.99 -20.76
CA SER A 773 21.84 2.03 -21.56
C SER A 773 22.10 3.39 -20.94
N LYS A 774 22.41 4.37 -21.77
CA LYS A 774 22.52 5.75 -21.30
C LYS A 774 21.20 6.49 -21.23
N GLU A 775 20.08 5.89 -21.62
CA GLU A 775 18.81 6.60 -21.70
C GLU A 775 18.05 6.32 -20.40
N LEU A 776 17.72 7.39 -19.67
CA LEU A 776 17.04 7.23 -18.39
C LEU A 776 15.73 6.47 -18.50
N TRP A 777 14.93 6.76 -19.54
CA TRP A 777 13.62 6.11 -19.67
C TRP A 777 13.77 4.60 -19.86
N ILE A 778 14.83 4.17 -20.54
CA ILE A 778 15.06 2.74 -20.76
C ILE A 778 15.46 2.09 -19.45
N LEU A 779 16.30 2.76 -18.66
CA LEU A 779 16.68 2.25 -17.35
C LEU A 779 15.46 2.14 -16.43
N ASN A 780 14.55 3.12 -16.47
CA ASN A 780 13.35 3.04 -15.66
C ASN A 780 12.49 1.85 -16.05
N ARG A 781 12.26 1.68 -17.35
CA ARG A 781 11.50 0.52 -17.81
C ARG A 781 12.15 -0.78 -17.34
N TYR A 782 13.47 -0.88 -17.45
CA TYR A 782 14.15 -2.09 -17.04
C TYR A 782 14.00 -2.33 -15.54
N LEU A 783 14.20 -1.28 -14.74
CA LEU A 783 13.90 -1.35 -13.31
C LEU A 783 12.51 -1.92 -13.04
N SER A 784 11.52 -1.47 -13.82
CA SER A 784 10.17 -2.00 -13.64
C SER A 784 10.13 -3.49 -13.98
N TYR A 785 10.98 -3.92 -14.91
CA TYR A 785 11.03 -5.36 -15.23
C TYR A 785 11.69 -6.19 -14.14
N THR A 786 12.65 -5.63 -13.39
CA THR A 786 13.41 -6.42 -12.42
C THR A 786 12.53 -7.02 -11.32
N LEU A 787 11.37 -6.44 -11.05
CA LEU A 787 10.50 -6.85 -9.95
C LEU A 787 9.42 -7.85 -10.38
N ASN A 788 9.34 -8.18 -11.67
CA ASN A 788 8.32 -9.09 -12.17
C ASN A 788 8.91 -10.48 -12.40
N PRO A 789 8.59 -11.47 -11.56
CA PRO A 789 9.24 -12.78 -11.66
C PRO A 789 8.91 -13.51 -12.96
N ASP A 790 7.91 -13.07 -13.71
CA ASP A 790 7.67 -13.62 -15.03
C ASP A 790 8.67 -13.12 -16.05
N LEU A 791 9.37 -12.03 -15.74
CA LEU A 791 10.33 -11.42 -16.66
C LEU A 791 11.76 -11.67 -16.21
N ILE A 792 12.07 -11.37 -14.95
CA ILE A 792 13.38 -11.65 -14.36
C ILE A 792 13.18 -12.52 -13.13
N ARG A 793 13.85 -13.69 -13.11
CA ARG A 793 13.74 -14.58 -11.95
C ARG A 793 14.07 -13.84 -10.66
N LYS A 794 13.30 -14.12 -9.61
CA LYS A 794 13.54 -13.48 -8.32
C LYS A 794 14.99 -13.60 -7.87
N GLN A 795 15.61 -14.75 -8.11
CA GLN A 795 17.01 -14.95 -7.71
C GLN A 795 17.92 -13.88 -8.30
N ASP A 796 17.48 -13.21 -9.35
CA ASP A 796 18.33 -12.27 -10.07
C ASP A 796 17.84 -10.84 -9.94
N ALA A 797 16.79 -10.60 -9.16
CA ALA A 797 16.21 -9.26 -9.13
C ALA A 797 17.22 -8.24 -8.61
N THR A 798 17.80 -8.50 -7.43
CA THR A 798 18.64 -7.48 -6.80
C THR A 798 19.92 -7.31 -7.58
N SER A 799 20.46 -8.42 -8.11
CA SER A 799 21.65 -8.33 -8.95
C SER A 799 21.41 -7.35 -10.08
N THR A 800 20.25 -7.43 -10.71
CA THR A 800 19.99 -6.57 -11.86
C THR A 800 19.84 -5.13 -11.40
N ILE A 801 19.18 -4.93 -10.27
CA ILE A 801 19.06 -3.57 -9.74
C ILE A 801 20.44 -3.02 -9.47
N ILE A 802 21.34 -3.85 -8.94
CA ILE A 802 22.70 -3.40 -8.69
C ILE A 802 23.37 -2.99 -10.00
N SER A 803 23.19 -3.77 -11.06
CA SER A 803 23.76 -3.37 -12.33
C SER A 803 23.26 -1.98 -12.73
N ILE A 804 21.96 -1.72 -12.53
CA ILE A 804 21.41 -0.41 -12.83
C ILE A 804 22.05 0.65 -11.96
N THR A 805 22.20 0.39 -10.66
CA THR A 805 22.78 1.41 -9.81
C THR A 805 24.24 1.66 -10.18
N ASN A 806 24.92 0.66 -10.74
CA ASN A 806 26.29 0.87 -11.18
C ASN A 806 26.38 1.83 -12.36
N ASN A 807 25.31 1.98 -13.13
CA ASN A 807 25.31 2.97 -14.19
C ASN A 807 25.15 4.36 -13.59
N VAL A 808 26.03 5.28 -14.00
CA VAL A 808 26.03 6.63 -13.43
C VAL A 808 24.66 7.27 -13.57
N ILE A 809 23.96 6.99 -14.67
CA ILE A 809 22.64 7.55 -14.87
C ILE A 809 21.59 6.86 -14.01
N GLY A 810 21.87 5.63 -13.57
CA GLY A 810 20.99 4.86 -12.72
C GLY A 810 21.13 5.10 -11.23
N GLN A 811 22.18 5.81 -10.81
CA GLN A 811 22.40 6.04 -9.39
C GLN A 811 21.19 6.67 -8.72
N GLY A 812 20.80 7.85 -9.19
CA GLY A 812 19.69 8.56 -8.56
C GLY A 812 18.39 7.80 -8.71
N LEU A 813 18.15 7.25 -9.90
CA LEU A 813 16.96 6.44 -10.14
C LEU A 813 16.82 5.38 -9.06
N VAL A 814 17.86 4.61 -8.83
CA VAL A 814 17.78 3.47 -7.92
C VAL A 814 17.73 3.94 -6.48
N TRP A 815 18.51 4.95 -6.12
CA TRP A 815 18.47 5.44 -4.74
C TRP A 815 17.06 5.93 -4.40
N ASP A 816 16.45 6.69 -5.31
CA ASP A 816 15.09 7.17 -5.11
C ASP A 816 14.12 6.00 -5.04
N PHE A 817 14.33 4.98 -5.87
CA PHE A 817 13.47 3.80 -5.84
C PHE A 817 13.55 3.10 -4.49
N VAL A 818 14.76 2.95 -3.95
CA VAL A 818 14.92 2.28 -2.66
C VAL A 818 14.24 3.08 -1.56
N GLN A 819 14.43 4.39 -1.55
CA GLN A 819 13.75 5.23 -0.56
C GLN A 819 12.24 5.10 -0.70
N SER A 820 11.73 5.10 -1.93
CA SER A 820 10.28 5.05 -2.15
C SER A 820 9.68 3.69 -1.83
N ASN A 821 10.45 2.61 -1.99
CA ASN A 821 9.92 1.26 -1.95
C ASN A 821 10.49 0.39 -0.83
N TRP A 822 11.13 0.99 0.19
CA TRP A 822 11.83 0.18 1.18
C TRP A 822 10.93 -0.83 1.87
N LYS A 823 9.78 -0.38 2.38
CA LYS A 823 8.87 -1.29 3.08
C LYS A 823 8.53 -2.49 2.21
N LYS A 824 8.06 -2.25 0.99
CA LYS A 824 7.74 -3.33 0.06
C LYS A 824 8.94 -4.23 -0.22
N LEU A 825 10.12 -3.65 -0.42
CA LEU A 825 11.32 -4.44 -0.65
C LEU A 825 11.62 -5.36 0.53
N PHE A 826 11.67 -4.79 1.74
CA PHE A 826 12.02 -5.58 2.92
C PHE A 826 10.99 -6.70 3.12
N ASN A 827 9.72 -6.32 3.28
CA ASN A 827 8.69 -7.31 3.59
C ASN A 827 8.39 -8.24 2.42
N ASP A 828 9.06 -8.06 1.28
CA ASP A 828 8.75 -8.80 0.07
C ASP A 828 9.91 -8.70 -0.92
N SER A 837 21.28 -6.55 1.47
CA SER A 837 22.57 -6.19 2.05
C SER A 837 23.54 -5.74 0.95
N ASN A 838 23.70 -6.59 -0.07
CA ASN A 838 24.52 -6.23 -1.22
C ASN A 838 23.99 -4.98 -1.90
N LEU A 839 22.68 -4.83 -1.94
CA LEU A 839 22.06 -3.66 -2.55
C LEU A 839 22.46 -2.38 -1.84
N ILE A 840 22.40 -2.37 -0.51
CA ILE A 840 22.80 -1.17 0.23
C ILE A 840 24.25 -0.82 -0.08
N GLN A 841 25.14 -1.80 0.01
CA GLN A 841 26.56 -1.56 -0.24
C GLN A 841 26.77 -0.98 -1.64
N ALA A 842 26.10 -1.54 -2.65
CA ALA A 842 26.33 -1.13 -4.02
C ALA A 842 25.74 0.25 -4.27
N VAL A 843 24.51 0.49 -3.81
CA VAL A 843 23.84 1.76 -4.02
C VAL A 843 24.51 2.91 -3.28
N THR A 844 25.23 2.65 -2.18
CA THR A 844 25.76 3.77 -1.39
C THR A 844 27.21 4.10 -1.69
N ARG A 845 27.93 3.27 -2.45
CA ARG A 845 29.37 3.48 -2.58
C ARG A 845 29.74 4.74 -3.34
N ARG A 846 28.83 5.29 -4.16
CA ARG A 846 29.14 6.59 -4.79
C ARG A 846 29.03 7.77 -3.83
N PHE A 847 28.43 7.60 -2.66
CA PHE A 847 28.09 8.74 -1.82
C PHE A 847 29.35 9.50 -1.41
N SER A 848 29.35 10.81 -1.66
CA SER A 848 30.50 11.65 -1.35
C SER A 848 30.10 13.08 -0.96
N THR A 849 28.84 13.33 -0.63
CA THR A 849 28.35 14.66 -0.35
C THR A 849 27.61 14.65 0.99
N GLU A 850 27.59 15.80 1.65
CA GLU A 850 26.81 15.95 2.88
C GLU A 850 25.34 15.64 2.63
N TYR A 851 24.80 16.08 1.50
CA TYR A 851 23.40 15.79 1.16
C TYR A 851 23.12 14.29 1.16
N GLU A 852 23.97 13.51 0.49
CA GLU A 852 23.74 12.08 0.43
C GLU A 852 23.87 11.46 1.82
N LEU A 853 24.82 11.92 2.63
CA LEU A 853 24.95 11.41 3.99
C LEU A 853 23.66 11.65 4.77
N GLN A 854 23.12 12.87 4.66
CA GLN A 854 21.88 13.20 5.38
C GLN A 854 20.72 12.36 4.88
N GLN A 855 20.66 12.11 3.57
CA GLN A 855 19.65 11.19 3.04
C GLN A 855 19.78 9.81 3.66
N LEU A 856 21.00 9.30 3.77
CA LEU A 856 21.18 7.96 4.34
C LEU A 856 20.75 7.93 5.80
N GLU A 857 21.12 8.96 6.56
CA GLU A 857 20.72 9.02 7.96
C GLU A 857 19.20 9.15 8.12
N GLN A 858 18.55 9.93 7.26
CA GLN A 858 17.10 10.06 7.33
C GLN A 858 16.42 8.76 6.95
N PHE A 859 16.99 8.05 5.95
CA PHE A 859 16.50 6.72 5.60
C PHE A 859 16.59 5.78 6.79
N LYS A 860 17.72 5.82 7.49
CA LYS A 860 17.91 5.00 8.69
C LYS A 860 16.84 5.33 9.71
N LYS A 861 16.66 6.62 10.01
CA LYS A 861 15.66 7.03 10.99
C LYS A 861 14.26 6.54 10.58
N ASP A 862 13.90 6.75 9.32
CA ASP A 862 12.57 6.37 8.84
C ASP A 862 12.34 4.87 8.90
N ASN A 863 13.38 4.05 8.85
CA ASN A 863 13.21 2.60 8.77
C ASN A 863 13.82 1.86 9.94
N GLU A 864 14.24 2.56 11.00
CA GLU A 864 14.78 1.92 12.19
C GLU A 864 13.87 0.82 12.74
N GLU A 865 12.56 1.10 12.82
CA GLU A 865 11.61 0.11 13.31
C GLU A 865 11.50 -1.11 12.37
N THR A 866 11.25 -0.88 11.08
CA THR A 866 11.31 -1.98 10.12
C THR A 866 12.60 -2.78 10.26
N GLY A 867 13.72 -2.11 10.55
CA GLY A 867 15.00 -2.77 10.66
C GLY A 867 15.63 -3.08 9.31
N PHE A 868 16.91 -3.46 9.37
CA PHE A 868 17.70 -3.73 8.17
C PHE A 868 18.19 -5.17 8.09
N GLY A 869 17.84 -6.02 9.05
CA GLY A 869 18.15 -7.43 8.98
C GLY A 869 19.61 -7.71 8.69
N SER A 870 19.87 -8.55 7.70
CA SER A 870 21.24 -8.90 7.38
C SER A 870 22.00 -7.79 6.70
N GLY A 871 21.39 -6.64 6.47
CA GLY A 871 22.08 -5.49 5.96
C GLY A 871 22.42 -4.46 7.02
N THR A 872 22.20 -4.78 8.30
CA THR A 872 22.41 -3.78 9.34
C THR A 872 23.86 -3.33 9.36
N ARG A 873 24.78 -4.26 9.61
CA ARG A 873 26.20 -3.93 9.55
C ARG A 873 26.51 -3.14 8.28
N ALA A 874 25.94 -3.56 7.16
CA ALA A 874 26.31 -2.95 5.89
C ALA A 874 25.95 -1.47 5.86
N LEU A 875 24.80 -1.12 6.45
CA LEU A 875 24.44 0.29 6.56
C LEU A 875 25.46 1.04 7.41
N GLU A 876 25.88 0.47 8.53
CA GLU A 876 26.90 1.14 9.32
C GLU A 876 28.17 1.32 8.50
N GLN A 877 28.56 0.30 7.74
CA GLN A 877 29.78 0.43 6.97
C GLN A 877 29.61 1.51 5.90
N ALA A 878 28.43 1.57 5.30
CA ALA A 878 28.21 2.59 4.29
C ALA A 878 28.31 3.97 4.90
N LEU A 879 27.74 4.15 6.09
CA LEU A 879 27.85 5.45 6.75
C LEU A 879 29.30 5.80 6.98
N GLU A 880 30.08 4.84 7.49
CA GLU A 880 31.48 5.14 7.73
C GLU A 880 32.15 5.52 6.42
N LYS A 881 31.93 4.71 5.38
CA LYS A 881 32.59 5.02 4.12
C LYS A 881 32.13 6.37 3.60
N THR A 882 30.83 6.64 3.69
CA THR A 882 30.34 7.92 3.19
C THR A 882 31.04 9.08 3.89
N LYS A 883 31.16 9.00 5.22
CA LYS A 883 31.86 10.08 5.91
C LYS A 883 33.30 10.18 5.44
N ALA A 884 33.98 9.04 5.32
CA ALA A 884 35.34 9.08 4.81
C ALA A 884 35.37 9.63 3.41
N ASN A 885 34.40 9.22 2.58
CA ASN A 885 34.42 9.67 1.20
C ASN A 885 34.27 11.19 1.15
N ILE A 886 33.39 11.75 1.98
CA ILE A 886 33.23 13.19 2.00
C ILE A 886 34.58 13.86 2.23
N LYS A 887 35.31 13.41 3.25
CA LYS A 887 36.60 14.01 3.53
C LYS A 887 37.62 13.74 2.43
N TRP A 888 37.67 12.52 1.91
CA TRP A 888 38.68 12.19 0.91
C TRP A 888 38.56 13.05 -0.33
N VAL A 889 37.35 13.20 -0.85
CA VAL A 889 37.16 14.05 -2.03
C VAL A 889 37.64 15.46 -1.75
N LYS A 890 37.28 16.00 -0.58
CA LYS A 890 37.71 17.36 -0.28
C LYS A 890 39.22 17.47 -0.34
N GLU A 891 39.92 16.49 0.24
CA GLU A 891 41.38 16.59 0.29
C GLU A 891 42.00 16.39 -1.09
N ASN A 892 41.40 15.55 -1.95
CA ASN A 892 42.10 15.12 -3.16
C ASN A 892 41.56 15.65 -4.49
N LYS A 893 40.34 16.19 -4.55
CA LYS A 893 39.74 16.40 -5.86
C LYS A 893 40.58 17.32 -6.73
N GLU A 894 41.13 18.38 -6.16
CA GLU A 894 41.90 19.30 -6.99
C GLU A 894 43.23 18.67 -7.39
N VAL A 895 43.94 18.07 -6.44
CA VAL A 895 45.25 17.51 -6.75
C VAL A 895 45.13 16.39 -7.77
N VAL A 896 44.11 15.57 -7.64
CA VAL A 896 43.95 14.47 -8.56
C VAL A 896 43.65 15.02 -9.95
N LEU A 897 42.77 16.02 -10.02
CA LEU A 897 42.50 16.64 -11.31
C LEU A 897 43.82 17.10 -11.93
N GLN A 898 44.63 17.79 -11.14
CA GLN A 898 45.86 18.33 -11.71
C GLN A 898 46.75 17.20 -12.18
N TRP A 899 46.84 16.13 -11.38
CA TRP A 899 47.69 15.03 -11.77
C TRP A 899 47.20 14.46 -13.09
N PHE A 900 45.90 14.17 -13.18
CA PHE A 900 45.40 13.60 -14.42
C PHE A 900 45.63 14.56 -15.58
N THR A 901 45.43 15.85 -15.33
CA THR A 901 45.64 16.83 -16.39
C THR A 901 47.08 16.75 -16.87
N GLU A 902 48.02 16.74 -15.92
CA GLU A 902 49.42 16.77 -16.32
C GLU A 902 49.87 15.44 -16.91
N ASN A 903 49.17 14.34 -16.60
CA ASN A 903 49.61 13.02 -17.04
C ASN A 903 48.78 12.44 -18.17
N SER A 904 47.77 13.16 -18.65
CA SER A 904 46.87 12.66 -19.69
C SER A 904 47.27 13.15 -21.06
N LYS A 905 48.44 13.78 -21.18
CA LYS A 905 48.84 14.47 -22.40
C LYS A 905 49.92 13.68 -23.13
N SER B 6 0.96 47.86 15.05
CA SER B 6 -0.05 48.92 15.12
C SER B 6 0.61 50.30 15.16
N LYS B 7 1.94 50.33 15.10
CA LYS B 7 2.68 51.56 14.93
C LYS B 7 2.77 51.89 13.45
N ALA B 8 2.55 53.16 13.09
CA ALA B 8 2.57 53.53 11.69
C ALA B 8 3.87 53.11 11.01
N TRP B 9 4.99 53.16 11.75
CA TRP B 9 6.26 52.75 11.16
C TRP B 9 6.40 51.25 11.05
N ASN B 10 5.44 50.48 11.55
CA ASN B 10 5.41 49.02 11.40
C ASN B 10 4.38 48.57 10.38
N ARG B 11 3.75 49.49 9.67
CA ARG B 11 2.79 49.15 8.63
C ARG B 11 3.44 49.42 7.28
N TYR B 12 3.11 48.58 6.29
CA TYR B 12 3.83 48.60 5.02
C TYR B 12 3.44 49.75 4.11
N ARG B 13 2.21 50.27 4.19
CA ARG B 13 1.84 51.40 3.35
C ARG B 13 2.18 52.71 4.04
N LEU B 14 2.67 53.67 3.25
CA LEU B 14 3.00 54.98 3.79
C LEU B 14 1.75 55.66 4.34
N PRO B 15 1.89 56.53 5.33
CA PRO B 15 0.75 57.32 5.77
C PRO B 15 0.28 58.25 4.66
N ASN B 16 -0.97 58.70 4.77
CA ASN B 16 -1.52 59.71 3.87
C ASN B 16 -1.33 61.13 4.40
N THR B 17 -0.50 61.31 5.44
CA THR B 17 -0.40 62.59 6.13
C THR B 17 0.49 63.58 5.39
N LEU B 18 1.44 63.09 4.59
CA LEU B 18 2.43 63.92 3.93
C LEU B 18 2.50 63.58 2.45
N LYS B 19 2.68 64.60 1.60
CA LYS B 19 2.73 64.36 0.16
C LYS B 19 3.81 65.20 -0.50
N PRO B 20 4.78 64.58 -1.18
CA PRO B 20 5.88 65.34 -1.77
C PRO B 20 5.43 66.14 -2.98
N ASP B 21 6.14 67.24 -3.24
CA ASP B 21 5.96 68.07 -4.42
C ASP B 21 7.12 67.91 -5.38
N SER B 22 8.34 68.09 -4.89
CA SER B 22 9.51 67.93 -5.73
C SER B 22 10.69 67.56 -4.83
N TYR B 23 11.74 67.10 -5.49
CA TYR B 23 12.96 66.60 -4.88
C TYR B 23 14.13 67.13 -5.67
N ARG B 24 15.24 67.39 -5.00
CA ARG B 24 16.53 67.43 -5.67
C ARG B 24 17.38 66.32 -5.08
N VAL B 25 18.18 65.70 -5.92
CA VAL B 25 19.00 64.56 -5.54
C VAL B 25 20.35 64.72 -6.23
N THR B 26 21.41 64.59 -5.46
CA THR B 26 22.76 64.51 -5.99
C THR B 26 23.32 63.12 -5.66
N LEU B 27 23.83 62.43 -6.68
CA LEU B 27 24.41 61.11 -6.46
C LEU B 27 25.81 61.05 -7.07
N ARG B 28 26.71 60.36 -6.37
CA ARG B 28 28.12 60.27 -6.77
C ARG B 28 28.59 58.83 -6.63
N PRO B 29 28.65 58.06 -7.71
CA PRO B 29 29.11 56.68 -7.60
C PRO B 29 30.63 56.61 -7.63
N TYR B 30 31.17 55.66 -6.88
CA TYR B 30 32.61 55.38 -6.88
C TYR B 30 32.83 54.04 -7.58
N LEU B 31 33.39 54.12 -8.79
CA LEU B 31 33.50 52.96 -9.66
C LEU B 31 34.78 52.17 -9.43
N THR B 32 35.52 52.47 -8.36
CA THR B 32 36.61 51.61 -7.92
C THR B 32 36.41 51.19 -6.47
N PRO B 33 36.83 49.98 -6.10
CA PRO B 33 36.60 49.50 -4.74
C PRO B 33 37.36 50.31 -3.71
N ASN B 34 36.83 50.32 -2.48
CA ASN B 34 37.49 50.99 -1.37
C ASN B 34 38.43 49.99 -0.68
N ASP B 35 39.02 50.41 0.45
CA ASP B 35 39.87 49.51 1.23
C ASP B 35 39.20 48.18 1.55
N ARG B 36 37.88 48.19 1.72
CA ARG B 36 37.12 46.98 2.01
C ARG B 36 36.67 46.23 0.75
N GLY B 37 37.06 46.67 -0.44
CA GLY B 37 36.69 45.98 -1.65
C GLY B 37 35.27 46.24 -2.14
N LEU B 38 34.61 47.25 -1.59
CA LEU B 38 33.21 47.54 -1.87
C LEU B 38 33.11 48.68 -2.88
N TYR B 39 32.16 48.55 -3.80
CA TYR B 39 31.79 49.66 -4.67
C TYR B 39 30.66 50.42 -3.99
N VAL B 40 30.81 51.74 -3.87
CA VAL B 40 29.85 52.55 -3.14
C VAL B 40 29.42 53.75 -3.98
N PHE B 41 28.31 54.33 -3.57
CA PHE B 41 27.88 55.63 -4.06
C PHE B 41 27.54 56.51 -2.86
N LYS B 42 27.82 57.80 -3.00
CA LYS B 42 27.45 58.79 -2.01
C LYS B 42 26.44 59.74 -2.63
N GLY B 43 25.53 60.24 -1.81
CA GLY B 43 24.52 61.15 -2.31
C GLY B 43 24.03 62.12 -1.27
N SER B 44 23.23 63.07 -1.75
CA SER B 44 22.50 64.00 -0.89
C SER B 44 21.13 64.17 -1.50
N SER B 45 20.19 64.62 -0.68
CA SER B 45 18.85 64.86 -1.17
C SER B 45 18.15 65.92 -0.33
N THR B 46 17.28 66.68 -0.98
CA THR B 46 16.28 67.51 -0.33
C THR B 46 14.93 67.09 -0.88
N VAL B 47 13.99 66.80 0.00
CA VAL B 47 12.60 66.58 -0.40
C VAL B 47 11.75 67.73 0.12
N ARG B 48 10.97 68.33 -0.77
CA ARG B 48 9.96 69.31 -0.39
C ARG B 48 8.60 68.64 -0.37
N PHE B 49 7.88 68.79 0.74
CA PHE B 49 6.61 68.10 0.88
C PHE B 49 5.60 69.01 1.56
N THR B 50 4.33 68.64 1.42
CA THR B 50 3.21 69.36 2.02
C THR B 50 2.62 68.47 3.09
N CYS B 51 2.38 69.04 4.27
CA CYS B 51 1.64 68.35 5.31
C CYS B 51 0.15 68.43 5.03
N LYS B 52 -0.49 67.28 4.88
CA LYS B 52 -1.92 67.21 4.60
C LYS B 52 -2.73 67.01 5.87
N GLU B 53 -2.11 66.48 6.92
CA GLU B 53 -2.77 66.24 8.20
C GLU B 53 -1.70 66.31 9.29
N ALA B 54 -1.96 67.10 10.34
CA ALA B 54 -0.99 67.31 11.40
C ALA B 54 -0.43 65.98 11.89
N THR B 55 0.90 65.92 12.03
CA THR B 55 1.58 64.71 12.44
C THR B 55 2.91 65.08 13.07
N ASP B 56 3.31 64.29 14.07
CA ASP B 56 4.60 64.47 14.73
C ASP B 56 5.66 63.46 14.26
N VAL B 57 5.48 62.86 13.10
CA VAL B 57 6.44 61.89 12.56
C VAL B 57 6.53 62.03 11.05
N ILE B 58 7.75 61.92 10.53
CA ILE B 58 8.00 61.86 9.08
C ILE B 58 8.40 60.43 8.75
N ILE B 59 7.56 59.72 8.00
CA ILE B 59 7.83 58.34 7.58
C ILE B 59 8.12 58.31 6.09
N ILE B 60 9.35 57.93 5.72
CA ILE B 60 9.80 57.95 4.34
C ILE B 60 10.55 56.66 4.06
N HIS B 61 10.50 56.17 2.83
CA HIS B 61 11.20 54.92 2.51
C HIS B 61 12.72 55.12 2.43
N SER B 62 13.44 54.11 2.90
CA SER B 62 14.90 54.08 2.87
C SER B 62 15.31 52.61 2.94
N LYS B 63 16.18 52.19 2.02
CA LYS B 63 16.61 50.79 1.94
C LYS B 63 18.12 50.71 1.74
N LYS B 64 18.80 50.01 2.65
CA LYS B 64 20.24 49.75 2.54
C LYS B 64 21.04 51.04 2.37
N LEU B 65 20.62 52.10 3.05
CA LEU B 65 21.33 53.37 3.04
C LEU B 65 21.87 53.69 4.43
N ASN B 66 23.09 54.22 4.48
CA ASN B 66 23.72 54.67 5.71
C ASN B 66 23.74 56.19 5.68
N TYR B 67 23.30 56.82 6.75
CA TYR B 67 23.16 58.27 6.80
C TYR B 67 24.34 58.90 7.52
N THR B 68 24.82 60.02 6.96
CA THR B 68 25.83 60.84 7.63
C THR B 68 25.10 61.83 8.53
N LEU B 69 25.45 61.79 9.82
CA LEU B 69 24.84 62.66 10.80
C LEU B 69 25.07 64.13 10.47
N SER B 70 24.02 64.94 10.69
CA SER B 70 24.10 66.38 10.49
C SER B 70 23.33 67.06 11.62
N GLN B 71 24.01 67.98 12.31
CA GLN B 71 23.42 68.71 13.43
C GLN B 71 22.79 67.77 14.45
N GLY B 72 23.43 66.61 14.65
CA GLY B 72 23.03 65.70 15.71
C GLY B 72 22.00 64.66 15.33
N HIS B 73 21.53 64.62 14.08
CA HIS B 73 20.52 63.65 13.68
C HIS B 73 20.78 63.15 12.26
N ARG B 74 20.01 62.13 11.90
CA ARG B 74 20.11 61.51 10.58
C ARG B 74 19.72 62.47 9.45
N VAL B 75 18.84 63.43 9.72
CA VAL B 75 18.40 64.40 8.73
C VAL B 75 18.35 65.80 9.33
N VAL B 76 18.19 66.79 8.45
CA VAL B 76 17.95 68.19 8.83
C VAL B 76 16.58 68.60 8.31
N LEU B 77 15.77 69.21 9.17
CA LEU B 77 14.43 69.66 8.79
C LEU B 77 14.35 71.18 8.76
N ARG B 78 13.88 71.74 7.63
CA ARG B 78 13.80 73.18 7.45
C ARG B 78 12.39 73.58 7.03
N GLY B 79 12.04 74.84 7.36
CA GLY B 79 10.78 75.41 6.94
C GLY B 79 10.78 75.90 5.50
N VAL B 80 9.56 76.07 4.98
CA VAL B 80 9.34 76.67 3.66
C VAL B 80 8.23 77.71 3.78
N GLY B 81 8.42 78.84 3.10
CA GLY B 81 7.37 79.86 3.02
C GLY B 81 6.88 80.37 4.36
N GLY B 82 7.75 80.47 5.36
CA GLY B 82 7.37 80.97 6.66
C GLY B 82 6.99 79.92 7.66
N SER B 83 6.91 78.65 7.25
CA SER B 83 6.61 77.57 8.16
C SER B 83 7.71 77.46 9.21
N GLN B 84 7.36 76.87 10.36
CA GLN B 84 8.26 76.79 11.50
C GLN B 84 8.23 75.36 12.01
N PRO B 85 9.04 74.47 11.43
CA PRO B 85 8.93 73.05 11.78
C PRO B 85 9.36 72.78 13.20
N PRO B 86 8.84 71.74 13.84
CA PRO B 86 9.29 71.36 15.18
C PRO B 86 10.75 70.93 15.17
N ASP B 87 11.36 70.94 16.35
CA ASP B 87 12.69 70.34 16.50
C ASP B 87 12.58 68.83 16.30
N ILE B 88 13.67 68.21 15.86
CA ILE B 88 13.72 66.76 15.74
C ILE B 88 13.99 66.14 17.11
N ASP B 89 13.15 65.19 17.49
CA ASP B 89 13.38 64.39 18.69
C ASP B 89 14.44 63.32 18.43
N LYS B 90 14.13 62.36 17.56
CA LYS B 90 15.09 61.30 17.22
C LYS B 90 14.72 60.71 15.86
N THR B 91 15.67 59.99 15.26
CA THR B 91 15.37 59.22 14.07
C THR B 91 15.57 57.73 14.35
N GLU B 92 14.88 56.89 13.56
CA GLU B 92 15.11 55.45 13.58
C GLU B 92 15.04 54.89 12.16
N LEU B 93 15.78 53.81 11.94
CA LEU B 93 15.67 53.01 10.73
C LEU B 93 14.86 51.76 11.03
N VAL B 94 13.72 51.60 10.36
CA VAL B 94 12.85 50.44 10.57
C VAL B 94 13.01 49.53 9.35
N GLU B 95 13.76 48.43 9.54
CA GLU B 95 14.25 47.61 8.45
C GLU B 95 13.14 46.79 7.77
N PRO B 96 12.23 46.17 8.52
CA PRO B 96 11.20 45.34 7.85
C PRO B 96 10.37 46.11 6.84
N THR B 97 9.89 47.30 7.21
CA THR B 97 9.08 48.14 6.35
C THR B 97 9.93 49.10 5.53
N GLU B 98 11.25 49.05 5.68
CA GLU B 98 12.18 49.85 4.89
C GLU B 98 11.88 51.33 5.01
N TYR B 99 11.77 51.81 6.26
CA TYR B 99 11.47 53.22 6.52
C TYR B 99 12.59 53.91 7.28
N LEU B 100 12.78 55.19 6.97
CA LEU B 100 13.38 56.15 7.88
C LEU B 100 12.24 56.88 8.58
N VAL B 101 12.28 56.92 9.92
CA VAL B 101 11.22 57.48 10.73
C VAL B 101 11.79 58.61 11.56
N VAL B 102 11.31 59.83 11.34
CA VAL B 102 11.82 61.00 12.05
C VAL B 102 10.78 61.43 13.07
N HIS B 103 11.03 61.13 14.35
CA HIS B 103 10.14 61.47 15.44
C HIS B 103 10.43 62.89 15.89
N LEU B 104 9.40 63.73 15.91
CA LEU B 104 9.53 65.16 16.16
C LEU B 104 9.03 65.51 17.56
N LYS B 105 9.54 66.64 18.07
CA LYS B 105 9.16 67.14 19.38
C LYS B 105 7.82 67.87 19.34
N GLY B 106 7.20 68.00 18.17
CA GLY B 106 5.89 68.59 18.06
C GLY B 106 5.24 68.15 16.77
N SER B 107 4.11 68.80 16.45
CA SER B 107 3.36 68.49 15.23
C SER B 107 3.61 69.51 14.13
N LEU B 108 3.66 69.02 12.89
CA LEU B 108 3.65 69.86 11.72
C LEU B 108 2.28 70.51 11.54
N VAL B 109 2.23 71.57 10.73
CA VAL B 109 1.00 72.34 10.53
C VAL B 109 0.36 71.93 9.21
N LYS B 110 -0.95 71.70 9.26
CA LYS B 110 -1.74 71.35 8.09
C LYS B 110 -1.59 72.38 6.98
N ASP B 111 -1.47 71.89 5.74
CA ASP B 111 -1.32 72.75 4.57
C ASP B 111 -0.12 73.68 4.66
N SER B 112 0.94 73.25 5.35
CA SER B 112 2.22 73.94 5.29
C SER B 112 3.23 73.06 4.57
N GLN B 113 4.24 73.70 4.00
CA GLN B 113 5.30 72.98 3.31
C GLN B 113 6.57 72.95 4.14
N TYR B 114 7.38 71.92 3.91
CA TYR B 114 8.63 71.74 4.63
C TYR B 114 9.63 71.09 3.68
N GLU B 115 10.91 71.20 4.04
CA GLU B 115 11.96 70.49 3.31
C GLU B 115 12.78 69.67 4.29
N MET B 116 13.19 68.49 3.84
CA MET B 116 14.04 67.61 4.65
C MET B 116 15.28 67.26 3.86
N ASP B 117 16.45 67.51 4.45
CA ASP B 117 17.74 67.28 3.82
C ASP B 117 18.40 66.05 4.42
N SER B 118 19.03 65.25 3.56
CA SER B 118 19.73 64.04 3.95
C SER B 118 21.04 63.94 3.18
N GLU B 119 22.00 63.25 3.79
CA GLU B 119 23.27 62.92 3.15
C GLU B 119 23.54 61.46 3.48
N PHE B 120 23.87 60.65 2.47
CA PHE B 120 23.82 59.21 2.65
C PHE B 120 24.83 58.53 1.75
N GLU B 121 25.01 57.24 1.99
CA GLU B 121 25.92 56.40 1.22
C GLU B 121 25.33 55.00 1.15
N GLY B 122 25.49 54.35 -0.01
CA GLY B 122 25.07 52.97 -0.16
C GLY B 122 26.07 52.18 -0.98
N GLU B 123 25.87 50.87 -1.02
CA GLU B 123 26.71 50.01 -1.84
C GLU B 123 26.22 49.99 -3.27
N LEU B 124 27.15 50.20 -4.21
CA LEU B 124 26.87 50.00 -5.63
C LEU B 124 27.05 48.52 -5.94
N ALA B 125 26.10 47.74 -5.42
CA ALA B 125 26.19 46.29 -5.46
C ALA B 125 25.92 45.75 -6.85
N ASP B 126 26.32 44.50 -7.07
CA ASP B 126 26.02 43.80 -8.32
C ASP B 126 24.71 43.04 -8.23
N ASP B 127 23.70 43.65 -7.60
CA ASP B 127 22.44 42.97 -7.31
C ASP B 127 21.31 43.39 -8.24
N LEU B 128 21.59 44.22 -9.24
CA LEU B 128 20.63 44.57 -10.29
C LEU B 128 19.43 45.35 -9.76
N ALA B 129 19.53 45.88 -8.55
CA ALA B 129 18.41 46.56 -7.89
C ALA B 129 18.89 47.86 -7.27
N GLY B 130 18.05 48.89 -7.38
CA GLY B 130 18.41 50.22 -6.92
C GLY B 130 19.49 50.81 -7.81
N PHE B 131 20.46 51.47 -7.17
CA PHE B 131 21.62 51.98 -7.87
C PHE B 131 22.68 50.89 -7.78
N TYR B 132 23.06 50.33 -8.93
CA TYR B 132 23.93 49.17 -8.94
C TYR B 132 24.98 49.29 -10.04
N ARG B 133 25.91 48.34 -10.03
CA ARG B 133 27.00 48.30 -11.00
C ARG B 133 26.78 47.19 -12.00
N SER B 134 27.15 47.48 -13.25
CA SER B 134 27.23 46.54 -14.35
C SER B 134 28.66 46.55 -14.85
N GLU B 135 29.14 45.41 -15.35
CA GLU B 135 30.53 45.29 -15.74
C GLU B 135 30.64 44.69 -17.12
N TYR B 136 31.64 45.16 -17.87
CA TYR B 136 31.97 44.54 -19.15
C TYR B 136 33.46 44.69 -19.37
N MET B 137 33.95 44.02 -20.41
CA MET B 137 35.35 44.10 -20.79
C MET B 137 35.46 44.84 -22.10
N GLU B 138 36.44 45.74 -22.19
CA GLU B 138 36.87 46.29 -23.46
C GLU B 138 38.31 45.82 -23.68
N GLY B 139 38.47 44.81 -24.50
CA GLY B 139 39.77 44.16 -24.58
C GLY B 139 40.08 43.54 -23.23
N ASN B 140 41.19 43.98 -22.65
CA ASN B 140 41.64 43.51 -21.34
C ASN B 140 41.32 44.50 -20.24
N VAL B 141 40.54 45.53 -20.54
CA VAL B 141 40.27 46.62 -19.60
C VAL B 141 38.90 46.41 -18.98
N ARG B 142 38.87 46.34 -17.65
CA ARG B 142 37.62 46.20 -16.91
C ARG B 142 36.88 47.53 -16.96
N LYS B 143 35.65 47.53 -17.45
CA LYS B 143 34.77 48.70 -17.44
C LYS B 143 33.60 48.50 -16.49
N VAL B 144 33.38 49.48 -15.62
CA VAL B 144 32.34 49.43 -14.61
C VAL B 144 31.37 50.57 -14.87
N VAL B 145 30.09 50.25 -14.89
CA VAL B 145 29.00 51.15 -15.23
C VAL B 145 28.09 51.28 -14.02
N ALA B 146 27.68 52.50 -13.70
CA ALA B 146 26.66 52.74 -12.68
C ALA B 146 25.31 52.93 -13.37
N THR B 147 24.31 52.15 -12.93
CA THR B 147 23.01 52.13 -13.59
C THR B 147 21.95 51.90 -12.52
N THR B 148 20.68 51.96 -12.92
CA THR B 148 19.58 51.85 -11.96
C THR B 148 18.53 50.84 -12.41
N GLN B 149 17.83 50.32 -11.41
CA GLN B 149 16.57 49.60 -11.60
C GLN B 149 15.71 49.90 -10.38
N MET B 150 14.66 50.69 -10.53
CA MET B 150 13.85 51.09 -9.39
C MET B 150 12.59 50.27 -9.21
N GLN B 151 11.98 49.79 -10.29
CA GLN B 151 10.72 49.08 -10.20
C GLN B 151 10.92 47.71 -9.54
N ALA B 152 10.04 47.34 -8.61
CA ALA B 152 8.88 48.13 -8.18
C ALA B 152 9.24 49.10 -7.07
N ALA B 153 10.07 48.62 -6.14
CA ALA B 153 10.21 49.24 -4.82
C ALA B 153 11.68 49.37 -4.44
N ASP B 154 12.53 49.76 -5.40
CA ASP B 154 13.96 49.90 -5.13
C ASP B 154 14.46 51.32 -5.34
N ALA B 155 13.59 52.26 -5.71
CA ALA B 155 14.01 53.67 -5.72
C ALA B 155 14.52 54.08 -4.35
N ARG B 156 13.85 53.59 -3.30
CA ARG B 156 14.25 53.80 -1.92
C ARG B 156 15.64 53.27 -1.61
N LYS B 157 16.23 52.45 -2.49
CA LYS B 157 17.56 51.91 -2.28
C LYS B 157 18.64 52.83 -2.81
N SER B 158 18.27 53.90 -3.52
CA SER B 158 19.22 54.88 -4.04
C SER B 158 19.15 56.23 -3.34
N PHE B 159 17.98 56.62 -2.83
CA PHE B 159 17.84 57.86 -2.07
C PHE B 159 16.51 57.81 -1.33
N PRO B 160 16.38 58.52 -0.21
CA PRO B 160 15.11 58.45 0.54
C PRO B 160 14.00 59.15 -0.23
N CYS B 161 12.85 58.48 -0.32
CA CYS B 161 11.72 59.01 -1.07
C CYS B 161 10.44 58.35 -0.60
N PHE B 162 9.32 59.03 -0.90
CA PHE B 162 8.00 58.46 -0.68
C PHE B 162 7.72 57.55 -1.86
N ASP B 163 8.11 56.29 -1.71
CA ASP B 163 8.28 55.36 -2.83
C ASP B 163 6.99 54.55 -3.04
N GLU B 164 5.96 55.26 -3.51
CA GLU B 164 4.71 54.65 -3.91
C GLU B 164 4.29 55.32 -5.21
N PRO B 165 3.66 54.59 -6.13
CA PRO B 165 3.48 55.14 -7.49
C PRO B 165 2.54 56.33 -7.55
N ALA B 166 1.67 56.51 -6.56
CA ALA B 166 0.74 57.63 -6.56
C ALA B 166 1.31 58.85 -5.87
N MET B 167 2.50 58.76 -5.29
CA MET B 167 3.20 59.92 -4.73
C MET B 167 4.07 60.61 -5.79
N LYS B 168 3.39 61.12 -6.81
CA LYS B 168 4.11 61.70 -7.93
C LYS B 168 4.76 63.02 -7.51
N ALA B 169 5.89 63.33 -8.13
CA ALA B 169 6.64 64.54 -7.79
C ALA B 169 7.55 64.90 -8.95
N GLU B 170 8.11 66.12 -8.89
CA GLU B 170 9.16 66.51 -9.84
C GLU B 170 10.53 66.21 -9.24
N PHE B 171 11.49 65.87 -10.09
CA PHE B 171 12.83 65.49 -9.65
C PHE B 171 13.91 66.31 -10.33
N ASN B 172 14.85 66.82 -9.53
CA ASN B 172 15.96 67.65 -9.99
C ASN B 172 17.24 66.85 -9.71
N ILE B 173 17.78 66.21 -10.73
CA ILE B 173 18.85 65.22 -10.55
C ILE B 173 20.18 65.84 -10.90
N THR B 174 21.18 65.61 -10.06
CA THR B 174 22.57 65.96 -10.30
C THR B 174 23.41 64.70 -10.12
N LEU B 175 24.26 64.41 -11.09
CA LEU B 175 25.21 63.30 -10.99
C LEU B 175 26.64 63.83 -10.97
N ILE B 176 27.43 63.31 -10.02
CA ILE B 176 28.84 63.62 -9.88
C ILE B 176 29.60 62.38 -10.31
N HIS B 177 30.47 62.52 -11.31
CA HIS B 177 31.00 61.33 -11.98
C HIS B 177 32.41 61.61 -12.47
N PRO B 178 33.20 60.57 -12.73
CA PRO B 178 34.51 60.78 -13.34
C PRO B 178 34.39 61.65 -14.58
N LYS B 179 35.33 62.59 -14.75
CA LYS B 179 35.21 63.60 -15.78
C LYS B 179 35.18 63.02 -17.19
N ASP B 180 35.71 61.83 -17.39
CA ASP B 180 35.73 61.21 -18.72
C ASP B 180 34.45 60.46 -19.05
N LEU B 181 33.57 60.23 -18.08
CA LEU B 181 32.38 59.41 -18.28
C LEU B 181 31.11 60.25 -18.37
N THR B 182 30.20 59.81 -19.25
CA THR B 182 28.92 60.46 -19.48
C THR B 182 27.90 60.07 -18.41
N ALA B 183 27.19 61.07 -17.88
CA ALA B 183 26.04 60.87 -17.01
C ALA B 183 24.73 61.08 -17.77
N LEU B 184 23.79 60.15 -17.59
CA LEU B 184 22.47 60.19 -18.22
C LEU B 184 21.38 60.04 -17.16
N SER B 185 20.26 60.72 -17.40
CA SER B 185 19.08 60.57 -16.57
C SER B 185 17.83 60.73 -17.43
N ASN B 186 16.67 60.88 -16.77
CA ASN B 186 15.40 60.97 -17.46
C ASN B 186 15.35 62.15 -18.43
N MET B 187 15.85 63.30 -18.00
CA MET B 187 15.78 64.54 -18.76
C MET B 187 17.13 64.82 -19.41
N LEU B 188 17.17 65.88 -20.21
CA LEU B 188 18.43 66.28 -20.78
C LEU B 188 19.26 67.06 -19.77
N PRO B 189 20.57 67.13 -19.98
CA PRO B 189 21.42 67.89 -19.07
C PRO B 189 21.00 69.36 -19.08
N LYS B 190 21.13 70.00 -17.93
CA LYS B 190 20.88 71.41 -17.83
C LYS B 190 22.26 72.04 -17.96
N GLY B 191 22.57 72.51 -19.16
CA GLY B 191 23.84 73.12 -19.46
C GLY B 191 24.94 72.06 -19.55
N PRO B 192 26.17 72.51 -19.73
CA PRO B 192 27.30 71.58 -19.91
C PRO B 192 27.69 70.96 -18.57
N SER B 193 28.34 69.80 -18.63
CA SER B 193 28.97 69.30 -17.42
C SER B 193 30.17 70.19 -17.09
N THR B 194 30.37 70.41 -15.79
CA THR B 194 31.45 71.24 -15.28
C THR B 194 32.33 70.50 -14.29
N PRO B 195 33.61 70.83 -14.21
CA PRO B 195 34.47 70.17 -13.22
C PRO B 195 34.00 70.45 -11.82
N LEU B 196 34.11 69.46 -10.95
CA LEU B 196 33.84 69.66 -9.54
C LEU B 196 34.92 70.56 -8.93
N PRO B 197 34.55 71.62 -8.22
CA PRO B 197 35.58 72.53 -7.67
C PRO B 197 36.54 71.86 -6.71
N GLU B 198 36.02 71.11 -5.73
CA GLU B 198 36.86 70.38 -4.78
C GLU B 198 37.77 69.36 -5.45
N ASP B 199 37.47 68.93 -6.67
CA ASP B 199 38.28 67.88 -7.30
C ASP B 199 37.98 67.81 -8.79
N PRO B 200 38.78 68.48 -9.64
CA PRO B 200 38.47 68.52 -11.07
C PRO B 200 38.63 67.18 -11.79
N ASN B 201 38.94 66.10 -11.07
CA ASN B 201 38.83 64.78 -11.69
C ASN B 201 37.37 64.34 -11.82
N TRP B 202 36.44 65.02 -11.16
CA TRP B 202 35.03 64.71 -11.26
C TRP B 202 34.31 65.84 -11.98
N ASN B 203 33.30 65.49 -12.79
CA ASN B 203 32.43 66.44 -13.45
C ASN B 203 31.09 66.42 -12.71
N VAL B 204 30.39 67.56 -12.76
CA VAL B 204 29.04 67.70 -12.19
C VAL B 204 28.06 67.94 -13.33
N THR B 205 27.06 67.07 -13.45
CA THR B 205 26.04 67.17 -14.50
C THR B 205 24.67 67.30 -13.87
N GLU B 206 24.05 68.46 -14.02
CA GLU B 206 22.68 68.68 -13.57
C GLU B 206 21.70 68.43 -14.72
N PHE B 207 20.54 67.87 -14.38
CA PHE B 207 19.51 67.58 -15.37
C PHE B 207 18.29 68.46 -15.15
N HIS B 208 17.56 68.74 -16.22
CA HIS B 208 16.31 69.48 -16.13
C HIS B 208 15.34 68.78 -15.20
N THR B 209 14.44 69.57 -14.60
CA THR B 209 13.40 69.03 -13.74
C THR B 209 12.56 68.03 -14.51
N THR B 210 12.21 66.93 -13.87
CA THR B 210 11.36 65.96 -14.53
C THR B 210 9.91 66.45 -14.52
N PRO B 211 9.06 65.89 -15.37
CA PRO B 211 7.62 66.03 -15.17
C PRO B 211 7.20 65.46 -13.82
N LYS B 212 5.98 65.78 -13.42
CA LYS B 212 5.38 65.06 -12.31
C LYS B 212 5.32 63.59 -12.69
N MET B 213 5.90 62.72 -11.85
CA MET B 213 6.06 61.32 -12.24
C MET B 213 6.27 60.46 -11.00
N SER B 214 6.19 59.15 -11.20
CA SER B 214 6.35 58.20 -10.12
C SER B 214 7.83 57.92 -9.87
N THR B 215 8.15 57.65 -8.59
CA THR B 215 9.52 57.36 -8.20
C THR B 215 10.11 56.14 -8.92
N TYR B 216 9.28 55.14 -9.24
CA TYR B 216 9.80 53.90 -9.83
C TYR B 216 10.31 54.09 -11.26
N LEU B 217 10.13 55.27 -11.85
CA LEU B 217 10.55 55.55 -13.21
C LEU B 217 11.84 56.36 -13.30
N LEU B 218 12.47 56.68 -12.17
CA LEU B 218 13.71 57.44 -12.20
C LEU B 218 14.86 56.55 -12.68
N ALA B 219 15.79 57.15 -13.40
CA ALA B 219 16.97 56.42 -13.85
C ALA B 219 18.22 57.29 -13.79
N PHE B 220 19.32 56.68 -13.34
CA PHE B 220 20.61 57.35 -13.20
C PHE B 220 21.67 56.40 -13.77
N ILE B 221 22.37 56.81 -14.83
CA ILE B 221 23.36 55.94 -15.45
C ILE B 221 24.64 56.72 -15.68
N VAL B 222 25.78 56.13 -15.31
CA VAL B 222 27.09 56.72 -15.58
C VAL B 222 27.92 55.67 -16.31
N SER B 223 28.39 56.01 -17.51
CA SER B 223 29.13 55.03 -18.31
C SER B 223 29.96 55.79 -19.34
N GLU B 224 30.76 55.05 -20.11
CA GLU B 224 31.36 55.59 -21.32
C GLU B 224 30.81 54.91 -22.57
N PHE B 225 29.53 54.54 -22.54
CA PHE B 225 28.87 54.00 -23.72
C PHE B 225 28.93 55.02 -24.85
N ASP B 226 28.86 54.52 -26.09
CA ASP B 226 28.64 55.38 -27.24
C ASP B 226 27.19 55.22 -27.67
N TYR B 227 26.78 56.03 -28.64
CA TYR B 227 25.41 55.95 -29.09
C TYR B 227 25.30 56.36 -30.55
N VAL B 228 24.20 55.94 -31.16
CA VAL B 228 23.74 56.50 -32.42
C VAL B 228 22.44 57.25 -32.14
N GLU B 229 22.09 58.19 -33.02
CA GLU B 229 20.94 59.03 -32.74
C GLU B 229 20.23 59.46 -34.01
N LYS B 230 18.96 59.78 -33.85
CA LYS B 230 18.12 60.27 -34.94
C LYS B 230 16.91 60.96 -34.33
N GLN B 231 16.62 62.15 -34.81
CA GLN B 231 15.41 62.85 -34.44
C GLN B 231 14.19 62.24 -35.12
N ALA B 232 13.17 61.93 -34.32
CA ALA B 232 11.95 61.34 -34.85
C ALA B 232 11.06 62.42 -35.48
N SER B 233 10.11 61.97 -36.30
CA SER B 233 9.30 62.92 -37.05
C SER B 233 8.40 63.76 -36.14
N ASN B 234 8.21 63.35 -34.89
CA ASN B 234 7.49 64.17 -33.90
C ASN B 234 8.44 65.03 -33.07
N GLY B 235 9.70 65.16 -33.51
CA GLY B 235 10.67 66.02 -32.86
C GLY B 235 11.39 65.41 -31.67
N VAL B 236 11.02 64.22 -31.24
CA VAL B 236 11.71 63.58 -30.12
C VAL B 236 13.04 63.02 -30.60
N LEU B 237 14.09 63.27 -29.82
CA LEU B 237 15.41 62.72 -30.08
C LEU B 237 15.45 61.26 -29.62
N ILE B 238 15.79 60.36 -30.51
CA ILE B 238 16.01 58.96 -30.15
C ILE B 238 17.51 58.75 -30.16
N ARG B 239 18.02 58.16 -29.09
CA ARG B 239 19.40 57.71 -29.03
C ARG B 239 19.44 56.25 -28.61
N ILE B 240 20.29 55.48 -29.27
CA ILE B 240 20.56 54.10 -28.91
C ILE B 240 21.96 54.06 -28.33
N TRP B 241 22.05 53.74 -27.04
CA TRP B 241 23.29 53.73 -26.29
C TRP B 241 23.69 52.30 -26.03
N ALA B 242 24.97 52.02 -26.22
CA ALA B 242 25.48 50.71 -25.93
C ALA B 242 26.98 50.80 -25.77
N ARG B 243 27.55 49.67 -25.40
CA ARG B 243 28.97 49.53 -25.27
C ARG B 243 29.62 50.01 -26.57
N PRO B 244 30.78 50.66 -26.53
CA PRO B 244 31.32 51.25 -27.77
C PRO B 244 31.45 50.26 -28.92
N SER B 245 31.91 49.03 -28.61
CA SER B 245 32.07 48.02 -29.64
C SER B 245 30.75 47.66 -30.29
N ALA B 246 29.68 47.60 -29.50
CA ALA B 246 28.37 47.27 -30.06
C ALA B 246 27.87 48.36 -30.99
N ILE B 247 27.98 49.63 -30.58
CA ILE B 247 27.55 50.73 -31.44
C ILE B 247 28.36 50.75 -32.72
N ALA B 248 29.69 50.60 -32.62
CA ALA B 248 30.52 50.63 -33.81
C ALA B 248 30.19 49.48 -34.75
N ALA B 249 29.85 48.31 -34.20
CA ALA B 249 29.46 47.15 -35.00
C ALA B 249 28.09 47.30 -35.63
N GLY B 250 27.33 48.34 -35.30
CA GLY B 250 26.04 48.52 -35.90
C GLY B 250 24.90 47.84 -35.18
N HIS B 251 25.10 47.35 -33.96
CA HIS B 251 24.09 46.53 -33.33
C HIS B 251 22.95 47.35 -32.78
N GLY B 252 23.06 48.67 -32.78
CA GLY B 252 21.97 49.55 -32.42
C GLY B 252 21.15 50.04 -33.59
N ASP B 253 21.56 49.69 -34.82
CA ASP B 253 20.94 50.29 -36.00
C ASP B 253 19.48 49.89 -36.14
N TYR B 254 19.13 48.62 -35.88
CA TYR B 254 17.74 48.19 -35.97
C TYR B 254 16.86 48.92 -34.96
N ALA B 255 17.33 49.02 -33.70
CA ALA B 255 16.58 49.76 -32.71
C ALA B 255 16.36 51.21 -33.15
N LEU B 256 17.37 51.85 -33.73
CA LEU B 256 17.20 53.21 -34.22
C LEU B 256 16.19 53.24 -35.37
N ASN B 257 16.20 52.19 -36.19
CA ASN B 257 15.27 52.09 -37.32
C ASN B 257 13.82 52.02 -36.87
N VAL B 258 13.56 51.39 -35.72
CA VAL B 258 12.18 51.13 -35.32
C VAL B 258 11.67 52.06 -34.21
N THR B 259 12.57 52.58 -33.38
CA THR B 259 12.14 53.25 -32.15
C THR B 259 11.32 54.51 -32.42
N GLY B 260 11.92 55.48 -33.12
CA GLY B 260 11.23 56.72 -33.40
C GLY B 260 9.90 56.55 -34.13
N PRO B 261 9.90 55.75 -35.18
CA PRO B 261 8.64 55.51 -35.90
C PRO B 261 7.55 54.94 -35.02
N ILE B 262 7.88 54.01 -34.14
CA ILE B 262 6.88 53.46 -33.22
C ILE B 262 6.38 54.55 -32.27
N LEU B 263 7.29 55.36 -31.71
CA LEU B 263 6.87 56.41 -30.80
C LEU B 263 5.87 57.35 -31.47
N ASN B 264 6.19 57.80 -32.69
CA ASN B 264 5.28 58.66 -33.44
C ASN B 264 3.98 57.94 -33.77
N PHE B 265 4.07 56.65 -34.12
CA PHE B 265 2.86 55.87 -34.38
C PHE B 265 1.95 55.85 -33.17
N PHE B 266 2.50 55.58 -31.99
CA PHE B 266 1.66 55.54 -30.80
C PHE B 266 1.06 56.92 -30.52
N ALA B 267 1.86 57.97 -30.68
CA ALA B 267 1.35 59.31 -30.42
C ALA B 267 0.17 59.63 -31.33
N GLY B 268 0.27 59.27 -32.61
CA GLY B 268 -0.84 59.44 -33.53
C GLY B 268 -2.02 58.55 -33.20
N HIS B 269 -1.78 57.26 -32.99
CA HIS B 269 -2.84 56.29 -32.74
C HIS B 269 -3.69 56.69 -31.55
N TYR B 270 -3.08 57.18 -30.47
CA TYR B 270 -3.81 57.56 -29.28
C TYR B 270 -4.06 59.06 -29.22
N ASP B 271 -3.75 59.80 -30.29
CA ASP B 271 -3.93 61.25 -30.32
C ASP B 271 -3.35 61.91 -29.08
N THR B 272 -2.17 61.45 -28.67
CA THR B 272 -1.59 61.89 -27.41
C THR B 272 -0.07 61.98 -27.54
N PRO B 273 0.48 63.18 -27.60
CA PRO B 273 1.92 63.33 -27.82
C PRO B 273 2.74 62.72 -26.71
N TYR B 274 3.91 62.24 -27.09
CA TYR B 274 4.95 61.98 -26.11
C TYR B 274 5.49 63.33 -25.67
N PRO B 275 5.45 63.68 -24.39
CA PRO B 275 5.69 65.06 -23.97
C PRO B 275 7.14 65.41 -23.70
N LEU B 276 8.01 64.43 -23.65
CA LEU B 276 9.38 64.70 -23.27
C LEU B 276 10.22 64.97 -24.50
N PRO B 277 11.37 65.65 -24.35
CA PRO B 277 12.17 66.02 -25.52
C PRO B 277 12.97 64.89 -26.14
N LYS B 278 13.24 63.82 -25.40
CA LYS B 278 14.00 62.70 -25.92
C LYS B 278 13.50 61.40 -25.30
N SER B 279 13.81 60.29 -25.95
CA SER B 279 13.63 58.96 -25.37
C SER B 279 14.89 58.15 -25.65
N ASP B 280 15.74 58.00 -24.63
CA ASP B 280 16.96 57.22 -24.77
C ASP B 280 16.66 55.74 -24.60
N GLN B 281 17.29 54.90 -25.43
CA GLN B 281 17.29 53.46 -25.25
C GLN B 281 18.72 53.07 -24.95
N ILE B 282 18.94 52.28 -23.90
CA ILE B 282 20.30 51.95 -23.47
C ILE B 282 20.39 50.46 -23.14
N GLY B 283 21.45 49.82 -23.61
CA GLY B 283 21.59 48.39 -23.39
C GLY B 283 22.67 48.09 -22.37
N LEU B 284 22.30 47.38 -21.30
CA LEU B 284 23.23 47.13 -20.20
C LEU B 284 23.76 45.71 -20.24
N PRO B 285 25.05 45.49 -19.97
CA PRO B 285 25.57 44.13 -19.87
C PRO B 285 24.95 43.31 -18.74
N ASP B 286 24.44 43.95 -17.69
CA ASP B 286 23.84 43.26 -16.55
C ASP B 286 22.50 43.89 -16.21
N PHE B 287 21.43 43.11 -16.33
CA PHE B 287 20.07 43.62 -16.20
C PHE B 287 19.16 42.43 -15.89
N ASN B 288 18.33 42.57 -14.85
CA ASN B 288 17.52 41.46 -14.36
C ASN B 288 16.38 41.09 -15.30
N ALA B 289 15.47 42.01 -15.56
CA ALA B 289 14.31 41.74 -16.40
C ALA B 289 14.64 41.90 -17.88
N GLY B 290 13.59 41.89 -18.72
CA GLY B 290 13.79 42.14 -20.14
C GLY B 290 14.20 43.57 -20.43
N ALA B 291 13.56 44.52 -19.76
CA ALA B 291 13.74 45.95 -20.01
C ALA B 291 13.00 46.69 -18.90
N MET B 292 13.10 48.02 -18.91
CA MET B 292 12.39 48.81 -17.91
C MET B 292 12.07 50.17 -18.50
N GLU B 293 10.81 50.58 -18.37
CA GLU B 293 10.28 51.71 -19.15
C GLU B 293 10.61 53.08 -18.56
N ASN B 294 11.76 53.22 -17.88
CA ASN B 294 12.06 54.49 -17.20
C ASN B 294 11.86 55.67 -18.14
N TRP B 295 11.16 56.70 -17.64
CA TRP B 295 10.64 57.75 -18.51
C TRP B 295 11.78 58.63 -19.02
N GLY B 296 12.09 58.52 -20.31
CA GLY B 296 13.18 59.24 -20.90
C GLY B 296 14.47 58.46 -21.01
N LEU B 297 14.60 57.33 -20.30
CA LEU B 297 15.85 56.56 -20.29
C LEU B 297 15.52 55.07 -20.10
N VAL B 298 15.08 54.44 -21.19
CA VAL B 298 14.59 53.08 -21.18
C VAL B 298 15.78 52.12 -21.24
N THR B 299 15.85 51.19 -20.29
CA THR B 299 16.96 50.26 -20.20
C THR B 299 16.55 48.90 -20.76
N TYR B 300 17.55 48.17 -21.28
CA TYR B 300 17.30 46.89 -21.93
C TYR B 300 18.45 45.95 -21.59
N ARG B 301 18.18 44.64 -21.57
CA ARG B 301 19.27 43.70 -21.80
C ARG B 301 19.83 43.93 -23.19
N GLU B 302 21.15 43.75 -23.34
CA GLU B 302 21.74 43.77 -24.67
C GLU B 302 20.96 42.90 -25.64
N ASN B 303 20.52 41.72 -25.18
CA ASN B 303 19.83 40.79 -26.07
C ASN B 303 18.41 41.22 -26.42
N SER B 304 17.92 42.33 -25.90
CA SER B 304 16.57 42.80 -26.23
C SER B 304 16.60 44.10 -27.02
N LEU B 305 17.78 44.70 -27.17
CA LEU B 305 17.96 45.98 -27.83
C LEU B 305 18.92 45.88 -29.02
N LEU B 306 20.06 45.24 -28.81
CA LEU B 306 21.05 45.10 -29.86
C LEU B 306 20.66 43.99 -30.83
N PHE B 307 21.16 44.10 -32.07
CA PHE B 307 20.83 43.15 -33.11
C PHE B 307 21.90 43.17 -34.18
N ASP B 308 22.41 42.00 -34.56
CA ASP B 308 23.43 41.91 -35.61
C ASP B 308 22.80 41.20 -36.80
N PRO B 309 22.56 41.89 -37.93
CA PRO B 309 21.90 41.24 -39.07
C PRO B 309 22.61 40.01 -39.61
N LEU B 310 23.90 39.85 -39.37
CA LEU B 310 24.65 38.73 -39.92
C LEU B 310 24.77 37.53 -38.98
N SER B 311 24.41 37.68 -37.70
CA SER B 311 24.50 36.58 -36.76
C SER B 311 23.28 36.42 -35.86
N SER B 312 22.43 37.43 -35.72
CA SER B 312 21.24 37.31 -34.88
C SER B 312 20.13 36.63 -35.68
N SER B 313 19.29 35.87 -34.97
CA SER B 313 18.19 35.17 -35.62
C SER B 313 16.98 36.08 -35.84
N SER B 314 16.05 35.56 -36.65
CA SER B 314 14.77 36.25 -36.85
C SER B 314 13.98 36.36 -35.55
N SER B 315 14.08 35.34 -34.70
CA SER B 315 13.45 35.39 -33.38
C SER B 315 14.04 36.52 -32.55
N ASN B 316 15.36 36.68 -32.60
CA ASN B 316 15.99 37.79 -31.90
C ASN B 316 15.45 39.12 -32.38
N LYS B 317 15.29 39.26 -33.70
CA LYS B 317 14.78 40.52 -34.26
C LYS B 317 13.36 40.78 -33.77
N GLU B 318 12.52 39.74 -33.76
CA GLU B 318 11.17 39.89 -33.25
C GLU B 318 11.16 40.28 -31.78
N ARG B 319 12.01 39.65 -30.97
CA ARG B 319 12.13 40.08 -29.58
C ARG B 319 12.52 41.55 -29.47
N VAL B 320 13.48 42.00 -30.28
CA VAL B 320 13.93 43.38 -30.18
C VAL B 320 12.77 44.33 -30.48
N VAL B 321 12.10 44.13 -31.61
CA VAL B 321 11.06 45.08 -31.99
C VAL B 321 9.89 45.02 -31.01
N THR B 322 9.55 43.83 -30.50
CA THR B 322 8.43 43.71 -29.57
C THR B 322 8.75 44.30 -28.21
N VAL B 323 9.97 44.12 -27.71
CA VAL B 323 10.32 44.69 -26.41
C VAL B 323 10.39 46.20 -26.52
N ILE B 324 10.98 46.73 -27.59
CA ILE B 324 10.97 48.17 -27.82
C ILE B 324 9.54 48.70 -27.84
N ALA B 325 8.67 48.06 -28.63
CA ALA B 325 7.27 48.46 -28.69
C ALA B 325 6.60 48.43 -27.32
N HIS B 326 6.90 47.42 -26.51
CA HIS B 326 6.34 47.33 -25.16
C HIS B 326 6.77 48.51 -24.31
N GLU B 327 8.08 48.79 -24.27
CA GLU B 327 8.59 49.88 -23.45
C GLU B 327 8.06 51.22 -23.93
N LEU B 328 7.92 51.41 -25.25
CA LEU B 328 7.37 52.67 -25.74
C LEU B 328 5.88 52.78 -25.39
N ALA B 329 5.16 51.67 -25.44
CA ALA B 329 3.77 51.67 -25.03
C ALA B 329 3.64 52.14 -23.59
N HIS B 330 4.59 51.72 -22.74
CA HIS B 330 4.53 52.14 -21.34
C HIS B 330 4.64 53.65 -21.18
N GLN B 331 5.19 54.37 -22.16
CA GLN B 331 5.29 55.82 -22.02
C GLN B 331 3.91 56.44 -21.84
N TRP B 332 2.89 55.83 -22.44
CA TRP B 332 1.50 56.25 -22.25
C TRP B 332 0.87 55.45 -21.11
N PHE B 333 0.88 54.12 -21.24
CA PHE B 333 0.25 53.23 -20.26
C PHE B 333 1.28 52.82 -19.21
N GLY B 334 1.49 53.72 -18.26
CA GLY B 334 2.42 53.47 -17.16
C GLY B 334 3.13 54.72 -16.68
N ASN B 335 3.67 55.51 -17.61
CA ASN B 335 4.48 56.66 -17.24
C ASN B 335 3.62 57.92 -17.14
N LEU B 336 2.94 58.25 -18.23
CA LEU B 336 2.05 59.40 -18.25
C LEU B 336 0.85 59.16 -17.33
N VAL B 337 0.22 58.00 -17.46
CA VAL B 337 -0.85 57.56 -16.58
C VAL B 337 -0.34 56.33 -15.85
N THR B 338 -0.46 56.35 -14.53
CA THR B 338 0.15 55.33 -13.68
C THR B 338 -0.91 54.69 -12.79
N ILE B 339 -0.75 53.39 -12.58
CA ILE B 339 -1.57 52.67 -11.60
C ILE B 339 -1.59 53.40 -10.27
N GLU B 340 -2.76 53.42 -9.64
CA GLU B 340 -2.88 53.94 -8.28
C GLU B 340 -2.07 53.09 -7.32
N TRP B 341 -2.13 51.77 -7.48
CA TRP B 341 -1.39 50.86 -6.62
C TRP B 341 -1.14 49.58 -7.41
N TRP B 342 -0.18 48.79 -6.92
CA TRP B 342 0.30 47.62 -7.63
C TRP B 342 -0.78 46.56 -7.86
N ASN B 343 -1.84 46.56 -7.05
CA ASN B 343 -2.91 45.58 -7.24
C ASN B 343 -3.52 45.69 -8.63
N ASP B 344 -3.46 46.86 -9.26
CA ASP B 344 -4.01 47.07 -10.59
C ASP B 344 -2.92 47.07 -11.66
N LEU B 345 -1.82 46.36 -11.38
CA LEU B 345 -0.64 46.38 -12.25
C LEU B 345 -0.96 46.11 -13.72
N TRP B 346 -1.94 45.26 -13.99
CA TRP B 346 -2.29 44.94 -15.38
C TRP B 346 -2.61 46.19 -16.21
N LEU B 347 -3.06 47.27 -15.57
CA LEU B 347 -3.36 48.49 -16.31
C LEU B 347 -2.12 49.04 -16.99
N ASN B 348 -0.95 48.79 -16.43
CA ASN B 348 0.27 49.07 -17.18
C ASN B 348 0.61 47.92 -18.11
N GLU B 349 0.80 46.73 -17.54
CA GLU B 349 1.49 45.69 -18.30
C GLU B 349 0.58 45.01 -19.29
N GLY B 350 -0.69 44.85 -18.95
CA GLY B 350 -1.60 44.29 -19.92
C GLY B 350 -1.71 45.22 -21.11
N PHE B 351 -1.81 46.53 -20.85
CA PHE B 351 -1.83 47.46 -21.96
C PHE B 351 -0.53 47.33 -22.74
N ALA B 352 0.59 47.38 -22.04
CA ALA B 352 1.88 47.28 -22.73
C ALA B 352 1.97 45.95 -23.46
N SER B 353 1.42 44.89 -22.87
CA SER B 353 1.51 43.58 -23.49
C SER B 353 0.67 43.50 -24.75
N TYR B 354 -0.43 44.25 -24.82
CA TYR B 354 -1.25 44.30 -26.03
C TYR B 354 -0.70 45.29 -27.05
N VAL B 355 -0.43 46.52 -26.62
CA VAL B 355 -0.09 47.58 -27.54
C VAL B 355 1.23 47.30 -28.25
N GLU B 356 2.13 46.54 -27.62
CA GLU B 356 3.36 46.14 -28.30
C GLU B 356 3.11 45.53 -29.67
N TYR B 357 2.03 44.75 -29.81
CA TYR B 357 1.79 44.13 -31.11
C TYR B 357 1.36 45.15 -32.13
N LEU B 358 0.64 46.18 -31.70
CA LEU B 358 0.30 47.26 -32.62
C LEU B 358 1.56 47.95 -33.11
N GLY B 359 2.50 48.24 -32.20
CA GLY B 359 3.72 48.90 -32.62
C GLY B 359 4.61 48.04 -33.50
N ALA B 360 4.82 46.77 -33.12
CA ALA B 360 5.68 45.91 -33.92
C ALA B 360 5.07 45.64 -35.28
N ASP B 361 3.75 45.45 -35.35
CA ASP B 361 3.13 45.25 -36.65
C ASP B 361 3.33 46.48 -37.52
N TYR B 362 3.29 47.67 -36.91
CA TYR B 362 3.59 48.88 -37.67
C TYR B 362 5.00 48.83 -38.22
N ALA B 363 5.98 48.50 -37.37
CA ALA B 363 7.37 48.47 -37.82
C ALA B 363 7.63 47.35 -38.82
N GLU B 364 6.95 46.21 -38.65
CA GLU B 364 7.16 45.03 -39.50
C GLU B 364 5.81 44.52 -39.97
N PRO B 365 5.15 45.25 -40.88
CA PRO B 365 3.77 44.92 -41.26
C PRO B 365 3.65 43.60 -41.99
N THR B 366 4.74 43.02 -42.45
CA THR B 366 4.70 41.76 -43.18
C THR B 366 4.79 40.54 -42.28
N TRP B 367 4.98 40.73 -40.98
CA TRP B 367 5.19 39.59 -40.10
C TRP B 367 3.89 38.99 -39.58
N ASN B 368 2.81 39.76 -39.54
CA ASN B 368 1.54 39.27 -39.00
C ASN B 368 1.69 38.81 -37.55
N LEU B 369 2.30 39.67 -36.74
CA LEU B 369 2.65 39.30 -35.37
C LEU B 369 1.42 39.24 -34.48
N LYS B 370 0.44 40.12 -34.72
CA LYS B 370 -0.77 40.13 -33.91
C LYS B 370 -1.35 38.72 -33.71
N ASP B 371 -1.28 37.87 -34.73
CA ASP B 371 -1.77 36.49 -34.60
C ASP B 371 -1.06 35.74 -33.48
N LEU B 372 0.23 35.97 -33.31
CA LEU B 372 1.01 35.20 -32.34
C LEU B 372 0.57 35.53 -30.92
N MET B 373 -0.21 36.60 -30.74
CA MET B 373 -0.76 36.89 -29.44
C MET B 373 -1.51 35.69 -28.88
N VAL B 374 -2.11 34.88 -29.76
CA VAL B 374 -2.85 33.72 -29.26
C VAL B 374 -1.92 32.75 -28.53
N LEU B 375 -0.76 32.44 -29.12
CA LEU B 375 0.16 31.49 -28.50
C LEU B 375 0.94 32.10 -27.34
N ASN B 376 1.48 33.30 -27.54
CA ASN B 376 2.43 33.86 -26.59
C ASN B 376 1.75 34.44 -25.37
N ASP B 377 0.47 34.80 -25.48
CA ASP B 377 -0.27 35.39 -24.36
C ASP B 377 -1.45 34.55 -23.91
N VAL B 378 -2.46 34.35 -24.76
CA VAL B 378 -3.67 33.63 -24.36
C VAL B 378 -3.34 32.26 -23.78
N TYR B 379 -2.73 31.39 -24.60
CA TYR B 379 -2.47 30.03 -24.13
C TYR B 379 -1.35 30.00 -23.10
N ARG B 380 -0.41 30.94 -23.18
CA ARG B 380 0.61 31.04 -22.13
C ARG B 380 -0.06 31.18 -20.76
N VAL B 381 -1.03 32.09 -20.66
CA VAL B 381 -1.60 32.40 -19.35
C VAL B 381 -2.71 31.45 -18.96
N MET B 382 -3.37 30.80 -19.93
CA MET B 382 -4.47 29.93 -19.57
C MET B 382 -3.98 28.76 -18.73
N ALA B 383 -2.70 28.39 -18.89
CA ALA B 383 -2.12 27.34 -18.05
C ALA B 383 -2.24 27.68 -16.58
N VAL B 384 -1.81 28.88 -16.18
CA VAL B 384 -1.84 29.23 -14.77
C VAL B 384 -3.22 29.72 -14.34
N ASP B 385 -3.99 30.31 -15.25
CA ASP B 385 -5.28 30.87 -14.89
C ASP B 385 -6.35 29.81 -14.81
N ALA B 386 -6.01 28.56 -15.14
CA ALA B 386 -6.87 27.41 -14.90
C ALA B 386 -6.58 26.73 -13.57
N LEU B 387 -5.77 27.35 -12.71
CA LEU B 387 -5.52 26.81 -11.38
C LEU B 387 -6.44 27.48 -10.35
N ALA B 388 -6.79 26.72 -9.32
CA ALA B 388 -7.49 27.29 -8.18
C ALA B 388 -6.66 28.32 -7.43
N SER B 389 -5.33 28.24 -7.54
CA SER B 389 -4.42 29.15 -6.88
C SER B 389 -3.96 30.30 -7.79
N SER B 390 -4.73 30.62 -8.83
CA SER B 390 -4.51 31.84 -9.59
C SER B 390 -5.04 33.03 -8.79
N HIS B 391 -5.11 34.19 -9.43
CA HIS B 391 -5.54 35.42 -8.77
C HIS B 391 -6.19 36.30 -9.82
N PRO B 392 -7.07 37.22 -9.42
CA PRO B 392 -7.76 38.05 -10.39
C PRO B 392 -6.80 39.00 -11.08
N LEU B 393 -7.20 39.44 -12.27
CA LEU B 393 -6.47 40.48 -12.98
C LEU B 393 -6.26 41.72 -12.10
N SER B 394 -7.32 42.15 -11.42
CA SER B 394 -7.24 43.25 -10.45
C SER B 394 -7.49 42.68 -9.05
N THR B 395 -6.41 42.45 -8.30
CA THR B 395 -6.54 41.95 -6.95
C THR B 395 -7.01 43.08 -6.03
N PRO B 396 -7.80 42.78 -5.00
CA PRO B 396 -8.16 43.84 -4.05
C PRO B 396 -6.91 44.48 -3.46
N ALA B 397 -6.92 45.82 -3.38
CA ALA B 397 -5.72 46.54 -2.98
C ALA B 397 -5.25 46.16 -1.59
N SER B 398 -6.19 45.87 -0.68
CA SER B 398 -5.84 45.50 0.70
C SER B 398 -5.09 44.18 0.80
N GLU B 399 -5.09 43.36 -0.25
CA GLU B 399 -4.36 42.10 -0.20
C GLU B 399 -2.91 42.22 -0.67
N ILE B 400 -2.53 43.33 -1.28
CA ILE B 400 -1.22 43.50 -1.89
C ILE B 400 -0.49 44.58 -1.08
N ASN B 401 0.42 44.17 -0.23
CA ASN B 401 1.02 45.09 0.72
C ASN B 401 2.53 45.05 0.75
N THR B 402 3.15 43.87 0.71
CA THR B 402 4.59 43.80 0.83
C THR B 402 5.27 43.78 -0.52
N PRO B 403 6.57 44.13 -0.56
CA PRO B 403 7.33 44.07 -1.82
C PRO B 403 7.30 42.70 -2.49
N ALA B 404 7.28 41.62 -1.71
CA ALA B 404 7.25 40.29 -2.31
C ALA B 404 5.95 40.06 -3.07
N GLN B 405 4.81 40.45 -2.49
CA GLN B 405 3.53 40.28 -3.17
C GLN B 405 3.47 41.12 -4.44
N ILE B 406 4.07 42.31 -4.40
CA ILE B 406 4.13 43.17 -5.57
C ILE B 406 4.95 42.51 -6.67
N SER B 407 6.19 42.12 -6.36
CA SER B 407 7.01 41.45 -7.36
C SER B 407 6.38 40.15 -7.83
N GLU B 408 5.53 39.54 -7.00
CA GLU B 408 4.76 38.37 -7.42
C GLU B 408 3.73 38.76 -8.48
N LEU B 409 3.21 39.98 -8.43
CA LEU B 409 2.19 40.35 -9.40
C LEU B 409 2.75 40.62 -10.79
N PHE B 410 4.08 40.73 -10.92
CA PHE B 410 4.72 40.86 -12.24
C PHE B 410 4.81 39.47 -12.87
N ASP B 411 3.65 38.98 -13.30
CA ASP B 411 3.49 37.57 -13.61
C ASP B 411 2.66 37.42 -14.88
N ALA B 412 2.37 36.15 -15.21
CA ALA B 412 1.66 35.86 -16.44
C ALA B 412 0.25 36.43 -16.45
N ILE B 413 -0.37 36.55 -15.28
CA ILE B 413 -1.71 37.14 -15.23
C ILE B 413 -1.68 38.59 -15.70
N SER B 414 -0.86 39.41 -15.04
CA SER B 414 -0.84 40.85 -15.30
C SER B 414 -0.43 41.16 -16.73
N TYR B 415 0.51 40.40 -17.29
CA TYR B 415 0.97 40.66 -18.65
C TYR B 415 0.03 40.02 -19.67
N SER B 416 -0.05 38.68 -19.65
CA SER B 416 -0.69 37.94 -20.73
C SER B 416 -2.21 37.90 -20.61
N LYS B 417 -2.77 37.69 -19.42
CA LYS B 417 -4.23 37.80 -19.34
C LYS B 417 -4.68 39.22 -19.62
N GLY B 418 -3.96 40.21 -19.08
CA GLY B 418 -4.22 41.59 -19.45
C GLY B 418 -4.29 41.78 -20.96
N ALA B 419 -3.26 41.34 -21.67
CA ALA B 419 -3.24 41.46 -23.13
C ALA B 419 -4.40 40.71 -23.77
N SER B 420 -4.71 39.51 -23.28
CA SER B 420 -5.78 38.73 -23.89
C SER B 420 -7.13 39.41 -23.72
N VAL B 421 -7.39 39.94 -22.51
CA VAL B 421 -8.66 40.60 -22.26
C VAL B 421 -8.78 41.87 -23.06
N LEU B 422 -7.67 42.59 -23.25
CA LEU B 422 -7.71 43.77 -24.10
C LEU B 422 -7.89 43.39 -25.57
N ARG B 423 -7.27 42.30 -26.01
CA ARG B 423 -7.51 41.78 -27.35
C ARG B 423 -9.00 41.49 -27.56
N MET B 424 -9.64 40.86 -26.57
CA MET B 424 -11.05 40.52 -26.67
C MET B 424 -11.90 41.78 -26.72
N LEU B 425 -11.58 42.75 -25.84
CA LEU B 425 -12.32 43.99 -25.78
C LEU B 425 -12.22 44.74 -27.10
N SER B 426 -11.00 44.89 -27.63
CA SER B 426 -10.81 45.50 -28.93
C SER B 426 -11.58 44.79 -30.02
N SER B 427 -11.59 43.46 -30.00
CA SER B 427 -12.33 42.71 -31.02
C SER B 427 -13.82 42.99 -31.00
N PHE B 428 -14.46 42.96 -29.81
CA PHE B 428 -15.91 43.16 -29.82
C PHE B 428 -16.32 44.63 -29.90
N LEU B 429 -15.46 45.57 -29.48
CA LEU B 429 -15.75 46.99 -29.64
C LEU B 429 -15.38 47.51 -31.03
N SER B 430 -14.45 46.85 -31.71
CA SER B 430 -13.68 47.38 -32.83
C SER B 430 -12.53 48.23 -32.29
N GLU B 431 -11.38 48.15 -32.97
CA GLU B 431 -10.18 48.82 -32.47
C GLU B 431 -10.35 50.35 -32.46
N ASP B 432 -11.07 50.91 -33.44
CA ASP B 432 -11.24 52.36 -33.52
C ASP B 432 -11.95 52.91 -32.29
N VAL B 433 -13.00 52.23 -31.83
CA VAL B 433 -13.74 52.70 -30.67
C VAL B 433 -12.87 52.55 -29.43
N PHE B 434 -12.19 51.42 -29.33
CA PHE B 434 -11.27 51.17 -28.23
C PHE B 434 -10.26 52.30 -28.11
N LYS B 435 -9.59 52.63 -29.23
CA LYS B 435 -8.53 53.63 -29.18
C LYS B 435 -9.09 55.03 -28.95
N GLN B 436 -10.30 55.33 -29.42
CA GLN B 436 -10.93 56.59 -29.07
C GLN B 436 -11.11 56.71 -27.56
N GLY B 437 -11.62 55.65 -26.93
CA GLY B 437 -11.79 55.66 -25.50
C GLY B 437 -10.47 55.75 -24.75
N LEU B 438 -9.44 55.05 -25.25
CA LEU B 438 -8.13 55.12 -24.61
C LEU B 438 -7.53 56.52 -24.74
N ALA B 439 -7.64 57.13 -25.92
CA ALA B 439 -7.19 58.51 -26.07
C ALA B 439 -7.86 59.43 -25.06
N SER B 440 -9.16 59.23 -24.85
CA SER B 440 -9.89 60.04 -23.87
C SER B 440 -9.36 59.80 -22.47
N TYR B 441 -9.15 58.54 -22.12
CA TYR B 441 -8.55 58.15 -20.85
C TYR B 441 -7.21 58.85 -20.63
N LEU B 442 -6.32 58.77 -21.62
CA LEU B 442 -4.99 59.38 -21.50
C LEU B 442 -5.09 60.89 -21.34
N HIS B 443 -5.97 61.53 -22.11
CA HIS B 443 -6.12 62.98 -21.98
C HIS B 443 -6.58 63.34 -20.58
N THR B 444 -7.59 62.63 -20.06
CA THR B 444 -8.14 62.99 -18.77
C THR B 444 -7.15 62.76 -17.63
N PHE B 445 -6.41 61.64 -17.65
CA PHE B 445 -5.59 61.26 -16.50
C PHE B 445 -4.09 61.48 -16.68
N ALA B 446 -3.67 62.24 -17.69
CA ALA B 446 -2.25 62.57 -17.84
C ALA B 446 -1.66 63.14 -16.55
N TYR B 447 -0.53 62.58 -16.13
CA TYR B 447 0.17 62.99 -14.90
C TYR B 447 -0.60 62.69 -13.63
N GLN B 448 -1.55 61.75 -13.68
CA GLN B 448 -2.36 61.40 -12.52
C GLN B 448 -2.36 59.88 -12.38
N ASN B 449 -3.20 59.33 -11.50
CA ASN B 449 -3.23 57.89 -11.29
C ASN B 449 -4.65 57.37 -11.48
N THR B 450 -4.76 56.12 -11.91
CA THR B 450 -6.05 55.54 -12.25
C THR B 450 -6.25 54.17 -11.61
N ILE B 451 -7.51 53.79 -11.46
CA ILE B 451 -7.93 52.42 -11.25
C ILE B 451 -8.77 51.96 -12.44
N TYR B 452 -9.11 50.67 -12.45
CA TYR B 452 -9.82 50.04 -13.56
C TYR B 452 -11.15 50.72 -13.88
N LEU B 453 -11.84 51.22 -12.85
CA LEU B 453 -13.13 51.87 -13.08
C LEU B 453 -13.00 53.10 -13.96
N ASN B 454 -11.89 53.83 -13.86
CA ASN B 454 -11.68 54.99 -14.73
C ASN B 454 -11.65 54.56 -16.19
N LEU B 455 -11.03 53.42 -16.45
CA LEU B 455 -10.99 52.88 -17.80
C LEU B 455 -12.40 52.55 -18.25
N TRP B 456 -13.17 51.83 -17.42
CA TRP B 456 -14.51 51.48 -17.85
C TRP B 456 -15.33 52.72 -18.17
N ASP B 457 -15.23 53.77 -17.34
CA ASP B 457 -16.01 54.98 -17.56
C ASP B 457 -15.70 55.63 -18.91
N HIS B 458 -14.41 55.72 -19.27
CA HIS B 458 -14.08 56.34 -20.55
C HIS B 458 -14.41 55.45 -21.74
N LEU B 459 -14.25 54.13 -21.59
CA LEU B 459 -14.71 53.25 -22.67
C LEU B 459 -16.22 53.33 -22.84
N GLN B 460 -16.96 53.47 -21.74
CA GLN B 460 -18.41 53.62 -21.88
C GLN B 460 -18.74 54.90 -22.63
N GLU B 461 -18.04 56.00 -22.31
CA GLU B 461 -18.26 57.25 -23.05
C GLU B 461 -18.04 57.04 -24.55
N ALA B 462 -17.00 56.27 -24.90
CA ALA B 462 -16.72 56.00 -26.32
C ALA B 462 -17.80 55.13 -26.94
N VAL B 463 -18.23 54.09 -26.23
CA VAL B 463 -19.30 53.23 -26.73
C VAL B 463 -20.55 54.04 -27.00
N ASN B 464 -20.92 54.92 -26.07
CA ASN B 464 -22.11 55.75 -26.22
C ASN B 464 -21.99 56.70 -27.41
N ASN B 465 -20.81 57.32 -27.58
CA ASN B 465 -20.62 58.19 -28.73
C ASN B 465 -20.76 57.47 -30.07
N ARG B 466 -20.41 56.19 -30.14
CA ARG B 466 -20.43 55.45 -31.40
C ARG B 466 -21.68 54.59 -31.58
N SER B 467 -22.62 54.65 -30.64
CA SER B 467 -23.83 53.83 -30.66
C SER B 467 -23.55 52.33 -30.83
N ILE B 468 -22.48 51.85 -30.21
CA ILE B 468 -22.22 50.42 -30.17
C ILE B 468 -23.22 49.80 -29.20
N GLN B 469 -23.91 48.74 -29.64
CA GLN B 469 -24.89 48.08 -28.78
C GLN B 469 -24.30 46.84 -28.14
N LEU B 470 -24.37 46.77 -26.82
CA LEU B 470 -23.85 45.66 -26.02
C LEU B 470 -24.95 45.16 -25.11
N PRO B 471 -24.81 43.94 -24.57
CA PRO B 471 -25.87 43.41 -23.70
C PRO B 471 -25.98 44.15 -22.36
N THR B 472 -24.95 44.89 -21.97
CA THR B 472 -24.99 45.74 -20.77
C THR B 472 -23.85 46.74 -20.88
N THR B 473 -23.54 47.41 -19.76
CA THR B 473 -22.49 48.43 -19.75
C THR B 473 -21.10 47.78 -19.78
N VAL B 474 -20.12 48.57 -20.23
CA VAL B 474 -18.72 48.15 -20.23
C VAL B 474 -18.27 47.68 -18.86
N ARG B 475 -18.62 48.45 -17.83
CA ARG B 475 -18.26 48.07 -16.45
C ARG B 475 -18.73 46.66 -16.10
N ASP B 476 -20.00 46.36 -16.37
CA ASP B 476 -20.54 45.06 -15.98
C ASP B 476 -19.99 43.91 -16.81
N ILE B 477 -19.68 44.14 -18.08
CA ILE B 477 -19.02 43.09 -18.87
C ILE B 477 -17.61 42.83 -18.36
N MET B 478 -16.81 43.89 -18.23
CA MET B 478 -15.38 43.70 -17.99
C MET B 478 -15.05 43.35 -16.54
N ASN B 479 -15.91 43.72 -15.58
CA ASN B 479 -15.69 43.27 -14.22
C ASN B 479 -15.68 41.75 -14.14
N ARG B 480 -16.44 41.07 -14.99
CA ARG B 480 -16.43 39.60 -14.97
C ARG B 480 -15.05 39.08 -15.32
N TRP B 481 -14.34 39.76 -16.22
CA TRP B 481 -13.03 39.35 -16.65
C TRP B 481 -11.90 39.90 -15.80
N THR B 482 -12.19 40.86 -14.91
CA THR B 482 -11.16 41.60 -14.20
C THR B 482 -11.13 41.33 -12.70
N LEU B 483 -12.28 41.14 -12.06
CA LEU B 483 -12.35 41.02 -10.61
C LEU B 483 -12.37 39.58 -10.12
N GLN B 484 -12.61 38.60 -11.00
CA GLN B 484 -12.52 37.20 -10.64
C GLN B 484 -11.46 36.51 -11.52
N MET B 485 -10.81 35.50 -10.95
CA MET B 485 -9.80 34.78 -11.69
C MET B 485 -10.45 33.89 -12.77
N GLY B 486 -9.61 33.38 -13.66
CA GLY B 486 -10.00 32.29 -14.50
C GLY B 486 -10.74 32.72 -15.75
N PHE B 487 -11.33 31.71 -16.39
CA PHE B 487 -12.05 31.91 -17.65
C PHE B 487 -12.98 30.72 -17.84
N PRO B 488 -13.98 30.85 -18.71
CA PRO B 488 -14.90 29.73 -18.91
C PRO B 488 -14.45 28.80 -20.03
N VAL B 489 -14.87 27.55 -19.88
CA VAL B 489 -15.01 26.65 -21.02
C VAL B 489 -16.46 26.73 -21.45
N ILE B 490 -16.66 26.94 -22.74
CA ILE B 490 -17.97 26.99 -23.36
C ILE B 490 -18.19 25.65 -24.05
N THR B 491 -19.22 24.93 -23.63
CA THR B 491 -19.53 23.62 -24.16
C THR B 491 -20.75 23.75 -25.07
N VAL B 492 -20.60 23.27 -26.30
CA VAL B 492 -21.64 23.39 -27.33
C VAL B 492 -22.28 22.03 -27.54
N ASP B 493 -23.61 21.98 -27.50
CA ASP B 493 -24.36 20.83 -27.97
C ASP B 493 -24.95 21.22 -29.32
N THR B 494 -24.30 20.76 -30.40
CA THR B 494 -24.70 21.09 -31.77
C THR B 494 -25.95 20.35 -32.22
N SER B 495 -26.43 19.37 -31.45
CA SER B 495 -27.69 18.72 -31.78
C SER B 495 -28.84 19.70 -31.64
N THR B 496 -28.79 20.50 -30.58
CA THR B 496 -29.86 21.39 -30.19
C THR B 496 -29.45 22.85 -30.28
N GLY B 497 -28.16 23.14 -30.44
CA GLY B 497 -27.70 24.51 -30.44
C GLY B 497 -27.64 25.12 -29.06
N THR B 498 -27.48 24.29 -28.03
CA THR B 498 -27.35 24.79 -26.66
C THR B 498 -25.89 25.08 -26.30
N LEU B 499 -25.70 26.13 -25.51
CA LEU B 499 -24.40 26.50 -24.98
C LEU B 499 -24.46 26.50 -23.47
N SER B 500 -23.34 26.12 -22.84
CA SER B 500 -23.17 26.33 -21.42
C SER B 500 -21.73 26.72 -21.12
N GLN B 501 -21.53 27.28 -19.93
CA GLN B 501 -20.21 27.73 -19.49
C GLN B 501 -19.89 27.15 -18.12
N GLU B 502 -18.60 26.90 -17.88
CA GLU B 502 -18.15 26.64 -16.52
C GLU B 502 -16.72 27.14 -16.33
N HIS B 503 -16.38 27.46 -15.09
CA HIS B 503 -15.02 27.85 -14.76
C HIS B 503 -14.08 26.72 -15.14
N PHE B 504 -13.11 26.99 -16.02
CA PHE B 504 -12.19 25.96 -16.46
C PHE B 504 -11.10 25.76 -15.43
N LEU B 505 -11.00 24.54 -14.90
CA LEU B 505 -9.99 24.18 -13.93
C LEU B 505 -9.26 22.95 -14.47
N LEU B 506 -7.93 23.03 -14.50
CA LEU B 506 -7.14 21.91 -15.02
C LEU B 506 -7.36 20.66 -14.16
N ASP B 507 -7.54 20.83 -12.85
CA ASP B 507 -7.91 19.73 -11.98
C ASP B 507 -9.35 19.91 -11.55
N PRO B 508 -10.29 19.05 -11.98
CA PRO B 508 -11.66 19.16 -11.49
C PRO B 508 -11.79 19.01 -9.98
N ASP B 509 -10.90 18.25 -9.36
CA ASP B 509 -10.96 18.01 -7.91
C ASP B 509 -10.38 19.14 -7.08
N SER B 510 -9.76 20.15 -7.69
CA SER B 510 -9.09 21.17 -6.89
C SER B 510 -10.12 21.98 -6.11
N ASN B 511 -9.65 22.57 -5.01
CA ASN B 511 -10.52 23.26 -4.05
C ASN B 511 -10.33 24.76 -4.29
N VAL B 512 -11.27 25.36 -5.02
CA VAL B 512 -11.30 26.81 -5.21
C VAL B 512 -11.76 27.47 -3.91
N THR B 513 -10.86 28.21 -3.27
CA THR B 513 -11.14 28.86 -2.01
C THR B 513 -11.37 30.36 -2.09
N ARG B 514 -10.93 31.02 -3.17
CA ARG B 514 -11.16 32.45 -3.35
C ARG B 514 -12.58 32.72 -3.85
N PRO B 515 -13.43 33.36 -3.06
CA PRO B 515 -14.78 33.68 -3.53
C PRO B 515 -14.79 34.74 -4.63
N SER B 516 -15.83 34.67 -5.47
CA SER B 516 -16.13 35.68 -6.48
C SER B 516 -17.54 36.20 -6.24
N GLU B 517 -17.68 37.53 -6.15
CA GLU B 517 -19.02 38.11 -6.12
C GLU B 517 -19.85 37.79 -7.36
N PHE B 518 -19.21 37.31 -8.44
CA PHE B 518 -19.91 36.91 -9.64
C PHE B 518 -20.08 35.41 -9.78
N ASN B 519 -19.63 34.61 -8.80
CA ASN B 519 -19.90 33.18 -8.78
C ASN B 519 -19.21 32.45 -9.93
N TYR B 520 -18.13 33.02 -10.44
CA TYR B 520 -17.41 32.48 -11.61
C TYR B 520 -18.34 32.20 -12.78
N VAL B 521 -19.19 33.18 -13.08
CA VAL B 521 -19.96 33.22 -14.32
C VAL B 521 -19.55 34.49 -15.06
N TRP B 522 -19.36 34.36 -16.37
CA TRP B 522 -18.93 35.48 -17.21
C TRP B 522 -20.02 35.89 -18.20
N ILE B 523 -19.88 37.11 -18.70
CA ILE B 523 -20.58 37.57 -19.90
C ILE B 523 -19.58 37.49 -21.05
N VAL B 524 -19.89 36.65 -22.04
CA VAL B 524 -18.89 36.18 -22.99
C VAL B 524 -19.29 36.57 -24.41
N PRO B 525 -18.46 37.34 -25.14
CA PRO B 525 -18.76 37.56 -26.56
C PRO B 525 -18.30 36.33 -27.34
N ILE B 526 -19.24 35.69 -28.03
CA ILE B 526 -19.00 34.44 -28.75
C ILE B 526 -19.12 34.71 -30.23
N THR B 527 -18.00 34.58 -30.93
CA THR B 527 -17.95 34.53 -32.38
C THR B 527 -17.94 33.07 -32.83
N SER B 528 -18.26 32.86 -34.11
CA SER B 528 -18.35 31.49 -34.59
C SER B 528 -18.29 31.47 -36.12
N ILE B 529 -17.91 30.31 -36.63
CA ILE B 529 -17.92 30.01 -38.06
C ILE B 529 -18.70 28.73 -38.27
N ARG B 530 -19.35 28.63 -39.43
CA ARG B 530 -20.05 27.43 -39.86
C ARG B 530 -19.51 27.00 -41.21
N ASP B 531 -18.88 25.83 -41.25
CA ASP B 531 -18.28 25.31 -42.49
C ASP B 531 -17.39 26.36 -43.14
N GLY B 532 -16.63 27.08 -42.31
CA GLY B 532 -15.69 28.06 -42.80
C GLY B 532 -16.26 29.45 -43.00
N ARG B 533 -17.58 29.62 -42.91
CA ARG B 533 -18.20 30.92 -43.12
C ARG B 533 -18.54 31.55 -41.78
N GLN B 534 -18.09 32.78 -41.57
CA GLN B 534 -18.34 33.48 -40.32
C GLN B 534 -19.83 33.75 -40.13
N GLN B 535 -20.34 33.49 -38.93
CA GLN B 535 -21.74 33.76 -38.63
C GLN B 535 -21.84 35.08 -37.86
N GLN B 536 -23.07 35.49 -37.58
CA GLN B 536 -23.29 36.64 -36.72
C GLN B 536 -22.73 36.41 -35.32
N ASP B 537 -22.22 37.48 -34.73
CA ASP B 537 -21.73 37.43 -33.35
C ASP B 537 -22.88 37.21 -32.39
N TYR B 538 -22.55 36.69 -31.20
CA TYR B 538 -23.52 36.38 -30.17
C TYR B 538 -22.95 36.77 -28.81
N TRP B 539 -23.83 37.14 -27.89
CA TRP B 539 -23.45 37.42 -26.52
C TRP B 539 -24.06 36.35 -25.61
N LEU B 540 -23.21 35.60 -24.93
CA LEU B 540 -23.64 34.65 -23.91
C LEU B 540 -23.69 35.39 -22.58
N ILE B 541 -24.90 35.54 -22.04
CA ILE B 541 -25.11 36.33 -20.83
C ILE B 541 -25.40 35.45 -19.62
N ASP B 542 -25.77 34.19 -19.83
CA ASP B 542 -26.28 33.31 -18.79
C ASP B 542 -25.33 32.14 -18.62
N VAL B 543 -25.60 31.32 -17.60
CA VAL B 543 -24.86 30.08 -17.46
C VAL B 543 -25.15 29.13 -18.62
N ARG B 544 -26.30 29.28 -19.25
CA ARG B 544 -26.70 28.42 -20.36
C ARG B 544 -27.65 29.19 -21.26
N ALA B 545 -27.68 28.81 -22.53
CA ALA B 545 -28.59 29.44 -23.48
C ALA B 545 -28.77 28.53 -24.69
N GLN B 546 -29.69 28.93 -25.56
CA GLN B 546 -29.92 28.25 -26.83
C GLN B 546 -29.98 29.28 -27.94
N ASN B 547 -29.35 28.96 -29.07
CA ASN B 547 -29.47 29.78 -30.27
C ASN B 547 -29.20 28.92 -31.50
N ASP B 548 -30.04 29.10 -32.52
CA ASP B 548 -29.91 28.36 -33.78
C ASP B 548 -28.55 28.59 -34.45
N LEU B 549 -27.82 29.65 -34.10
CA LEU B 549 -26.46 29.83 -34.57
C LEU B 549 -25.57 28.61 -34.30
N PHE B 550 -25.88 27.86 -33.25
CA PHE B 550 -25.01 26.77 -32.80
C PHE B 550 -25.58 25.39 -33.06
N SER B 551 -26.70 25.29 -33.77
CA SER B 551 -27.27 24.01 -34.16
C SER B 551 -26.79 23.63 -35.55
N THR B 552 -26.44 22.35 -35.72
CA THR B 552 -26.03 21.82 -37.01
C THR B 552 -26.83 20.56 -37.34
N SER B 553 -26.84 20.23 -38.63
CA SER B 553 -27.41 18.99 -39.10
C SER B 553 -26.62 18.51 -40.31
N GLY B 554 -26.69 17.20 -40.56
CA GLY B 554 -25.95 16.64 -41.68
C GLY B 554 -24.46 16.74 -41.46
N ASN B 555 -23.75 17.25 -42.47
CA ASN B 555 -22.30 17.30 -42.45
C ASN B 555 -21.75 18.58 -41.83
N GLU B 556 -22.62 19.52 -41.46
CA GLU B 556 -22.16 20.83 -41.05
C GLU B 556 -21.40 20.73 -39.72
N TRP B 557 -20.34 21.52 -39.60
CA TRP B 557 -19.69 21.73 -38.31
C TRP B 557 -19.70 23.22 -37.98
N VAL B 558 -19.58 23.52 -36.70
CA VAL B 558 -19.36 24.87 -36.23
C VAL B 558 -18.10 24.93 -35.38
N LEU B 559 -17.49 26.10 -35.34
CA LEU B 559 -16.40 26.39 -34.41
C LEU B 559 -16.67 27.72 -33.74
N LEU B 560 -16.37 27.81 -32.45
CA LEU B 560 -16.50 29.06 -31.73
C LEU B 560 -15.15 29.75 -31.59
N ASN B 561 -15.20 31.07 -31.40
CA ASN B 561 -14.03 31.87 -31.08
C ASN B 561 -13.14 31.97 -32.30
N LEU B 562 -13.65 32.59 -33.36
CA LEU B 562 -12.87 32.74 -34.59
C LEU B 562 -11.58 33.50 -34.29
N ASN B 563 -10.44 32.91 -34.68
CA ASN B 563 -9.14 33.52 -34.44
C ASN B 563 -8.85 33.74 -32.95
N VAL B 564 -9.56 33.02 -32.08
CA VAL B 564 -9.34 33.07 -30.64
C VAL B 564 -9.21 34.50 -30.15
N THR B 565 -10.21 35.33 -30.47
CA THR B 565 -10.23 36.69 -29.93
C THR B 565 -10.70 36.69 -28.48
N GLY B 566 -11.50 35.71 -28.08
CA GLY B 566 -12.05 35.66 -26.74
C GLY B 566 -11.22 34.82 -25.78
N TYR B 567 -11.20 35.26 -24.52
CA TYR B 567 -10.44 34.60 -23.46
C TYR B 567 -11.27 33.47 -22.84
N TYR B 568 -11.45 32.42 -23.62
CA TYR B 568 -12.22 31.26 -23.16
C TYR B 568 -11.84 30.05 -24.00
N ARG B 569 -12.10 28.86 -23.45
CA ARG B 569 -11.89 27.60 -24.16
C ARG B 569 -13.21 27.05 -24.65
N VAL B 570 -13.16 26.19 -25.65
CA VAL B 570 -14.38 25.66 -26.27
C VAL B 570 -14.32 24.13 -26.32
N ASN B 571 -15.39 23.49 -25.86
CA ASN B 571 -15.61 22.07 -26.01
C ASN B 571 -16.86 21.84 -26.85
N TYR B 572 -16.93 20.68 -27.47
CA TYR B 572 -18.07 20.33 -28.31
C TYR B 572 -18.53 18.92 -27.95
N ASP B 573 -19.74 18.58 -28.41
CA ASP B 573 -20.18 17.19 -28.37
C ASP B 573 -19.27 16.33 -29.23
N GLU B 574 -19.23 15.04 -28.90
CA GLU B 574 -18.29 14.14 -29.59
C GLU B 574 -18.55 14.12 -31.08
N GLU B 575 -19.81 14.28 -31.49
CA GLU B 575 -20.15 14.25 -32.91
C GLU B 575 -19.54 15.43 -33.66
N ASN B 576 -19.64 16.63 -33.10
CA ASN B 576 -18.98 17.78 -33.71
C ASN B 576 -17.47 17.64 -33.72
N TRP B 577 -16.89 17.10 -32.65
CA TRP B 577 -15.45 16.85 -32.64
C TRP B 577 -15.07 15.92 -33.78
N ARG B 578 -15.85 14.85 -33.97
CA ARG B 578 -15.59 13.90 -35.04
C ARG B 578 -15.68 14.58 -36.40
N LYS B 579 -16.71 15.40 -36.60
CA LYS B 579 -16.84 16.15 -37.85
C LYS B 579 -15.62 17.04 -38.07
N ILE B 580 -15.11 17.65 -37.01
CA ILE B 580 -13.95 18.52 -37.13
C ILE B 580 -12.72 17.71 -37.54
N GLN B 581 -12.51 16.56 -36.92
CA GLN B 581 -11.38 15.71 -37.30
C GLN B 581 -11.50 15.28 -38.76
N THR B 582 -12.73 14.97 -39.20
CA THR B 582 -12.95 14.64 -40.59
C THR B 582 -12.61 15.81 -41.50
N GLN B 583 -13.01 17.02 -41.11
CA GLN B 583 -12.64 18.21 -41.89
C GLN B 583 -11.13 18.39 -41.96
N LEU B 584 -10.44 18.14 -40.85
CA LEU B 584 -8.99 18.31 -40.85
C LEU B 584 -8.31 17.30 -41.78
N GLN B 585 -8.84 16.07 -41.81
CA GLN B 585 -8.31 15.02 -42.70
C GLN B 585 -8.66 15.30 -44.15
N ARG B 586 -9.87 15.77 -44.41
CA ARG B 586 -10.31 16.03 -45.77
C ARG B 586 -9.51 17.20 -46.34
N ASP B 587 -9.52 18.33 -45.65
CA ASP B 587 -8.82 19.53 -46.10
C ASP B 587 -8.66 20.45 -44.89
N HIS B 588 -7.54 20.30 -44.18
CA HIS B 588 -7.36 21.05 -42.94
C HIS B 588 -7.28 22.56 -43.17
N SER B 589 -6.91 22.99 -44.37
CA SER B 589 -6.84 24.42 -44.69
C SER B 589 -8.20 25.11 -44.61
N ALA B 590 -9.31 24.37 -44.62
CA ALA B 590 -10.63 24.97 -44.51
C ALA B 590 -10.90 25.61 -43.16
N ILE B 591 -10.12 25.31 -42.14
CA ILE B 591 -10.27 25.90 -40.80
C ILE B 591 -9.15 26.92 -40.62
N PRO B 592 -9.44 28.14 -40.17
CA PRO B 592 -8.37 29.12 -39.97
C PRO B 592 -7.26 28.55 -39.09
N VAL B 593 -6.01 28.86 -39.45
CA VAL B 593 -4.84 28.32 -38.77
C VAL B 593 -4.97 28.52 -37.26
N ILE B 594 -5.40 29.71 -36.85
CA ILE B 594 -5.52 29.99 -35.43
C ILE B 594 -6.55 29.07 -34.79
N ASN B 595 -7.63 28.77 -35.51
CA ASN B 595 -8.63 27.85 -34.98
C ASN B 595 -8.14 26.41 -34.98
N ARG B 596 -7.18 26.05 -35.83
CA ARG B 596 -6.56 24.73 -35.75
C ARG B 596 -5.70 24.63 -34.49
N ALA B 597 -4.86 25.63 -34.26
CA ALA B 597 -4.15 25.72 -32.98
C ALA B 597 -5.13 25.59 -31.82
N GLN B 598 -6.25 26.32 -31.90
CA GLN B 598 -7.29 26.23 -30.88
C GLN B 598 -7.75 24.79 -30.69
N ILE B 599 -8.10 24.12 -31.78
CA ILE B 599 -8.61 22.76 -31.67
C ILE B 599 -7.62 21.87 -30.93
N ILE B 600 -6.34 22.00 -31.26
CA ILE B 600 -5.32 21.17 -30.61
C ILE B 600 -5.18 21.53 -29.14
N ASN B 601 -4.93 22.81 -28.84
CA ASN B 601 -4.67 23.20 -27.46
C ASN B 601 -5.88 22.95 -26.58
N ASP B 602 -7.05 23.42 -27.00
CA ASP B 602 -8.28 23.14 -26.26
C ASP B 602 -8.47 21.66 -26.02
N ALA B 603 -8.35 20.82 -27.06
CA ALA B 603 -8.62 19.40 -26.85
C ALA B 603 -7.64 18.80 -25.85
N PHE B 604 -6.35 19.15 -25.94
CA PHE B 604 -5.39 18.63 -24.96
C PHE B 604 -5.69 19.08 -23.55
N ASN B 605 -6.06 20.36 -23.37
CA ASN B 605 -6.38 20.85 -22.04
C ASN B 605 -7.67 20.25 -21.49
N LEU B 606 -8.70 20.14 -22.34
CA LEU B 606 -9.92 19.48 -21.91
C LEU B 606 -9.63 18.05 -21.49
N ALA B 607 -8.73 17.37 -22.21
CA ALA B 607 -8.38 16.01 -21.86
C ALA B 607 -7.72 15.98 -20.49
N SER B 608 -6.81 16.93 -20.24
CA SER B 608 -6.21 17.06 -18.92
C SER B 608 -7.28 17.23 -17.84
N ALA B 609 -8.32 18.01 -18.12
CA ALA B 609 -9.39 18.25 -17.16
C ALA B 609 -10.43 17.13 -17.14
N HIS B 610 -10.19 16.03 -17.86
CA HIS B 610 -11.08 14.88 -17.90
C HIS B 610 -12.42 15.21 -18.54
N LYS B 611 -12.45 16.20 -19.43
CA LYS B 611 -13.66 16.59 -20.14
C LYS B 611 -13.75 15.99 -21.54
N VAL B 612 -12.64 15.52 -22.09
CA VAL B 612 -12.65 14.71 -23.31
C VAL B 612 -11.63 13.59 -23.16
N PRO B 613 -11.81 12.50 -23.89
CA PRO B 613 -10.78 11.46 -23.90
C PRO B 613 -9.47 11.98 -24.44
N VAL B 614 -8.37 11.50 -23.87
CA VAL B 614 -7.05 11.90 -24.35
C VAL B 614 -6.90 11.53 -25.81
N THR B 615 -7.56 10.46 -26.24
CA THR B 615 -7.43 10.02 -27.61
C THR B 615 -8.05 11.01 -28.58
N LEU B 616 -9.01 11.82 -28.13
CA LEU B 616 -9.58 12.83 -29.02
C LEU B 616 -8.56 13.91 -29.30
N ALA B 617 -7.87 14.37 -28.25
CA ALA B 617 -6.82 15.37 -28.41
C ALA B 617 -5.69 14.83 -29.26
N LEU B 618 -5.29 13.58 -29.02
CA LEU B 618 -4.23 13.00 -29.83
C LEU B 618 -4.68 12.85 -31.28
N ASN B 619 -5.92 12.42 -31.50
CA ASN B 619 -6.47 12.32 -32.85
C ASN B 619 -6.44 13.66 -33.56
N ASN B 620 -6.61 14.75 -32.81
CA ASN B 620 -6.55 16.07 -33.43
C ASN B 620 -5.16 16.40 -33.95
N THR B 621 -4.14 15.65 -33.55
CA THR B 621 -2.78 15.83 -34.07
C THR B 621 -2.50 14.97 -35.29
N LEU B 622 -3.43 14.09 -35.66
CA LEU B 622 -3.16 13.15 -36.74
C LEU B 622 -2.91 13.88 -38.06
N PHE B 623 -3.64 14.98 -38.29
CA PHE B 623 -3.54 15.72 -39.54
C PHE B 623 -2.22 16.47 -39.69
N LEU B 624 -1.45 16.60 -38.61
CA LEU B 624 -0.20 17.35 -38.64
C LEU B 624 0.83 16.76 -39.59
N ILE B 625 0.70 15.48 -39.94
CA ILE B 625 1.62 14.88 -40.89
C ILE B 625 1.65 15.63 -42.22
N GLU B 626 0.59 16.37 -42.53
CA GLU B 626 0.58 17.18 -43.74
C GLU B 626 0.34 18.66 -43.44
N GLU B 627 0.46 19.09 -42.18
CA GLU B 627 0.38 20.50 -41.83
C GLU B 627 1.76 21.13 -41.97
N ARG B 628 1.83 22.22 -42.74
CA ARG B 628 3.06 22.97 -42.91
C ARG B 628 3.08 24.30 -42.17
N GLN B 629 1.94 24.78 -41.67
CA GLN B 629 1.92 26.07 -40.99
C GLN B 629 2.61 25.98 -39.63
N TYR B 630 3.30 27.06 -39.26
CA TYR B 630 3.95 27.15 -37.97
C TYR B 630 3.00 26.94 -36.80
N MET B 631 1.90 27.68 -36.79
CA MET B 631 1.12 27.83 -35.57
C MET B 631 0.48 26.53 -35.09
N PRO B 632 -0.12 25.72 -35.96
CA PRO B 632 -0.73 24.49 -35.44
C PRO B 632 0.29 23.51 -34.91
N TRP B 633 1.45 23.42 -35.57
CA TRP B 633 2.55 22.60 -35.04
C TRP B 633 3.00 23.09 -33.68
N GLU B 634 3.24 24.40 -33.56
CA GLU B 634 3.64 24.94 -32.26
C GLU B 634 2.62 24.65 -31.18
N ALA B 635 1.33 24.80 -31.48
CA ALA B 635 0.31 24.47 -30.49
C ALA B 635 0.38 23.00 -30.09
N ALA B 636 0.57 22.11 -31.07
CA ALA B 636 0.70 20.69 -30.76
C ALA B 636 1.93 20.42 -29.90
N LEU B 637 3.08 20.98 -30.28
CA LEU B 637 4.32 20.73 -29.56
C LEU B 637 4.22 21.28 -28.14
N SER B 638 3.62 22.47 -27.97
CA SER B 638 3.48 23.03 -26.64
C SER B 638 2.58 22.16 -25.77
N SER B 639 1.47 21.67 -26.33
CA SER B 639 0.59 20.79 -25.57
C SER B 639 1.30 19.49 -25.21
N LEU B 640 2.03 18.92 -26.16
CA LEU B 640 2.78 17.68 -25.95
C LEU B 640 3.97 17.85 -25.02
N SER B 641 4.41 19.09 -24.79
CA SER B 641 5.43 19.33 -23.77
C SER B 641 5.03 18.72 -22.43
N TYR B 642 3.73 18.81 -22.08
CA TYR B 642 3.28 18.17 -20.85
C TYR B 642 3.49 16.66 -20.91
N PHE B 643 3.19 16.05 -22.06
CA PHE B 643 3.40 14.62 -22.21
C PHE B 643 4.87 14.27 -22.07
N LYS B 644 5.74 15.12 -22.61
CA LYS B 644 7.18 14.91 -22.49
C LYS B 644 7.62 14.98 -21.03
N LEU B 645 7.15 16.01 -20.31
CA LEU B 645 7.50 16.15 -18.91
C LEU B 645 7.01 14.97 -18.09
N MET B 646 5.83 14.44 -18.43
CA MET B 646 5.26 13.33 -17.68
C MET B 646 5.90 11.98 -18.01
N PHE B 647 6.31 11.78 -19.27
CA PHE B 647 6.67 10.45 -19.75
C PHE B 647 8.13 10.29 -20.15
N ASP B 648 8.94 11.34 -20.12
CA ASP B 648 10.29 11.19 -20.65
C ASP B 648 11.21 10.41 -19.72
N ARG B 649 10.70 9.91 -18.59
CA ARG B 649 11.41 8.94 -17.76
C ARG B 649 10.65 7.62 -17.66
N SER B 650 9.90 7.26 -18.70
CA SER B 650 9.03 6.09 -18.66
C SER B 650 9.04 5.37 -20.00
N GLU B 651 8.52 4.15 -19.99
CA GLU B 651 8.36 3.34 -21.20
C GLU B 651 7.57 4.05 -22.30
N VAL B 652 6.80 5.09 -21.97
CA VAL B 652 5.97 5.76 -22.97
C VAL B 652 6.78 6.62 -23.93
N TYR B 653 7.99 7.01 -23.53
CA TYR B 653 8.74 8.00 -24.31
C TYR B 653 9.15 7.47 -25.67
N GLY B 654 9.60 6.22 -25.74
CA GLY B 654 9.92 5.62 -27.02
C GLY B 654 8.79 5.72 -28.02
N PRO B 655 7.61 5.19 -27.67
CA PRO B 655 6.46 5.30 -28.58
C PRO B 655 6.07 6.74 -28.91
N MET B 656 6.09 7.63 -27.92
CA MET B 656 5.83 9.05 -28.19
C MET B 656 6.78 9.62 -29.22
N LYS B 657 8.09 9.38 -29.04
CA LYS B 657 9.07 9.82 -30.02
C LYS B 657 8.84 9.20 -31.38
N ASN B 658 8.53 7.91 -31.44
CA ASN B 658 8.22 7.28 -32.72
C ASN B 658 7.08 7.98 -33.42
N TYR B 659 6.02 8.33 -32.67
CA TYR B 659 4.89 9.04 -33.25
C TYR B 659 5.29 10.41 -33.80
N LEU B 660 5.97 11.22 -32.99
CA LEU B 660 6.40 12.54 -33.46
C LEU B 660 7.36 12.43 -34.64
N LYS B 661 8.25 11.45 -34.63
CA LYS B 661 9.13 11.19 -35.77
C LYS B 661 8.33 10.95 -37.04
N LYS B 662 7.32 10.07 -36.96
CA LYS B 662 6.48 9.80 -38.12
C LYS B 662 5.78 11.07 -38.58
N GLN B 663 5.18 11.81 -37.63
CA GLN B 663 4.39 12.97 -38.01
C GLN B 663 5.24 14.10 -38.59
N VAL B 664 6.50 14.23 -38.17
CA VAL B 664 7.30 15.37 -38.58
C VAL B 664 8.22 15.07 -39.76
N THR B 665 8.47 13.79 -40.07
CA THR B 665 9.47 13.48 -41.09
C THR B 665 9.14 14.12 -42.44
N PRO B 666 7.90 14.03 -42.94
CA PRO B 666 7.61 14.64 -44.25
C PRO B 666 7.86 16.14 -44.29
N LEU B 667 7.50 16.86 -43.22
CA LEU B 667 7.78 18.28 -43.15
C LEU B 667 9.28 18.54 -43.22
N PHE B 668 10.07 17.75 -42.48
CA PHE B 668 11.52 17.89 -42.52
C PHE B 668 12.04 17.72 -43.94
N ILE B 669 11.59 16.68 -44.65
CA ILE B 669 12.03 16.48 -46.03
C ILE B 669 11.59 17.63 -46.92
N HIS B 670 10.37 18.15 -46.70
CA HIS B 670 9.89 19.29 -47.46
C HIS B 670 10.82 20.48 -47.31
N PHE B 671 11.21 20.80 -46.07
CA PHE B 671 12.11 21.92 -45.86
C PHE B 671 13.49 21.64 -46.44
N ARG B 672 14.00 20.42 -46.29
CA ARG B 672 15.28 20.08 -46.90
C ARG B 672 15.28 20.39 -48.39
N ASN B 673 14.20 20.03 -49.09
CA ASN B 673 14.13 20.31 -50.52
C ASN B 673 13.93 21.81 -50.79
N ASN B 674 12.97 22.42 -50.08
CA ASN B 674 12.63 23.82 -50.33
C ASN B 674 13.77 24.78 -49.99
N THR B 675 14.65 24.39 -49.07
CA THR B 675 15.73 25.26 -48.65
C THR B 675 17.03 25.01 -49.41
N ASN B 676 16.97 24.19 -50.46
CA ASN B 676 18.16 23.78 -51.21
C ASN B 676 19.22 23.21 -50.26
N ASN B 677 18.86 22.11 -49.62
CA ASN B 677 19.67 21.48 -48.58
C ASN B 677 20.18 22.50 -47.56
N TRP B 678 19.26 23.25 -46.97
CA TRP B 678 19.54 24.17 -45.87
C TRP B 678 20.40 25.37 -46.26
N ARG B 679 20.58 25.64 -47.55
CA ARG B 679 21.35 26.82 -47.94
C ARG B 679 20.58 28.11 -47.72
N GLU B 680 19.25 28.07 -47.82
CA GLU B 680 18.43 29.27 -47.69
C GLU B 680 17.41 29.07 -46.58
N ILE B 681 16.77 30.18 -46.21
CA ILE B 681 15.64 30.15 -45.28
C ILE B 681 14.40 30.74 -45.95
N PRO B 682 13.21 30.32 -45.55
CA PRO B 682 11.99 30.85 -46.17
C PRO B 682 11.89 32.38 -46.03
N GLU B 683 11.16 32.98 -46.97
CA GLU B 683 10.98 34.43 -46.95
C GLU B 683 10.05 34.84 -45.80
N ASN B 684 8.94 34.12 -45.64
CA ASN B 684 7.95 34.48 -44.64
C ASN B 684 8.42 34.07 -43.25
N LEU B 685 8.24 34.99 -42.29
CA LEU B 685 8.69 34.75 -40.92
C LEU B 685 8.08 33.47 -40.34
N MET B 686 6.77 33.27 -40.54
CA MET B 686 6.12 32.11 -39.96
C MET B 686 6.69 30.82 -40.53
N ASP B 687 7.01 30.81 -41.83
CA ASP B 687 7.63 29.64 -42.44
C ASP B 687 9.03 29.37 -41.88
N GLN B 688 9.79 30.43 -41.60
CA GLN B 688 11.08 30.29 -40.92
C GLN B 688 10.93 29.63 -39.55
N TYR B 689 9.93 30.06 -38.77
CA TYR B 689 9.70 29.45 -37.48
C TYR B 689 9.26 28.00 -37.63
N SER B 690 8.43 27.71 -38.64
CA SER B 690 8.02 26.33 -38.91
C SER B 690 9.23 25.46 -39.21
N GLU B 691 10.17 25.98 -40.00
CA GLU B 691 11.39 25.23 -40.32
C GLU B 691 12.18 24.92 -39.06
N VAL B 692 12.36 25.93 -38.20
CA VAL B 692 13.11 25.69 -36.98
C VAL B 692 12.43 24.62 -36.12
N ASN B 693 11.11 24.69 -35.98
CA ASN B 693 10.41 23.67 -35.21
C ASN B 693 10.49 22.29 -35.85
N ALA B 694 10.40 22.22 -37.18
CA ALA B 694 10.53 20.93 -37.86
C ALA B 694 11.89 20.30 -37.61
N ILE B 695 12.96 21.08 -37.69
CA ILE B 695 14.29 20.54 -37.42
C ILE B 695 14.41 20.10 -35.96
N SER B 696 14.02 20.97 -35.03
CA SER B 696 14.11 20.63 -33.61
C SER B 696 13.34 19.34 -33.31
N THR B 697 12.14 19.20 -33.88
CA THR B 697 11.33 18.01 -33.62
C THR B 697 11.96 16.77 -34.25
N ALA B 698 12.44 16.88 -35.49
CA ALA B 698 13.04 15.72 -36.15
C ALA B 698 14.25 15.23 -35.36
N CYS B 699 15.11 16.15 -34.93
CA CYS B 699 16.32 15.75 -34.22
C CYS B 699 15.99 15.22 -32.84
N SER B 700 15.09 15.88 -32.11
CA SER B 700 14.73 15.44 -30.78
C SER B 700 14.09 14.04 -30.80
N ASN B 701 13.44 13.66 -31.89
CA ASN B 701 12.72 12.41 -31.97
C ASN B 701 13.41 11.36 -32.83
N GLY B 702 14.64 11.61 -33.26
CA GLY B 702 15.48 10.57 -33.83
C GLY B 702 15.45 10.43 -35.34
N VAL B 703 15.10 11.47 -36.08
CA VAL B 703 15.19 11.44 -37.54
C VAL B 703 16.66 11.41 -37.93
N PRO B 704 17.16 10.33 -38.55
CA PRO B 704 18.62 10.25 -38.78
C PRO B 704 19.17 11.36 -39.65
N GLU B 705 18.40 11.81 -40.66
CA GLU B 705 18.88 12.89 -41.51
C GLU B 705 19.11 14.16 -40.72
N CYS B 706 18.31 14.39 -39.68
CA CYS B 706 18.50 15.57 -38.85
C CYS B 706 19.77 15.45 -38.00
N GLU B 707 19.96 14.30 -37.35
CA GLU B 707 21.18 14.13 -36.57
C GLU B 707 22.42 14.33 -37.43
N GLU B 708 22.40 13.75 -38.64
CA GLU B 708 23.52 13.91 -39.56
C GLU B 708 23.72 15.38 -39.95
N MET B 709 22.64 16.07 -40.29
CA MET B 709 22.74 17.47 -40.69
C MET B 709 23.35 18.32 -39.58
N VAL B 710 22.85 18.18 -38.35
CA VAL B 710 23.32 19.06 -37.29
C VAL B 710 24.75 18.73 -36.89
N SER B 711 25.10 17.43 -36.83
CA SER B 711 26.47 17.09 -36.48
C SER B 711 27.44 17.56 -37.56
N GLY B 712 27.06 17.42 -38.83
CA GLY B 712 27.92 17.88 -39.91
C GLY B 712 28.14 19.38 -39.83
N LEU B 713 27.07 20.14 -39.64
CA LEU B 713 27.22 21.59 -39.57
C LEU B 713 28.07 22.00 -38.37
N PHE B 714 27.85 21.39 -37.21
CA PHE B 714 28.64 21.77 -36.05
C PHE B 714 30.11 21.42 -36.23
N LYS B 715 30.41 20.24 -36.81
CA LYS B 715 31.80 19.91 -37.08
C LYS B 715 32.43 20.90 -38.07
N GLN B 716 31.67 21.31 -39.09
CA GLN B 716 32.19 22.27 -40.06
C GLN B 716 32.50 23.60 -39.39
N TRP B 717 31.63 24.03 -38.47
CA TRP B 717 31.92 25.21 -37.68
C TRP B 717 33.19 25.01 -36.86
N MET B 718 33.32 23.86 -36.22
CA MET B 718 34.54 23.57 -35.46
C MET B 718 35.76 23.68 -36.34
N GLU B 719 35.63 23.27 -37.61
CA GLU B 719 36.73 23.35 -38.57
C GLU B 719 36.96 24.77 -39.08
N ASN B 720 36.01 25.68 -38.90
CA ASN B 720 36.12 27.05 -39.37
C ASN B 720 35.47 27.99 -38.37
N PRO B 721 36.03 28.08 -37.16
CA PRO B 721 35.31 28.78 -36.07
C PRO B 721 34.91 30.20 -36.40
N ASN B 722 35.70 30.93 -37.19
CA ASN B 722 35.40 32.32 -37.51
C ASN B 722 34.42 32.48 -38.66
N ASN B 723 33.98 31.37 -39.29
CA ASN B 723 32.98 31.40 -40.38
C ASN B 723 31.85 30.45 -40.00
N ASN B 724 31.03 30.87 -39.06
CA ASN B 724 29.94 30.04 -38.61
C ASN B 724 29.04 29.74 -39.80
N PRO B 725 28.92 28.48 -40.24
CA PRO B 725 28.10 28.17 -41.41
C PRO B 725 26.63 27.93 -41.11
N ILE B 726 26.22 28.09 -39.85
CA ILE B 726 24.88 27.76 -39.42
C ILE B 726 24.10 29.06 -39.42
N HIS B 727 23.00 29.08 -40.15
CA HIS B 727 22.15 30.25 -40.16
C HIS B 727 21.71 30.56 -38.72
N PRO B 728 21.72 31.84 -38.31
CA PRO B 728 21.28 32.17 -36.94
C PRO B 728 20.00 31.48 -36.50
N ASN B 729 19.03 31.37 -37.40
CA ASN B 729 17.77 30.72 -37.05
C ASN B 729 17.97 29.28 -36.61
N LEU B 730 18.99 28.61 -37.15
CA LEU B 730 19.23 27.21 -36.89
C LEU B 730 20.23 26.97 -35.76
N ARG B 731 20.91 28.00 -35.29
CA ARG B 731 22.01 27.81 -34.34
C ARG B 731 21.54 27.18 -33.03
N SER B 732 20.44 27.65 -32.45
CA SER B 732 20.01 27.06 -31.18
C SER B 732 19.87 25.54 -31.30
N THR B 733 19.19 25.09 -32.36
CA THR B 733 18.88 23.67 -32.44
C THR B 733 20.10 22.87 -32.86
N VAL B 734 20.92 23.41 -33.77
CA VAL B 734 22.14 22.72 -34.16
C VAL B 734 23.10 22.60 -32.99
N TYR B 735 23.33 23.71 -32.27
CA TYR B 735 24.21 23.66 -31.11
C TYR B 735 23.73 22.66 -30.08
N CYS B 736 22.45 22.72 -29.72
CA CYS B 736 21.95 21.83 -28.67
C CYS B 736 22.09 20.38 -29.09
N ASN B 737 21.63 20.03 -30.30
CA ASN B 737 21.64 18.62 -30.67
C ASN B 737 23.05 18.12 -30.99
N ALA B 738 23.93 18.98 -31.51
CA ALA B 738 25.32 18.59 -31.71
C ALA B 738 26.04 18.35 -30.39
N ILE B 739 25.77 19.18 -29.38
CA ILE B 739 26.37 18.94 -28.07
C ILE B 739 25.82 17.65 -27.47
N ALA B 740 24.50 17.43 -27.61
CA ALA B 740 23.91 16.21 -27.07
C ALA B 740 24.46 14.97 -27.77
N GLN B 741 24.67 15.04 -29.07
CA GLN B 741 25.18 13.92 -29.84
C GLN B 741 26.69 13.73 -29.67
N GLY B 742 27.40 14.77 -29.28
CA GLY B 742 28.85 14.75 -29.17
C GLY B 742 29.31 14.49 -27.76
N GLY B 743 30.51 14.98 -27.44
CA GLY B 743 31.09 14.76 -26.13
C GLY B 743 31.87 15.95 -25.60
N GLU B 744 32.86 15.68 -24.76
CA GLU B 744 33.59 16.75 -24.09
C GLU B 744 34.20 17.74 -25.09
N GLU B 745 34.68 17.27 -26.24
CA GLU B 745 35.31 18.16 -27.20
C GLU B 745 34.33 19.18 -27.77
N GLU B 746 33.14 18.74 -28.18
CA GLU B 746 32.11 19.69 -28.63
C GLU B 746 31.72 20.62 -27.51
N TRP B 747 31.53 20.09 -26.30
CA TRP B 747 31.11 20.92 -25.18
C TRP B 747 32.14 22.00 -24.88
N ASP B 748 33.41 21.61 -24.82
CA ASP B 748 34.48 22.56 -24.50
C ASP B 748 34.60 23.61 -25.59
N PHE B 749 34.43 23.21 -26.85
CA PHE B 749 34.44 24.17 -27.94
C PHE B 749 33.34 25.20 -27.75
N ALA B 750 32.11 24.73 -27.47
CA ALA B 750 30.98 25.64 -27.31
C ALA B 750 31.18 26.55 -26.10
N TRP B 751 31.75 26.01 -25.02
CA TRP B 751 32.04 26.81 -23.83
C TRP B 751 33.05 27.91 -24.13
N GLU B 752 34.09 27.60 -24.90
CA GLU B 752 35.06 28.63 -25.25
C GLU B 752 34.45 29.68 -26.16
N GLN B 753 33.61 29.26 -27.12
CA GLN B 753 32.86 30.24 -27.91
C GLN B 753 32.01 31.14 -27.01
N PHE B 754 31.36 30.57 -26.01
CA PHE B 754 30.57 31.38 -25.07
C PHE B 754 31.44 32.40 -24.34
N ARG B 755 32.54 31.95 -23.73
CA ARG B 755 33.36 32.86 -22.93
C ARG B 755 33.94 33.98 -23.79
N ASN B 756 34.23 33.70 -25.05
CA ASN B 756 34.85 34.67 -25.95
C ASN B 756 33.81 35.41 -26.77
N ALA B 757 32.52 35.18 -26.51
CA ALA B 757 31.47 35.72 -27.35
C ALA B 757 31.51 37.24 -27.33
N THR B 758 31.12 37.83 -28.46
CA THR B 758 31.03 39.27 -28.61
C THR B 758 29.60 39.77 -28.73
N LEU B 759 28.68 38.92 -29.19
CA LEU B 759 27.27 39.26 -29.33
C LEU B 759 26.46 38.42 -28.35
N VAL B 760 25.54 39.07 -27.64
CA VAL B 760 24.84 38.41 -26.55
C VAL B 760 23.85 37.38 -27.06
N ASN B 761 23.33 37.54 -28.27
CA ASN B 761 22.42 36.55 -28.82
C ASN B 761 23.13 35.20 -28.97
N GLU B 762 24.31 35.22 -29.59
CA GLU B 762 25.09 34.00 -29.73
C GLU B 762 25.46 33.42 -28.37
N ALA B 763 25.86 34.28 -27.42
CA ALA B 763 26.17 33.78 -26.10
C ALA B 763 24.97 33.07 -25.50
N ASP B 764 23.77 33.65 -25.65
CA ASP B 764 22.59 33.05 -25.05
C ASP B 764 22.33 31.68 -25.67
N LYS B 765 22.48 31.58 -26.99
CA LYS B 765 22.24 30.31 -27.67
C LYS B 765 23.23 29.25 -27.24
N LEU B 766 24.51 29.61 -27.15
CA LEU B 766 25.52 28.65 -26.70
C LEU B 766 25.25 28.23 -25.27
N ARG B 767 24.91 29.20 -24.41
CA ARG B 767 24.70 28.91 -23.00
C ARG B 767 23.54 27.93 -22.81
N ALA B 768 22.45 28.12 -23.57
CA ALA B 768 21.38 27.14 -23.54
C ALA B 768 21.84 25.78 -24.09
N ALA B 769 22.55 25.80 -25.22
CA ALA B 769 22.96 24.56 -25.87
C ALA B 769 23.84 23.70 -24.99
N LEU B 770 24.68 24.33 -24.15
CA LEU B 770 25.61 23.58 -23.32
C LEU B 770 24.90 22.70 -22.30
N ALA B 771 23.65 23.02 -21.95
CA ALA B 771 22.88 22.18 -21.03
C ALA B 771 22.35 20.92 -21.70
N CYS B 772 22.55 20.75 -23.01
CA CYS B 772 22.04 19.58 -23.73
C CYS B 772 22.98 18.39 -23.69
N SER B 773 24.14 18.48 -23.04
CA SER B 773 25.02 17.33 -22.94
C SER B 773 24.27 16.20 -22.27
N LYS B 774 24.43 14.98 -22.80
CA LYS B 774 23.89 13.81 -22.13
C LYS B 774 24.79 13.23 -21.04
N GLU B 775 25.96 13.80 -20.79
CA GLU B 775 26.90 13.21 -19.84
C GLU B 775 26.71 13.94 -18.51
N LEU B 776 26.36 13.17 -17.47
CA LEU B 776 26.08 13.74 -16.16
C LEU B 776 27.25 14.56 -15.62
N TRP B 777 28.48 14.08 -15.77
CA TRP B 777 29.63 14.80 -15.21
C TRP B 777 29.79 16.18 -15.85
N ILE B 778 29.46 16.30 -17.13
CA ILE B 778 29.56 17.58 -17.83
C ILE B 778 28.48 18.53 -17.31
N LEU B 779 27.27 18.02 -17.10
CA LEU B 779 26.19 18.82 -16.53
C LEU B 779 26.54 19.28 -15.12
N ASN B 780 27.16 18.43 -14.32
CA ASN B 780 27.56 18.82 -12.97
C ASN B 780 28.58 19.95 -13.03
N ARG B 781 29.60 19.79 -13.87
CA ARG B 781 30.59 20.86 -14.04
C ARG B 781 29.93 22.17 -14.47
N TYR B 782 29.00 22.09 -15.43
CA TYR B 782 28.34 23.30 -15.89
C TYR B 782 27.51 23.95 -14.78
N LEU B 783 26.74 23.14 -14.04
CA LEU B 783 26.06 23.62 -12.85
C LEU B 783 27.01 24.36 -11.92
N SER B 784 28.21 23.82 -11.73
CA SER B 784 29.18 24.52 -10.87
C SER B 784 29.59 25.85 -11.47
N TYR B 785 29.58 25.95 -12.81
CA TYR B 785 29.91 27.22 -13.45
C TYR B 785 28.80 28.25 -13.29
N THR B 786 27.54 27.82 -13.22
CA THR B 786 26.42 28.79 -13.20
C THR B 786 26.49 29.74 -11.99
N LEU B 787 27.16 29.32 -10.93
CA LEU B 787 27.21 30.07 -9.66
C LEU B 787 28.42 30.99 -9.56
N ASN B 788 29.32 30.98 -10.53
CA ASN B 788 30.52 31.80 -10.48
C ASN B 788 30.34 33.03 -11.36
N PRO B 789 30.15 34.23 -10.79
CA PRO B 789 29.85 35.41 -11.61
C PRO B 789 30.99 35.82 -12.54
N ASP B 790 32.20 35.28 -12.35
CA ASP B 790 33.27 35.49 -13.31
C ASP B 790 33.10 34.65 -14.55
N LEU B 791 32.25 33.62 -14.50
CA LEU B 791 32.05 32.71 -15.62
C LEU B 791 30.70 32.94 -16.30
N ILE B 792 29.62 32.98 -15.52
CA ILE B 792 28.29 33.29 -16.02
C ILE B 792 27.76 34.50 -15.26
N ARG B 793 27.38 35.54 -16.00
CA ARG B 793 26.83 36.74 -15.38
C ARG B 793 25.68 36.39 -14.45
N LYS B 794 25.63 37.05 -13.29
CA LYS B 794 24.58 36.78 -12.32
C LYS B 794 23.19 36.86 -12.94
N GLN B 795 22.97 37.83 -13.85
CA GLN B 795 21.67 37.97 -14.50
C GLN B 795 21.20 36.70 -15.19
N ASP B 796 22.10 35.76 -15.49
CA ASP B 796 21.74 34.59 -16.27
C ASP B 796 21.86 33.31 -15.46
N ALA B 797 22.21 33.41 -14.17
CA ALA B 797 22.50 32.21 -13.41
C ALA B 797 21.29 31.30 -13.39
N THR B 798 20.15 31.84 -12.98
CA THR B 798 18.99 30.98 -12.78
C THR B 798 18.52 30.47 -14.13
N SER B 799 18.60 31.32 -15.16
CA SER B 799 18.23 30.88 -16.49
C SER B 799 19.00 29.63 -16.88
N THR B 800 20.30 29.61 -16.60
CA THR B 800 21.11 28.47 -17.03
C THR B 800 20.75 27.24 -16.22
N ILE B 801 20.51 27.42 -14.92
CA ILE B 801 20.09 26.28 -14.10
C ILE B 801 18.79 25.69 -14.64
N ILE B 802 17.87 26.55 -15.07
CA ILE B 802 16.62 26.06 -15.62
C ILE B 802 16.87 25.22 -16.87
N SER B 803 17.77 25.67 -17.73
CA SER B 803 18.10 24.86 -18.90
C SER B 803 18.57 23.48 -18.50
N ILE B 804 19.37 23.40 -17.44
CA ILE B 804 19.83 22.10 -16.95
C ILE B 804 18.65 21.25 -16.51
N THR B 805 17.69 21.83 -15.79
CA THR B 805 16.58 21.00 -15.34
C THR B 805 15.75 20.52 -16.51
N ASN B 806 15.72 21.27 -17.62
CA ASN B 806 15.00 20.78 -18.78
C ASN B 806 15.64 19.54 -19.37
N ASN B 807 16.93 19.34 -19.15
CA ASN B 807 17.59 18.12 -19.60
C ASN B 807 17.18 16.98 -18.68
N VAL B 808 16.74 15.87 -19.28
CA VAL B 808 16.24 14.75 -18.49
C VAL B 808 17.31 14.29 -17.50
N ILE B 809 18.57 14.37 -17.90
CA ILE B 809 19.65 13.94 -17.02
C ILE B 809 19.93 14.96 -15.92
N GLY B 810 19.54 16.22 -16.13
CA GLY B 810 19.71 17.27 -15.16
C GLY B 810 18.62 17.42 -14.13
N GLN B 811 17.49 16.73 -14.31
CA GLN B 811 16.37 16.87 -13.38
C GLN B 811 16.81 16.56 -11.95
N GLY B 812 17.29 15.35 -11.72
CA GLY B 812 17.65 14.95 -10.37
C GLY B 812 18.83 15.74 -9.84
N LEU B 813 19.83 15.96 -10.70
CA LEU B 813 20.98 16.78 -10.33
C LEU B 813 20.53 18.10 -9.73
N VAL B 814 19.68 18.84 -10.44
CA VAL B 814 19.31 20.18 -10.02
C VAL B 814 18.37 20.12 -8.83
N TRP B 815 17.42 19.19 -8.82
CA TRP B 815 16.50 19.14 -7.68
C TRP B 815 17.29 18.87 -6.40
N ASP B 816 18.26 17.95 -6.45
CA ASP B 816 19.10 17.69 -5.30
C ASP B 816 19.91 18.93 -4.94
N PHE B 817 20.40 19.64 -5.95
CA PHE B 817 21.14 20.88 -5.72
C PHE B 817 20.29 21.92 -5.00
N VAL B 818 19.04 22.08 -5.42
CA VAL B 818 18.16 23.07 -4.81
C VAL B 818 17.89 22.70 -3.36
N GLN B 819 17.61 21.42 -3.10
CA GLN B 819 17.39 21.00 -1.72
C GLN B 819 18.64 21.25 -0.88
N SER B 820 19.82 20.96 -1.42
CA SER B 820 21.06 21.11 -0.65
C SER B 820 21.45 22.57 -0.45
N ASN B 821 21.07 23.46 -1.38
CA ASN B 821 21.61 24.81 -1.40
C ASN B 821 20.55 25.91 -1.24
N TRP B 822 19.35 25.59 -0.75
CA TRP B 822 18.26 26.58 -0.76
C TRP B 822 18.63 27.86 -0.02
N LYS B 823 19.13 27.76 1.22
CA LYS B 823 19.45 28.96 1.98
C LYS B 823 20.42 29.87 1.21
N LYS B 824 21.54 29.30 0.75
CA LYS B 824 22.51 30.06 -0.06
C LYS B 824 21.87 30.66 -1.30
N LEU B 825 21.02 29.90 -1.99
CA LEU B 825 20.33 30.41 -3.17
C LEU B 825 19.49 31.63 -2.81
N PHE B 826 18.65 31.52 -1.78
CA PHE B 826 17.78 32.63 -1.41
C PHE B 826 18.63 33.85 -1.05
N ASN B 827 19.51 33.70 -0.05
CA ASN B 827 20.29 34.84 0.44
C ASN B 827 21.34 35.32 -0.57
N ASP B 828 21.28 34.90 -1.82
CA ASP B 828 22.22 35.35 -2.84
C ASP B 828 21.59 35.24 -4.22
N SER B 837 11.13 32.05 -8.65
CA SER B 837 9.78 31.62 -9.02
C SER B 837 9.81 30.70 -10.25
N ASN B 838 10.47 31.18 -11.30
CA ASN B 838 10.63 30.36 -12.51
C ASN B 838 11.39 29.08 -12.19
N LEU B 839 12.37 29.15 -11.29
CA LEU B 839 13.15 27.98 -10.92
C LEU B 839 12.28 26.91 -10.28
N ILE B 840 11.41 27.30 -9.34
CA ILE B 840 10.53 26.32 -8.70
C ILE B 840 9.64 25.65 -9.75
N GLN B 841 9.01 26.46 -10.60
CA GLN B 841 8.11 25.92 -11.62
C GLN B 841 8.85 24.93 -12.51
N ALA B 842 10.06 25.28 -12.94
CA ALA B 842 10.77 24.44 -13.89
C ALA B 842 11.26 23.15 -13.23
N VAL B 843 11.84 23.24 -12.04
CA VAL B 843 12.35 22.04 -11.39
C VAL B 843 11.23 21.11 -10.96
N THR B 844 10.02 21.62 -10.73
CA THR B 844 8.96 20.76 -10.19
C THR B 844 7.98 20.24 -11.26
N ARG B 845 8.03 20.74 -12.48
CA ARG B 845 6.98 20.39 -13.45
C ARG B 845 7.03 18.92 -13.87
N ARG B 846 8.16 18.24 -13.73
CA ARG B 846 8.18 16.81 -14.00
C ARG B 846 7.52 15.96 -12.92
N PHE B 847 7.25 16.51 -11.73
CA PHE B 847 6.84 15.67 -10.61
C PHE B 847 5.53 14.96 -10.94
N SER B 848 5.54 13.63 -10.78
CA SER B 848 4.36 12.82 -11.08
C SER B 848 4.24 11.60 -10.17
N THR B 849 4.97 11.57 -9.06
CA THR B 849 5.01 10.42 -8.17
C THR B 849 4.73 10.87 -6.75
N GLU B 850 4.18 9.95 -5.94
CA GLU B 850 4.00 10.24 -4.52
C GLU B 850 5.33 10.63 -3.88
N TYR B 851 6.41 9.95 -4.25
CA TYR B 851 7.73 10.28 -3.73
C TYR B 851 8.10 11.74 -3.97
N GLU B 852 7.92 12.21 -5.21
CA GLU B 852 8.26 13.59 -5.52
C GLU B 852 7.36 14.55 -4.76
N LEU B 853 6.06 14.22 -4.63
CA LEU B 853 5.17 15.06 -3.85
C LEU B 853 5.67 15.17 -2.42
N GLN B 854 6.06 14.03 -1.83
CA GLN B 854 6.55 14.03 -0.46
C GLN B 854 7.84 14.84 -0.32
N GLN B 855 8.72 14.74 -1.32
CA GLN B 855 9.91 15.58 -1.33
C GLN B 855 9.55 17.06 -1.34
N LEU B 856 8.58 17.44 -2.15
CA LEU B 856 8.19 18.84 -2.22
C LEU B 856 7.59 19.32 -0.91
N GLU B 857 6.74 18.49 -0.30
CA GLU B 857 6.14 18.87 0.98
C GLU B 857 7.18 18.98 2.08
N GLN B 858 8.16 18.05 2.09
CA GLN B 858 9.23 18.12 3.08
C GLN B 858 10.10 19.34 2.85
N PHE B 859 10.36 19.68 1.59
CA PHE B 859 11.09 20.90 1.26
C PHE B 859 10.36 22.12 1.79
N LYS B 860 9.04 22.17 1.61
CA LYS B 860 8.25 23.27 2.15
C LYS B 860 8.40 23.35 3.65
N LYS B 861 8.21 22.21 4.34
CA LYS B 861 8.33 22.19 5.79
C LYS B 861 9.71 22.67 6.23
N ASP B 862 10.77 22.14 5.59
CA ASP B 862 12.13 22.48 5.97
C ASP B 862 12.47 23.95 5.74
N ASN B 863 11.79 24.63 4.82
CA ASN B 863 12.17 26.00 4.48
C ASN B 863 11.07 27.02 4.74
N GLU B 864 10.00 26.63 5.43
CA GLU B 864 8.93 27.55 5.77
C GLU B 864 9.42 28.83 6.46
N GLU B 865 10.34 28.69 7.42
CA GLU B 865 10.90 29.86 8.11
C GLU B 865 11.70 30.76 7.18
N THR B 866 12.68 30.20 6.47
CA THR B 866 13.37 30.97 5.43
C THR B 866 12.37 31.67 4.50
N GLY B 867 11.27 31.01 4.20
CA GLY B 867 10.28 31.55 3.29
C GLY B 867 10.67 31.40 1.84
N PHE B 868 9.70 31.64 0.96
CA PHE B 868 9.87 31.49 -0.47
C PHE B 868 9.70 32.78 -1.26
N GLY B 869 9.46 33.90 -0.57
CA GLY B 869 9.42 35.20 -1.22
C GLY B 869 8.50 35.25 -2.43
N SER B 870 9.05 35.77 -3.54
CA SER B 870 8.24 35.93 -4.75
C SER B 870 7.95 34.61 -5.44
N GLY B 871 8.44 33.49 -4.92
CA GLY B 871 8.09 32.19 -5.43
C GLY B 871 7.05 31.47 -4.61
N THR B 872 6.44 32.15 -3.63
CA THR B 872 5.51 31.45 -2.74
C THR B 872 4.35 30.86 -3.52
N ARG B 873 3.54 31.71 -4.16
CA ARG B 873 2.46 31.20 -4.99
C ARG B 873 2.96 30.11 -5.92
N ALA B 874 4.14 30.29 -6.51
CA ALA B 874 4.60 29.34 -7.52
C ALA B 874 4.75 27.95 -6.91
N LEU B 875 5.25 27.89 -5.67
CA LEU B 875 5.32 26.61 -4.97
C LEU B 875 3.94 26.02 -4.77
N GLU B 876 2.98 26.84 -4.37
CA GLU B 876 1.63 26.33 -4.22
C GLU B 876 1.11 25.79 -5.54
N GLN B 877 1.39 26.49 -6.64
CA GLN B 877 0.89 26.03 -7.92
C GLN B 877 1.55 24.70 -8.28
N ALA B 878 2.83 24.56 -7.97
CA ALA B 878 3.52 23.31 -8.29
C ALA B 878 2.88 22.17 -7.50
N LEU B 879 2.57 22.41 -6.23
CA LEU B 879 1.92 21.37 -5.45
C LEU B 879 0.62 20.95 -6.10
N GLU B 880 -0.19 21.93 -6.51
CA GLU B 880 -1.46 21.56 -7.13
C GLU B 880 -1.20 20.74 -8.38
N LYS B 881 -0.30 21.19 -9.23
CA LYS B 881 -0.04 20.44 -10.45
C LYS B 881 0.49 19.07 -10.11
N THR B 882 1.40 18.98 -9.15
CA THR B 882 1.96 17.68 -8.80
C THR B 882 0.84 16.72 -8.36
N LYS B 883 -0.07 17.20 -7.52
CA LYS B 883 -1.17 16.33 -7.13
C LYS B 883 -1.98 15.90 -8.34
N ALA B 884 -2.28 16.83 -9.23
CA ALA B 884 -2.97 16.46 -10.47
C ALA B 884 -2.14 15.51 -11.31
N ASN B 885 -0.83 15.76 -11.41
CA ASN B 885 0.00 14.94 -12.28
C ASN B 885 0.04 13.49 -11.83
N ILE B 886 0.14 13.25 -10.53
CA ILE B 886 0.15 11.87 -10.04
C ILE B 886 -1.10 11.17 -10.55
N LYS B 887 -2.26 11.80 -10.38
CA LYS B 887 -3.50 11.19 -10.84
C LYS B 887 -3.54 11.06 -12.36
N TRP B 888 -3.11 12.11 -13.07
CA TRP B 888 -3.20 12.09 -14.53
C TRP B 888 -2.41 10.95 -15.13
N VAL B 889 -1.16 10.77 -14.68
CA VAL B 889 -0.36 9.66 -15.19
C VAL B 889 -1.07 8.35 -14.95
N LYS B 890 -1.59 8.16 -13.74
CA LYS B 890 -2.28 6.92 -13.44
C LYS B 890 -3.42 6.67 -14.41
N GLU B 891 -4.21 7.71 -14.69
CA GLU B 891 -5.35 7.50 -15.57
C GLU B 891 -4.94 7.28 -17.02
N ASN B 892 -3.84 7.89 -17.48
CA ASN B 892 -3.57 7.93 -18.91
C ASN B 892 -2.38 7.10 -19.38
N LYS B 893 -1.49 6.67 -18.50
CA LYS B 893 -0.20 6.15 -18.98
C LYS B 893 -0.39 4.97 -19.92
N GLU B 894 -1.31 4.06 -19.60
CA GLU B 894 -1.46 2.90 -20.47
C GLU B 894 -2.13 3.28 -21.78
N VAL B 895 -3.21 4.07 -21.71
CA VAL B 895 -3.95 4.41 -22.93
C VAL B 895 -3.06 5.23 -23.86
N VAL B 896 -2.28 6.13 -23.30
CA VAL B 896 -1.43 6.97 -24.14
C VAL B 896 -0.37 6.10 -24.78
N LEU B 897 0.22 5.19 -24.00
CA LEU B 897 1.19 4.28 -24.58
C LEU B 897 0.55 3.56 -25.75
N GLN B 898 -0.66 3.03 -25.55
CA GLN B 898 -1.28 2.26 -26.62
C GLN B 898 -1.52 3.16 -27.81
N TRP B 899 -1.99 4.38 -27.57
CA TRP B 899 -2.28 5.27 -28.69
C TRP B 899 -1.00 5.53 -29.47
N PHE B 900 0.08 5.89 -28.76
CA PHE B 900 1.31 6.17 -29.49
C PHE B 900 1.76 4.91 -30.23
N THR B 901 1.63 3.77 -29.57
CA THR B 901 2.04 2.52 -30.21
C THR B 901 1.23 2.31 -31.48
N GLU B 902 -0.08 2.48 -31.39
CA GLU B 902 -0.91 2.18 -32.55
C GLU B 902 -0.76 3.24 -33.62
N ASN B 903 -0.32 4.44 -33.25
CA ASN B 903 -0.25 5.56 -34.19
C ASN B 903 1.18 5.88 -34.61
N SER B 904 2.17 5.16 -34.10
CA SER B 904 3.57 5.43 -34.36
C SER B 904 4.12 4.55 -35.48
N LYS B 905 3.26 3.81 -36.18
CA LYS B 905 3.71 2.80 -37.12
C LYS B 905 3.47 3.28 -38.55
N SER C 6 -45.43 -11.90 63.50
CA SER C 6 -44.37 -12.54 64.27
C SER C 6 -44.89 -13.74 65.05
N LYS C 7 -46.17 -14.03 64.90
CA LYS C 7 -46.77 -15.25 65.42
C LYS C 7 -46.60 -16.38 64.42
N ALA C 8 -46.23 -17.56 64.92
CA ALA C 8 -45.99 -18.70 64.05
C ALA C 8 -47.16 -18.99 63.15
N TRP C 9 -48.39 -18.78 63.61
CA TRP C 9 -49.55 -19.05 62.77
C TRP C 9 -49.76 -17.99 61.70
N ASN C 10 -48.94 -16.93 61.70
CA ASN C 10 -48.96 -15.92 60.65
C ASN C 10 -47.76 -16.06 59.71
N ARG C 11 -46.97 -17.11 59.87
CA ARG C 11 -45.83 -17.42 59.03
C ARG C 11 -46.17 -18.58 58.11
N TYR C 12 -45.62 -18.53 56.89
CA TYR C 12 -46.02 -19.45 55.83
C TYR C 12 -45.49 -20.86 55.99
N ARG C 13 -44.33 -21.07 56.63
CA ARG C 13 -43.86 -22.43 56.80
C ARG C 13 -44.43 -23.00 58.09
N LEU C 14 -44.83 -24.27 58.04
CA LEU C 14 -45.37 -24.95 59.22
C LEU C 14 -44.32 -25.06 60.33
N PRO C 15 -44.74 -25.08 61.59
CA PRO C 15 -43.79 -25.36 62.67
C PRO C 15 -43.23 -26.77 62.52
N ASN C 16 -42.10 -27.02 63.17
CA ASN C 16 -41.54 -28.37 63.24
C ASN C 16 -42.03 -29.15 64.46
N THR C 17 -43.05 -28.65 65.16
CA THR C 17 -43.45 -29.24 66.43
C THR C 17 -44.30 -30.49 66.27
N LEU C 18 -45.02 -30.63 65.16
CA LEU C 18 -45.96 -31.72 64.96
C LEU C 18 -45.73 -32.41 63.63
N LYS C 19 -45.87 -33.75 63.61
CA LYS C 19 -45.64 -34.50 62.38
C LYS C 19 -46.67 -35.62 62.22
N PRO C 20 -47.45 -35.62 61.14
CA PRO C 20 -48.51 -36.63 60.98
C PRO C 20 -47.95 -38.02 60.70
N ASP C 21 -48.73 -39.03 61.09
CA ASP C 21 -48.45 -40.43 60.80
C ASP C 21 -49.41 -40.99 59.76
N SER C 22 -50.70 -40.84 59.99
CA SER C 22 -51.70 -41.32 59.04
C SER C 22 -52.98 -40.51 59.20
N TYR C 23 -53.84 -40.65 58.20
CA TYR C 23 -55.10 -39.93 58.07
C TYR C 23 -56.16 -40.92 57.61
N ARG C 24 -57.39 -40.71 58.04
CA ARG C 24 -58.53 -41.24 57.33
C ARG C 24 -59.37 -40.07 56.86
N VAL C 25 -59.96 -40.22 55.67
CA VAL C 25 -60.74 -39.15 55.05
C VAL C 25 -61.95 -39.79 54.40
N THR C 26 -63.12 -39.24 54.68
CA THR C 26 -64.36 -39.59 53.98
C THR C 26 -64.84 -38.38 53.22
N LEU C 27 -65.13 -38.55 51.94
CA LEU C 27 -65.64 -37.43 51.14
C LEU C 27 -66.90 -37.85 50.42
N ARG C 28 -67.85 -36.93 50.36
CA ARG C 28 -69.17 -37.18 49.77
C ARG C 28 -69.55 -35.99 48.88
N PRO C 29 -69.39 -36.10 47.57
CA PRO C 29 -69.75 -34.97 46.70
C PRO C 29 -71.23 -34.99 46.38
N TYR C 30 -71.81 -33.79 46.27
CA TYR C 30 -73.19 -33.61 45.85
C TYR C 30 -73.19 -33.04 44.44
N LEU C 31 -73.57 -33.87 43.48
CA LEU C 31 -73.44 -33.54 42.06
C LEU C 31 -74.67 -32.81 41.50
N THR C 32 -75.60 -32.36 42.35
CA THR C 32 -76.63 -31.46 41.87
C THR C 32 -76.64 -30.17 42.69
N PRO C 33 -76.99 -29.04 42.06
CA PRO C 33 -76.95 -27.76 42.79
C PRO C 33 -77.97 -27.71 43.90
N ASN C 34 -77.68 -26.89 44.91
CA ASN C 34 -78.60 -26.67 46.01
C ASN C 34 -79.54 -25.51 45.65
N ASP C 35 -80.37 -25.07 46.60
CA ASP C 35 -81.23 -23.93 46.38
C ASP C 35 -80.47 -22.71 45.87
N ARG C 36 -79.21 -22.55 46.30
CA ARG C 36 -78.37 -21.45 45.86
C ARG C 36 -77.62 -21.73 44.56
N GLY C 37 -77.83 -22.89 43.94
CA GLY C 37 -77.17 -23.19 42.69
C GLY C 37 -75.73 -23.64 42.80
N LEU C 38 -75.26 -23.98 44.00
CA LEU C 38 -73.87 -24.31 44.25
C LEU C 38 -73.69 -25.82 44.31
N TYR C 39 -72.59 -26.29 43.73
CA TYR C 39 -72.19 -27.69 43.91
C TYR C 39 -71.26 -27.74 45.10
N VAL C 40 -71.54 -28.66 46.03
CA VAL C 40 -70.78 -28.75 47.27
C VAL C 40 -70.37 -30.20 47.49
N PHE C 41 -69.39 -30.38 48.37
CA PHE C 41 -69.04 -31.68 48.91
C PHE C 41 -68.95 -31.58 50.42
N LYS C 42 -69.33 -32.65 51.10
CA LYS C 42 -69.20 -32.74 52.54
C LYS C 42 -68.21 -33.85 52.87
N GLY C 43 -67.45 -33.67 53.95
CA GLY C 43 -66.48 -34.66 54.35
C GLY C 43 -66.24 -34.67 55.83
N SER C 44 -65.46 -35.68 56.25
CA SER C 44 -64.95 -35.78 57.60
C SER C 44 -63.52 -36.29 57.51
N SER C 45 -62.76 -36.05 58.56
CA SER C 45 -61.39 -36.53 58.59
C SER C 45 -60.92 -36.74 60.02
N THR C 46 -60.04 -37.72 60.20
CA THR C 46 -59.24 -37.86 61.41
C THR C 46 -57.78 -37.88 60.99
N VAL C 47 -56.97 -37.03 61.63
CA VAL C 47 -55.52 -37.08 61.48
C VAL C 47 -54.90 -37.54 62.79
N ARG C 48 -54.03 -38.55 62.71
CA ARG C 48 -53.21 -38.99 63.82
C ARG C 48 -51.81 -38.41 63.66
N PHE C 49 -51.29 -37.77 64.71
CA PHE C 49 -50.00 -37.12 64.60
C PHE C 49 -49.20 -37.31 65.87
N THR C 50 -47.88 -37.07 65.75
CA THR C 50 -46.95 -37.18 66.85
C THR C 50 -46.43 -35.78 67.17
N CYS C 51 -46.45 -35.43 68.45
CA CYS C 51 -45.81 -34.21 68.92
C CYS C 51 -44.31 -34.40 69.05
N LYS C 52 -43.54 -33.59 68.31
CA LYS C 52 -42.08 -33.67 68.36
C LYS C 52 -41.49 -32.66 69.33
N GLU C 53 -42.22 -31.58 69.64
CA GLU C 53 -41.76 -30.56 70.57
C GLU C 53 -43.00 -29.93 71.19
N ALA C 54 -43.01 -29.84 72.52
CA ALA C 54 -44.16 -29.33 73.25
C ALA C 54 -44.66 -28.01 72.67
N THR C 55 -45.98 -27.93 72.48
CA THR C 55 -46.60 -26.76 71.88
C THR C 55 -48.04 -26.67 72.36
N ASP C 56 -48.54 -25.44 72.52
CA ASP C 56 -49.92 -25.19 72.91
C ASP C 56 -50.80 -24.75 71.73
N VAL C 57 -50.39 -25.04 70.50
CA VAL C 57 -51.18 -24.66 69.32
C VAL C 57 -51.06 -25.77 68.28
N ILE C 58 -52.18 -26.05 67.60
CA ILE C 58 -52.20 -26.96 66.46
C ILE C 58 -52.40 -26.13 65.19
N ILE C 59 -51.39 -26.09 64.33
CA ILE C 59 -51.44 -25.35 63.08
C ILE C 59 -51.51 -26.33 61.92
N ILE C 60 -52.61 -26.32 61.18
CA ILE C 60 -52.84 -27.29 60.10
C ILE C 60 -53.42 -26.52 58.91
N HIS C 61 -53.13 -26.97 57.70
CA HIS C 61 -53.65 -26.27 56.53
C HIS C 61 -55.15 -26.52 56.33
N SER C 62 -55.86 -25.48 55.91
CA SER C 62 -57.28 -25.55 55.62
C SER C 62 -57.59 -24.40 54.66
N LYS C 63 -58.27 -24.70 53.55
CA LYS C 63 -58.56 -23.68 52.55
C LYS C 63 -60.00 -23.77 52.06
N LYS C 64 -60.76 -22.68 52.21
CA LYS C 64 -62.12 -22.57 51.68
C LYS C 64 -63.03 -23.71 52.15
N LEU C 65 -62.87 -24.12 53.40
CA LEU C 65 -63.72 -25.12 54.02
C LEU C 65 -64.51 -24.48 55.15
N ASN C 66 -65.78 -24.86 55.26
CA ASN C 66 -66.66 -24.44 56.34
C ASN C 66 -66.86 -25.63 57.26
N TYR C 67 -66.68 -25.40 58.54
CA TYR C 67 -66.72 -26.47 59.54
C TYR C 67 -68.07 -26.53 60.24
N THR C 68 -68.57 -27.73 60.46
CA THR C 68 -69.75 -27.92 61.29
C THR C 68 -69.26 -28.07 62.73
N LEU C 69 -69.76 -27.19 63.58
CA LEU C 69 -69.37 -27.18 64.99
C LEU C 69 -69.69 -28.49 65.70
N SER C 70 -68.76 -28.90 66.56
CA SER C 70 -68.93 -30.08 67.40
C SER C 70 -68.36 -29.72 68.76
N GLN C 71 -69.16 -29.88 69.80
CA GLN C 71 -68.75 -29.57 71.18
C GLN C 71 -68.17 -28.16 71.26
N GLY C 72 -68.74 -27.24 70.49
CA GLY C 72 -68.38 -25.84 70.56
C GLY C 72 -67.23 -25.38 69.70
N HIS C 73 -66.61 -26.26 68.92
CA HIS C 73 -65.49 -25.86 68.08
C HIS C 73 -65.49 -26.58 66.75
N ARG C 74 -64.59 -26.10 65.88
CA ARG C 74 -64.43 -26.62 64.54
C ARG C 74 -63.93 -28.06 64.51
N VAL C 75 -63.17 -28.49 65.52
CA VAL C 75 -62.65 -29.86 65.60
C VAL C 75 -62.78 -30.43 67.00
N VAL C 76 -62.55 -31.75 67.09
CA VAL C 76 -62.45 -32.49 68.34
C VAL C 76 -61.05 -33.08 68.46
N LEU C 77 -60.42 -32.91 69.63
CA LEU C 77 -59.08 -33.41 69.90
C LEU C 77 -59.13 -34.56 70.91
N ARG C 78 -58.52 -35.70 70.57
CA ARG C 78 -58.55 -36.89 71.41
C ARG C 78 -57.14 -37.42 71.68
N GLY C 79 -57.01 -38.10 72.84
CA GLY C 79 -55.78 -38.75 73.21
C GLY C 79 -55.53 -40.10 72.55
N VAL C 80 -54.27 -40.51 72.60
CA VAL C 80 -53.83 -41.84 72.16
C VAL C 80 -52.91 -42.43 73.22
N GLY C 81 -53.08 -43.73 73.47
CA GLY C 81 -52.18 -44.45 74.37
C GLY C 81 -52.06 -43.89 75.77
N GLY C 82 -53.14 -43.34 76.33
CA GLY C 82 -53.11 -42.82 77.69
C GLY C 82 -52.84 -41.34 77.79
N SER C 83 -52.53 -40.68 76.69
CA SER C 83 -52.29 -39.23 76.70
C SER C 83 -53.56 -38.50 77.13
N GLN C 84 -53.36 -37.29 77.64
CA GLN C 84 -54.44 -36.48 78.21
C GLN C 84 -54.29 -35.08 77.62
N PRO C 85 -54.86 -34.85 76.43
CA PRO C 85 -54.61 -33.58 75.74
C PRO C 85 -55.24 -32.42 76.48
N PRO C 86 -54.68 -31.22 76.34
CA PRO C 86 -55.29 -30.04 76.96
C PRO C 86 -56.68 -29.77 76.38
N ASP C 87 -57.45 -28.98 77.11
CA ASP C 87 -58.72 -28.47 76.58
C ASP C 87 -58.45 -27.51 75.44
N ILE C 88 -59.42 -27.42 74.53
CA ILE C 88 -59.36 -26.44 73.44
C ILE C 88 -59.78 -25.08 73.96
N ASP C 89 -58.95 -24.07 73.70
CA ASP C 89 -59.33 -22.69 73.98
C ASP C 89 -60.27 -22.14 72.90
N LYS C 90 -59.75 -22.01 71.68
CA LYS C 90 -60.55 -21.52 70.56
C LYS C 90 -59.92 -21.99 69.25
N THR C 91 -60.69 -21.90 68.17
CA THR C 91 -60.12 -22.12 66.85
C THR C 91 -60.21 -20.81 66.06
N GLU C 92 -59.32 -20.66 65.08
CA GLU C 92 -59.38 -19.57 64.13
C GLU C 92 -59.04 -20.02 62.72
N LEU C 93 -59.59 -19.32 61.72
CA LEU C 93 -59.22 -19.49 60.33
C LEU C 93 -58.30 -18.33 59.95
N VAL C 94 -57.06 -18.64 59.56
CA VAL C 94 -56.08 -17.63 59.18
C VAL C 94 -55.94 -17.70 57.66
N GLU C 95 -56.55 -16.72 56.96
CA GLU C 95 -56.72 -16.80 55.53
C GLU C 95 -55.43 -16.61 54.74
N PRO C 96 -54.57 -15.65 55.10
CA PRO C 96 -53.34 -15.44 54.31
C PRO C 96 -52.46 -16.67 54.22
N THR C 97 -52.19 -17.33 55.33
CA THR C 97 -51.35 -18.52 55.37
C THR C 97 -52.16 -19.80 55.18
N GLU C 98 -53.48 -19.66 55.01
CA GLU C 98 -54.35 -20.81 54.73
C GLU C 98 -54.23 -21.86 55.83
N TYR C 99 -54.38 -21.41 57.08
CA TYR C 99 -54.27 -22.28 58.24
C TYR C 99 -55.58 -22.32 59.02
N LEU C 100 -55.87 -23.48 59.59
CA LEU C 100 -56.71 -23.61 60.76
C LEU C 100 -55.78 -23.65 61.97
N VAL C 101 -56.05 -22.79 62.96
CA VAL C 101 -55.19 -22.62 64.12
C VAL C 101 -56.02 -22.96 65.35
N VAL C 102 -55.62 -24.00 66.08
CA VAL C 102 -56.36 -24.43 67.25
C VAL C 102 -55.55 -24.03 68.48
N HIS C 103 -56.01 -22.98 69.15
CA HIS C 103 -55.36 -22.47 70.35
C HIS C 103 -55.87 -23.26 71.54
N LEU C 104 -54.93 -23.82 72.32
CA LEU C 104 -55.24 -24.74 73.40
C LEU C 104 -55.04 -24.07 74.75
N LYS C 105 -55.74 -24.60 75.77
CA LYS C 105 -55.66 -24.12 77.13
C LYS C 105 -54.42 -24.63 77.85
N GLY C 106 -53.61 -25.45 77.19
CA GLY C 106 -52.36 -25.92 77.73
C GLY C 106 -51.44 -26.38 76.62
N SER C 107 -50.36 -27.04 77.00
CA SER C 107 -49.38 -27.56 76.05
C SER C 107 -49.56 -29.05 75.84
N LEU C 108 -49.34 -29.49 74.60
CA LEU C 108 -49.24 -30.91 74.28
C LEU C 108 -47.95 -31.47 74.85
N VAL C 109 -47.88 -32.80 74.95
CA VAL C 109 -46.73 -33.46 75.56
C VAL C 109 -45.82 -34.02 74.47
N LYS C 110 -44.53 -33.76 74.62
CA LYS C 110 -43.50 -34.23 73.71
C LYS C 110 -43.53 -35.75 73.54
N ASP C 111 -43.35 -36.21 72.30
CA ASP C 111 -43.33 -37.63 71.96
C ASP C 111 -44.61 -38.36 72.37
N SER C 112 -45.74 -37.66 72.35
CA SER C 112 -47.05 -38.31 72.50
C SER C 112 -47.81 -38.19 71.18
N GLN C 113 -48.74 -39.13 70.99
CA GLN C 113 -49.58 -39.13 69.80
C GLN C 113 -50.97 -38.65 70.15
N TYR C 114 -51.65 -38.10 69.13
CA TYR C 114 -52.99 -37.57 69.31
C TYR C 114 -53.77 -37.78 68.02
N GLU C 115 -55.10 -37.71 68.12
CA GLU C 115 -55.95 -37.73 66.93
C GLU C 115 -56.85 -36.52 66.95
N MET C 116 -57.10 -35.94 65.77
CA MET C 116 -57.99 -34.81 65.65
C MET C 116 -59.06 -35.11 64.60
N ASP C 117 -60.32 -34.98 64.98
CA ASP C 117 -61.47 -35.26 64.13
C ASP C 117 -62.10 -33.95 63.68
N SER C 118 -62.49 -33.91 62.41
CA SER C 118 -63.13 -32.74 61.82
C SER C 118 -64.30 -33.18 60.94
N GLU C 119 -65.27 -32.28 60.80
CA GLU C 119 -66.39 -32.44 59.89
C GLU C 119 -66.55 -31.12 59.16
N PHE C 120 -66.66 -31.17 57.83
CA PHE C 120 -66.48 -29.98 57.02
C PHE C 120 -67.28 -30.09 55.72
N GLU C 121 -67.36 -28.96 55.03
CA GLU C 121 -68.03 -28.85 53.75
C GLU C 121 -67.29 -27.82 52.90
N GLY C 122 -67.18 -28.07 51.59
CA GLY C 122 -66.59 -27.10 50.70
C GLY C 122 -67.34 -27.03 49.38
N GLU C 123 -66.99 -26.03 48.58
CA GLU C 123 -67.58 -25.89 47.26
C GLU C 123 -66.84 -26.79 46.26
N LEU C 124 -67.61 -27.57 45.50
CA LEU C 124 -67.09 -28.31 44.35
C LEU C 124 -67.06 -27.38 43.14
N ALA C 125 -66.15 -26.41 43.19
CA ALA C 125 -66.13 -25.35 42.19
C ALA C 125 -65.59 -25.88 40.86
N ASP C 126 -65.86 -25.13 39.79
CA ASP C 126 -65.32 -25.43 38.46
C ASP C 126 -63.96 -24.77 38.23
N ASP C 127 -63.12 -24.76 39.26
CA ASP C 127 -61.86 -24.02 39.23
C ASP C 127 -60.65 -24.92 39.02
N LEU C 128 -60.84 -26.21 38.77
CA LEU C 128 -59.77 -27.12 38.40
C LEU C 128 -58.74 -27.33 39.51
N ALA C 129 -59.08 -26.94 40.74
CA ALA C 129 -58.14 -26.99 41.86
C ALA C 129 -58.81 -27.60 43.08
N GLY C 130 -58.05 -28.42 43.81
CA GLY C 130 -58.59 -29.16 44.93
C GLY C 130 -59.56 -30.21 44.46
N PHE C 131 -60.67 -30.35 45.18
CA PHE C 131 -61.75 -31.23 44.77
C PHE C 131 -62.72 -30.39 43.96
N TYR C 132 -62.87 -30.72 42.67
CA TYR C 132 -63.63 -29.89 41.76
C TYR C 132 -64.47 -30.76 40.83
N ARG C 133 -65.32 -30.09 40.07
CA ARG C 133 -66.22 -30.74 39.13
C ARG C 133 -65.76 -30.52 37.69
N SER C 134 -65.94 -31.56 36.88
CA SER C 134 -65.76 -31.54 35.44
C SER C 134 -67.09 -31.96 34.81
N GLU C 135 -67.40 -31.43 33.64
CA GLU C 135 -68.70 -31.68 33.04
C GLU C 135 -68.53 -32.10 31.59
N TYR C 136 -69.41 -33.00 31.15
CA TYR C 136 -69.50 -33.37 29.74
C TYR C 136 -70.94 -33.72 29.41
N MET C 137 -71.19 -33.92 28.12
CA MET C 137 -72.50 -34.31 27.63
C MET C 137 -72.44 -35.72 27.08
N GLU C 138 -73.47 -36.51 27.38
CA GLU C 138 -73.74 -37.78 26.72
C GLU C 138 -75.07 -37.63 25.98
N GLY C 139 -74.99 -37.40 24.68
CA GLY C 139 -76.18 -37.03 23.95
C GLY C 139 -76.68 -35.71 24.48
N ASN C 140 -77.91 -35.72 24.99
CA ASN C 140 -78.55 -34.54 25.55
C ASN C 140 -78.52 -34.56 27.08
N VAL C 141 -77.80 -35.51 27.68
CA VAL C 141 -77.80 -35.72 29.12
C VAL C 141 -76.54 -35.11 29.72
N ARG C 142 -76.71 -34.18 30.65
CA ARG C 142 -75.58 -33.55 31.35
C ARG C 142 -74.97 -34.56 32.32
N LYS C 143 -73.68 -34.85 32.17
CA LYS C 143 -72.94 -35.67 33.11
C LYS C 143 -71.93 -34.84 33.89
N VAL C 144 -71.93 -34.98 35.21
CA VAL C 144 -71.07 -34.22 36.11
C VAL C 144 -70.17 -35.20 36.85
N VAL C 145 -68.88 -34.91 36.86
CA VAL C 145 -67.83 -35.77 37.42
C VAL C 145 -67.14 -35.02 38.56
N ALA C 146 -66.90 -35.71 39.66
CA ALA C 146 -66.10 -35.20 40.76
C ALA C 146 -64.68 -35.74 40.64
N THR C 147 -63.70 -34.84 40.65
CA THR C 147 -62.31 -35.21 40.41
C THR C 147 -61.42 -34.29 41.25
N THR C 148 -60.11 -34.56 41.25
CA THR C 148 -59.17 -33.81 42.07
C THR C 148 -57.97 -33.33 41.28
N GLN C 149 -57.37 -32.25 41.78
CA GLN C 149 -56.04 -31.80 41.40
C GLN C 149 -55.40 -31.16 42.63
N MET C 150 -54.40 -31.80 43.22
CA MET C 150 -53.82 -31.30 44.45
C MET C 150 -52.54 -30.49 44.25
N GLN C 151 -51.73 -30.82 43.26
CA GLN C 151 -50.46 -30.14 43.10
C GLN C 151 -50.68 -28.69 42.66
N ALA C 152 -49.97 -27.73 43.28
CA ALA C 152 -48.97 -27.96 44.33
C ALA C 152 -49.60 -27.99 45.73
N ALA C 153 -50.54 -27.08 45.96
CA ALA C 153 -50.96 -26.68 47.29
C ALA C 153 -52.47 -26.64 47.41
N ASP C 154 -53.16 -27.62 46.83
CA ASP C 154 -54.62 -27.66 46.87
C ASP C 154 -55.19 -28.88 47.57
N ALA C 155 -54.34 -29.78 48.08
CA ALA C 155 -54.85 -30.86 48.92
C ALA C 155 -55.62 -30.30 50.12
N ARG C 156 -55.11 -29.21 50.69
CA ARG C 156 -55.76 -28.50 51.78
C ARG C 156 -57.15 -27.98 51.42
N LYS C 157 -57.50 -27.97 50.14
CA LYS C 157 -58.79 -27.49 49.68
C LYS C 157 -59.85 -28.58 49.68
N SER C 158 -59.48 -29.84 49.92
CA SER C 158 -60.43 -30.94 50.00
C SER C 158 -60.61 -31.47 51.41
N PHE C 159 -59.58 -31.39 52.26
CA PHE C 159 -59.68 -31.79 53.65
C PHE C 159 -58.49 -31.21 54.39
N PRO C 160 -58.60 -30.97 55.70
CA PRO C 160 -57.48 -30.37 56.44
C PRO C 160 -56.33 -31.35 56.57
N CYS C 161 -55.12 -30.88 56.28
CA CYS C 161 -53.93 -31.72 56.30
C CYS C 161 -52.69 -30.86 56.44
N PHE C 162 -51.60 -31.50 56.88
CA PHE C 162 -50.28 -30.88 56.92
C PHE C 162 -49.70 -30.98 55.51
N ASP C 163 -49.96 -29.94 54.73
CA ASP C 163 -49.83 -29.99 53.27
C ASP C 163 -48.46 -29.47 52.83
N GLU C 164 -47.45 -30.26 53.14
CA GLU C 164 -46.08 -30.01 52.69
C GLU C 164 -45.53 -31.36 52.27
N PRO C 165 -44.69 -31.42 51.23
CA PRO C 165 -44.36 -32.71 50.62
C PRO C 165 -43.55 -33.63 51.54
N ALA C 166 -42.86 -33.09 52.54
CA ALA C 166 -42.06 -33.90 53.43
C ALA C 166 -42.85 -34.39 54.63
N MET C 167 -44.10 -33.96 54.78
CA MET C 167 -44.99 -34.48 55.82
C MET C 167 -45.73 -35.75 55.35
N LYS C 168 -44.96 -36.78 55.06
CA LYS C 168 -45.53 -38.00 54.50
C LYS C 168 -46.34 -38.74 55.55
N ALA C 169 -47.38 -39.45 55.09
CA ALA C 169 -48.28 -40.18 55.97
C ALA C 169 -48.99 -41.26 55.17
N GLU C 170 -49.66 -42.17 55.88
CA GLU C 170 -50.55 -43.14 55.22
C GLU C 170 -51.98 -42.61 55.20
N PHE C 171 -52.72 -42.96 54.15
CA PHE C 171 -54.09 -42.46 53.95
C PHE C 171 -55.12 -43.57 53.77
N ASN C 172 -56.23 -43.45 54.50
CA ASN C 172 -57.34 -44.40 54.51
C ASN C 172 -58.54 -43.66 53.93
N ILE C 173 -58.85 -43.90 52.66
CA ILE C 173 -59.81 -43.08 51.91
C ILE C 173 -61.14 -43.82 51.82
N THR C 174 -62.23 -43.09 52.08
CA THR C 174 -63.59 -43.54 51.85
C THR C 174 -64.33 -42.54 50.98
N LEU C 175 -64.97 -43.02 49.92
CA LEU C 175 -65.81 -42.18 49.08
C LEU C 175 -67.27 -42.59 49.19
N ILE C 176 -68.14 -41.61 49.40
CA ILE C 176 -69.58 -41.78 49.46
C ILE C 176 -70.15 -41.16 48.19
N HIS C 177 -70.88 -41.94 47.41
CA HIS C 177 -71.20 -41.51 46.05
C HIS C 177 -72.56 -42.10 45.67
N PRO C 178 -73.23 -41.52 44.68
CA PRO C 178 -74.46 -42.16 44.18
C PRO C 178 -74.21 -43.62 43.85
N LYS C 179 -75.19 -44.47 44.22
CA LYS C 179 -74.99 -45.92 44.12
C LYS C 179 -74.73 -46.38 42.69
N ASP C 180 -75.16 -45.60 41.70
CA ASP C 180 -74.97 -45.95 40.31
C ASP C 180 -73.61 -45.54 39.75
N LEU C 181 -72.86 -44.72 40.49
CA LEU C 181 -71.60 -44.17 40.00
C LEU C 181 -70.40 -44.83 40.66
N THR C 182 -69.34 -45.03 39.87
CA THR C 182 -68.11 -45.65 40.32
C THR C 182 -67.22 -44.65 41.06
N ALA C 183 -66.70 -45.07 42.21
CA ALA C 183 -65.68 -44.33 42.95
C ALA C 183 -64.29 -44.93 42.73
N LEU C 184 -63.32 -44.06 42.48
CA LEU C 184 -61.92 -44.42 42.26
C LEU C 184 -61.04 -43.59 43.17
N SER C 185 -59.95 -44.20 43.64
CA SER C 185 -58.94 -43.47 44.40
C SER C 185 -57.55 -44.05 44.11
N ASN C 186 -56.58 -43.66 44.92
CA ASN C 186 -55.19 -44.07 44.73
C ASN C 186 -55.03 -45.58 44.74
N MET C 187 -55.69 -46.25 45.68
CA MET C 187 -55.55 -47.69 45.88
C MET C 187 -56.76 -48.38 45.26
N LEU C 188 -56.73 -49.71 45.28
CA LEU C 188 -57.88 -50.43 44.80
C LEU C 188 -58.94 -50.48 45.90
N PRO C 189 -60.20 -50.70 45.53
CA PRO C 189 -61.25 -50.79 46.55
C PRO C 189 -61.01 -51.93 47.52
N LYS C 190 -61.40 -51.72 48.77
CA LYS C 190 -61.34 -52.76 49.79
C LYS C 190 -62.73 -53.36 49.83
N GLY C 191 -62.89 -54.50 49.16
CA GLY C 191 -64.16 -55.17 49.09
C GLY C 191 -65.13 -54.44 48.17
N PRO C 192 -66.36 -54.92 48.11
CA PRO C 192 -67.34 -54.33 47.19
C PRO C 192 -67.85 -53.00 47.74
N SER C 193 -68.35 -52.16 46.84
CA SER C 193 -69.11 -51.01 47.30
C SER C 193 -70.44 -51.48 47.88
N THR C 194 -70.86 -50.83 48.96
CA THR C 194 -72.10 -51.16 49.65
C THR C 194 -73.03 -49.96 49.75
N PRO C 195 -74.35 -50.18 49.76
CA PRO C 195 -75.28 -49.05 49.92
C PRO C 195 -75.08 -48.38 51.27
N LEU C 196 -75.20 -47.07 51.29
CA LEU C 196 -75.20 -46.33 52.54
C LEU C 196 -76.46 -46.61 53.36
N PRO C 197 -76.33 -46.99 54.64
CA PRO C 197 -77.54 -47.32 55.43
C PRO C 197 -78.55 -46.19 55.57
N GLU C 198 -78.09 -44.98 55.91
CA GLU C 198 -78.97 -43.82 56.03
C GLU C 198 -79.68 -43.49 54.73
N ASP C 199 -79.19 -43.96 53.59
CA ASP C 199 -79.79 -43.60 52.31
C ASP C 199 -79.27 -44.55 51.24
N PRO C 200 -80.01 -45.63 50.93
CA PRO C 200 -79.51 -46.63 49.97
C PRO C 200 -79.40 -46.12 48.54
N ASN C 201 -79.69 -44.85 48.27
CA ASN C 201 -79.37 -44.27 46.98
C ASN C 201 -77.87 -43.99 46.84
N TRP C 202 -77.12 -44.06 47.93
CA TRP C 202 -75.68 -43.86 47.90
C TRP C 202 -74.95 -45.16 48.21
N ASN C 203 -73.82 -45.35 47.55
CA ASN C 203 -72.92 -46.47 47.81
C ASN C 203 -71.72 -45.91 48.59
N VAL C 204 -71.11 -46.78 49.39
CA VAL C 204 -69.90 -46.47 50.15
C VAL C 204 -68.75 -47.33 49.64
N THR C 205 -67.67 -46.69 49.18
CA THR C 205 -66.52 -47.41 48.64
C THR C 205 -65.30 -47.03 49.47
N GLU C 206 -64.78 -47.99 50.24
CA GLU C 206 -63.55 -47.81 50.98
C GLU C 206 -62.36 -48.33 50.18
N PHE C 207 -61.23 -47.65 50.31
CA PHE C 207 -60.00 -48.05 49.62
C PHE C 207 -58.96 -48.51 50.63
N HIS C 208 -58.09 -49.41 50.19
CA HIS C 208 -56.97 -49.85 51.01
C HIS C 208 -56.10 -48.68 51.43
N THR C 209 -55.42 -48.84 52.57
CA THR C 209 -54.49 -47.82 53.03
C THR C 209 -53.40 -47.57 51.99
N THR C 210 -53.06 -46.30 51.77
CA THR C 210 -52.02 -45.97 50.83
C THR C 210 -50.65 -46.25 51.45
N PRO C 211 -49.60 -46.35 50.63
CA PRO C 211 -48.24 -46.22 51.17
C PRO C 211 -48.05 -44.87 51.85
N LYS C 212 -46.95 -44.77 52.61
CA LYS C 212 -46.50 -43.47 53.08
C LYS C 212 -46.22 -42.58 51.85
N MET C 213 -46.85 -41.41 51.80
CA MET C 213 -46.79 -40.60 50.59
C MET C 213 -47.13 -39.15 50.90
N SER C 214 -46.86 -38.28 49.92
CA SER C 214 -47.14 -36.85 50.07
C SER C 214 -48.60 -36.54 49.75
N THR C 215 -49.13 -35.52 50.44
CA THR C 215 -50.51 -35.11 50.24
C THR C 215 -50.81 -34.69 48.80
N TYR C 216 -49.83 -34.12 48.09
CA TYR C 216 -50.11 -33.60 46.76
C TYR C 216 -50.36 -34.70 45.73
N LEU C 217 -50.19 -35.97 46.09
CA LEU C 217 -50.38 -37.08 45.18
C LEU C 217 -51.70 -37.83 45.38
N LEU C 218 -52.56 -37.37 46.30
CA LEU C 218 -53.84 -38.02 46.54
C LEU C 218 -54.82 -37.72 45.42
N ALA C 219 -55.67 -38.69 45.09
CA ALA C 219 -56.70 -38.48 44.09
C ALA C 219 -58.01 -39.17 44.48
N PHE C 220 -59.11 -38.47 44.24
CA PHE C 220 -60.47 -38.95 44.54
C PHE C 220 -61.33 -38.61 43.34
N ILE C 221 -61.88 -39.63 42.67
CA ILE C 221 -62.69 -39.40 41.48
C ILE C 221 -63.98 -40.20 41.57
N VAL C 222 -65.11 -39.55 41.28
CA VAL C 222 -66.40 -40.23 41.21
C VAL C 222 -67.00 -39.92 39.85
N SER C 223 -67.30 -40.96 39.08
CA SER C 223 -67.80 -40.77 37.72
C SER C 223 -68.51 -42.04 37.29
N GLU C 224 -69.08 -42.02 36.09
CA GLU C 224 -69.51 -43.25 35.44
C GLU C 224 -68.68 -43.51 34.19
N PHE C 225 -67.39 -43.14 34.24
CA PHE C 225 -66.48 -43.47 33.16
C PHE C 225 -66.40 -44.98 32.96
N ASP C 226 -66.06 -45.39 31.74
CA ASP C 226 -65.70 -46.77 31.47
C ASP C 226 -64.19 -46.89 31.35
N TYR C 227 -63.70 -48.13 31.22
CA TYR C 227 -62.27 -48.33 31.11
C TYR C 227 -61.97 -49.58 30.29
N VAL C 228 -60.73 -49.63 29.78
CA VAL C 228 -60.12 -50.85 29.29
C VAL C 228 -58.96 -51.20 30.23
N GLU C 229 -58.57 -52.48 30.22
CA GLU C 229 -57.56 -52.92 31.18
C GLU C 229 -56.71 -54.04 30.61
N LYS C 230 -55.49 -54.15 31.14
CA LYS C 230 -54.55 -55.20 30.76
C LYS C 230 -53.50 -55.33 31.86
N GLN C 231 -53.23 -56.56 32.27
CA GLN C 231 -52.14 -56.82 33.19
C GLN C 231 -50.79 -56.68 32.48
N ALA C 232 -49.91 -55.89 33.07
CA ALA C 232 -48.58 -55.66 32.50
C ALA C 232 -47.66 -56.83 32.82
N SER C 233 -46.56 -56.92 32.08
CA SER C 233 -45.68 -58.07 32.22
C SER C 233 -45.02 -58.15 33.59
N ASN C 234 -45.03 -57.05 34.36
CA ASN C 234 -44.57 -57.05 35.74
C ASN C 234 -45.69 -57.29 36.75
N GLY C 235 -46.85 -57.74 36.28
CA GLY C 235 -47.95 -58.08 37.16
C GLY C 235 -48.81 -56.91 37.59
N VAL C 236 -48.44 -55.68 37.22
CA VAL C 236 -49.24 -54.52 37.58
C VAL C 236 -50.45 -54.43 36.66
N LEU C 237 -51.62 -54.19 37.24
CA LEU C 237 -52.84 -54.00 36.49
C LEU C 237 -52.86 -52.57 35.94
N ILE C 238 -53.00 -52.42 34.62
CA ILE C 238 -53.17 -51.11 33.99
C ILE C 238 -54.63 -50.98 33.57
N ARG C 239 -55.25 -49.85 33.93
CA ARG C 239 -56.56 -49.50 33.43
C ARG C 239 -56.53 -48.09 32.85
N ILE C 240 -57.17 -47.93 31.70
CA ILE C 240 -57.37 -46.64 31.05
C ILE C 240 -58.85 -46.29 31.19
N TRP C 241 -59.13 -45.22 31.93
CA TRP C 241 -60.47 -44.78 32.24
C TRP C 241 -60.76 -43.51 31.46
N ALA C 242 -61.94 -43.45 30.88
CA ALA C 242 -62.35 -42.25 30.16
C ALA C 242 -63.86 -42.26 30.04
N ARG C 243 -64.36 -41.16 29.50
CA ARG C 243 -65.77 -41.03 29.24
C ARG C 243 -66.24 -42.24 28.42
N PRO C 244 -67.44 -42.75 28.65
CA PRO C 244 -67.83 -44.00 27.99
C PRO C 244 -67.68 -43.98 26.47
N SER C 245 -68.05 -42.87 25.85
CA SER C 245 -67.96 -42.77 24.39
C SER C 245 -66.52 -42.89 23.91
N ALA C 246 -65.57 -42.32 24.65
CA ALA C 246 -64.17 -42.42 24.25
C ALA C 246 -63.66 -43.85 24.34
N ILE C 247 -63.96 -44.55 25.44
CA ILE C 247 -63.52 -45.93 25.57
C ILE C 247 -64.16 -46.79 24.48
N ALA C 248 -65.45 -46.60 24.26
CA ALA C 248 -66.14 -47.39 23.24
C ALA C 248 -65.56 -47.11 21.85
N ALA C 249 -65.19 -45.85 21.59
CA ALA C 249 -64.58 -45.48 20.31
C ALA C 249 -63.15 -45.98 20.17
N GLY C 250 -62.56 -46.56 21.21
CA GLY C 250 -61.21 -47.08 21.09
C GLY C 250 -60.12 -46.07 21.38
N HIS C 251 -60.45 -44.92 21.95
CA HIS C 251 -59.46 -43.85 22.06
C HIS C 251 -58.47 -44.07 23.19
N GLY C 252 -58.68 -45.09 24.03
CA GLY C 252 -57.76 -45.50 25.05
C GLY C 252 -56.80 -46.61 24.67
N ASP C 253 -56.95 -47.17 23.46
CA ASP C 253 -56.20 -48.37 23.12
C ASP C 253 -54.69 -48.11 23.04
N TYR C 254 -54.29 -46.97 22.47
CA TYR C 254 -52.86 -46.64 22.41
C TYR C 254 -52.27 -46.48 23.80
N ALA C 255 -52.98 -45.78 24.69
CA ALA C 255 -52.53 -45.65 26.07
C ALA C 255 -52.37 -47.03 26.70
N LEU C 256 -53.29 -47.95 26.45
CA LEU C 256 -53.14 -49.29 27.01
C LEU C 256 -51.91 -49.99 26.43
N ASN C 257 -51.64 -49.76 25.14
CA ASN C 257 -50.47 -50.36 24.52
C ASN C 257 -49.16 -49.87 25.13
N VAL C 258 -49.11 -48.61 25.57
CA VAL C 258 -47.82 -48.06 25.97
C VAL C 258 -47.64 -47.98 27.48
N THR C 259 -48.73 -47.86 28.24
CA THR C 259 -48.59 -47.53 29.66
C THR C 259 -47.87 -48.64 30.42
N GLY C 260 -48.43 -49.85 30.42
CA GLY C 260 -47.83 -50.95 31.12
C GLY C 260 -46.42 -51.28 30.68
N PRO C 261 -46.21 -51.38 29.37
CA PRO C 261 -44.84 -51.66 28.87
C PRO C 261 -43.82 -50.61 29.29
N ILE C 262 -44.20 -49.33 29.26
CA ILE C 262 -43.28 -48.29 29.72
C ILE C 262 -43.01 -48.44 31.21
N LEU C 263 -44.05 -48.70 32.00
CA LEU C 263 -43.87 -48.87 33.44
C LEU C 263 -42.87 -49.99 33.72
N ASN C 264 -43.05 -51.13 33.05
CA ASN C 264 -42.12 -52.25 33.21
C ASN C 264 -40.71 -51.86 32.74
N PHE C 265 -40.63 -51.11 31.64
CA PHE C 265 -39.33 -50.64 31.16
C PHE C 265 -38.63 -49.82 32.23
N PHE C 266 -39.35 -48.87 32.84
CA PHE C 266 -38.72 -48.03 33.86
C PHE C 266 -38.31 -48.86 35.07
N ALA C 267 -39.17 -49.79 35.48
CA ALA C 267 -38.84 -50.62 36.64
C ALA C 267 -37.58 -51.43 36.42
N GLY C 268 -37.45 -52.01 35.22
CA GLY C 268 -36.23 -52.73 34.87
C GLY C 268 -35.02 -51.82 34.74
N HIS C 269 -35.18 -50.73 33.99
CA HIS C 269 -34.07 -49.81 33.74
C HIS C 269 -33.47 -49.29 35.05
N TYR C 270 -34.31 -48.96 36.02
CA TYR C 270 -33.85 -48.44 37.30
C TYR C 270 -33.77 -49.51 38.38
N ASP C 271 -33.98 -50.78 38.02
CA ASP C 271 -33.96 -51.89 38.97
C ASP C 271 -34.80 -51.59 40.22
N THR C 272 -35.98 -51.03 40.01
CA THR C 272 -36.80 -50.55 41.12
C THR C 272 -38.26 -50.79 40.80
N PRO C 273 -38.89 -51.79 41.43
CA PRO C 273 -40.28 -52.12 41.10
C PRO C 273 -41.24 -50.97 41.36
N TYR C 274 -42.27 -50.91 40.55
CA TYR C 274 -43.45 -50.13 40.92
C TYR C 274 -44.18 -50.91 42.00
N PRO C 275 -44.40 -50.35 43.19
CA PRO C 275 -44.83 -51.17 44.33
C PRO C 275 -46.34 -51.35 44.48
N LEU C 276 -47.13 -50.62 43.73
CA LEU C 276 -48.57 -50.63 43.93
C LEU C 276 -49.23 -51.67 43.03
N PRO C 277 -50.44 -52.12 43.38
CA PRO C 277 -51.08 -53.19 42.61
C PRO C 277 -51.65 -52.76 41.26
N LYS C 278 -51.91 -51.47 41.06
CA LYS C 278 -52.47 -50.99 39.81
C LYS C 278 -51.92 -49.61 39.53
N SER C 279 -52.01 -49.20 38.28
CA SER C 279 -51.76 -47.81 37.90
C SER C 279 -52.88 -47.39 36.95
N ASP C 280 -53.84 -46.64 37.48
CA ASP C 280 -54.94 -46.15 36.67
C ASP C 280 -54.51 -44.90 35.92
N GLN C 281 -54.91 -44.80 34.66
CA GLN C 281 -54.77 -43.58 33.88
C GLN C 281 -56.18 -43.13 33.57
N ILE C 282 -56.50 -41.85 33.81
CA ILE C 282 -57.87 -41.38 33.64
C ILE C 282 -57.86 -40.04 32.92
N GLY C 283 -58.76 -39.90 31.95
CA GLY C 283 -58.80 -38.68 31.17
C GLY C 283 -60.00 -37.83 31.52
N LEU C 284 -59.77 -36.58 31.92
CA LEU C 284 -60.82 -35.69 32.41
C LEU C 284 -61.21 -34.66 31.36
N PRO C 285 -62.49 -34.37 31.18
CA PRO C 285 -62.88 -33.30 30.26
C PRO C 285 -62.38 -31.92 30.68
N ASP C 286 -62.11 -31.68 31.96
CA ASP C 286 -61.65 -30.38 32.44
C ASP C 286 -60.46 -30.56 33.37
N PHE C 287 -59.30 -30.02 32.96
CA PHE C 287 -58.04 -30.25 33.66
C PHE C 287 -57.09 -29.13 33.25
N ASN C 288 -56.47 -28.47 34.23
CA ASN C 288 -55.66 -27.30 33.94
C ASN C 288 -54.36 -27.64 33.22
N ALA C 289 -53.50 -28.44 33.83
CA ALA C 289 -52.21 -28.76 33.23
C ALA C 289 -52.35 -29.93 32.24
N GLY C 290 -51.21 -30.46 31.80
CA GLY C 290 -51.24 -31.62 30.93
C GLY C 290 -51.72 -32.88 31.64
N ALA C 291 -51.25 -33.09 32.87
CA ALA C 291 -51.52 -34.33 33.60
C ALA C 291 -51.01 -34.13 35.03
N MET C 292 -51.24 -35.14 35.87
CA MET C 292 -50.78 -35.10 37.25
C MET C 292 -50.52 -36.52 37.73
N GLU C 293 -49.34 -36.74 38.31
CA GLU C 293 -48.81 -38.08 38.54
C GLU C 293 -49.38 -38.76 39.80
N ASN C 294 -50.62 -38.47 40.18
CA ASN C 294 -51.15 -38.97 41.44
C ASN C 294 -50.92 -40.48 41.56
N TRP C 295 -50.42 -40.92 42.72
CA TRP C 295 -49.88 -42.27 42.85
C TRP C 295 -51.01 -43.28 42.82
N GLY C 296 -51.10 -44.04 41.73
CA GLY C 296 -52.16 -45.00 41.54
C GLY C 296 -53.31 -44.49 40.69
N LEU C 297 -53.42 -43.17 40.47
CA LEU C 297 -54.56 -42.64 39.73
C LEU C 297 -54.09 -41.38 38.98
N VAL C 298 -53.40 -41.60 37.88
CA VAL C 298 -52.76 -40.53 37.12
C VAL C 298 -53.81 -39.88 36.22
N THR C 299 -53.95 -38.57 36.32
CA THR C 299 -54.96 -37.84 35.56
C THR C 299 -54.34 -37.16 34.35
N TYR C 300 -55.15 -36.99 33.30
CA TYR C 300 -54.69 -36.42 32.04
C TYR C 300 -55.81 -35.58 31.47
N ARG C 301 -55.45 -34.54 30.69
CA ARG C 301 -56.41 -34.04 29.71
C ARG C 301 -56.74 -35.13 28.71
N GLU C 302 -57.99 -35.15 28.25
CA GLU C 302 -58.36 -36.04 27.16
C GLU C 302 -57.36 -35.96 26.00
N ASN C 303 -56.89 -34.76 25.66
CA ASN C 303 -55.99 -34.60 24.53
C ASN C 303 -54.57 -35.11 24.77
N SER C 304 -54.24 -35.61 25.97
CA SER C 304 -52.90 -36.12 26.23
C SER C 304 -52.92 -37.62 26.46
N LEU C 305 -54.10 -38.23 26.56
CA LEU C 305 -54.28 -39.64 26.86
C LEU C 305 -55.04 -40.35 25.76
N LEU C 306 -56.15 -39.76 25.31
CA LEU C 306 -56.95 -40.36 24.25
C LEU C 306 -56.30 -40.12 22.89
N PHE C 307 -56.60 -41.01 21.95
CA PHE C 307 -55.99 -40.94 20.63
C PHE C 307 -56.87 -41.67 19.62
N ASP C 308 -57.16 -41.02 18.50
CA ASP C 308 -57.97 -41.64 17.44
C ASP C 308 -57.06 -41.82 16.23
N PRO C 309 -56.69 -43.05 15.86
CA PRO C 309 -55.77 -43.25 14.73
C PRO C 309 -56.26 -42.65 13.42
N LEU C 310 -57.56 -42.43 13.26
CA LEU C 310 -58.10 -41.93 12.00
C LEU C 310 -58.25 -40.41 11.94
N SER C 311 -58.13 -39.71 13.06
CA SER C 311 -58.28 -38.26 13.06
C SER C 311 -57.21 -37.52 13.86
N SER C 312 -56.49 -38.19 14.75
CA SER C 312 -55.45 -37.53 15.53
C SER C 312 -54.18 -37.46 14.70
N SER C 313 -53.40 -36.40 14.91
CA SER C 313 -52.17 -36.23 14.16
C SER C 313 -51.03 -37.04 14.80
N SER C 314 -49.93 -37.14 14.05
CA SER C 314 -48.71 -37.75 14.58
C SER C 314 -48.17 -36.94 15.76
N SER C 315 -48.32 -35.62 15.71
CA SER C 315 -47.94 -34.79 16.84
C SER C 315 -48.75 -35.12 18.08
N ASN C 316 -50.06 -35.35 17.92
CA ASN C 316 -50.87 -35.78 19.06
C ASN C 316 -50.36 -37.10 19.63
N LYS C 317 -50.02 -38.06 18.77
CA LYS C 317 -49.53 -39.34 19.26
C LYS C 317 -48.23 -39.19 20.03
N GLU C 318 -47.32 -38.37 19.50
CA GLU C 318 -46.07 -38.11 20.21
C GLU C 318 -46.31 -37.44 21.55
N ARG C 319 -47.23 -36.46 21.59
CA ARG C 319 -47.59 -35.86 22.88
C ARG C 319 -48.12 -36.91 23.84
N VAL C 320 -48.98 -37.81 23.36
CA VAL C 320 -49.55 -38.82 24.24
C VAL C 320 -48.46 -39.70 24.84
N VAL C 321 -47.60 -40.25 24.00
CA VAL C 321 -46.59 -41.17 24.51
C VAL C 321 -45.60 -40.46 25.42
N THR C 322 -45.24 -39.21 25.10
CA THR C 322 -44.29 -38.48 25.93
C THR C 322 -44.90 -38.08 27.26
N VAL C 323 -46.16 -37.67 27.28
CA VAL C 323 -46.81 -37.30 28.53
C VAL C 323 -47.01 -38.52 29.41
N ILE C 324 -47.43 -39.65 28.81
CA ILE C 324 -47.54 -40.89 29.57
C ILE C 324 -46.19 -41.24 30.18
N ALA C 325 -45.12 -41.21 29.36
CA ALA C 325 -43.78 -41.50 29.87
C ALA C 325 -43.41 -40.56 31.01
N HIS C 326 -43.76 -39.28 30.89
CA HIS C 326 -43.46 -38.31 31.95
C HIS C 326 -44.16 -38.68 33.26
N GLU C 327 -45.48 -38.91 33.19
CA GLU C 327 -46.22 -39.23 34.40
C GLU C 327 -45.76 -40.54 35.02
N LEU C 328 -45.42 -41.54 34.18
CA LEU C 328 -44.92 -42.79 34.73
C LEU C 328 -43.54 -42.59 35.35
N ALA C 329 -42.71 -41.74 34.74
CA ALA C 329 -41.41 -41.42 35.31
C ALA C 329 -41.59 -40.85 36.72
N HIS C 330 -42.62 -40.02 36.91
CA HIS C 330 -42.85 -39.44 38.22
C HIS C 330 -43.13 -40.49 39.30
N GLN C 331 -43.58 -41.69 38.94
CA GLN C 331 -43.84 -42.70 39.96
C GLN C 331 -42.58 -43.01 40.76
N TRP C 332 -41.42 -42.90 40.12
CA TRP C 332 -40.14 -43.05 40.80
C TRP C 332 -39.62 -41.69 41.27
N PHE C 333 -39.47 -40.75 40.33
CA PHE C 333 -38.94 -39.43 40.62
C PHE C 333 -40.09 -38.48 40.96
N GLY C 334 -40.55 -38.57 42.19
CA GLY C 334 -41.63 -37.75 42.70
C GLY C 334 -42.51 -38.46 43.71
N ASN C 335 -42.93 -39.68 43.39
CA ASN C 335 -43.88 -40.39 44.23
C ASN C 335 -43.15 -41.26 45.25
N LEU C 336 -42.33 -42.19 44.75
CA LEU C 336 -41.54 -43.04 45.63
C LEU C 336 -40.50 -42.23 46.39
N VAL C 337 -39.75 -41.39 45.67
CA VAL C 337 -38.80 -40.45 46.22
C VAL C 337 -39.31 -39.05 45.91
N THR C 338 -39.40 -38.20 46.91
CA THR C 338 -40.06 -36.91 46.79
C THR C 338 -39.11 -35.79 47.21
N ILE C 339 -39.20 -34.66 46.50
CA ILE C 339 -38.48 -33.46 46.90
C ILE C 339 -38.74 -33.16 48.37
N GLU C 340 -37.68 -32.72 49.06
CA GLU C 340 -37.83 -32.24 50.43
C GLU C 340 -38.70 -31.00 50.47
N TRP C 341 -38.51 -30.09 49.52
CA TRP C 341 -39.27 -28.87 49.45
C TRP C 341 -39.30 -28.40 48.00
N TRP C 342 -40.25 -27.50 47.71
CA TRP C 342 -40.50 -27.07 46.35
C TRP C 342 -39.31 -26.38 45.70
N ASN C 343 -38.38 -25.83 46.49
CA ASN C 343 -37.22 -25.19 45.90
C ASN C 343 -36.44 -26.16 45.03
N ASP C 344 -36.52 -27.46 45.31
CA ASP C 344 -35.82 -28.48 44.54
C ASP C 344 -36.76 -29.19 43.57
N LEU C 345 -37.82 -28.50 43.14
CA LEU C 345 -38.86 -29.11 42.32
C LEU C 345 -38.32 -29.85 41.10
N TRP C 346 -37.23 -29.36 40.51
CA TRP C 346 -36.64 -30.02 39.35
C TRP C 346 -36.30 -31.48 39.58
N LEU C 347 -36.03 -31.87 40.83
CA LEU C 347 -35.74 -33.26 41.12
C LEU C 347 -36.91 -34.16 40.77
N ASN C 348 -38.12 -33.62 40.83
CA ASN C 348 -39.25 -34.33 40.28
C ASN C 348 -39.36 -34.08 38.78
N GLU C 349 -39.48 -32.81 38.37
CA GLU C 349 -39.94 -32.55 37.01
C GLU C 349 -38.82 -32.65 35.98
N GLY C 350 -37.60 -32.23 36.33
CA GLY C 350 -36.50 -32.36 35.41
C GLY C 350 -36.19 -33.81 35.09
N PHE C 351 -36.19 -34.66 36.11
CA PHE C 351 -35.98 -36.08 35.84
C PHE C 351 -37.09 -36.59 34.94
N ALA C 352 -38.34 -36.31 35.28
CA ALA C 352 -39.43 -36.80 34.45
C ALA C 352 -39.29 -36.24 33.04
N SER C 353 -38.87 -34.97 32.95
CA SER C 353 -38.76 -34.33 31.63
C SER C 353 -37.67 -34.98 30.82
N TYR C 354 -36.65 -35.52 31.49
CA TYR C 354 -35.64 -36.26 30.76
C TYR C 354 -36.11 -37.69 30.54
N VAL C 355 -36.58 -38.35 31.60
CA VAL C 355 -36.87 -39.77 31.51
C VAL C 355 -38.02 -40.04 30.56
N GLU C 356 -38.92 -39.08 30.39
CA GLU C 356 -40.00 -39.24 29.41
C GLU C 356 -39.47 -39.64 28.04
N TYR C 357 -38.31 -39.09 27.65
CA TYR C 357 -37.78 -39.42 26.33
C TYR C 357 -37.30 -40.85 26.29
N LEU C 358 -36.75 -41.36 27.38
CA LEU C 358 -36.38 -42.76 27.40
C LEU C 358 -37.61 -43.64 27.25
N GLY C 359 -38.67 -43.33 28.00
CA GLY C 359 -39.86 -44.16 27.91
C GLY C 359 -40.51 -44.10 26.54
N ALA C 360 -40.67 -42.90 26.00
CA ALA C 360 -41.27 -42.81 24.69
C ALA C 360 -40.37 -43.47 23.67
N ASP C 361 -39.05 -43.28 23.82
CA ASP C 361 -38.14 -43.93 22.89
C ASP C 361 -38.26 -45.45 22.99
N TYR C 362 -38.47 -45.96 24.20
CA TYR C 362 -38.70 -47.39 24.34
C TYR C 362 -39.96 -47.80 23.58
N ALA C 363 -41.06 -47.07 23.81
CA ALA C 363 -42.33 -47.41 23.15
C ALA C 363 -42.30 -47.17 21.64
N GLU C 364 -41.59 -46.14 21.19
CA GLU C 364 -41.55 -45.79 19.76
C GLU C 364 -40.10 -45.60 19.33
N PRO C 365 -39.34 -46.70 19.23
CA PRO C 365 -37.90 -46.58 18.99
C PRO C 365 -37.54 -46.05 17.61
N THR C 366 -38.50 -45.98 16.69
CA THR C 366 -38.25 -45.50 15.34
C THR C 366 -38.42 -43.99 15.19
N TRP C 367 -38.85 -43.31 16.25
CA TRP C 367 -39.17 -41.89 16.14
C TRP C 367 -37.95 -41.00 16.35
N ASN C 368 -36.92 -41.48 17.05
CA ASN C 368 -35.75 -40.66 17.33
C ASN C 368 -36.13 -39.41 18.13
N LEU C 369 -36.91 -39.62 19.19
CA LEU C 369 -37.47 -38.50 19.93
C LEU C 369 -36.41 -37.81 20.78
N LYS C 370 -35.45 -38.56 21.32
CA LYS C 370 -34.40 -37.99 22.14
C LYS C 370 -33.77 -36.75 21.50
N ASP C 371 -33.62 -36.75 20.16
CA ASP C 371 -33.08 -35.59 19.47
C ASP C 371 -33.91 -34.33 19.72
N LEU C 372 -35.22 -34.48 19.79
CA LEU C 372 -36.08 -33.32 19.89
C LEU C 372 -35.90 -32.62 21.23
N MET C 373 -35.22 -33.27 22.17
CA MET C 373 -34.90 -32.61 23.42
C MET C 373 -34.17 -31.29 23.18
N VAL C 374 -33.39 -31.22 22.10
CA VAL C 374 -32.68 -29.98 21.82
C VAL C 374 -33.65 -28.83 21.57
N LEU C 375 -34.67 -29.07 20.73
CA LEU C 375 -35.61 -27.99 20.42
C LEU C 375 -36.61 -27.74 21.54
N ASN C 376 -37.20 -28.82 22.07
CA ASN C 376 -38.34 -28.71 22.97
C ASN C 376 -37.94 -28.36 24.40
N ASP C 377 -36.70 -28.63 24.80
CA ASP C 377 -36.25 -28.35 26.16
C ASP C 377 -35.09 -27.36 26.21
N VAL C 378 -33.93 -27.71 25.65
CA VAL C 378 -32.76 -26.84 25.73
C VAL C 378 -33.07 -25.45 25.21
N TYR C 379 -33.44 -25.35 23.93
CA TYR C 379 -33.67 -24.04 23.35
C TYR C 379 -34.95 -23.40 23.86
N ARG C 380 -35.96 -24.21 24.24
CA ARG C 380 -37.12 -23.65 24.89
C ARG C 380 -36.73 -22.83 26.11
N VAL C 381 -35.88 -23.40 26.97
CA VAL C 381 -35.61 -22.75 28.23
C VAL C 381 -34.49 -21.71 28.13
N MET C 382 -33.60 -21.82 27.14
CA MET C 382 -32.51 -20.86 27.07
C MET C 382 -33.03 -19.45 26.82
N ALA C 383 -34.20 -19.33 26.19
CA ALA C 383 -34.82 -18.03 25.99
C ALA C 383 -35.03 -17.30 27.32
N VAL C 384 -35.66 -17.98 28.28
CA VAL C 384 -35.96 -17.34 29.55
C VAL C 384 -34.77 -17.36 30.50
N ASP C 385 -33.88 -18.35 30.37
CA ASP C 385 -32.77 -18.47 31.30
C ASP C 385 -31.61 -17.53 30.96
N ALA C 386 -31.74 -16.78 29.86
CA ALA C 386 -30.82 -15.70 29.53
C ALA C 386 -31.31 -14.35 30.05
N LEU C 387 -32.35 -14.33 30.88
CA LEU C 387 -32.85 -13.11 31.48
C LEU C 387 -32.28 -12.94 32.89
N ALA C 388 -32.12 -11.68 33.29
CA ALA C 388 -31.75 -11.35 34.66
C ALA C 388 -32.81 -11.75 35.68
N SER C 389 -34.07 -11.88 35.28
CA SER C 389 -35.14 -12.28 36.19
C SER C 389 -35.43 -13.78 36.15
N SER C 390 -34.48 -14.60 35.72
CA SER C 390 -34.61 -16.03 35.91
C SER C 390 -34.29 -16.39 37.36
N HIS C 391 -34.15 -17.67 37.64
CA HIS C 391 -33.91 -18.17 38.99
C HIS C 391 -33.12 -19.47 38.88
N PRO C 392 -32.36 -19.83 39.91
CA PRO C 392 -31.55 -21.06 39.79
C PRO C 392 -32.44 -22.28 39.72
N LEU C 393 -31.90 -23.35 39.15
CA LEU C 393 -32.58 -24.64 39.17
C LEU C 393 -32.96 -25.05 40.58
N SER C 394 -32.04 -24.92 41.53
CA SER C 394 -32.32 -25.16 42.95
C SER C 394 -32.24 -23.84 43.71
N THR C 395 -33.39 -23.25 43.97
CA THR C 395 -33.44 -22.01 44.72
C THR C 395 -33.19 -22.30 46.20
N PRO C 396 -32.56 -21.39 46.95
CA PRO C 396 -32.43 -21.63 48.39
C PRO C 396 -33.80 -21.85 49.02
N ALA C 397 -33.89 -22.85 49.90
CA ALA C 397 -35.19 -23.23 50.43
C ALA C 397 -35.86 -22.10 51.20
N SER C 398 -35.07 -21.27 51.88
CA SER C 398 -35.59 -20.15 52.67
C SER C 398 -36.25 -19.07 51.81
N GLU C 399 -36.04 -19.07 50.50
CA GLU C 399 -36.66 -18.09 49.62
C GLU C 399 -38.02 -18.51 49.09
N ILE C 400 -38.42 -19.77 49.27
CA ILE C 400 -39.65 -20.31 48.66
C ILE C 400 -40.60 -20.61 49.81
N ASN C 401 -41.58 -19.74 50.02
CA ASN C 401 -42.43 -19.83 51.20
C ASN C 401 -43.92 -19.79 50.89
N THR C 402 -44.38 -18.90 50.00
CA THR C 402 -45.81 -18.75 49.77
C THR C 402 -46.27 -19.61 48.59
N PRO C 403 -47.58 -19.89 48.52
CA PRO C 403 -48.11 -20.64 47.37
C PRO C 403 -47.81 -20.00 46.04
N ALA C 404 -47.79 -18.67 45.97
CA ALA C 404 -47.47 -17.98 44.72
C ALA C 404 -46.03 -18.26 44.32
N GLN C 405 -45.10 -18.19 45.28
CA GLN C 405 -43.70 -18.46 44.99
C GLN C 405 -43.50 -19.90 44.54
N ILE C 406 -44.27 -20.84 45.13
CA ILE C 406 -44.20 -22.24 44.72
C ILE C 406 -44.68 -22.39 43.28
N SER C 407 -45.90 -21.92 43.00
CA SER C 407 -46.45 -22.06 41.66
C SER C 407 -45.60 -21.33 40.63
N GLU C 408 -44.79 -20.36 41.05
CA GLU C 408 -43.87 -19.69 40.14
C GLU C 408 -42.80 -20.63 39.60
N LEU C 409 -42.40 -21.63 40.38
CA LEU C 409 -41.35 -22.55 39.99
C LEU C 409 -41.77 -23.60 38.97
N PHE C 410 -43.06 -23.75 38.67
CA PHE C 410 -43.51 -24.66 37.62
C PHE C 410 -43.36 -24.01 36.24
N ASP C 411 -42.09 -23.91 35.82
CA ASP C 411 -41.70 -23.07 34.71
C ASP C 411 -40.69 -23.80 33.86
N ALA C 412 -40.17 -23.10 32.84
CA ALA C 412 -39.27 -23.71 31.88
C ALA C 412 -37.96 -24.15 32.54
N ILE C 413 -37.53 -23.45 33.59
CA ILE C 413 -36.29 -23.85 34.28
C ILE C 413 -36.43 -25.24 34.87
N SER C 414 -37.41 -25.44 35.74
CA SER C 414 -37.54 -26.70 36.48
C SER C 414 -37.76 -27.88 35.55
N TYR C 415 -38.55 -27.70 34.49
CA TYR C 415 -38.82 -28.80 33.58
C TYR C 415 -37.69 -28.95 32.56
N SER C 416 -37.51 -27.94 31.73
CA SER C 416 -36.67 -28.06 30.55
C SER C 416 -35.18 -27.87 30.86
N LYS C 417 -34.81 -26.90 31.71
CA LYS C 417 -33.40 -26.84 32.09
C LYS C 417 -33.02 -28.06 32.92
N GLY C 418 -33.90 -28.48 33.84
CA GLY C 418 -33.69 -29.74 34.54
C GLY C 418 -33.37 -30.88 33.58
N ALA C 419 -34.25 -31.08 32.58
CA ALA C 419 -34.03 -32.14 31.60
C ALA C 419 -32.71 -31.95 30.86
N SER C 420 -32.40 -30.71 30.47
CA SER C 420 -31.18 -30.47 29.72
C SER C 420 -29.94 -30.81 30.54
N VAL C 421 -29.94 -30.40 31.81
CA VAL C 421 -28.79 -30.67 32.67
C VAL C 421 -28.66 -32.15 32.93
N LEU C 422 -29.79 -32.87 33.04
CA LEU C 422 -29.72 -34.32 33.19
C LEU C 422 -29.24 -34.99 31.91
N ARG C 423 -29.66 -34.47 30.75
CA ARG C 423 -29.12 -34.96 29.48
C ARG C 423 -27.61 -34.80 29.44
N MET C 424 -27.12 -33.66 29.89
CA MET C 424 -25.68 -33.41 29.89
C MET C 424 -24.96 -34.34 30.84
N LEU C 425 -25.52 -34.52 32.04
CA LEU C 425 -24.93 -35.39 33.04
C LEU C 425 -24.84 -36.82 32.53
N SER C 426 -25.95 -37.33 31.99
CA SER C 426 -25.95 -38.65 31.37
C SER C 426 -24.91 -38.76 30.26
N SER C 427 -24.78 -37.71 29.44
CA SER C 427 -23.81 -37.74 28.36
C SER C 427 -22.37 -37.85 28.86
N PHE C 428 -21.98 -37.03 29.84
CA PHE C 428 -20.58 -37.10 30.26
C PHE C 428 -20.28 -38.25 31.21
N LEU C 429 -21.28 -38.76 31.95
CA LEU C 429 -21.08 -39.93 32.79
C LEU C 429 -21.21 -41.24 32.00
N SER C 430 -21.95 -41.21 30.89
CA SER C 430 -22.56 -42.37 30.25
C SER C 430 -23.85 -42.77 30.95
N GLU C 431 -24.83 -43.22 30.18
CA GLU C 431 -26.14 -43.52 30.72
C GLU C 431 -26.10 -44.68 31.73
N ASP C 432 -25.24 -45.67 31.48
CA ASP C 432 -25.18 -46.83 32.37
C ASP C 432 -24.75 -46.43 33.78
N VAL C 433 -23.75 -45.55 33.90
CA VAL C 433 -23.28 -45.12 35.21
C VAL C 433 -24.33 -44.24 35.86
N PHE C 434 -24.91 -43.34 35.07
CA PHE C 434 -25.98 -42.48 35.57
C PHE C 434 -27.08 -43.32 36.18
N LYS C 435 -27.57 -44.31 35.44
CA LYS C 435 -28.70 -45.10 35.92
C LYS C 435 -28.31 -46.00 37.10
N GLN C 436 -27.06 -46.46 37.16
CA GLN C 436 -26.61 -47.17 38.36
C GLN C 436 -26.71 -46.28 39.60
N GLY C 437 -26.24 -45.04 39.48
CA GLY C 437 -26.33 -44.12 40.61
C GLY C 437 -27.76 -43.78 40.96
N LEU C 438 -28.61 -43.61 39.95
CA LEU C 438 -30.02 -43.31 40.20
C LEU C 438 -30.72 -44.49 40.87
N ALA C 439 -30.46 -45.72 40.41
CA ALA C 439 -31.02 -46.89 41.07
C ALA C 439 -30.63 -46.90 42.55
N SER C 440 -29.37 -46.57 42.85
CA SER C 440 -28.94 -46.54 44.24
C SER C 440 -29.70 -45.46 45.02
N TYR C 441 -29.81 -44.28 44.43
CA TYR C 441 -30.60 -43.19 45.00
C TYR C 441 -32.03 -43.61 45.31
N LEU C 442 -32.71 -44.22 44.34
CA LEU C 442 -34.10 -44.63 44.53
C LEU C 442 -34.22 -45.69 45.62
N HIS C 443 -33.31 -46.66 45.63
CA HIS C 443 -33.36 -47.69 46.66
C HIS C 443 -33.18 -47.08 48.05
N THR C 444 -32.20 -46.18 48.19
CA THR C 444 -31.89 -45.62 49.50
C THR C 444 -33.03 -44.73 50.02
N PHE C 445 -33.63 -43.92 49.14
CA PHE C 445 -34.58 -42.90 49.59
C PHE C 445 -36.04 -43.26 49.30
N ALA C 446 -36.34 -44.51 48.97
CA ALA C 446 -37.72 -44.92 48.77
C ALA C 446 -38.59 -44.56 49.98
N TYR C 447 -39.73 -43.91 49.70
CA TYR C 447 -40.69 -43.46 50.71
C TYR C 447 -40.16 -42.35 51.60
N GLN C 448 -39.14 -41.63 51.16
CA GLN C 448 -38.55 -40.55 51.95
C GLN C 448 -38.41 -39.32 51.07
N ASN C 449 -37.70 -38.29 51.55
CA ASN C 449 -37.54 -37.05 50.80
C ASN C 449 -36.06 -36.74 50.67
N THR C 450 -35.72 -36.08 49.57
CA THR C 450 -34.32 -35.79 49.23
C THR C 450 -34.12 -34.34 48.86
N ILE C 451 -32.88 -33.88 48.99
CA ILE C 451 -32.39 -32.68 48.33
C ILE C 451 -31.30 -33.07 47.34
N TYR C 452 -30.87 -32.07 46.56
CA TYR C 452 -29.91 -32.28 45.48
C TYR C 452 -28.60 -32.90 45.96
N LEU C 453 -28.15 -32.56 47.17
CA LEU C 453 -26.88 -33.10 47.66
C LEU C 453 -26.93 -34.62 47.80
N ASN C 454 -28.09 -35.18 48.16
CA ASN C 454 -28.20 -36.64 48.23
C ASN C 454 -27.97 -37.26 46.87
N LEU C 455 -28.47 -36.60 45.82
CA LEU C 455 -28.25 -37.09 44.47
C LEU C 455 -26.76 -37.05 44.15
N TRP C 456 -26.11 -35.90 44.42
CA TRP C 456 -24.69 -35.84 44.08
C TRP C 456 -23.93 -36.94 44.81
N ASP C 457 -24.27 -37.18 46.08
CA ASP C 457 -23.57 -38.19 46.86
C ASP C 457 -23.68 -39.58 46.22
N HIS C 458 -24.87 -39.95 45.76
CA HIS C 458 -25.02 -41.26 45.14
C HIS C 458 -24.40 -41.34 43.75
N LEU C 459 -24.48 -40.26 42.95
CA LEU C 459 -23.77 -40.27 41.69
C LEU C 459 -22.26 -40.35 41.88
N GLN C 460 -21.73 -39.66 42.89
CA GLN C 460 -20.30 -39.76 43.16
C GLN C 460 -19.92 -41.18 43.53
N GLU C 461 -20.75 -41.83 44.36
CA GLU C 461 -20.50 -43.22 44.71
C GLU C 461 -20.44 -44.09 43.46
N ALA C 462 -21.34 -43.85 42.50
CA ALA C 462 -21.33 -44.64 41.27
C ALA C 462 -20.11 -44.35 40.39
N VAL C 463 -19.74 -43.08 40.21
CA VAL C 463 -18.55 -42.77 39.41
C VAL C 463 -17.32 -43.43 40.05
N ASN C 464 -17.19 -43.32 41.37
CA ASN C 464 -16.05 -43.91 42.05
C ASN C 464 -16.03 -45.43 41.89
N ASN C 465 -17.19 -46.07 42.00
CA ASN C 465 -17.25 -47.51 41.77
C ASN C 465 -16.83 -47.89 40.36
N ARG C 466 -17.09 -47.05 39.38
CA ARG C 466 -16.79 -47.37 37.99
C ARG C 466 -15.48 -46.77 37.51
N SER C 467 -14.73 -46.13 38.40
CA SER C 467 -13.48 -45.45 38.07
C SER C 467 -13.63 -44.46 36.92
N ILE C 468 -14.77 -43.78 36.85
CA ILE C 468 -14.92 -42.70 35.88
C ILE C 468 -14.07 -41.54 36.37
N GLN C 469 -13.23 -41.00 35.49
CA GLN C 469 -12.38 -39.88 35.89
C GLN C 469 -12.96 -38.56 35.42
N LEU C 470 -13.12 -37.63 36.35
CA LEU C 470 -13.68 -36.31 36.12
C LEU C 470 -12.72 -35.27 36.68
N PRO C 471 -12.84 -34.01 36.26
CA PRO C 471 -11.90 -32.98 36.76
C PRO C 471 -12.09 -32.65 38.23
N THR C 472 -13.24 -33.00 38.82
CA THR C 472 -13.45 -32.86 40.24
C THR C 472 -14.66 -33.72 40.62
N THR C 473 -15.19 -33.49 41.81
CA THR C 473 -16.32 -34.29 42.28
C THR C 473 -17.61 -33.87 41.59
N VAL C 474 -18.57 -34.80 41.59
CA VAL C 474 -19.89 -34.53 41.03
C VAL C 474 -20.51 -33.29 41.67
N ARG C 475 -20.42 -33.17 42.99
CA ARG C 475 -20.95 -32.00 43.67
C ARG C 475 -20.40 -30.70 43.10
N ASP C 476 -19.09 -30.61 42.95
CA ASP C 476 -18.51 -29.34 42.50
C ASP C 476 -18.83 -29.04 41.04
N ILE C 477 -18.96 -30.05 40.19
CA ILE C 477 -19.40 -29.79 38.82
C ILE C 477 -20.84 -29.34 38.78
N MET C 478 -21.74 -30.09 39.42
CA MET C 478 -23.17 -29.88 39.22
C MET C 478 -23.71 -28.70 40.03
N ASN C 479 -23.08 -28.33 41.13
CA ASN C 479 -23.50 -27.12 41.83
C ASN C 479 -23.41 -25.90 40.93
N ARG C 480 -22.46 -25.88 40.00
CA ARG C 480 -22.34 -24.76 39.08
C ARG C 480 -23.58 -24.65 38.20
N TRP C 481 -24.16 -25.79 37.83
CA TRP C 481 -25.33 -25.83 36.96
C TRP C 481 -26.65 -25.76 37.73
N THR C 482 -26.61 -25.91 39.05
CA THR C 482 -27.82 -26.08 39.85
C THR C 482 -28.11 -24.92 40.79
N LEU C 483 -27.09 -24.29 41.36
CA LEU C 483 -27.29 -23.26 42.37
C LEU C 483 -27.26 -21.84 41.82
N GLN C 484 -26.80 -21.64 40.59
CA GLN C 484 -26.86 -20.33 39.96
C GLN C 484 -27.69 -20.42 38.68
N MET C 485 -28.36 -19.32 38.35
CA MET C 485 -29.17 -19.28 37.14
C MET C 485 -28.27 -19.21 35.90
N GLY C 486 -28.90 -19.43 34.74
CA GLY C 486 -28.29 -19.07 33.49
C GLY C 486 -27.35 -20.14 32.95
N PHE C 487 -26.58 -19.72 31.95
CA PHE C 487 -25.67 -20.62 31.26
C PHE C 487 -24.64 -19.76 30.53
N PRO C 488 -23.51 -20.34 30.16
CA PRO C 488 -22.47 -19.56 29.48
C PRO C 488 -22.61 -19.54 27.97
N VAL C 489 -22.11 -18.47 27.38
CA VAL C 489 -21.69 -18.48 25.98
C VAL C 489 -20.20 -18.74 26.02
N ILE C 490 -19.75 -19.71 25.23
CA ILE C 490 -18.35 -20.06 25.07
C ILE C 490 -17.88 -19.42 23.78
N THR C 491 -16.90 -18.54 23.87
CA THR C 491 -16.37 -17.84 22.71
C THR C 491 -15.01 -18.43 22.39
N VAL C 492 -14.85 -18.85 21.14
CA VAL C 492 -13.64 -19.52 20.67
C VAL C 492 -12.85 -18.57 19.79
N ASP C 493 -11.56 -18.41 20.08
CA ASP C 493 -10.62 -17.77 19.18
C ASP C 493 -9.79 -18.89 18.56
N THR C 494 -10.15 -19.27 17.33
CA THR C 494 -9.49 -20.37 16.62
C THR C 494 -8.11 -19.99 16.10
N SER C 495 -7.74 -18.71 16.17
CA SER C 495 -6.38 -18.32 15.79
C SER C 495 -5.38 -18.90 16.77
N THR C 496 -5.73 -18.87 18.05
CA THR C 496 -4.86 -19.23 19.14
C THR C 496 -5.36 -20.46 19.88
N GLY C 497 -6.60 -20.89 19.63
CA GLY C 497 -7.17 -21.99 20.37
C GLY C 497 -7.58 -21.60 21.76
N THR C 498 -7.88 -20.32 21.98
CA THR C 498 -8.34 -19.87 23.29
C THR C 498 -9.86 -19.96 23.40
N LEU C 499 -10.32 -20.30 24.60
CA LEU C 499 -11.73 -20.34 24.93
C LEU C 499 -11.96 -19.40 26.10
N SER C 500 -13.13 -18.78 26.11
CA SER C 500 -13.60 -18.07 27.28
C SER C 500 -15.09 -18.27 27.44
N GLN C 501 -15.59 -18.01 28.63
CA GLN C 501 -17.00 -18.16 28.94
C GLN C 501 -17.53 -16.87 29.56
N GLU C 502 -18.80 -16.56 29.30
CA GLU C 502 -19.43 -15.52 30.08
C GLU C 502 -20.93 -15.81 30.22
N HIS C 503 -21.53 -15.29 31.28
CA HIS C 503 -22.97 -15.41 31.48
C HIS C 503 -23.70 -14.79 30.28
N PHE C 504 -24.52 -15.59 29.60
CA PHE C 504 -25.23 -15.13 28.41
C PHE C 504 -26.49 -14.36 28.79
N LEU C 505 -26.56 -13.10 28.37
CA LEU C 505 -27.73 -12.25 28.63
C LEU C 505 -28.25 -11.69 27.31
N LEU C 506 -29.54 -11.88 27.05
CA LEU C 506 -30.16 -11.39 25.82
C LEU C 506 -30.09 -9.87 25.73
N ASP C 507 -30.17 -9.19 26.86
CA ASP C 507 -29.97 -7.75 26.92
C ASP C 507 -28.63 -7.46 27.58
N PRO C 508 -27.66 -6.92 26.84
CA PRO C 508 -26.39 -6.54 27.49
C PRO C 508 -26.57 -5.52 28.59
N ASP C 509 -27.59 -4.68 28.50
CA ASP C 509 -27.80 -3.64 29.48
C ASP C 509 -28.50 -4.16 30.75
N SER C 510 -28.97 -5.41 30.78
CA SER C 510 -29.73 -5.82 31.95
C SER C 510 -28.82 -5.86 33.17
N ASN C 511 -29.44 -5.68 34.34
CA ASN C 511 -28.75 -5.56 35.61
C ASN C 511 -28.96 -6.87 36.38
N VAL C 512 -27.97 -7.75 36.36
CA VAL C 512 -28.03 -8.98 37.16
C VAL C 512 -27.85 -8.63 38.64
N THR C 513 -28.92 -8.83 39.43
CA THR C 513 -28.94 -8.50 40.85
C THR C 513 -28.84 -9.70 41.78
N ARG C 514 -29.12 -10.91 41.32
CA ARG C 514 -28.98 -12.11 42.16
C ARG C 514 -27.52 -12.55 42.26
N PRO C 515 -26.89 -12.48 43.43
CA PRO C 515 -25.51 -12.96 43.53
C PRO C 515 -25.42 -14.48 43.39
N SER C 516 -24.26 -14.91 42.92
CA SER C 516 -23.89 -16.32 42.85
C SER C 516 -22.59 -16.54 43.64
N GLU C 517 -22.60 -17.50 44.56
CA GLU C 517 -21.33 -17.88 45.18
C GLU C 517 -20.30 -18.38 44.20
N PHE C 518 -20.69 -18.70 42.97
CA PHE C 518 -19.75 -19.12 41.93
C PHE C 518 -19.40 -18.02 40.95
N ASN C 519 -19.95 -16.81 41.12
CA ASN C 519 -19.55 -15.66 40.31
C ASN C 519 -19.93 -15.82 38.85
N TYR C 520 -20.95 -16.64 38.58
CA TYR C 520 -21.38 -16.97 37.22
C TYR C 520 -20.22 -17.44 36.36
N VAL C 521 -19.43 -18.35 36.92
CA VAL C 521 -18.44 -19.13 36.19
C VAL C 521 -18.85 -20.59 36.32
N TRP C 522 -18.77 -21.34 35.23
CA TRP C 522 -19.16 -22.74 35.21
C TRP C 522 -17.96 -23.65 34.97
N ILE C 523 -18.14 -24.92 35.33
CA ILE C 523 -17.28 -26.00 34.88
C ILE C 523 -18.02 -26.72 33.77
N VAL C 524 -17.47 -26.70 32.57
CA VAL C 524 -18.23 -26.99 31.35
C VAL C 524 -17.63 -28.18 30.62
N PRO C 525 -18.37 -29.26 30.40
CA PRO C 525 -17.87 -30.35 29.55
C PRO C 525 -18.06 -29.93 28.10
N ILE C 526 -16.96 -29.85 27.35
CA ILE C 526 -16.95 -29.37 25.97
C ILE C 526 -16.59 -30.52 25.04
N THR C 527 -17.57 -30.92 24.23
CA THR C 527 -17.34 -31.80 23.09
C THR C 527 -17.16 -30.94 21.85
N SER C 528 -16.59 -31.54 20.81
CA SER C 528 -16.30 -30.77 19.61
C SER C 528 -16.06 -31.69 18.43
N ILE C 529 -16.24 -31.14 17.23
CA ILE C 529 -15.93 -31.82 16.00
C ILE C 529 -15.01 -30.92 15.17
N ARG C 530 -14.15 -31.56 14.38
CA ARG C 530 -13.27 -30.90 13.43
C ARG C 530 -13.53 -31.51 12.06
N ASP C 531 -14.03 -30.70 11.13
CA ASP C 531 -14.38 -31.14 9.78
C ASP C 531 -15.28 -32.38 9.81
N GLY C 532 -16.21 -32.38 10.75
CA GLY C 532 -17.20 -33.43 10.88
C GLY C 532 -16.79 -34.61 11.73
N ARG C 533 -15.52 -34.71 12.12
CA ARG C 533 -15.01 -35.82 12.91
C ARG C 533 -14.88 -35.39 14.37
N GLN C 534 -15.47 -36.18 15.26
CA GLN C 534 -15.44 -35.87 16.69
C GLN C 534 -14.02 -35.91 17.24
N GLN C 535 -13.69 -34.92 18.06
CA GLN C 535 -12.39 -34.80 18.72
C GLN C 535 -12.48 -35.31 20.14
N GLN C 536 -11.34 -35.31 20.82
CA GLN C 536 -11.30 -35.62 22.24
C GLN C 536 -12.13 -34.63 23.04
N ASP C 537 -12.78 -35.13 24.08
CA ASP C 537 -13.53 -34.28 25.00
C ASP C 537 -12.57 -33.38 25.78
N TYR C 538 -13.12 -32.28 26.28
CA TYR C 538 -12.35 -31.31 27.03
C TYR C 538 -13.19 -30.82 28.20
N TRP C 539 -12.53 -30.47 29.28
CA TRP C 539 -13.18 -29.86 30.44
C TRP C 539 -12.70 -28.42 30.58
N LEU C 540 -13.63 -27.48 30.48
CA LEU C 540 -13.32 -26.08 30.76
C LEU C 540 -13.55 -25.82 32.25
N ILE C 541 -12.46 -25.55 32.96
CA ILE C 541 -12.50 -25.39 34.40
C ILE C 541 -12.35 -23.94 34.83
N ASP C 542 -11.87 -23.07 33.95
CA ASP C 542 -11.46 -21.71 34.28
C ASP C 542 -12.37 -20.74 33.53
N VAL C 543 -12.21 -19.45 33.82
CA VAL C 543 -12.91 -18.44 33.03
C VAL C 543 -12.38 -18.43 31.60
N ARG C 544 -11.13 -18.84 31.40
CA ARG C 544 -10.51 -18.84 30.09
C ARG C 544 -9.44 -19.93 30.07
N ALA C 545 -9.15 -20.45 28.88
CA ALA C 545 -8.12 -21.47 28.76
C ALA C 545 -7.67 -21.54 27.31
N GLN C 546 -6.61 -22.31 27.08
CA GLN C 546 -6.12 -22.58 25.72
C GLN C 546 -5.91 -24.08 25.63
N ASN C 547 -6.31 -24.65 24.49
CA ASN C 547 -6.02 -26.04 24.18
C ASN C 547 -6.03 -26.21 22.67
N ASP C 548 -5.05 -26.97 22.17
CA ASP C 548 -4.93 -27.24 20.75
C ASP C 548 -6.18 -27.86 20.15
N LEU C 549 -7.06 -28.43 20.96
CA LEU C 549 -8.37 -28.87 20.47
C LEU C 549 -9.13 -27.78 19.73
N PHE C 550 -8.88 -26.52 20.09
CA PHE C 550 -9.67 -25.40 19.58
C PHE C 550 -8.92 -24.51 18.61
N SER C 551 -7.70 -24.90 18.22
CA SER C 551 -6.94 -24.18 17.21
C SER C 551 -7.16 -24.81 15.85
N THR C 552 -7.33 -23.96 14.83
CA THR C 552 -7.48 -24.43 13.46
C THR C 552 -6.51 -23.69 12.55
N SER C 553 -6.25 -24.30 11.40
CA SER C 553 -5.47 -23.66 10.35
C SER C 553 -5.97 -24.11 8.99
N GLY C 554 -5.69 -23.28 7.98
CA GLY C 554 -6.14 -23.59 6.62
C GLY C 554 -7.65 -23.58 6.52
N ASN C 555 -8.21 -24.63 5.96
CA ASN C 555 -9.63 -24.69 5.69
C ASN C 555 -10.42 -25.29 6.86
N GLU C 556 -9.74 -25.77 7.89
CA GLU C 556 -10.42 -26.52 8.94
C GLU C 556 -11.36 -25.62 9.71
N TRP C 557 -12.51 -26.17 10.09
CA TRP C 557 -13.40 -25.55 11.06
C TRP C 557 -13.60 -26.50 12.24
N VAL C 558 -13.98 -25.92 13.37
CA VAL C 558 -14.43 -26.70 14.52
C VAL C 558 -15.81 -26.23 14.95
N LEU C 559 -16.54 -27.13 15.58
CA LEU C 559 -17.80 -26.82 16.25
C LEU C 559 -17.79 -27.43 17.64
N LEU C 560 -18.34 -26.70 18.61
CA LEU C 560 -18.46 -27.19 19.97
C LEU C 560 -19.88 -27.71 20.23
N ASN C 561 -19.98 -28.59 21.22
CA ASN C 561 -21.28 -29.05 21.71
C ASN C 561 -21.92 -29.96 20.66
N LEU C 562 -21.28 -31.09 20.39
CA LEU C 562 -21.78 -32.04 19.41
C LEU C 562 -23.17 -32.51 19.83
N ASN C 563 -24.15 -32.39 18.93
CA ASN C 563 -25.54 -32.76 19.22
C ASN C 563 -26.10 -31.97 20.39
N VAL C 564 -25.50 -30.82 20.71
CA VAL C 564 -25.99 -29.92 21.76
C VAL C 564 -26.34 -30.71 23.01
N THR C 565 -25.40 -31.51 23.51
CA THR C 565 -25.59 -32.20 24.78
C THR C 565 -25.37 -31.27 25.97
N GLY C 566 -24.55 -30.23 25.80
CA GLY C 566 -24.24 -29.33 26.89
C GLY C 566 -25.16 -28.11 26.91
N TYR C 567 -25.45 -27.65 28.13
CA TYR C 567 -26.35 -26.51 28.32
C TYR C 567 -25.57 -25.20 28.23
N TYR C 568 -25.13 -24.88 27.01
CA TYR C 568 -24.38 -23.66 26.78
C TYR C 568 -24.46 -23.30 25.31
N ARG C 569 -24.21 -22.02 25.02
CA ARG C 569 -24.18 -21.51 23.65
C ARG C 569 -22.74 -21.32 23.22
N VAL C 570 -22.51 -21.30 21.91
CA VAL C 570 -21.16 -21.20 21.37
C VAL C 570 -21.09 -20.06 20.36
N ASN C 571 -20.08 -19.21 20.52
CA ASN C 571 -19.71 -18.18 19.56
C ASN C 571 -18.30 -18.48 19.06
N TYR C 572 -18.00 -17.97 17.88
CA TYR C 572 -16.70 -18.18 17.28
C TYR C 572 -16.16 -16.86 16.75
N ASP C 573 -14.87 -16.85 16.46
CA ASP C 573 -14.31 -15.74 15.70
C ASP C 573 -14.97 -15.71 14.32
N GLU C 574 -14.96 -14.52 13.71
CA GLU C 574 -15.67 -14.35 12.44
C GLU C 574 -15.15 -15.30 11.37
N GLU C 575 -13.86 -15.60 11.40
CA GLU C 575 -13.27 -16.47 10.38
C GLU C 575 -13.83 -17.90 10.44
N ASN C 576 -13.95 -18.47 11.64
CA ASN C 576 -14.57 -19.78 11.77
C ASN C 576 -16.03 -19.76 11.35
N TRP C 577 -16.75 -18.68 11.68
CA TRP C 577 -18.14 -18.56 11.23
C TRP C 577 -18.19 -18.58 9.70
N ARG C 578 -17.28 -17.85 9.06
CA ARG C 578 -17.20 -17.79 7.60
C ARG C 578 -16.95 -19.17 7.01
N LYS C 579 -15.97 -19.90 7.57
CA LYS C 579 -15.70 -21.26 7.11
C LYS C 579 -16.92 -22.16 7.28
N ILE C 580 -17.66 -21.99 8.38
CA ILE C 580 -18.85 -22.82 8.62
C ILE C 580 -19.90 -22.54 7.55
N GLN C 581 -20.15 -21.26 7.26
CA GLN C 581 -21.11 -20.91 6.23
C GLN C 581 -20.69 -21.48 4.88
N THR C 582 -19.39 -21.47 4.60
CA THR C 582 -18.89 -22.08 3.38
C THR C 582 -19.17 -23.58 3.36
N GLN C 583 -18.97 -24.26 4.49
CA GLN C 583 -19.30 -25.68 4.58
C GLN C 583 -20.78 -25.91 4.32
N LEU C 584 -21.63 -25.04 4.86
CA LEU C 584 -23.06 -25.18 4.65
C LEU C 584 -23.42 -25.04 3.18
N GLN C 585 -22.73 -24.16 2.46
CA GLN C 585 -22.98 -24.02 1.02
C GLN C 585 -22.44 -25.20 0.24
N ARG C 586 -21.24 -25.70 0.59
CA ARG C 586 -20.64 -26.81 -0.15
C ARG C 586 -21.39 -28.12 0.09
N ASP C 587 -21.56 -28.52 1.35
CA ASP C 587 -22.22 -29.77 1.67
C ASP C 587 -22.66 -29.70 3.14
N HIS C 588 -23.88 -29.22 3.35
CA HIS C 588 -24.37 -28.98 4.71
C HIS C 588 -24.55 -30.27 5.49
N SER C 589 -24.73 -31.41 4.81
CA SER C 589 -24.87 -32.69 5.47
C SER C 589 -23.62 -33.10 6.24
N ALA C 590 -22.47 -32.47 5.96
CA ALA C 590 -21.25 -32.78 6.70
C ALA C 590 -21.32 -32.33 8.15
N ILE C 591 -22.26 -31.47 8.50
CA ILE C 591 -22.44 -31.00 9.88
C ILE C 591 -23.68 -31.68 10.43
N PRO C 592 -23.64 -32.29 11.62
CA PRO C 592 -24.84 -32.92 12.16
C PRO C 592 -26.03 -31.98 12.20
N VAL C 593 -27.20 -32.51 11.86
CA VAL C 593 -28.43 -31.72 11.75
C VAL C 593 -28.64 -30.89 13.02
N ILE C 594 -28.42 -31.52 14.18
CA ILE C 594 -28.63 -30.84 15.45
C ILE C 594 -27.69 -29.66 15.57
N ASN C 595 -26.46 -29.81 15.08
CA ASN C 595 -25.52 -28.71 15.13
C ASN C 595 -25.84 -27.62 14.11
N ARG C 596 -26.58 -27.94 13.04
CA ARG C 596 -27.08 -26.90 12.15
C ARG C 596 -28.15 -26.07 12.84
N ALA C 597 -29.12 -26.74 13.47
CA ALA C 597 -30.06 -26.05 14.33
C ALA C 597 -29.32 -25.17 15.32
N GLN C 598 -28.28 -25.72 15.95
CA GLN C 598 -27.45 -24.96 16.87
C GLN C 598 -26.91 -23.69 16.24
N ILE C 599 -26.29 -23.83 15.06
CA ILE C 599 -25.70 -22.68 14.39
C ILE C 599 -26.73 -21.58 14.20
N ILE C 600 -27.93 -21.95 13.76
CA ILE C 600 -28.97 -20.97 13.52
C ILE C 600 -29.43 -20.31 14.83
N ASN C 601 -29.84 -21.12 15.80
CA ASN C 601 -30.40 -20.56 17.04
C ASN C 601 -29.36 -19.75 17.79
N ASP C 602 -28.17 -20.32 18.01
CA ASP C 602 -27.09 -19.59 18.67
C ASP C 602 -26.82 -18.27 17.96
N ALA C 603 -26.66 -18.29 16.64
CA ALA C 603 -26.32 -17.04 15.96
C ALA C 603 -27.41 -15.98 16.16
N PHE C 604 -28.68 -16.38 16.06
CA PHE C 604 -29.77 -15.43 16.28
C PHE C 604 -29.77 -14.86 17.70
N ASN C 605 -29.53 -15.71 18.70
CA ASN C 605 -29.51 -15.23 20.08
C ASN C 605 -28.31 -14.32 20.34
N LEU C 606 -27.13 -14.70 19.84
CA LEU C 606 -25.97 -13.82 19.97
C LEU C 606 -26.25 -12.48 19.33
N ALA C 607 -26.94 -12.48 18.19
CA ALA C 607 -27.27 -11.22 17.53
C ALA C 607 -28.15 -10.38 18.43
N SER C 608 -29.15 -11.02 19.05
CA SER C 608 -29.97 -10.32 20.02
C SER C 608 -29.14 -9.71 21.14
N ALA C 609 -28.11 -10.42 21.60
CA ALA C 609 -27.25 -9.92 22.67
C ALA C 609 -26.17 -8.96 22.17
N HIS C 610 -26.21 -8.59 20.89
CA HIS C 610 -25.24 -7.66 20.31
C HIS C 610 -23.82 -8.22 20.29
N LYS C 611 -23.68 -9.54 20.25
CA LYS C 611 -22.36 -10.17 20.20
C LYS C 611 -21.95 -10.57 18.79
N VAL C 612 -22.89 -10.66 17.86
CA VAL C 612 -22.57 -10.79 16.44
C VAL C 612 -23.54 -9.93 15.65
N PRO C 613 -23.13 -9.52 14.44
CA PRO C 613 -24.07 -8.81 13.58
C PRO C 613 -25.27 -9.68 13.22
N VAL C 614 -26.43 -9.03 13.11
CA VAL C 614 -27.65 -9.73 12.73
C VAL C 614 -27.49 -10.39 11.37
N THR C 615 -26.65 -9.80 10.50
CA THR C 615 -26.49 -10.36 9.17
C THR C 615 -25.79 -11.71 9.20
N LEU C 616 -25.02 -12.00 10.25
CA LEU C 616 -24.39 -13.31 10.36
C LEU C 616 -25.46 -14.37 10.63
N ALA C 617 -26.38 -14.06 11.56
CA ALA C 617 -27.47 -14.97 11.86
C ALA C 617 -28.36 -15.17 10.65
N LEU C 618 -28.66 -14.08 9.92
CA LEU C 618 -29.48 -14.25 8.73
C LEU C 618 -28.75 -15.06 7.68
N ASN C 619 -27.44 -14.83 7.50
CA ASN C 619 -26.66 -15.63 6.56
C ASN C 619 -26.69 -17.11 6.91
N ASN C 620 -26.77 -17.44 8.20
CA ASN C 620 -26.85 -18.84 8.57
C ASN C 620 -28.14 -19.50 8.08
N THR C 621 -29.14 -18.73 7.68
CA THR C 621 -30.36 -19.29 7.11
C THR C 621 -30.31 -19.43 5.60
N LEU C 622 -29.24 -18.93 4.95
CA LEU C 622 -29.18 -18.93 3.50
C LEU C 622 -29.24 -20.35 2.94
N PHE C 623 -28.60 -21.29 3.63
CA PHE C 623 -28.53 -22.66 3.13
C PHE C 623 -29.87 -23.38 3.22
N LEU C 624 -30.84 -22.81 3.93
CA LEU C 624 -32.13 -23.47 4.11
C LEU C 624 -32.87 -23.68 2.80
N ILE C 625 -32.54 -22.92 1.75
CA ILE C 625 -33.19 -23.15 0.47
C ILE C 625 -33.00 -24.57 -0.02
N GLU C 626 -31.98 -25.28 0.46
CA GLU C 626 -31.78 -26.68 0.12
C GLU C 626 -31.76 -27.58 1.35
N GLU C 627 -32.18 -27.09 2.51
CA GLU C 627 -32.31 -27.92 3.70
C GLU C 627 -33.68 -28.59 3.72
N ARG C 628 -33.69 -29.92 3.83
CA ARG C 628 -34.92 -30.68 3.94
C ARG C 628 -35.19 -31.23 5.34
N GLN C 629 -34.21 -31.20 6.25
CA GLN C 629 -34.43 -31.75 7.59
C GLN C 629 -35.38 -30.86 8.40
N TYR C 630 -36.20 -31.51 9.22
CA TYR C 630 -37.13 -30.81 10.11
C TYR C 630 -36.41 -29.85 11.06
N MET C 631 -35.39 -30.34 11.78
CA MET C 631 -34.91 -29.62 12.94
C MET C 631 -34.29 -28.26 12.62
N PRO C 632 -33.44 -28.15 11.58
CA PRO C 632 -32.85 -26.83 11.31
C PRO C 632 -33.89 -25.83 10.85
N TRP C 633 -34.87 -26.27 10.07
CA TRP C 633 -35.97 -25.41 9.68
C TRP C 633 -36.74 -24.92 10.89
N GLU C 634 -37.11 -25.84 11.79
CA GLU C 634 -37.83 -25.45 13.00
C GLU C 634 -37.03 -24.45 13.83
N ALA C 635 -35.73 -24.68 13.98
CA ALA C 635 -34.89 -23.72 14.71
C ALA C 635 -34.88 -22.35 14.04
N ALA C 636 -34.80 -22.31 12.71
CA ALA C 636 -34.83 -21.04 11.99
C ALA C 636 -36.17 -20.34 12.19
N LEU C 637 -37.27 -21.08 12.03
CA LEU C 637 -38.59 -20.48 12.14
C LEU C 637 -38.83 -19.97 13.55
N SER C 638 -38.41 -20.73 14.56
CA SER C 638 -38.57 -20.30 15.94
C SER C 638 -37.77 -19.04 16.23
N SER C 639 -36.52 -18.99 15.77
CA SER C 639 -35.71 -17.80 15.99
C SER C 639 -36.30 -16.59 15.27
N LEU C 640 -36.77 -16.77 14.03
CA LEU C 640 -37.37 -15.71 13.24
C LEU C 640 -38.74 -15.28 13.76
N SER C 641 -39.37 -16.10 14.61
CA SER C 641 -40.61 -15.67 15.26
C SER C 641 -40.43 -14.33 15.97
N TYR C 642 -39.28 -14.10 16.61
CA TYR C 642 -39.03 -12.81 17.22
C TYR C 642 -39.06 -11.69 16.19
N PHE C 643 -38.45 -11.93 15.02
CA PHE C 643 -38.45 -10.94 13.96
C PHE C 643 -39.86 -10.64 13.51
N LYS C 644 -40.69 -11.68 13.41
CA LYS C 644 -42.09 -11.49 13.02
C LYS C 644 -42.83 -10.66 14.05
N LEU C 645 -42.66 -10.98 15.33
CA LEU C 645 -43.32 -10.22 16.39
C LEU C 645 -42.88 -8.76 16.40
N MET C 646 -41.62 -8.51 16.08
CA MET C 646 -41.09 -7.15 16.08
C MET C 646 -41.55 -6.37 14.85
N PHE C 647 -41.71 -7.04 13.71
CA PHE C 647 -41.87 -6.39 12.42
C PHE C 647 -43.23 -6.62 11.77
N ASP C 648 -44.11 -7.43 12.36
CA ASP C 648 -45.35 -7.77 11.66
C ASP C 648 -46.35 -6.62 11.64
N ARG C 649 -46.00 -5.46 12.20
CA ARG C 649 -46.77 -4.23 12.00
C ARG C 649 -45.95 -3.14 11.33
N SER C 650 -44.99 -3.52 10.48
CA SER C 650 -44.05 -2.57 9.90
C SER C 650 -43.75 -2.93 8.45
N GLU C 651 -43.15 -1.96 7.74
CA GLU C 651 -42.70 -2.12 6.37
C GLU C 651 -41.76 -3.31 6.14
N VAL C 652 -41.13 -3.84 7.20
CA VAL C 652 -40.16 -4.92 7.03
C VAL C 652 -40.84 -6.25 6.70
N TYR C 653 -42.12 -6.40 7.01
CA TYR C 653 -42.75 -7.71 6.92
C TYR C 653 -42.85 -8.20 5.48
N GLY C 654 -43.19 -7.33 4.54
CA GLY C 654 -43.21 -7.72 3.15
C GLY C 654 -41.91 -8.35 2.69
N PRO C 655 -40.80 -7.63 2.83
CA PRO C 655 -39.50 -8.21 2.45
C PRO C 655 -39.16 -9.50 3.20
N MET C 656 -39.44 -9.54 4.50
CA MET C 656 -39.24 -10.76 5.27
C MET C 656 -40.00 -11.95 4.68
N LYS C 657 -41.29 -11.75 4.40
CA LYS C 657 -42.09 -12.79 3.76
C LYS C 657 -41.52 -13.18 2.40
N ASN C 658 -41.10 -12.21 1.60
CA ASN C 658 -40.50 -12.55 0.30
C ASN C 658 -39.30 -13.47 0.49
N TYR C 659 -38.45 -13.17 1.48
CA TYR C 659 -37.29 -14.02 1.75
C TYR C 659 -37.70 -15.44 2.16
N LEU C 660 -38.59 -15.56 3.15
CA LEU C 660 -39.03 -16.88 3.57
C LEU C 660 -39.71 -17.66 2.44
N LYS C 661 -40.51 -16.97 1.62
CA LYS C 661 -41.12 -17.59 0.45
C LYS C 661 -40.07 -18.18 -0.47
N LYS C 662 -39.02 -17.39 -0.78
CA LYS C 662 -37.94 -17.89 -1.62
C LYS C 662 -37.28 -19.11 -0.98
N GLN C 663 -36.96 -19.01 0.32
CA GLN C 663 -36.22 -20.08 0.96
C GLN C 663 -37.04 -21.37 1.08
N VAL C 664 -38.37 -21.27 1.19
CA VAL C 664 -39.18 -22.46 1.46
C VAL C 664 -39.81 -23.08 0.20
N THR C 665 -39.86 -22.36 -0.92
CA THR C 665 -40.61 -22.87 -2.07
C THR C 665 -40.10 -24.22 -2.55
N PRO C 666 -38.79 -24.45 -2.72
CA PRO C 666 -38.32 -25.76 -3.21
C PRO C 666 -38.70 -26.93 -2.33
N LEU C 667 -38.63 -26.79 -1.00
CA LEU C 667 -39.07 -27.87 -0.12
C LEU C 667 -40.54 -28.19 -0.33
N PHE C 668 -41.37 -27.16 -0.43
CA PHE C 668 -42.80 -27.37 -0.68
C PHE C 668 -43.00 -28.16 -1.96
N ILE C 669 -42.32 -27.78 -3.04
CA ILE C 669 -42.45 -28.50 -4.31
C ILE C 669 -41.95 -29.94 -4.16
N HIS C 670 -40.87 -30.13 -3.39
CA HIS C 670 -40.35 -31.47 -3.13
C HIS C 670 -41.41 -32.34 -2.48
N PHE C 671 -42.09 -31.82 -1.46
CA PHE C 671 -43.13 -32.59 -0.79
C PHE C 671 -44.33 -32.82 -1.72
N ARG C 672 -44.69 -31.82 -2.51
CA ARG C 672 -45.76 -32.01 -3.49
C ARG C 672 -45.46 -33.23 -4.35
N ASN C 673 -44.22 -33.37 -4.82
CA ASN C 673 -43.87 -34.52 -5.65
C ASN C 673 -43.82 -35.80 -4.83
N ASN C 674 -43.12 -35.77 -3.69
CA ASN C 674 -42.92 -36.98 -2.89
C ASN C 674 -44.21 -37.52 -2.30
N THR C 675 -45.21 -36.67 -2.05
CA THR C 675 -46.46 -37.10 -1.44
C THR C 675 -47.55 -37.42 -2.46
N ASN C 676 -47.22 -37.45 -3.75
CA ASN C 676 -48.20 -37.61 -4.81
C ASN C 676 -49.33 -36.60 -4.66
N ASN C 677 -48.95 -35.32 -4.77
CA ASN C 677 -49.85 -34.20 -4.54
C ASN C 677 -50.65 -34.35 -3.24
N TRP C 678 -49.94 -34.56 -2.14
CA TRP C 678 -50.54 -34.58 -0.80
C TRP C 678 -51.45 -35.78 -0.58
N ARG C 679 -51.40 -36.79 -1.45
CA ARG C 679 -52.21 -37.98 -1.26
C ARG C 679 -51.68 -38.84 -0.12
N GLU C 680 -50.37 -38.84 0.11
CA GLU C 680 -49.74 -39.66 1.12
C GLU C 680 -48.99 -38.76 2.10
N ILE C 681 -48.56 -39.34 3.21
CA ILE C 681 -47.66 -38.64 4.14
C ILE C 681 -46.36 -39.41 4.30
N PRO C 682 -45.25 -38.73 4.58
CA PRO C 682 -43.97 -39.45 4.75
C PRO C 682 -44.05 -40.51 5.83
N GLU C 683 -43.21 -41.54 5.69
CA GLU C 683 -43.15 -42.60 6.67
C GLU C 683 -42.50 -42.11 7.96
N ASN C 684 -41.38 -41.41 7.84
CA ASN C 684 -40.60 -40.98 8.99
C ASN C 684 -41.25 -39.79 9.68
N LEU C 685 -41.33 -39.85 11.01
CA LEU C 685 -41.96 -38.79 11.81
C LEU C 685 -41.35 -37.42 11.55
N MET C 686 -40.02 -37.34 11.53
CA MET C 686 -39.37 -36.05 11.36
C MET C 686 -39.71 -35.45 9.99
N ASP C 687 -39.78 -36.29 8.95
CA ASP C 687 -40.18 -35.80 7.64
C ASP C 687 -41.63 -35.31 7.63
N GLN C 688 -42.52 -35.99 8.36
CA GLN C 688 -43.89 -35.50 8.51
C GLN C 688 -43.93 -34.11 9.16
N TYR C 689 -43.15 -33.91 10.22
CA TYR C 689 -43.10 -32.59 10.85
C TYR C 689 -42.50 -31.55 9.90
N SER C 690 -41.46 -31.95 9.16
CA SER C 690 -40.88 -31.04 8.18
C SER C 690 -41.91 -30.62 7.13
N GLU C 691 -42.72 -31.58 6.68
CA GLU C 691 -43.78 -31.28 5.71
C GLU C 691 -44.77 -30.28 6.29
N VAL C 692 -45.20 -30.50 7.53
CA VAL C 692 -46.15 -29.57 8.14
C VAL C 692 -45.55 -28.17 8.24
N ASN C 693 -44.29 -28.08 8.66
CA ASN C 693 -43.66 -26.76 8.76
C ASN C 693 -43.52 -26.11 7.38
N ALA C 694 -43.18 -26.90 6.36
CA ALA C 694 -43.06 -26.39 5.01
C ALA C 694 -44.38 -25.84 4.50
N ILE C 695 -45.48 -26.55 4.75
CA ILE C 695 -46.79 -26.07 4.31
C ILE C 695 -47.16 -24.79 5.05
N SER C 696 -47.04 -24.79 6.38
CA SER C 696 -47.39 -23.59 7.13
C SER C 696 -46.58 -22.39 6.66
N THR C 697 -45.29 -22.60 6.38
CA THR C 697 -44.44 -21.51 5.94
C THR C 697 -44.82 -21.04 4.54
N ALA C 698 -45.08 -21.96 3.61
CA ALA C 698 -45.44 -21.57 2.25
C ALA C 698 -46.73 -20.77 2.25
N CYS C 699 -47.74 -21.23 3.00
CA CYS C 699 -49.03 -20.56 3.03
C CYS C 699 -48.96 -19.22 3.75
N SER C 700 -48.26 -19.18 4.90
CA SER C 700 -48.13 -17.94 5.66
C SER C 700 -47.43 -16.86 4.86
N ASN C 701 -46.54 -17.22 3.93
CA ASN C 701 -45.74 -16.25 3.20
C ASN C 701 -46.19 -16.06 1.76
N GLY C 702 -47.34 -16.62 1.37
CA GLY C 702 -47.97 -16.25 0.12
C GLY C 702 -47.66 -17.11 -1.08
N VAL C 703 -47.27 -18.37 -0.89
CA VAL C 703 -47.08 -19.29 -2.01
C VAL C 703 -48.45 -19.61 -2.62
N PRO C 704 -48.71 -19.22 -3.87
CA PRO C 704 -50.09 -19.37 -4.39
C PRO C 704 -50.56 -20.82 -4.44
N GLU C 705 -49.67 -21.76 -4.74
CA GLU C 705 -50.04 -23.17 -4.79
C GLU C 705 -50.50 -23.67 -3.43
N CYS C 706 -49.93 -23.14 -2.36
CA CYS C 706 -50.36 -23.54 -1.02
C CYS C 706 -51.74 -23.00 -0.71
N GLU C 707 -51.98 -21.71 -0.99
CA GLU C 707 -53.30 -21.15 -0.76
C GLU C 707 -54.36 -21.92 -1.54
N GLU C 708 -54.07 -22.24 -2.80
CA GLU C 708 -55.02 -23.01 -3.61
C GLU C 708 -55.27 -24.39 -3.02
N MET C 709 -54.20 -25.09 -2.64
CA MET C 709 -54.35 -26.43 -2.07
C MET C 709 -55.20 -26.42 -0.81
N VAL C 710 -54.90 -25.51 0.12
CA VAL C 710 -55.60 -25.53 1.40
C VAL C 710 -57.05 -25.08 1.23
N SER C 711 -57.30 -24.07 0.40
CA SER C 711 -58.67 -23.64 0.20
C SER C 711 -59.48 -24.74 -0.49
N GLY C 712 -58.88 -25.42 -1.46
CA GLY C 712 -59.59 -26.50 -2.14
C GLY C 712 -59.93 -27.63 -1.19
N LEU C 713 -58.97 -28.06 -0.36
CA LEU C 713 -59.22 -29.15 0.57
C LEU C 713 -60.29 -28.76 1.59
N PHE C 714 -60.20 -27.54 2.14
CA PHE C 714 -61.20 -27.12 3.12
C PHE C 714 -62.58 -27.03 2.51
N LYS C 715 -62.68 -26.50 1.28
CA LYS C 715 -63.97 -26.47 0.61
C LYS C 715 -64.52 -27.87 0.38
N GLN C 716 -63.65 -28.82 0.02
CA GLN C 716 -64.09 -30.20 -0.20
C GLN C 716 -64.62 -30.81 1.11
N TRP C 717 -63.94 -30.54 2.22
CA TRP C 717 -64.47 -30.96 3.51
C TRP C 717 -65.83 -30.32 3.77
N MET C 718 -65.95 -29.02 3.51
CA MET C 718 -67.23 -28.36 3.69
C MET C 718 -68.31 -29.05 2.86
N GLU C 719 -67.95 -29.53 1.68
CA GLU C 719 -68.90 -30.24 0.82
C GLU C 719 -69.18 -31.66 1.31
N ASN C 720 -68.35 -32.21 2.19
CA ASN C 720 -68.55 -33.58 2.69
C ASN C 720 -68.13 -33.64 4.16
N PRO C 721 -68.87 -32.93 5.01
CA PRO C 721 -68.39 -32.74 6.40
C PRO C 721 -68.10 -34.03 7.16
N ASN C 722 -68.87 -35.10 6.93
CA ASN C 722 -68.66 -36.34 7.67
C ASN C 722 -67.55 -37.22 7.09
N ASN C 723 -66.93 -36.82 5.98
CA ASN C 723 -65.81 -37.54 5.38
C ASN C 723 -64.66 -36.55 5.19
N ASN C 724 -64.04 -36.18 6.30
CA ASN C 724 -62.95 -35.21 6.26
C ASN C 724 -61.81 -35.73 5.39
N PRO C 725 -61.50 -35.09 4.27
CA PRO C 725 -60.46 -35.57 3.37
C PRO C 725 -59.05 -35.10 3.72
N ILE C 726 -58.89 -34.36 4.81
CA ILE C 726 -57.62 -33.73 5.15
C ILE C 726 -56.93 -34.64 6.16
N HIS C 727 -55.71 -35.05 5.84
CA HIS C 727 -54.92 -35.86 6.76
C HIS C 727 -54.74 -35.11 8.08
N PRO C 728 -54.89 -35.79 9.22
CA PRO C 728 -54.70 -35.13 10.53
C PRO C 728 -53.47 -34.25 10.66
N ASN C 729 -52.34 -34.65 10.09
CA ASN C 729 -51.12 -33.84 10.20
C ASN C 729 -51.30 -32.44 9.62
N LEU C 730 -52.15 -32.30 8.60
CA LEU C 730 -52.31 -31.05 7.89
C LEU C 730 -53.48 -30.20 8.39
N ARG C 731 -54.33 -30.75 9.27
CA ARG C 731 -55.56 -30.06 9.64
C ARG C 731 -55.31 -28.71 10.31
N SER C 732 -54.40 -28.63 11.27
CA SER C 732 -54.20 -27.34 11.94
C SER C 732 -53.89 -26.24 10.93
N THR C 733 -52.97 -26.49 10.00
CA THR C 733 -52.51 -25.44 9.10
C THR C 733 -53.53 -25.18 8.00
N VAL C 734 -54.17 -26.24 7.50
CA VAL C 734 -55.20 -26.07 6.48
C VAL C 734 -56.38 -25.30 7.05
N TYR C 735 -56.85 -25.68 8.23
CA TYR C 735 -57.96 -24.96 8.85
C TYR C 735 -57.61 -23.49 9.05
N CYS C 736 -56.44 -23.20 9.63
CA CYS C 736 -56.10 -21.81 9.90
C CYS C 736 -56.03 -20.99 8.62
N ASN C 737 -55.31 -21.47 7.61
CA ASN C 737 -55.12 -20.67 6.41
C ASN C 737 -56.38 -20.60 5.54
N ALA C 738 -57.20 -21.65 5.55
CA ALA C 738 -58.49 -21.60 4.84
C ALA C 738 -59.43 -20.61 5.50
N ILE C 739 -59.43 -20.55 6.84
CA ILE C 739 -60.26 -19.58 7.52
C ILE C 739 -59.75 -18.16 7.24
N ALA C 740 -58.43 -17.97 7.24
CA ALA C 740 -57.88 -16.66 6.96
C ALA C 740 -58.23 -16.20 5.54
N GLN C 741 -58.18 -17.13 4.57
CA GLN C 741 -58.47 -16.80 3.19
C GLN C 741 -59.97 -16.70 2.91
N GLY C 742 -60.81 -17.31 3.73
CA GLY C 742 -62.23 -17.37 3.49
C GLY C 742 -63.00 -16.31 4.25
N GLY C 743 -64.26 -16.60 4.55
CA GLY C 743 -65.14 -15.66 5.21
C GLY C 743 -66.10 -16.27 6.21
N GLU C 744 -67.24 -15.61 6.39
CA GLU C 744 -68.21 -16.01 7.42
C GLU C 744 -68.65 -17.46 7.26
N GLU C 745 -68.81 -17.93 6.02
CA GLU C 745 -69.29 -19.29 5.79
C GLU C 745 -68.31 -20.35 6.29
N GLU C 746 -67.02 -20.20 5.95
CA GLU C 746 -66.00 -21.11 6.46
C GLU C 746 -65.91 -21.04 7.98
N TRP C 747 -65.94 -19.83 8.54
CA TRP C 747 -65.81 -19.68 9.98
C TRP C 747 -66.97 -20.38 10.69
N ASP C 748 -68.20 -20.14 10.23
CA ASP C 748 -69.36 -20.74 10.87
C ASP C 748 -69.34 -22.26 10.72
N PHE C 749 -68.90 -22.77 9.57
CA PHE C 749 -68.77 -24.21 9.41
C PHE C 749 -67.80 -24.77 10.44
N ALA C 750 -66.64 -24.15 10.57
CA ALA C 750 -65.64 -24.65 11.52
C ALA C 750 -66.15 -24.54 12.94
N TRP C 751 -66.88 -23.47 13.25
CA TRP C 751 -67.46 -23.30 14.58
C TRP C 751 -68.49 -24.38 14.90
N GLU C 752 -69.36 -24.72 13.95
CA GLU C 752 -70.33 -25.78 14.21
C GLU C 752 -69.65 -27.14 14.36
N GLN C 753 -68.64 -27.41 13.53
CA GLN C 753 -67.83 -28.60 13.72
C GLN C 753 -67.22 -28.63 15.13
N PHE C 754 -66.70 -27.49 15.59
CA PHE C 754 -66.15 -27.41 16.94
C PHE C 754 -67.18 -27.73 18.00
N ARG C 755 -68.34 -27.07 17.95
CA ARG C 755 -69.34 -27.27 18.99
C ARG C 755 -69.81 -28.71 19.00
N ASN C 756 -69.83 -29.34 17.84
CA ASN C 756 -70.33 -30.70 17.68
C ASN C 756 -69.22 -31.74 17.74
N ALA C 757 -67.98 -31.34 18.02
CA ALA C 757 -66.84 -32.24 17.95
C ALA C 757 -67.00 -33.39 18.95
N THR C 758 -66.42 -34.54 18.59
CA THR C 758 -66.42 -35.70 19.47
C THR C 758 -65.03 -36.04 20.01
N LEU C 759 -63.98 -35.62 19.31
CA LEU C 759 -62.60 -35.85 19.72
C LEU C 759 -61.94 -34.52 20.07
N VAL C 760 -61.21 -34.52 21.19
CA VAL C 760 -60.68 -33.27 21.71
C VAL C 760 -59.54 -32.75 20.85
N ASN C 761 -58.83 -33.64 20.16
CA ASN C 761 -57.77 -33.20 19.24
C ASN C 761 -58.36 -32.34 18.13
N GLU C 762 -59.40 -32.84 17.46
CA GLU C 762 -60.06 -32.05 16.42
C GLU C 762 -60.60 -30.75 16.97
N ALA C 763 -61.23 -30.80 18.15
CA ALA C 763 -61.73 -29.55 18.74
C ALA C 763 -60.59 -28.56 18.93
N ASP C 764 -59.44 -29.03 19.43
CA ASP C 764 -58.32 -28.13 19.67
C ASP C 764 -57.85 -27.49 18.37
N LYS C 765 -57.76 -28.31 17.31
CA LYS C 765 -57.29 -27.79 16.04
C LYS C 765 -58.26 -26.75 15.47
N LEU C 766 -59.55 -27.05 15.53
CA LEU C 766 -60.55 -26.10 15.04
C LEU C 766 -60.54 -24.82 15.88
N ARG C 767 -60.45 -24.97 17.20
CA ARG C 767 -60.49 -23.83 18.11
C ARG C 767 -59.31 -22.90 17.84
N ALA C 768 -58.13 -23.45 17.62
CA ALA C 768 -56.99 -22.62 17.23
C ALA C 768 -57.21 -22.00 15.85
N ALA C 769 -57.71 -22.78 14.89
CA ALA C 769 -57.88 -22.31 13.52
C ALA C 769 -58.85 -21.13 13.42
N LEU C 770 -59.89 -21.11 14.26
CA LEU C 770 -60.90 -20.05 14.19
C LEU C 770 -60.36 -18.66 14.50
N ALA C 771 -59.25 -18.55 15.23
CA ALA C 771 -58.63 -17.26 15.50
C ALA C 771 -57.87 -16.67 14.31
N CYS C 772 -57.77 -17.38 13.19
CA CYS C 772 -57.03 -16.89 12.03
C CYS C 772 -57.86 -16.01 11.08
N SER C 773 -59.13 -15.76 11.39
CA SER C 773 -59.94 -14.88 10.55
C SER C 773 -59.28 -13.51 10.48
N LYS C 774 -59.26 -12.93 9.27
CA LYS C 774 -58.81 -11.55 9.09
C LYS C 774 -59.88 -10.50 9.34
N GLU C 775 -61.12 -10.86 9.67
CA GLU C 775 -62.20 -9.89 9.80
C GLU C 775 -62.32 -9.52 11.27
N LEU C 776 -62.16 -8.22 11.57
CA LEU C 776 -62.17 -7.77 12.95
C LEU C 776 -63.46 -8.13 13.69
N TRP C 777 -64.62 -7.97 13.02
CA TRP C 777 -65.88 -8.25 13.71
C TRP C 777 -66.01 -9.71 14.12
N ILE C 778 -65.46 -10.63 13.32
CA ILE C 778 -65.53 -12.04 13.65
C ILE C 778 -64.61 -12.34 14.82
N LEU C 779 -63.43 -11.72 14.84
CA LEU C 779 -62.51 -11.87 15.96
C LEU C 779 -63.14 -11.33 17.25
N ASN C 780 -63.86 -10.20 17.17
CA ASN C 780 -64.52 -9.67 18.35
C ASN C 780 -65.58 -10.64 18.87
N ARG C 781 -66.42 -11.15 17.97
CA ARG C 781 -67.41 -12.14 18.38
C ARG C 781 -66.75 -13.36 19.04
N TYR C 782 -65.65 -13.86 18.45
CA TYR C 782 -64.97 -15.02 19.01
C TYR C 782 -64.39 -14.69 20.39
N LEU C 783 -63.74 -13.55 20.52
CA LEU C 783 -63.30 -13.07 21.82
C LEU C 783 -64.43 -13.11 22.84
N SER C 784 -65.63 -12.68 22.43
CA SER C 784 -66.76 -12.73 23.35
C SER C 784 -67.11 -14.17 23.71
N TYR C 785 -66.86 -15.10 22.80
CA TYR C 785 -67.12 -16.52 23.09
C TYR C 785 -66.10 -17.12 24.06
N THR C 786 -64.85 -16.63 24.05
CA THR C 786 -63.82 -17.28 24.86
C THR C 786 -64.14 -17.25 26.36
N LEU C 787 -64.95 -16.31 26.81
CA LEU C 787 -65.25 -16.10 28.22
C LEU C 787 -66.51 -16.82 28.68
N ASN C 788 -67.23 -17.48 27.77
CA ASN C 788 -68.47 -18.16 28.09
C ASN C 788 -68.26 -19.67 28.23
N PRO C 789 -68.31 -20.21 29.45
CA PRO C 789 -67.98 -21.64 29.65
C PRO C 789 -68.95 -22.59 28.97
N ASP C 790 -70.10 -22.12 28.50
CA ASP C 790 -70.96 -22.97 27.69
C ASP C 790 -70.45 -23.12 26.27
N LEU C 791 -69.55 -22.24 25.82
CA LEU C 791 -69.04 -22.29 24.45
C LEU C 791 -67.60 -22.78 24.38
N ILE C 792 -66.72 -22.20 25.20
CA ILE C 792 -65.33 -22.64 25.30
C ILE C 792 -65.06 -22.98 26.76
N ARG C 793 -64.62 -24.21 27.02
CA ARG C 793 -64.31 -24.62 28.38
C ARG C 793 -63.34 -23.65 29.03
N LYS C 794 -63.60 -23.34 30.31
CA LYS C 794 -62.75 -22.41 31.04
C LYS C 794 -61.27 -22.80 30.95
N GLN C 795 -60.97 -24.11 31.00
CA GLN C 795 -59.59 -24.56 30.91
C GLN C 795 -58.89 -24.05 29.65
N ASP C 796 -59.64 -23.64 28.64
CA ASP C 796 -59.06 -23.26 27.36
C ASP C 796 -59.24 -21.79 27.06
N ALA C 797 -59.84 -21.03 27.98
CA ALA C 797 -60.19 -19.66 27.66
C ALA C 797 -58.94 -18.87 27.32
N THR C 798 -57.94 -18.91 28.19
CA THR C 798 -56.79 -18.05 27.98
C THR C 798 -56.03 -18.56 26.75
N SER C 799 -55.98 -19.87 26.58
CA SER C 799 -55.34 -20.42 25.39
C SER C 799 -55.94 -19.82 24.14
N THR C 800 -57.27 -19.74 24.09
CA THR C 800 -57.91 -19.24 22.88
C THR C 800 -57.66 -17.75 22.74
N ILE C 801 -57.70 -17.02 23.86
CA ILE C 801 -57.39 -15.60 23.82
C ILE C 801 -55.98 -15.40 23.31
N ILE C 802 -55.05 -16.26 23.73
CA ILE C 802 -53.68 -16.14 23.25
C ILE C 802 -53.61 -16.33 21.75
N SER C 803 -54.37 -17.29 21.22
CA SER C 803 -54.42 -17.46 19.77
C SER C 803 -54.86 -16.17 19.09
N ILE C 804 -55.85 -15.47 19.68
CA ILE C 804 -56.29 -14.21 19.12
C ILE C 804 -55.14 -13.21 19.11
N THR C 805 -54.39 -13.12 20.21
CA THR C 805 -53.31 -12.15 20.23
C THR C 805 -52.23 -12.49 19.21
N ASN C 806 -52.07 -13.78 18.87
CA ASN C 806 -51.10 -14.12 17.83
C ASN C 806 -51.52 -13.60 16.46
N ASN C 807 -52.82 -13.40 16.22
CA ASN C 807 -53.25 -12.80 14.97
C ASN C 807 -52.95 -11.31 14.99
N VAL C 808 -52.30 -10.83 13.93
CA VAL C 808 -51.88 -9.43 13.89
C VAL C 808 -53.07 -8.51 14.09
N ILE C 809 -54.24 -8.90 13.59
CA ILE C 809 -55.43 -8.08 13.73
C ILE C 809 -56.02 -8.15 15.14
N GLY C 810 -55.72 -9.21 15.88
CA GLY C 810 -56.19 -9.36 17.25
C GLY C 810 -55.35 -8.72 18.31
N GLN C 811 -54.15 -8.25 17.98
CA GLN C 811 -53.27 -7.66 18.97
C GLN C 811 -53.96 -6.50 19.70
N GLY C 812 -54.35 -5.47 18.95
CA GLY C 812 -54.95 -4.31 19.59
C GLY C 812 -56.27 -4.64 20.25
N LEU C 813 -57.09 -5.44 19.58
CA LEU C 813 -58.36 -5.89 20.15
C LEU C 813 -58.16 -6.47 21.55
N VAL C 814 -57.24 -7.42 21.68
CA VAL C 814 -57.08 -8.13 22.94
C VAL C 814 -56.38 -7.24 23.97
N TRP C 815 -55.38 -6.47 23.55
CA TRP C 815 -54.70 -5.60 24.51
C TRP C 815 -55.70 -4.62 25.11
N ASP C 816 -56.55 -4.03 24.26
CA ASP C 816 -57.58 -3.12 24.74
C ASP C 816 -58.57 -3.85 25.65
N PHE C 817 -58.91 -5.10 25.28
CA PHE C 817 -59.80 -5.91 26.11
C PHE C 817 -59.21 -6.15 27.50
N VAL C 818 -57.93 -6.49 27.57
CA VAL C 818 -57.29 -6.75 28.86
C VAL C 818 -57.29 -5.48 29.71
N GLN C 819 -56.95 -4.35 29.10
CA GLN C 819 -56.98 -3.10 29.84
C GLN C 819 -58.39 -2.79 30.34
N SER C 820 -59.41 -3.02 29.50
CA SER C 820 -60.78 -2.68 29.88
C SER C 820 -61.36 -3.65 30.91
N ASN C 821 -60.90 -4.90 30.92
CA ASN C 821 -61.55 -5.96 31.68
C ASN C 821 -60.66 -6.59 32.74
N TRP C 822 -59.57 -5.94 33.15
CA TRP C 822 -58.60 -6.61 34.03
C TRP C 822 -59.25 -7.09 35.33
N LYS C 823 -59.98 -6.20 36.03
CA LYS C 823 -60.59 -6.60 37.30
C LYS C 823 -61.46 -7.84 37.14
N LYS C 824 -62.40 -7.81 36.19
CA LYS C 824 -63.25 -8.96 35.91
C LYS C 824 -62.46 -10.21 35.57
N LEU C 825 -61.43 -10.06 34.73
CA LEU C 825 -60.57 -11.20 34.39
C LEU C 825 -59.93 -11.80 35.63
N PHE C 826 -59.29 -10.95 36.43
CA PHE C 826 -58.57 -11.45 37.61
C PHE C 826 -59.55 -12.14 38.56
N ASN C 827 -60.57 -11.42 39.02
CA ASN C 827 -61.48 -11.99 40.01
C ASN C 827 -62.34 -13.08 39.37
N SER C 837 -51.09 -15.24 33.35
CA SER C 837 -49.65 -15.12 33.18
C SER C 837 -49.25 -15.32 31.71
N ASN C 838 -49.71 -16.42 31.13
CA ASN C 838 -49.48 -16.69 29.70
C ASN C 838 -50.08 -15.59 28.85
N LEU C 839 -51.23 -15.06 29.29
CA LEU C 839 -51.91 -14.00 28.55
C LEU C 839 -51.02 -12.75 28.49
N ILE C 840 -50.42 -12.38 29.62
CA ILE C 840 -49.54 -11.21 29.63
C ILE C 840 -48.39 -11.41 28.64
N GLN C 841 -47.75 -12.59 28.70
CA GLN C 841 -46.63 -12.87 27.83
C GLN C 841 -47.03 -12.76 26.36
N ALA C 842 -48.18 -13.32 26.01
CA ALA C 842 -48.58 -13.36 24.61
C ALA C 842 -48.98 -11.98 24.11
N VAL C 843 -49.78 -11.26 24.89
CA VAL C 843 -50.25 -9.95 24.46
C VAL C 843 -49.11 -8.93 24.41
N THR C 844 -48.04 -9.13 25.20
CA THR C 844 -47.00 -8.11 25.26
C THR C 844 -45.79 -8.38 24.36
N ARG C 845 -45.64 -9.57 23.78
CA ARG C 845 -44.40 -9.89 23.09
C ARG C 845 -44.20 -9.07 21.82
N ARG C 846 -45.26 -8.53 21.22
CA ARG C 846 -45.07 -7.64 20.08
C ARG C 846 -44.58 -6.25 20.46
N PHE C 847 -44.64 -5.87 21.73
CA PHE C 847 -44.40 -4.48 22.09
C PHE C 847 -42.99 -4.06 21.68
N SER C 848 -42.91 -2.96 20.93
CA SER C 848 -41.61 -2.47 20.45
C SER C 848 -41.59 -0.95 20.32
N THR C 849 -42.53 -0.25 20.94
CA THR C 849 -42.66 1.20 20.81
C THR C 849 -42.75 1.80 22.21
N GLU C 850 -42.31 3.06 22.32
CA GLU C 850 -42.48 3.79 23.57
C GLU C 850 -43.94 3.84 24.00
N TYR C 851 -44.85 4.05 23.05
CA TYR C 851 -46.28 4.08 23.36
C TYR C 851 -46.75 2.80 24.07
N GLU C 852 -46.39 1.64 23.52
CA GLU C 852 -46.83 0.39 24.15
C GLU C 852 -46.21 0.23 25.53
N LEU C 853 -44.94 0.62 25.69
CA LEU C 853 -44.32 0.55 27.01
C LEU C 853 -45.12 1.41 28.00
N GLN C 854 -45.48 2.63 27.57
CA GLN C 854 -46.24 3.53 28.43
C GLN C 854 -47.61 2.96 28.76
N GLN C 855 -48.25 2.30 27.79
CA GLN C 855 -49.50 1.61 28.06
C GLN C 855 -49.30 0.56 29.13
N LEU C 856 -48.22 -0.21 29.05
CA LEU C 856 -47.97 -1.26 30.03
C LEU C 856 -47.74 -0.66 31.42
N GLU C 857 -46.98 0.43 31.49
CA GLU C 857 -46.74 1.08 32.78
C GLU C 857 -48.02 1.65 33.37
N GLN C 858 -48.88 2.25 32.54
CA GLN C 858 -50.15 2.77 33.03
C GLN C 858 -51.06 1.65 33.49
N PHE C 859 -51.04 0.52 32.77
CA PHE C 859 -51.79 -0.67 33.20
C PHE C 859 -51.32 -1.14 34.57
N LYS C 860 -50.00 -1.19 34.76
CA LYS C 860 -49.42 -1.57 36.05
C LYS C 860 -49.91 -0.63 37.14
N LYS C 861 -49.78 0.68 36.92
CA LYS C 861 -50.21 1.66 37.91
C LYS C 861 -51.69 1.49 38.22
N ASP C 862 -52.52 1.35 37.18
CA ASP C 862 -53.97 1.24 37.35
C ASP C 862 -54.38 -0.01 38.10
N ASN C 863 -53.56 -1.07 38.11
CA ASN C 863 -53.98 -2.33 38.71
C ASN C 863 -53.10 -2.78 39.87
N GLU C 864 -52.20 -1.92 40.36
CA GLU C 864 -51.36 -2.27 41.50
C GLU C 864 -52.18 -2.79 42.69
N GLU C 865 -53.28 -2.12 43.02
CA GLU C 865 -54.13 -2.57 44.13
C GLU C 865 -54.78 -3.92 43.83
N THR C 866 -55.46 -4.03 42.68
CA THR C 866 -55.96 -5.34 42.26
C THR C 866 -54.87 -6.39 42.33
N GLY C 867 -53.64 -6.01 42.01
CA GLY C 867 -52.51 -6.93 42.01
C GLY C 867 -52.49 -7.79 40.76
N PHE C 868 -51.37 -8.47 40.56
CA PHE C 868 -51.18 -9.28 39.37
C PHE C 868 -50.99 -10.76 39.69
N GLY C 869 -51.07 -11.15 40.95
CA GLY C 869 -51.05 -12.55 41.33
C GLY C 869 -49.91 -13.32 40.70
N SER C 870 -50.25 -14.46 40.09
CA SER C 870 -49.24 -15.31 39.48
C SER C 870 -48.67 -14.73 38.21
N GLY C 871 -49.13 -13.56 37.77
CA GLY C 871 -48.54 -12.88 36.64
C GLY C 871 -47.63 -11.75 37.03
N THR C 872 -47.34 -11.58 38.32
CA THR C 872 -46.54 -10.43 38.74
C THR C 872 -45.17 -10.44 38.07
N ARG C 873 -44.37 -11.46 38.38
CA ARG C 873 -43.08 -11.60 37.72
C ARG C 873 -43.21 -11.43 36.22
N ALA C 874 -44.26 -12.01 35.63
CA ALA C 874 -44.36 -12.03 34.18
C ALA C 874 -44.45 -10.62 33.62
N LEU C 875 -45.17 -9.73 34.31
CA LEU C 875 -45.21 -8.33 33.92
C LEU C 875 -43.83 -7.70 33.96
N GLU C 876 -43.06 -7.96 35.02
CA GLU C 876 -41.72 -7.43 35.07
C GLU C 876 -40.89 -7.94 33.91
N GLN C 877 -41.02 -9.22 33.57
CA GLN C 877 -40.22 -9.73 32.47
C GLN C 877 -40.61 -9.06 31.16
N ALA C 878 -41.92 -8.81 30.99
CA ALA C 878 -42.36 -8.15 29.77
C ALA C 878 -41.76 -6.75 29.69
N LEU C 879 -41.72 -6.04 30.81
CA LEU C 879 -41.12 -4.72 30.78
C LEU C 879 -39.67 -4.79 30.32
N GLU C 880 -38.90 -5.73 30.87
CA GLU C 880 -37.51 -5.80 30.43
C GLU C 880 -37.45 -6.10 28.95
N LYS C 881 -38.22 -7.09 28.50
CA LYS C 881 -38.16 -7.43 27.09
C LYS C 881 -38.62 -6.26 26.24
N THR C 882 -39.69 -5.59 26.67
CA THR C 882 -40.19 -4.47 25.88
C THR C 882 -39.10 -3.42 25.71
N LYS C 883 -38.39 -3.08 26.78
CA LYS C 883 -37.31 -2.12 26.65
C LYS C 883 -36.24 -2.61 25.68
N ALA C 884 -35.86 -3.87 25.79
CA ALA C 884 -34.89 -4.40 24.84
C ALA C 884 -35.43 -4.31 23.43
N ASN C 885 -36.72 -4.62 23.24
CA ASN C 885 -37.25 -4.60 21.89
C ASN C 885 -37.17 -3.19 21.33
N ILE C 886 -37.47 -2.19 22.15
CA ILE C 886 -37.38 -0.81 21.67
C ILE C 886 -35.98 -0.56 21.13
N LYS C 887 -34.95 -0.91 21.90
CA LYS C 887 -33.61 -0.67 21.41
C LYS C 887 -33.28 -1.55 20.20
N TRP C 888 -33.67 -2.83 20.26
CA TRP C 888 -33.31 -3.74 19.17
C TRP C 888 -33.90 -3.29 17.84
N VAL C 889 -35.19 -2.96 17.81
CA VAL C 889 -35.77 -2.48 16.57
C VAL C 889 -35.03 -1.26 16.08
N LYS C 890 -34.78 -0.31 16.98
CA LYS C 890 -34.08 0.89 16.56
C LYS C 890 -32.72 0.53 15.98
N GLU C 891 -31.99 -0.37 16.63
CA GLU C 891 -30.67 -0.69 16.14
C GLU C 891 -30.72 -1.52 14.87
N ASN C 892 -31.73 -2.37 14.69
CA ASN C 892 -31.68 -3.35 13.62
C ASN C 892 -32.67 -3.15 12.47
N LYS C 893 -33.70 -2.33 12.66
CA LYS C 893 -34.80 -2.35 11.70
C LYS C 893 -34.33 -2.01 10.29
N GLU C 894 -33.44 -1.03 10.16
CA GLU C 894 -33.00 -0.66 8.82
C GLU C 894 -32.11 -1.74 8.21
N VAL C 895 -31.13 -2.23 8.98
CA VAL C 895 -30.20 -3.21 8.43
C VAL C 895 -30.92 -4.49 8.04
N VAL C 896 -31.88 -4.90 8.86
CA VAL C 896 -32.60 -6.13 8.57
C VAL C 896 -33.43 -5.93 7.32
N LEU C 897 -34.09 -4.78 7.22
CA LEU C 897 -34.84 -4.49 6.01
C LEU C 897 -33.92 -4.62 4.81
N GLN C 898 -32.74 -4.01 4.91
CA GLN C 898 -31.83 -4.02 3.77
C GLN C 898 -31.42 -5.44 3.45
N TRP C 899 -31.14 -6.23 4.48
CA TRP C 899 -30.73 -7.60 4.23
C TRP C 899 -31.83 -8.35 3.50
N PHE C 900 -33.06 -8.26 3.99
CA PHE C 900 -34.15 -8.98 3.34
C PHE C 900 -34.31 -8.49 1.91
N THR C 901 -34.18 -7.18 1.71
CA THR C 901 -34.32 -6.63 0.37
C THR C 901 -33.30 -7.23 -0.56
N GLU C 902 -32.05 -7.31 -0.11
CA GLU C 902 -30.99 -7.78 -0.99
C GLU C 902 -31.05 -9.28 -1.22
N ASN C 903 -31.72 -10.03 -0.33
CA ASN C 903 -31.75 -11.48 -0.42
C ASN C 903 -33.08 -12.04 -0.92
N SER C 904 -34.04 -11.19 -1.24
CA SER C 904 -35.36 -11.62 -1.67
C SER C 904 -35.51 -11.66 -3.18
N LYS C 905 -34.43 -11.50 -3.92
CA LYS C 905 -34.48 -11.33 -5.38
C LYS C 905 -34.00 -12.60 -6.09
N LYS D 9 52.07 66.52 -70.94
CA LYS D 9 51.32 65.47 -71.61
C LYS D 9 49.99 65.22 -70.91
N HIS D 10 50.04 64.68 -69.70
CA HIS D 10 48.85 64.38 -68.92
C HIS D 10 49.13 64.67 -67.45
N MET D 11 48.16 65.29 -66.78
CA MET D 11 48.24 65.58 -65.35
C MET D 11 47.07 64.93 -64.65
N PHE D 12 47.35 64.20 -63.58
CA PHE D 12 46.31 63.52 -62.82
C PHE D 12 45.64 64.48 -61.84
N ILE D 13 44.35 64.22 -61.59
CA ILE D 13 43.55 64.97 -60.63
C ILE D 13 43.11 63.98 -59.58
N VAL D 14 43.83 63.93 -58.46
CA VAL D 14 43.62 62.94 -57.42
C VAL D 14 42.98 63.63 -56.23
N LEU D 15 41.86 63.08 -55.75
CA LEU D 15 41.13 63.62 -54.60
C LEU D 15 41.12 62.56 -53.51
N TYR D 16 41.91 62.75 -52.47
CA TYR D 16 41.94 61.84 -51.33
C TYR D 16 40.89 62.27 -50.32
N VAL D 17 39.95 61.38 -50.02
CA VAL D 17 38.89 61.65 -49.04
C VAL D 17 39.11 60.72 -47.86
N ASP D 18 39.29 61.29 -46.67
CA ASP D 18 39.39 60.54 -45.44
C ASP D 18 38.50 61.18 -44.39
N PHE D 19 38.01 60.36 -43.47
CA PHE D 19 37.26 60.87 -42.33
C PHE D 19 37.25 59.80 -41.25
N LYS D 20 36.80 60.19 -40.06
CA LYS D 20 36.81 59.31 -38.92
C LYS D 20 35.56 59.54 -38.08
N PRO D 21 34.71 58.54 -37.89
CA PRO D 21 33.51 58.73 -37.10
C PRO D 21 33.82 58.88 -35.62
N GLN D 22 33.01 59.71 -34.95
CA GLN D 22 33.18 59.96 -33.53
C GLN D 22 33.15 58.65 -32.75
N SER D 23 33.88 58.63 -31.62
CA SER D 23 33.93 57.48 -30.74
C SER D 23 34.86 57.75 -29.58
N GLY D 24 35.03 56.76 -28.70
CA GLY D 24 35.94 56.89 -27.58
C GLY D 24 35.27 57.09 -26.24
N GLY D 25 33.96 57.30 -26.21
CA GLY D 25 33.26 57.47 -24.95
C GLY D 25 32.21 58.57 -24.98
N GLY D 26 30.94 58.18 -24.98
CA GLY D 26 29.86 59.14 -24.87
C GLY D 26 29.72 60.06 -26.07
N LYS D 27 30.09 59.60 -27.26
CA LYS D 27 30.05 60.41 -28.47
C LYS D 27 29.18 59.73 -29.51
N CYS D 28 28.34 60.52 -30.17
CA CYS D 28 27.46 59.99 -31.22
C CYS D 28 28.29 59.37 -32.33
N PHE D 29 27.96 58.13 -32.71
CA PHE D 29 28.69 57.45 -33.76
C PHE D 29 28.19 57.83 -35.15
N ASN D 30 26.87 57.99 -35.30
CA ASN D 30 26.27 58.29 -36.60
C ASN D 30 26.01 59.77 -36.80
N CYS D 31 26.91 60.62 -36.33
CA CYS D 31 26.83 62.05 -36.52
C CYS D 31 28.06 62.53 -37.32
N TYR D 32 28.24 63.84 -37.40
CA TYR D 32 29.28 64.42 -38.23
C TYR D 32 30.64 63.82 -37.86
N PRO D 33 31.30 63.11 -38.78
CA PRO D 33 32.63 62.57 -38.46
C PRO D 33 33.60 63.68 -38.11
N ALA D 34 34.64 63.31 -37.34
CA ALA D 34 35.55 64.28 -36.75
C ALA D 34 36.81 64.50 -37.56
N GLY D 35 37.49 63.43 -37.97
CA GLY D 35 38.82 63.57 -38.56
C GLY D 35 38.83 63.69 -40.07
N VAL D 36 38.35 64.81 -40.60
CA VAL D 36 38.23 64.97 -42.05
C VAL D 36 39.58 65.28 -42.67
N ASN D 37 39.77 64.77 -43.89
CA ASN D 37 40.98 65.00 -44.69
C ASN D 37 40.54 64.97 -46.15
N ILE D 38 40.14 66.13 -46.67
CA ILE D 38 39.89 66.29 -48.10
C ILE D 38 41.13 66.95 -48.68
N THR D 39 41.93 66.20 -49.43
CA THR D 39 43.15 66.73 -50.00
C THR D 39 43.13 66.57 -51.51
N LEU D 40 43.38 67.68 -52.20
CA LEU D 40 43.49 67.68 -53.66
C LEU D 40 44.97 67.63 -54.03
N ALA D 41 45.31 66.74 -54.96
CA ALA D 41 46.70 66.50 -55.29
C ALA D 41 47.31 67.71 -55.99
N ASN D 42 48.33 68.29 -55.37
CA ASN D 42 49.09 69.39 -55.96
C ASN D 42 48.31 70.70 -55.99
N PHE D 43 47.38 70.88 -55.06
CA PHE D 43 46.60 72.11 -54.97
C PHE D 43 47.18 73.01 -53.90
N ASN D 44 47.07 74.32 -54.13
CA ASN D 44 47.58 75.34 -53.24
C ASN D 44 46.48 76.39 -53.05
N GLU D 45 46.02 76.55 -51.80
CA GLU D 45 44.98 77.55 -51.55
C GLU D 45 45.48 78.99 -51.71
N THR D 46 46.73 79.19 -52.11
CA THR D 46 47.29 80.51 -52.36
C THR D 46 47.70 80.71 -53.81
N LYS D 47 48.25 79.70 -54.47
CA LYS D 47 48.62 79.83 -55.87
C LYS D 47 47.39 80.00 -56.75
N GLY D 48 46.25 79.46 -56.34
CA GLY D 48 45.05 79.48 -57.14
C GLY D 48 44.58 78.08 -57.50
N PRO D 49 43.41 77.98 -58.09
CA PRO D 49 42.89 76.66 -58.48
C PRO D 49 43.85 75.91 -59.40
N LEU D 50 43.95 74.60 -59.19
CA LEU D 50 44.75 73.74 -60.03
C LEU D 50 44.05 73.55 -61.37
N CYS D 51 44.58 74.17 -62.42
CA CYS D 51 43.98 74.10 -63.74
C CYS D 51 44.69 73.05 -64.59
N VAL D 52 43.92 72.15 -65.19
CA VAL D 52 44.47 71.17 -66.13
C VAL D 52 45.13 71.95 -67.26
N ASP D 53 46.46 71.91 -67.31
CA ASP D 53 47.22 72.67 -68.29
C ASP D 53 47.70 71.82 -69.46
N THR D 54 47.66 70.49 -69.34
CA THR D 54 48.03 69.61 -70.44
C THR D 54 46.82 69.28 -71.30
N SER D 55 47.03 68.48 -72.35
CA SER D 55 45.98 68.18 -73.30
C SER D 55 45.12 66.98 -72.90
N HIS D 56 45.60 66.14 -72.00
CA HIS D 56 44.84 65.02 -71.47
C HIS D 56 44.89 65.06 -69.95
N PHE D 57 43.84 64.54 -69.31
CA PHE D 57 43.83 64.48 -67.86
C PHE D 57 42.95 63.33 -67.39
N THR D 58 43.39 62.68 -66.32
CA THR D 58 42.70 61.56 -65.72
C THR D 58 42.29 61.93 -64.30
N THR D 59 41.20 61.34 -63.84
CA THR D 59 40.59 61.69 -62.56
C THR D 59 40.56 60.47 -61.65
N LYS D 60 41.09 60.62 -60.43
CA LYS D 60 41.12 59.54 -59.45
C LYS D 60 40.51 60.01 -58.14
N TYR D 61 39.62 59.20 -57.59
CA TYR D 61 39.06 59.38 -56.26
C TYR D 61 39.64 58.32 -55.34
N VAL D 62 40.29 58.74 -54.26
CA VAL D 62 40.99 57.84 -53.36
C VAL D 62 40.17 57.72 -52.08
N ALA D 63 39.57 56.54 -51.90
CA ALA D 63 38.75 56.24 -50.73
C ALA D 63 39.67 55.82 -49.59
N VAL D 64 40.07 56.82 -48.80
CA VAL D 64 41.03 56.58 -47.73
C VAL D 64 40.36 56.18 -46.42
N TYR D 65 39.17 56.67 -46.15
CA TYR D 65 38.45 56.27 -44.95
C TYR D 65 38.44 54.75 -44.83
N ALA D 66 38.81 54.25 -43.65
CA ALA D 66 39.09 52.84 -43.46
C ALA D 66 38.20 52.31 -42.37
N ASN D 67 38.70 52.12 -41.15
CA ASN D 67 37.87 51.63 -40.06
C ASN D 67 36.77 52.65 -39.75
N VAL D 68 35.57 52.39 -40.28
CA VAL D 68 34.45 53.31 -40.09
C VAL D 68 33.19 52.51 -39.75
N GLY D 69 33.02 51.37 -40.40
CA GLY D 69 31.83 50.56 -40.20
C GLY D 69 30.81 50.76 -41.30
N ARG D 70 29.65 51.29 -40.94
CA ARG D 70 28.56 51.49 -41.88
C ARG D 70 28.72 52.74 -42.72
N TRP D 71 29.76 53.54 -42.49
CA TRP D 71 29.92 54.81 -43.19
C TRP D 71 30.40 54.57 -44.62
N SER D 72 29.56 54.93 -45.58
CA SER D 72 30.00 55.09 -46.96
C SER D 72 30.28 56.58 -47.20
N ALA D 73 31.00 56.88 -48.27
CA ALA D 73 31.31 58.27 -48.57
C ALA D 73 31.64 58.42 -50.05
N SER D 74 31.07 59.45 -50.66
CA SER D 74 31.26 59.68 -52.09
C SER D 74 31.22 61.18 -52.38
N ILE D 75 31.34 61.51 -53.66
CA ILE D 75 31.22 62.88 -54.15
C ILE D 75 30.03 62.90 -55.09
N ASN D 76 28.95 63.52 -54.67
CA ASN D 76 27.77 63.60 -55.50
C ASN D 76 27.93 64.71 -56.54
N THR D 77 27.45 64.46 -57.75
CA THR D 77 27.42 65.49 -58.77
C THR D 77 26.56 66.66 -58.28
N GLY D 78 27.15 67.85 -58.25
CA GLY D 78 26.46 69.01 -57.73
C GLY D 78 25.91 69.89 -58.83
N ASN D 79 26.11 71.20 -58.67
CA ASN D 79 25.69 72.18 -59.68
C ASN D 79 26.29 71.89 -61.06
N CYS D 80 27.29 71.02 -61.16
CA CYS D 80 27.98 70.77 -62.42
C CYS D 80 27.14 69.90 -63.35
N PRO D 81 27.24 70.12 -64.66
CA PRO D 81 26.57 69.19 -65.59
C PRO D 81 27.29 67.86 -65.72
N PHE D 82 28.62 67.89 -65.83
CA PHE D 82 29.41 66.68 -65.88
C PHE D 82 29.74 66.25 -64.44
N SER D 83 30.43 65.11 -64.30
CA SER D 83 30.68 64.51 -62.99
C SER D 83 32.09 63.94 -62.92
N PHE D 84 32.75 64.21 -61.80
CA PHE D 84 34.00 63.56 -61.42
C PHE D 84 33.95 62.07 -61.75
N GLY D 85 34.80 61.64 -62.67
CA GLY D 85 34.79 60.25 -63.11
C GLY D 85 34.06 60.05 -64.43
N LYS D 86 32.85 60.62 -64.55
CA LYS D 86 32.20 60.71 -65.85
C LYS D 86 33.07 61.48 -66.83
N VAL D 87 33.69 62.57 -66.35
CA VAL D 87 34.65 63.33 -67.16
C VAL D 87 35.75 62.42 -67.69
N ASN D 88 36.14 61.40 -66.92
CA ASN D 88 37.21 60.50 -67.34
C ASN D 88 36.95 59.87 -68.70
N ASN D 89 35.71 59.89 -69.18
CA ASN D 89 35.32 59.20 -70.41
C ASN D 89 35.14 60.20 -71.55
N PHE D 90 36.26 60.83 -71.95
CA PHE D 90 36.39 61.55 -73.23
C PHE D 90 35.47 62.77 -73.33
N VAL D 91 35.54 63.69 -72.36
CA VAL D 91 34.73 64.90 -72.42
C VAL D 91 35.50 66.01 -73.13
N LYS D 92 34.75 66.95 -73.72
CA LYS D 92 35.28 68.15 -74.32
C LYS D 92 35.53 69.22 -73.26
N PHE D 93 36.70 69.86 -73.30
CA PHE D 93 36.98 70.97 -72.39
C PHE D 93 37.97 71.94 -73.04
N GLY D 94 37.78 73.21 -72.75
CA GLY D 94 38.68 74.25 -73.21
C GLY D 94 39.57 74.77 -72.09
N SER D 95 39.08 74.69 -70.85
CA SER D 95 39.87 75.10 -69.70
C SER D 95 39.18 74.67 -68.41
N VAL D 96 39.58 73.54 -67.84
CA VAL D 96 39.00 73.02 -66.61
C VAL D 96 39.96 73.29 -65.46
N CYS D 97 39.39 73.62 -64.30
CA CYS D 97 40.15 73.96 -63.10
C CYS D 97 39.46 73.36 -61.88
N PHE D 98 40.26 72.94 -60.91
CA PHE D 98 39.76 72.36 -59.67
C PHE D 98 40.34 73.09 -58.48
N SER D 99 39.53 73.21 -57.42
CA SER D 99 39.96 73.86 -56.19
C SER D 99 39.11 73.36 -55.05
N LEU D 100 39.57 73.64 -53.83
CA LEU D 100 38.80 73.37 -52.62
C LEU D 100 38.26 74.65 -52.00
N LYS D 101 38.25 75.73 -52.76
CA LYS D 101 37.67 77.00 -52.33
C LYS D 101 36.86 77.58 -53.48
N ASP D 102 35.90 78.44 -53.12
CA ASP D 102 34.90 78.89 -54.07
C ASP D 102 35.55 79.38 -55.37
N ILE D 103 34.79 79.26 -56.46
CA ILE D 103 35.22 79.74 -57.76
C ILE D 103 34.06 80.50 -58.38
N PRO D 104 34.21 81.79 -58.70
CA PRO D 104 33.12 82.50 -59.38
C PRO D 104 32.86 81.89 -60.75
N GLY D 105 31.58 81.88 -61.13
CA GLY D 105 31.20 81.29 -62.40
C GLY D 105 31.57 79.83 -62.51
N GLY D 106 31.56 79.11 -61.39
CA GLY D 106 31.88 77.71 -61.39
C GLY D 106 30.99 76.96 -60.42
N CYS D 107 30.81 75.67 -60.70
CA CYS D 107 29.93 74.83 -59.90
C CYS D 107 30.70 74.20 -58.74
N ALA D 108 30.00 73.41 -57.94
CA ALA D 108 30.59 72.79 -56.75
C ALA D 108 30.02 71.39 -56.59
N MET D 109 30.91 70.40 -56.49
CA MET D 109 30.51 69.02 -56.23
C MET D 109 30.60 68.79 -54.73
N PRO D 110 29.48 68.61 -54.02
CA PRO D 110 29.57 68.36 -52.58
C PRO D 110 30.02 66.94 -52.27
N ILE D 111 30.88 66.83 -51.25
CA ILE D 111 31.31 65.55 -50.73
C ILE D 111 30.39 65.15 -49.59
N VAL D 112 29.86 63.93 -49.63
CA VAL D 112 28.93 63.46 -48.62
C VAL D 112 29.47 62.18 -48.01
N ALA D 113 29.25 62.01 -46.71
CA ALA D 113 29.49 60.77 -46.00
C ALA D 113 28.18 60.36 -45.35
N ASN D 114 27.72 59.15 -45.67
CA ASN D 114 26.43 58.68 -45.22
C ASN D 114 26.61 57.48 -44.29
N TRP D 115 25.69 57.39 -43.34
CA TRP D 115 25.66 56.32 -42.35
C TRP D 115 24.54 55.36 -42.70
N ALA D 116 24.86 54.06 -42.70
CA ALA D 116 23.98 53.10 -43.36
C ALA D 116 23.61 53.68 -44.71
N TYR D 117 22.35 54.12 -44.86
CA TYR D 117 22.00 55.06 -45.92
C TYR D 117 20.91 56.00 -45.41
N SER D 118 20.95 56.33 -44.13
CA SER D 118 19.91 57.11 -43.47
C SER D 118 20.30 58.56 -43.25
N LYS D 119 21.50 58.81 -42.71
CA LYS D 119 21.93 60.15 -42.34
C LYS D 119 23.15 60.53 -43.18
N TYR D 120 23.04 61.64 -43.89
CA TYR D 120 24.11 62.16 -44.74
C TYR D 120 24.68 63.43 -44.15
N TYR D 121 26.01 63.57 -44.22
CA TYR D 121 26.70 64.76 -43.75
C TYR D 121 27.67 65.20 -44.84
N THR D 122 27.56 66.45 -45.26
CA THR D 122 28.44 66.97 -46.31
C THR D 122 29.80 67.29 -45.68
N ILE D 123 30.81 66.50 -46.04
CA ILE D 123 32.13 66.67 -45.46
C ILE D 123 32.81 67.92 -46.03
N GLY D 124 32.70 68.11 -47.33
CA GLY D 124 33.27 69.28 -47.96
C GLY D 124 32.78 69.40 -49.38
N THR D 125 33.49 70.21 -50.17
CA THR D 125 33.11 70.45 -51.55
C THR D 125 34.37 70.51 -52.42
N LEU D 126 34.20 70.17 -53.69
CA LEU D 126 35.23 70.31 -54.71
C LEU D 126 34.70 71.25 -55.77
N TYR D 127 35.25 72.45 -55.85
CA TYR D 127 34.81 73.44 -56.81
C TYR D 127 35.54 73.25 -58.14
N VAL D 128 34.80 73.41 -59.23
CA VAL D 128 35.36 73.21 -60.56
C VAL D 128 34.88 74.31 -61.49
N SER D 129 35.76 74.71 -62.40
CA SER D 129 35.46 75.65 -63.46
C SER D 129 35.71 74.99 -64.82
N TRP D 130 34.91 75.34 -65.82
CA TRP D 130 35.02 74.73 -67.14
C TRP D 130 34.72 75.76 -68.21
N SER D 131 35.42 75.62 -69.34
CA SER D 131 35.25 76.50 -70.49
C SER D 131 35.04 75.65 -71.74
N ASP D 132 33.99 75.95 -72.49
CA ASP D 132 33.68 75.20 -73.69
C ASP D 132 34.84 75.28 -74.68
N GLY D 133 35.29 74.11 -75.13
CA GLY D 133 36.40 74.04 -76.06
C GLY D 133 36.75 72.61 -76.36
N ASP D 134 37.71 72.44 -77.27
CA ASP D 134 38.18 71.12 -77.69
C ASP D 134 39.68 70.94 -77.44
N GLY D 135 40.20 71.61 -76.40
CA GLY D 135 41.61 71.55 -76.11
C GLY D 135 42.00 70.48 -75.10
N ILE D 136 41.12 70.22 -74.14
CA ILE D 136 41.38 69.29 -73.05
C ILE D 136 40.46 68.09 -73.21
N THR D 137 41.00 66.89 -73.01
CA THR D 137 40.27 65.63 -73.17
C THR D 137 40.36 64.81 -71.89
N GLY D 138 39.21 64.44 -71.34
CA GLY D 138 39.19 63.50 -70.23
C GLY D 138 39.54 62.10 -70.72
N VAL D 139 40.35 61.40 -69.94
CA VAL D 139 40.92 60.14 -70.40
C VAL D 139 40.86 59.09 -69.30
N PRO D 140 40.44 57.86 -69.61
CA PRO D 140 40.52 56.79 -68.60
C PRO D 140 41.90 56.64 -67.98
N GLN D 141 42.93 56.59 -68.82
CA GLN D 141 44.31 56.60 -68.36
C GLN D 141 45.22 56.88 -69.57
N PRO D 142 46.44 57.35 -69.33
CA PRO D 142 47.42 57.53 -70.42
C PRO D 142 47.95 56.19 -70.94
N TYR E 16 23.00 -55.15 -38.96
CA TYR E 16 22.34 -53.86 -38.75
C TYR E 16 22.11 -53.61 -37.27
N VAL E 17 22.50 -52.44 -36.79
CA VAL E 17 22.38 -52.08 -35.38
C VAL E 17 21.84 -50.66 -35.28
N ASP E 18 20.97 -50.44 -34.30
CA ASP E 18 20.46 -49.11 -34.01
C ASP E 18 20.20 -49.01 -32.51
N PHE E 19 20.35 -47.80 -31.97
CA PHE E 19 20.12 -47.57 -30.55
C PHE E 19 19.96 -46.09 -30.31
N LYS E 20 19.24 -45.75 -29.23
CA LYS E 20 19.01 -44.38 -28.84
C LYS E 20 19.46 -44.15 -27.40
N PRO E 21 19.96 -42.95 -27.08
CA PRO E 21 20.40 -42.68 -25.71
C PRO E 21 19.22 -42.47 -24.77
N GLN E 22 19.36 -42.97 -23.55
CA GLN E 22 18.32 -42.80 -22.54
C GLN E 22 18.10 -41.32 -22.25
N SER E 23 16.84 -40.93 -22.16
CA SER E 23 16.46 -39.56 -21.83
C SER E 23 14.95 -39.53 -21.61
N GLY E 24 14.40 -38.33 -21.45
CA GLY E 24 12.98 -38.15 -21.25
C GLY E 24 12.58 -37.77 -19.85
N GLY E 25 13.49 -37.86 -18.88
CA GLY E 25 13.18 -37.49 -17.52
C GLY E 25 13.55 -38.56 -16.51
N GLY E 26 14.50 -38.24 -15.62
CA GLY E 26 14.98 -39.18 -14.64
C GLY E 26 15.95 -40.21 -15.19
N LYS E 27 16.14 -40.28 -16.50
CA LYS E 27 17.01 -41.26 -17.11
C LYS E 27 18.43 -40.70 -17.27
N CYS E 28 19.37 -41.60 -17.54
CA CYS E 28 20.78 -41.26 -17.67
C CYS E 28 21.17 -41.19 -19.14
N PHE E 29 21.79 -40.08 -19.54
CA PHE E 29 22.13 -39.87 -20.94
C PHE E 29 23.40 -40.59 -21.35
N ASN E 30 24.32 -40.83 -20.42
CA ASN E 30 25.61 -41.46 -20.73
C ASN E 30 25.73 -42.85 -20.12
N CYS E 31 24.61 -43.56 -19.98
CA CYS E 31 24.60 -44.93 -19.50
C CYS E 31 24.15 -45.86 -20.62
N TYR E 32 23.89 -47.11 -20.28
CA TYR E 32 23.53 -48.11 -21.27
C TYR E 32 22.39 -47.60 -22.15
N PRO E 33 22.49 -47.74 -23.47
CA PRO E 33 21.47 -47.12 -24.35
C PRO E 33 20.07 -47.68 -24.12
N ALA E 34 19.09 -46.80 -24.30
CA ALA E 34 17.69 -47.16 -24.03
C ALA E 34 17.18 -48.20 -25.03
N GLY E 35 17.31 -47.91 -26.32
CA GLY E 35 16.79 -48.78 -27.37
C GLY E 35 17.94 -49.54 -28.01
N VAL E 36 17.77 -50.85 -28.15
CA VAL E 36 18.79 -51.71 -28.75
C VAL E 36 18.13 -52.60 -29.80
N ASN E 37 18.75 -52.68 -30.98
CA ASN E 37 18.27 -53.53 -32.07
C ASN E 37 19.50 -54.07 -32.80
N ILE E 38 19.90 -55.29 -32.46
CA ILE E 38 20.95 -56.01 -33.17
C ILE E 38 20.28 -57.12 -33.95
N THR E 39 20.07 -56.87 -35.25
CA THR E 39 19.35 -57.80 -36.12
C THR E 39 20.31 -58.29 -37.19
N LEU E 40 20.77 -59.54 -37.04
CA LEU E 40 21.55 -60.20 -38.07
C LEU E 40 20.57 -60.93 -39.00
N ALA E 41 20.35 -60.38 -40.18
CA ALA E 41 19.40 -60.97 -41.12
C ALA E 41 19.70 -62.44 -41.33
N ASN E 42 18.67 -63.20 -41.67
CA ASN E 42 18.78 -64.64 -41.91
C ASN E 42 19.24 -65.36 -40.63
N PHE E 43 18.47 -65.16 -39.55
CA PHE E 43 18.75 -65.80 -38.28
C PHE E 43 17.45 -66.26 -37.65
N ASN E 44 17.53 -67.35 -36.89
CA ASN E 44 16.37 -67.93 -36.22
C ASN E 44 16.63 -68.03 -34.72
N PRO E 49 21.36 -70.85 -36.26
CA PRO E 49 22.64 -70.14 -36.37
C PRO E 49 23.12 -69.99 -37.81
N LEU E 50 22.96 -68.78 -38.35
CA LEU E 50 23.40 -68.51 -39.71
C LEU E 50 24.83 -68.95 -39.92
N CYS E 51 25.08 -69.63 -41.03
CA CYS E 51 26.41 -70.12 -41.36
C CYS E 51 26.73 -69.80 -42.82
N VAL E 52 27.99 -69.99 -43.17
CA VAL E 52 28.45 -69.77 -44.54
C VAL E 52 27.96 -70.90 -45.42
N ALA E 63 24.90 -49.53 -39.76
CA ALA E 63 24.93 -48.47 -38.76
C ALA E 63 23.79 -47.48 -38.99
N VAL E 64 22.84 -47.45 -38.06
CA VAL E 64 21.68 -46.57 -38.14
C VAL E 64 21.81 -45.40 -37.18
N TYR E 65 22.18 -45.69 -35.93
CA TYR E 65 22.37 -44.64 -34.93
C TYR E 65 23.23 -43.52 -35.47
N ALA E 66 22.69 -42.30 -35.43
CA ALA E 66 23.43 -41.12 -35.85
C ALA E 66 24.31 -40.64 -34.70
N ASN E 67 25.08 -39.57 -34.96
CA ASN E 67 25.94 -39.00 -33.94
C ASN E 67 25.12 -38.25 -32.91
N VAL E 68 24.36 -38.97 -32.09
CA VAL E 68 23.52 -38.36 -31.07
C VAL E 68 24.40 -37.95 -29.90
N GLY E 69 24.94 -36.73 -29.95
CA GLY E 69 25.85 -36.30 -28.92
C GLY E 69 27.19 -37.03 -29.02
N ARG E 70 27.80 -37.23 -27.86
CA ARG E 70 29.11 -37.87 -27.77
C ARG E 70 29.04 -39.39 -27.94
N TRP E 71 27.88 -39.94 -28.32
CA TRP E 71 27.70 -41.37 -28.39
C TRP E 71 28.19 -41.94 -29.71
N SER E 72 29.04 -42.95 -29.64
CA SER E 72 29.48 -43.68 -30.82
C SER E 72 29.51 -45.16 -30.50
N ALA E 73 29.76 -45.99 -31.51
CA ALA E 73 29.80 -47.43 -31.27
C ALA E 73 30.57 -48.11 -32.39
N SER E 74 31.08 -49.29 -32.07
CA SER E 74 31.83 -50.10 -33.03
C SER E 74 31.74 -51.56 -32.59
N ILE E 75 32.31 -52.43 -33.43
CA ILE E 75 32.47 -53.84 -33.09
C ILE E 75 33.90 -54.04 -32.62
N ASN E 76 34.06 -54.86 -31.58
CA ASN E 76 35.36 -55.17 -31.02
C ASN E 76 35.58 -56.68 -31.09
N THR E 77 36.84 -57.08 -31.04
CA THR E 77 37.19 -58.48 -31.09
C THR E 77 36.97 -59.14 -29.72
N GLY E 78 36.97 -60.46 -29.71
CA GLY E 78 36.82 -61.22 -28.49
C GLY E 78 37.76 -62.40 -28.41
N ASN E 79 37.22 -63.62 -28.55
CA ASN E 79 38.03 -64.82 -28.54
C ASN E 79 38.49 -65.23 -29.94
N CYS E 80 37.78 -64.81 -30.99
CA CYS E 80 38.16 -65.18 -32.34
C CYS E 80 39.32 -64.30 -32.82
N PRO E 81 40.18 -64.83 -33.71
CA PRO E 81 41.36 -64.07 -34.13
C PRO E 81 41.08 -62.99 -35.16
N PHE E 82 39.99 -63.08 -35.91
CA PHE E 82 39.70 -62.14 -36.98
C PHE E 82 38.68 -61.10 -36.54
N SER E 83 38.65 -59.99 -37.26
CA SER E 83 37.77 -58.87 -36.94
C SER E 83 36.47 -58.95 -37.74
N CYS E 97 30.51 -69.44 -39.28
CA CYS E 97 29.21 -69.54 -38.63
C CYS E 97 29.00 -68.44 -37.59
N PHE E 98 28.25 -67.41 -37.98
CA PHE E 98 27.90 -66.31 -37.09
C PHE E 98 26.58 -66.59 -36.41
N SER E 99 26.41 -66.01 -35.22
CA SER E 99 25.18 -66.21 -34.46
C SER E 99 25.16 -65.28 -33.27
N LEU E 100 23.96 -64.81 -32.93
CA LEU E 100 23.75 -64.00 -31.75
C LEU E 100 23.57 -64.85 -30.49
N LYS E 101 23.24 -66.12 -30.66
CA LYS E 101 23.15 -67.05 -29.53
C LYS E 101 24.50 -67.69 -29.27
N ASP E 102 24.64 -68.26 -28.07
CA ASP E 102 25.91 -68.83 -27.66
C ASP E 102 26.25 -70.06 -28.49
N ILE E 103 27.50 -70.15 -28.93
CA ILE E 103 28.02 -71.30 -29.64
C ILE E 103 29.02 -72.00 -28.72
N PRO E 104 29.07 -73.34 -28.69
CA PRO E 104 30.11 -73.98 -27.89
C PRO E 104 31.52 -73.58 -28.35
N ALA E 108 33.69 -65.19 -29.82
CA ALA E 108 32.69 -64.14 -29.82
C ALA E 108 33.32 -62.78 -30.10
N MET E 109 32.47 -61.81 -30.45
CA MET E 109 32.92 -60.45 -30.70
C MET E 109 31.96 -59.47 -30.02
N PRO E 110 32.38 -58.76 -28.97
CA PRO E 110 31.46 -57.83 -28.31
C PRO E 110 31.23 -56.58 -29.15
N ILE E 111 30.00 -56.07 -29.08
CA ILE E 111 29.62 -54.83 -29.74
C ILE E 111 29.70 -53.73 -28.69
N VAL E 112 30.70 -52.85 -28.82
CA VAL E 112 30.95 -51.83 -27.81
C VAL E 112 30.31 -50.52 -28.25
N ALA E 113 29.80 -49.77 -27.28
CA ALA E 113 29.22 -48.45 -27.52
C ALA E 113 29.74 -47.51 -26.47
N ASN E 114 30.49 -46.50 -26.89
CA ASN E 114 31.17 -45.59 -25.97
C ASN E 114 30.53 -44.21 -25.97
N TRP E 115 30.75 -43.51 -24.87
CA TRP E 115 30.37 -42.12 -24.72
C TRP E 115 31.63 -41.29 -24.50
N ALA E 116 31.94 -40.42 -25.45
CA ALA E 116 33.12 -39.55 -25.35
C ALA E 116 34.39 -40.35 -25.13
N TYR E 117 34.46 -41.55 -25.71
CA TYR E 117 35.61 -42.43 -25.56
C TYR E 117 35.99 -42.63 -24.09
N SER E 118 35.04 -42.42 -23.18
CA SER E 118 35.28 -42.57 -21.75
C SER E 118 34.43 -43.68 -21.14
N LYS E 119 33.10 -43.60 -21.26
CA LYS E 119 32.22 -44.64 -20.75
C LYS E 119 31.90 -45.63 -21.86
N TYR E 120 32.23 -46.90 -21.64
CA TYR E 120 31.99 -47.96 -22.59
C TYR E 120 30.91 -48.90 -22.05
N TYR E 121 30.11 -49.46 -22.95
CA TYR E 121 29.00 -50.33 -22.59
C TYR E 121 28.90 -51.49 -23.56
N THR E 122 28.80 -52.70 -23.02
CA THR E 122 28.66 -53.91 -23.80
C THR E 122 27.18 -54.24 -24.00
N ILE E 123 26.87 -54.82 -25.15
CA ILE E 123 25.50 -55.19 -25.47
C ILE E 123 25.27 -56.67 -25.23
N PRO F 21 -71.16 -55.54 24.36
CA PRO F 21 -70.07 -55.23 25.29
C PRO F 21 -70.57 -54.62 26.60
N GLN F 22 -69.65 -54.38 27.53
CA GLN F 22 -70.01 -53.80 28.82
C GLN F 22 -69.86 -52.28 28.77
N SER F 23 -70.74 -51.59 29.48
CA SER F 23 -70.74 -50.13 29.51
C SER F 23 -71.74 -49.69 30.56
N GLY F 24 -71.74 -48.37 30.82
CA GLY F 24 -72.66 -47.79 31.77
C GLY F 24 -72.09 -47.45 33.12
N GLY F 25 -70.77 -47.28 33.23
CA GLY F 25 -70.14 -46.89 34.48
C GLY F 25 -69.37 -48.02 35.13
N GLY F 26 -68.09 -47.79 35.39
CA GLY F 26 -67.24 -48.78 36.04
C GLY F 26 -67.32 -50.15 35.42
N LYS F 27 -67.55 -50.20 34.11
CA LYS F 27 -67.64 -51.46 33.37
C LYS F 27 -66.38 -51.63 32.51
N CYS F 28 -65.79 -52.82 32.58
CA CYS F 28 -64.63 -53.14 31.75
C CYS F 28 -65.10 -53.45 30.33
N PHE F 29 -64.57 -52.72 29.35
CA PHE F 29 -65.02 -52.88 27.98
C PHE F 29 -64.43 -54.11 27.29
N ASN F 30 -63.34 -54.66 27.82
CA ASN F 30 -62.64 -55.76 27.17
C ASN F 30 -62.63 -57.03 28.02
N CYS F 31 -63.58 -57.18 28.94
CA CYS F 31 -63.64 -58.37 29.78
C CYS F 31 -64.75 -59.31 29.34
C1 NAG G . 16.62 -44.67 11.22
C2 NAG G . 15.94 -44.89 12.57
C3 NAG G . 16.85 -45.70 13.50
C4 NAG G . 17.28 -46.99 12.83
C5 NAG G . 17.89 -46.71 11.45
C6 NAG G . 18.19 -47.96 10.68
C7 NAG G . 14.29 -43.27 13.37
C8 NAG G . 14.08 -41.95 14.04
N2 NAG G . 15.56 -43.64 13.19
O3 NAG G . 16.17 -45.96 14.71
O4 NAG G . 18.24 -47.67 13.63
O5 NAG G . 16.99 -45.93 10.65
O6 NAG G . 17.08 -48.86 10.69
O7 NAG G . 13.34 -43.97 12.99
C1 NAG G . 17.70 -48.92 14.14
C2 NAG G . 18.87 -49.88 14.42
C3 NAG G . 18.35 -51.19 14.99
C4 NAG G . 17.49 -50.93 16.22
C5 NAG G . 16.38 -49.94 15.87
C6 NAG G . 15.54 -49.55 17.07
C7 NAG G . 20.78 -49.46 12.93
C8 NAG G . 21.46 -49.85 11.64
N2 NAG G . 19.65 -50.12 13.22
O3 NAG G . 19.45 -52.03 15.34
O4 NAG G . 16.93 -52.14 16.69
O5 NAG G . 16.94 -48.74 15.34
O6 NAG G . 16.36 -49.11 18.15
O7 NAG G . 21.24 -48.59 13.67
C1 NAG H . 55.97 -16.20 -6.47
C2 NAG H . 56.60 -17.60 -6.41
C3 NAG H . 57.36 -17.89 -7.71
C4 NAG H . 56.44 -17.68 -8.91
C5 NAG H . 55.81 -16.30 -8.87
C6 NAG H . 54.79 -16.08 -9.96
C7 NAG H . 57.05 -17.89 -4.02
C8 NAG H . 58.10 -18.02 -2.96
N2 NAG H . 57.48 -17.73 -5.27
O3 NAG H . 57.82 -19.23 -7.69
O4 NAG H . 57.20 -17.81 -10.11
O5 NAG H . 55.12 -16.11 -7.63
O6 NAG H . 53.55 -16.68 -9.63
O7 NAG H . 55.85 -17.94 -3.75
C1 NAG H . 56.76 -18.97 -10.84
C2 NAG H . 57.21 -18.80 -12.29
C3 NAG H . 56.83 -20.03 -13.12
C4 NAG H . 57.35 -21.30 -12.44
C5 NAG H . 56.88 -21.36 -10.99
C6 NAG H . 57.45 -22.54 -10.24
C7 NAG H . 57.38 -16.66 -13.48
C8 NAG H . 56.61 -15.48 -14.02
N2 NAG H . 56.63 -17.60 -12.87
O3 NAG H . 57.38 -19.91 -14.42
O4 NAG H . 56.88 -22.44 -13.14
O5 NAG H . 57.31 -20.17 -10.30
O6 NAG H . 58.81 -22.77 -10.57
O7 NAG H . 58.59 -16.76 -13.60
C1 NAG I . 13.42 71.75 -8.63
C2 NAG I . 13.32 72.49 -7.30
C3 NAG I . 12.15 73.47 -7.32
C4 NAG I . 12.25 74.40 -8.52
C5 NAG I . 12.38 73.59 -9.80
C6 NAG I . 12.60 74.44 -11.02
C7 NAG I . 14.09 71.47 -5.20
C8 NAG I . 13.79 70.45 -4.13
N2 NAG I . 13.19 71.56 -6.20
O3 NAG I . 12.14 74.22 -6.11
O4 NAG I . 11.10 75.23 -8.58
O5 NAG I . 13.51 72.69 -9.71
O6 NAG I . 13.85 74.16 -11.63
O7 NAG I . 15.09 72.19 -5.17
C1 NAG I . 11.47 76.63 -8.53
C2 NAG I . 10.34 77.45 -9.15
C3 NAG I . 10.68 78.94 -9.11
C4 NAG I . 11.04 79.37 -7.69
C5 NAG I . 12.12 78.46 -7.12
C6 NAG I . 12.43 78.74 -5.67
C7 NAG I . 9.40 75.92 -10.83
C8 NAG I . 9.23 75.64 -12.29
N2 NAG I . 10.08 77.03 -10.53
O3 NAG I . 9.57 79.70 -9.57
O4 NAG I . 11.50 80.71 -7.68
O5 NAG I . 11.71 77.08 -7.19
O6 NAG I . 13.66 78.16 -5.26
O7 NAG I . 8.94 75.18 -9.97
C1 NAG J . -8.68 35.51 -38.91
C2 NAG J . -9.18 36.72 -39.68
C3 NAG J . -8.81 36.60 -41.16
C4 NAG J . -7.32 36.33 -41.32
C5 NAG J . -6.92 35.12 -40.49
C6 NAG J . -5.43 34.86 -40.51
C7 NAG J . -11.16 37.81 -38.75
C8 NAG J . -12.66 37.84 -38.70
N2 NAG J . -10.62 36.89 -39.53
O3 NAG J . -9.18 37.80 -41.83
O4 NAG J . -7.00 36.09 -42.69
O5 NAG J . -7.28 35.33 -39.12
O6 NAG J . -4.74 35.71 -39.60
O7 NAG J . -10.48 38.60 -38.09
C1 NAG J . -6.79 37.35 -43.35
C2 NAG J . -5.48 37.29 -44.13
C3 NAG J . -5.26 38.59 -44.89
C4 NAG J . -6.46 38.91 -45.77
C5 NAG J . -7.74 38.89 -44.94
C6 NAG J . -8.99 39.05 -45.79
C7 NAG J . -3.47 36.03 -43.49
C8 NAG J . -2.38 35.88 -42.47
N2 NAG J . -4.36 37.00 -43.24
O3 NAG J . -4.08 38.48 -45.68
O4 NAG J . -6.29 40.18 -46.38
O5 NAG J . -7.87 37.63 -44.25
O6 NAG J . -8.82 40.05 -46.77
O7 NAG J . -3.54 35.31 -44.47
C1 NAG K . -25.41 -37.33 17.29
C2 NAG K . -25.08 -38.77 17.64
C3 NAG K . -25.08 -39.64 16.38
C4 NAG K . -26.41 -39.48 15.64
C5 NAG K . -26.71 -38.00 15.39
C6 NAG K . -28.09 -37.77 14.80
C7 NAG K . -23.65 -38.64 19.62
C8 NAG K . -22.26 -38.81 20.17
N2 NAG K . -23.80 -38.88 18.33
O3 NAG K . -24.89 -41.00 16.73
O4 NAG K . -26.33 -40.14 14.38
O5 NAG K . -26.67 -37.27 16.62
O6 NAG K . -29.11 -37.96 15.77
O7 NAG K . -24.59 -38.30 20.34
C1 NAG K . -27.22 -41.28 14.35
C2 NAG K . -27.45 -41.70 12.90
C3 NAG K . -28.35 -42.93 12.84
C4 NAG K . -27.77 -44.04 13.70
C5 NAG K . -27.51 -43.55 15.12
C6 NAG K . -26.82 -44.56 15.99
C7 NAG K . -27.52 -40.17 10.97
C8 NAG K . -28.24 -39.03 10.32
N2 NAG K . -28.03 -40.61 12.13
O3 NAG K . -28.47 -43.36 11.48
O4 NAG K . -28.66 -45.15 13.74
O5 NAG K . -26.66 -42.39 15.08
O6 NAG K . -25.76 -45.21 15.30
O7 NAG K . -26.51 -40.67 10.48
C1 NAG L . -1.35 -22.41 7.51
C2 NAG L . -1.76 -22.37 6.04
C3 NAG L . -2.00 -20.93 5.59
C4 NAG L . -2.99 -20.24 6.53
C5 NAG L . -2.53 -20.38 7.97
C6 NAG L . -3.51 -19.80 8.97
C7 NAG L . -0.95 -24.12 4.51
C8 NAG L . 0.21 -24.62 3.69
N2 NAG L . -0.75 -23.00 5.20
O3 NAG L . -2.52 -20.94 4.26
O4 NAG L . -3.09 -18.86 6.19
O5 NAG L . -2.36 -21.76 8.30
O6 NAG L . -4.60 -20.70 9.18
O7 NAG L . -2.03 -24.71 4.53
C1 NAG M . 38.00 -34.69 -19.42
C2 NAG M . 38.69 -36.05 -19.26
C3 NAG M . 39.93 -36.12 -20.15
C4 NAG M . 39.59 -35.76 -21.59
C5 NAG M . 38.85 -34.43 -21.64
C6 NAG M . 38.35 -34.08 -23.03
C7 NAG M . 38.95 -37.51 -17.30
C8 NAG M . 39.37 -37.57 -15.86
N2 NAG M . 39.05 -36.30 -17.87
O3 NAG M . 40.48 -37.43 -20.09
O4 NAG M . 40.78 -35.66 -22.36
O5 NAG M . 37.70 -34.47 -20.80
O6 NAG M . 38.64 -32.73 -23.36
O7 NAG M . 38.55 -38.49 -17.91
C1 NAG N . 7.16 -45.58 -10.12
C2 NAG N . 8.34 -45.59 -11.07
C3 NAG N . 7.97 -46.33 -12.35
C4 NAG N . 7.45 -47.72 -12.01
C5 NAG N . 6.32 -47.65 -10.97
C6 NAG N . 5.88 -49.01 -10.48
C7 NAG N . 10.06 -43.84 -11.19
C8 NAG N . 10.35 -42.41 -11.56
N2 NAG N . 8.79 -44.25 -11.37
O3 NAG N . 9.11 -46.43 -13.20
O4 NAG N . 6.94 -48.34 -13.19
O5 NAG N . 6.76 -46.91 -9.81
O6 NAG N . 6.34 -50.03 -11.36
O7 NAG N . 10.93 -44.59 -10.77
C1 NAG O . 55.62 11.38 -8.39
C2 NAG O . 55.83 12.15 -9.69
C3 NAG O . 56.59 13.45 -9.41
C4 NAG O . 55.89 14.25 -8.31
C5 NAG O . 55.65 13.36 -7.08
C6 NAG O . 54.87 14.05 -5.99
C7 NAG O . 56.65 11.65 -11.95
C8 NAG O . 57.42 10.68 -12.80
N2 NAG O . 56.55 11.33 -10.65
O3 NAG O . 56.65 14.22 -10.60
O4 NAG O . 56.70 15.35 -7.93
O5 NAG O . 54.90 12.20 -7.47
O6 NAG O . 54.57 13.15 -4.93
O7 NAG O . 56.12 12.65 -12.42
ZN ZN P . 30.70 -22.30 1.24
C1 NAG Q . 32.99 7.00 19.77
C2 NAG Q . 32.21 5.90 20.49
C3 NAG Q . 31.70 6.42 21.83
C4 NAG Q . 32.83 7.05 22.64
C5 NAG Q . 33.58 8.07 21.80
C6 NAG Q . 34.79 8.65 22.50
C7 NAG Q . 30.36 4.36 20.00
C8 NAG Q . 29.27 4.01 19.04
N2 NAG Q . 31.11 5.42 19.67
O3 NAG Q . 31.11 5.36 22.57
O4 NAG Q . 32.29 7.70 23.79
O5 NAG Q . 34.06 7.45 20.60
O6 NAG Q . 35.88 8.81 21.60
O7 NAG Q . 30.55 3.72 21.03
C1 NAG R . 34.05 67.29 -18.06
C2 NAG R . 33.68 67.03 -19.53
C3 NAG R . 34.80 67.51 -20.44
C4 NAG R . 35.15 68.96 -20.14
C5 NAG R . 35.46 69.14 -18.67
C6 NAG R . 35.73 70.56 -18.28
C7 NAG R . 32.19 65.09 -19.73
C8 NAG R . 32.10 63.61 -19.98
N2 NAG R . 33.42 65.62 -19.75
O3 NAG R . 34.38 67.39 -21.80
O4 NAG R . 36.28 69.36 -20.91
O5 NAG R . 34.34 68.69 -17.88
O6 NAG R . 36.14 71.33 -19.41
O7 NAG R . 31.19 65.77 -19.53
C1 NAG S . -19.62 61.70 -31.10
C2 NAG S . -20.95 62.30 -31.55
C3 NAG S . -20.72 63.20 -32.76
C4 NAG S . -19.66 64.25 -32.46
C5 NAG S . -18.38 63.58 -31.93
C6 NAG S . -17.35 64.59 -31.47
C7 NAG S . -22.88 60.91 -31.00
C8 NAG S . -23.81 59.83 -31.47
N2 NAG S . -21.91 61.27 -31.84
O3 NAG S . -21.94 63.83 -33.12
O4 NAG S . -19.35 64.98 -33.65
O5 NAG S . -18.69 62.75 -30.80
O6 NAG S . -16.05 64.23 -31.91
O7 NAG S . -23.01 61.44 -29.89
C1 NAG T . -9.39 8.41 -32.10
C2 NAG T . -10.79 8.18 -31.56
C3 NAG T . -11.10 6.68 -31.49
C4 NAG T . -10.85 6.03 -32.84
C5 NAG T . -9.44 6.33 -33.31
C6 NAG T . -9.16 5.81 -34.71
C7 NAG T . -12.13 9.31 -29.84
C8 NAG T . -12.12 9.91 -28.47
N2 NAG T . -10.97 8.80 -30.26
O3 NAG T . -12.45 6.49 -31.09
O4 NAG T . -11.03 4.62 -32.74
O5 NAG T . -9.24 7.75 -33.36
O6 NAG T . -8.68 6.85 -35.55
O7 NAG T . -13.13 9.30 -30.54
ZN ZN U . 6.39 46.28 -18.94
C1 NAG V . -55.49 -46.55 58.62
C2 NAG V . -55.54 -46.19 60.11
C3 NAG V . -54.43 -46.92 60.85
C4 NAG V . -54.50 -48.42 60.58
C5 NAG V . -54.50 -48.69 59.08
C6 NAG V . -54.69 -50.14 58.74
C7 NAG V . -56.50 -43.96 60.41
C8 NAG V . -56.21 -42.50 60.63
N2 NAG V . -55.44 -44.76 60.32
O3 NAG V . -54.54 -46.67 62.24
O4 NAG V . -53.38 -49.08 61.17
O5 NAG V . -55.57 -47.97 58.44
O6 NAG V . -53.87 -50.97 59.55
O7 NAG V . -57.65 -44.38 60.29
C1 NAG W . -73.75 -50.17 44.59
C2 NAG W . -73.06 -50.97 43.49
C3 NAG W . -74.07 -51.91 42.84
C4 NAG W . -74.71 -52.80 43.89
C5 NAG W . -75.30 -51.96 45.02
C6 NAG W . -75.82 -52.80 46.16
C7 NAG W . -71.15 -50.03 42.29
C8 NAG W . -70.70 -49.07 41.22
N2 NAG W . -72.47 -50.09 42.51
O3 NAG W . -73.42 -52.71 41.85
O4 NAG W . -75.75 -53.58 43.29
O5 NAG W . -74.31 -51.08 45.57
O6 NAG W . -75.83 -54.18 45.83
O7 NAG W . -70.36 -50.72 42.91
C1 NAG X . -23.63 -12.21 4.80
C2 NAG X . -22.30 -11.53 5.15
C3 NAG X . -21.94 -10.47 4.10
C4 NAG X . -21.98 -11.07 2.70
C5 NAG X . -23.33 -11.72 2.45
C6 NAG X . -23.42 -12.43 1.12
C7 NAG X . -21.26 -10.77 7.24
C8 NAG X . -21.49 -10.14 8.58
N2 NAG X . -22.33 -10.94 6.48
O3 NAG X . -20.65 -9.96 4.37
O4 NAG X . -21.76 -10.06 1.73
O5 NAG X . -23.59 -12.71 3.46
O6 NAG X . -22.86 -13.73 1.18
O7 NAG X . -20.14 -11.11 6.87
ZN ZN Y . -44.55 -33.34 35.69
C1 NAG Z . -18.03 -51.73 41.94
C2 NAG Z . -16.71 -52.33 42.44
C3 NAG Z . -16.75 -53.85 42.42
C4 NAG Z . -17.99 -54.37 43.13
C5 NAG Z . -19.23 -53.71 42.56
C6 NAG Z . -20.50 -54.10 43.27
C7 NAG Z . -14.58 -51.14 42.17
C8 NAG Z . -13.50 -50.73 41.19
N2 NAG Z . -15.58 -51.84 41.65
O3 NAG Z . -15.58 -54.34 43.06
O4 NAG Z . -18.09 -55.78 42.99
O5 NAG Z . -19.12 -52.29 42.67
O6 NAG Z . -21.45 -54.68 42.40
O7 NAG Z . -14.52 -50.84 43.36
C1 NAG AA . 45.83 64.07 -44.00
C2 NAG AA . 46.68 64.32 -45.26
C3 NAG AA . 48.06 64.81 -44.88
C4 NAG AA . 47.97 66.02 -43.96
C5 NAG AA . 47.09 65.69 -42.76
C6 NAG AA . 46.83 66.87 -41.85
C7 NAG AA . 45.90 62.78 -47.02
C8 NAG AA . 46.19 61.51 -47.75
N2 NAG AA . 46.78 63.11 -46.07
O3 NAG AA . 48.78 65.15 -46.06
O4 NAG AA . 49.27 66.39 -43.50
O5 NAG AA . 45.80 65.26 -43.22
O6 NAG AA . 45.58 66.77 -41.20
O7 NAG AA . 44.93 63.47 -47.27
C1 NAG BA . 52.24 76.68 -52.24
C2 NAG BA . 52.91 78.02 -52.59
C3 NAG BA . 54.13 78.26 -51.69
C4 NAG BA . 53.73 78.11 -50.22
C5 NAG BA . 53.04 76.76 -49.99
C6 NAG BA . 52.54 76.58 -48.58
C7 NAG BA . 53.22 79.09 -54.80
C8 NAG BA . 52.65 80.34 -54.21
N2 NAG BA . 53.32 78.03 -54.00
O3 NAG BA . 54.65 79.55 -51.92
O4 NAG BA . 54.90 78.17 -49.40
O5 NAG BA . 51.90 76.67 -50.86
O6 NAG BA . 53.17 75.49 -47.95
O7 NAG BA . 53.58 79.04 -55.98
C1 NAG CA . 13.93 -53.38 -34.56
C2 NAG CA . 13.93 -54.24 -35.83
C3 NAG CA . 12.56 -54.86 -36.05
C4 NAG CA . 12.08 -55.59 -34.81
C5 NAG CA . 12.15 -54.70 -33.58
C6 NAG CA . 11.85 -55.42 -32.28
C7 NAG CA . 15.50 -53.54 -37.60
C8 NAG CA . 15.69 -52.67 -38.80
N2 NAG CA . 14.30 -53.44 -37.00
O3 NAG CA . 12.63 -55.77 -37.14
O4 NAG CA . 10.73 -56.02 -34.98
O5 NAG CA . 13.48 -54.18 -33.44
O6 NAG CA . 12.52 -54.83 -31.18
O7 NAG CA . 16.38 -54.29 -37.19
#